data_3HS0
#
_entry.id   3HS0
#
_cell.length_a   134.026
_cell.length_b   136.975
_cell.length_c   283.740
_cell.angle_alpha   90.000
_cell.angle_beta   90.000
_cell.angle_gamma   90.000
#
_symmetry.space_group_name_H-M   'P 21 21 21'
#
loop_
_entity.id
_entity.type
_entity.pdbx_description
1 polymer 'Cobra venom factor'
2 polymer 'Cobra venom factor'
3 polymer 'Cobra venom factor'
4 polymer 'Complement factor B'
5 branched 2-acetamido-2-deoxy-beta-D-glucopyranose-(1-4)-2-acetamido-2-deoxy-beta-D-glucopyranose
6 non-polymer 2-acetamido-2-deoxy-beta-D-glucopyranose
7 non-polymer 'MAGNESIUM ION'
8 water water
#
loop_
_entity_poly.entity_id
_entity_poly.type
_entity_poly.pdbx_seq_one_letter_code
_entity_poly.pdbx_strand_id
1 'polypeptide(L)'
;ALYTLITPAVLRTDTEEQILVEAHGDSTPKQLDIFVHDFPRKQKTLFQTRVDMNPAGGMLVTPTIEIPAKEVSTDSRQNQ
YVVVQVTGPQVRLEKVVLLSYQSSFLFIQTDKGIYTPGSPVLYRVFSMDHNTSKMNKTVIVEFQTPEGILVSSNSVDLNF
FWPYNLPDLVSLGTWRIVAKYEHSPENYTAYFDVRKYVLPSFEVRLQPSEKFFYIDGNENFHVSITARYLYGEEVEGVAF
VLFGVKIDDAKKSIPDSLTRIPIIDGDGKATLKRDTFRSRFPNLNELVGHTLYASVTVMTESGSDMVVTEQSGIHIVASP
YQIHFTKTPKYFKPGMPYELTVYVTNPDGSPAAHVPVVSEAFHSMGTTLSDGTAKLILNIPLNAQSLPITVRTNHGDLPR
ERQATKSMTAIAYQTQGGSGNYLHVAITSTEIKPGDNLPVNFNVKGNANSLKQIKYFTYLILNKGKIFKVGRQPRRDGQN
LVTMNLHITPDLIPSFRFVAYYQVGNNEIVADSVWVDVKDTCMGTLVVKGDNLIQMPGAAMKIKLEGDPGARVGLVAVDK
AVYVLNDKYKISQAKIWDTIEKSDFGCTAGSGQNNLGVFEDAGLALTTSTNLNTKQRSAAKCPQPAN
;
A,F
2 'polypeptide(L)'
;DDNEDGFIADSDIISRSDFPKSWLWLTKDLTEEPNSQGISSKTMSFYLRDSITTWVVLAVSFTPTKGICVAEPYEIRVMK
VFFIDLQMPYSVVKNEQVEIRAILHNYVNEDIYVRVELLYNPAFCSASTKGQRYRQQFPIKALSSRAVPFVIVPLEQGLH
DVEIKASVQEALWSDGVRKKLKVVPEGVQKSIVTIVKLDPRAKGVGGTQLEVIKARKLDDRVPDTEIETKIIIQGDPVAQ
IIENSIDGSKLN
;
B,G
3 'polypeptide(L)'
;EIQMPTHKDLNLDITIELPDREVPIRYRINYENALLARTVETKLNQDITVTASGDGKATMTILTFYNAQLQEKANVCNKF
HLNVSVENIHLNAMGAKGALMLKICTRYLGEVDSTMTIIDISMLTGFLPDAEDLTRLSKGVDRYISRYEVDNNMAQKVAV
IIYLNKVSHSEDECLHFKILKHFEVGFIQPGSVKVYSYYNLDEKCTKFYHPDKGTGLLNKICIGNVCRCAGETCSSLNHQ
ERIDVPLQIEKACETNVDYVYKTKLLRIEEQDGNDIYVMDVLEVIKQGTDENPRAKTHQYISQRKCQEALNLKVNDDYLI
WGSRSDLLPTKDKISYIITKNTWIERWPHEDECQEEEFQKLCDDFAQFSYTLTEFGCPT
;
C,H
4 'polypeptide(L)'
;TPWSLARPQGSCSLEGVEIKGGSFRLLQEGQALEYVCPSGFYPYPVQTRTCRSTGSWSTLKTQDQKTVRKAECRAIHCPR
PHDFENGEYWPRSPYYNVSDEISFHCYDGYTLRGSANRTCQVNGRWSGQTAICDNGAGYCSNPGIPIGTRKVGSQYRLED
SVTYHCSRGLTLRGSQRRTCQEGGSWSGTEPSCQDSFMYDTPQEVAEAFLSSLTETIEGVDAEDGHGPGEQQKRKIVLDP
SGSMNIYLVLDGSGSIGASDFTGAKKCLVNLIEKVASYGVKPRYGLVTYATYPKIWVKVSEADSSNADWVTKQLNEINYE
DHKLKSGTNTKKALQAVYSMMSWPDDVPPEGWNRTRHVIILMTDGLHNMGGDPITVIDEIRDLLYIGKDRKNPREDYLDV
YVFGVGPLVNQVNINALASKKDNEQHVFKVKDMENLEDVFYQMIDESQSLSLCGMVWEHRKGTDYHKQPWQAKISVIRPS
KGHESCMGAVVSEYFVLTAAHCFTVDDKEHSIKVSVGGEKRDLEIEVVLFHPNYNINGKKEAGIPEFYDYDVALIKLKNK
LKYGQTIRPICLPCTEGTTRALRLPPTTTCQQQKEELLPAQDIKALFVSEEEKKLTRKEVYIKNGDKKGSCERDAQYAPG
YDKVKDISEVVTPRFLCTGGVSPYADPNTCRGDSGGPLIVHKRSRFIQVGVISWGVVDVCKNQKRQKQVPAHARDFHINL
FQVLPWLKEKLQDEDLGFLAA
;
D,I
#
loop_
_chem_comp.id
_chem_comp.type
_chem_comp.name
_chem_comp.formula
MG non-polymer 'MAGNESIUM ION' 'Mg 2'
NAG D-saccharide, beta linking 2-acetamido-2-deoxy-beta-D-glucopyranose 'C8 H15 N O6'
#
# COMPACT_ATOMS: atom_id res chain seq x y z
N ALA A 1 20.94 58.94 -60.43
CA ALA A 1 19.81 59.84 -60.60
C ALA A 1 18.47 59.10 -60.53
N LEU A 2 18.47 57.95 -59.85
CA LEU A 2 17.23 57.26 -59.53
C LEU A 2 17.16 56.96 -58.05
N TYR A 3 16.28 57.66 -57.35
CA TYR A 3 16.08 57.43 -55.93
C TYR A 3 14.68 56.87 -55.71
N THR A 4 14.58 55.81 -54.92
CA THR A 4 13.31 55.14 -54.70
C THR A 4 12.99 55.00 -53.22
N LEU A 5 11.76 55.33 -52.86
CA LEU A 5 11.27 55.12 -51.49
C LEU A 5 10.18 54.06 -51.48
N ILE A 6 10.46 52.94 -50.83
CA ILE A 6 9.50 51.85 -50.71
C ILE A 6 9.05 51.70 -49.25
N THR A 7 7.75 51.64 -49.03
CA THR A 7 7.20 51.51 -47.68
C THR A 7 5.96 50.62 -47.72
N PRO A 8 5.55 50.09 -46.56
CA PRO A 8 4.34 49.26 -46.54
C PRO A 8 3.15 50.08 -46.97
N ALA A 9 2.21 49.50 -47.71
CA ALA A 9 1.07 50.26 -48.21
C ALA A 9 0.11 50.66 -47.10
N VAL A 10 0.25 50.01 -45.94
CA VAL A 10 -0.49 50.39 -44.74
C VAL A 10 0.43 50.40 -43.52
N LEU A 11 0.45 51.51 -42.79
CA LEU A 11 1.31 51.65 -41.62
C LEU A 11 0.55 51.48 -40.31
N ARG A 12 1.19 50.85 -39.32
CA ARG A 12 0.58 50.62 -38.03
C ARG A 12 1.15 51.53 -36.94
N THR A 13 0.30 51.89 -35.97
CA THR A 13 0.69 52.75 -34.87
C THR A 13 1.33 51.96 -33.73
N ASP A 14 2.24 52.61 -33.00
CA ASP A 14 2.88 52.01 -31.83
C ASP A 14 3.63 50.71 -32.12
N THR A 15 4.21 50.63 -33.31
CA THR A 15 4.96 49.45 -33.71
C THR A 15 6.07 49.85 -34.69
N GLU A 16 7.19 49.14 -34.65
CA GLU A 16 8.32 49.44 -35.53
C GLU A 16 8.04 49.06 -36.98
N GLU A 17 8.33 49.99 -37.89
CA GLU A 17 8.07 49.79 -39.32
C GLU A 17 9.25 50.27 -40.16
N GLN A 18 10.03 49.33 -40.70
CA GLN A 18 11.15 49.68 -41.59
C GLN A 18 10.65 50.19 -42.93
N ILE A 19 11.34 51.20 -43.47
CA ILE A 19 11.14 51.57 -44.86
C ILE A 19 12.42 51.37 -45.65
N LEU A 20 12.36 51.62 -46.95
CA LEU A 20 13.51 51.41 -47.81
C LEU A 20 13.75 52.61 -48.71
N VAL A 21 14.94 53.19 -48.62
CA VAL A 21 15.34 54.27 -49.51
C VAL A 21 16.59 53.83 -50.27
N GLU A 22 16.56 53.99 -51.59
CA GLU A 22 17.66 53.53 -52.42
C GLU A 22 18.14 54.57 -53.42
N ALA A 23 19.43 54.49 -53.76
CA ALA A 23 20.00 55.33 -54.80
C ALA A 23 20.65 54.45 -55.86
N HIS A 24 20.21 54.60 -57.10
CA HIS A 24 20.77 53.84 -58.21
C HIS A 24 21.55 54.75 -59.13
N GLY A 25 22.78 54.37 -59.45
CA GLY A 25 23.62 55.19 -60.31
C GLY A 25 24.24 56.35 -59.54
N ASP A 26 24.25 56.25 -58.22
CA ASP A 26 24.82 57.28 -57.37
C ASP A 26 25.67 56.62 -56.28
N SER A 27 26.84 57.19 -56.02
CA SER A 27 27.76 56.64 -55.04
C SER A 27 28.30 57.72 -54.09
N THR A 28 27.70 58.90 -54.15
CA THR A 28 28.07 60.00 -53.28
C THR A 28 27.46 59.83 -51.90
N PRO A 29 28.30 59.71 -50.87
CA PRO A 29 27.83 59.54 -49.49
C PRO A 29 26.93 60.70 -49.07
N LYS A 30 25.73 60.37 -48.60
CA LYS A 30 24.76 61.39 -48.25
C LYS A 30 24.26 61.26 -46.82
N GLN A 31 23.47 62.24 -46.40
CA GLN A 31 22.80 62.19 -45.12
C GLN A 31 21.34 62.54 -45.35
N LEU A 32 20.46 61.61 -44.99
CA LEU A 32 19.05 61.77 -45.29
C LEU A 32 18.24 62.13 -44.05
N ASP A 33 17.28 63.03 -44.23
CA ASP A 33 16.33 63.39 -43.19
C ASP A 33 14.99 62.72 -43.47
N ILE A 34 14.45 62.03 -42.46
CA ILE A 34 13.23 61.25 -42.67
C ILE A 34 12.12 61.64 -41.69
N PHE A 35 11.04 62.19 -42.25
CA PHE A 35 9.92 62.66 -41.44
C PHE A 35 8.63 61.89 -41.70
N VAL A 36 7.71 61.96 -40.74
CA VAL A 36 6.33 61.55 -40.94
C VAL A 36 5.45 62.65 -40.40
N HIS A 37 4.60 63.21 -41.26
CA HIS A 37 3.67 64.26 -40.85
C HIS A 37 2.23 63.74 -40.94
N ASP A 38 1.32 64.41 -40.26
CA ASP A 38 -0.10 64.09 -40.40
C ASP A 38 -0.59 64.57 -41.76
N PHE A 39 -1.71 64.05 -42.21
CA PHE A 39 -2.26 64.44 -43.50
C PHE A 39 -3.68 64.99 -43.36
N PRO A 40 -4.00 66.05 -44.11
CA PRO A 40 -3.07 66.71 -45.04
C PRO A 40 -2.41 67.96 -44.45
N ARG A 41 -2.77 68.32 -43.22
CA ARG A 41 -2.31 69.59 -42.63
C ARG A 41 -0.80 69.70 -42.47
N LYS A 42 -0.14 68.58 -42.18
CA LYS A 42 1.30 68.56 -41.98
C LYS A 42 1.75 69.53 -40.87
N GLN A 43 0.80 69.87 -40.01
CA GLN A 43 1.05 70.85 -38.95
C GLN A 43 2.13 70.40 -37.98
N LYS A 44 2.11 69.13 -37.62
CA LYS A 44 3.03 68.60 -36.62
C LYS A 44 3.86 67.42 -37.15
N THR A 45 4.97 67.14 -36.49
CA THR A 45 5.85 66.05 -36.89
C THR A 45 5.65 64.85 -35.97
N LEU A 46 5.36 63.69 -36.56
CA LEU A 46 5.06 62.49 -35.80
C LEU A 46 6.29 61.63 -35.56
N PHE A 47 7.20 61.63 -36.52
CA PHE A 47 8.46 60.91 -36.38
C PHE A 47 9.52 61.60 -37.23
N GLN A 48 10.76 61.51 -36.77
CA GLN A 48 11.87 62.14 -37.47
C GLN A 48 13.20 61.51 -37.04
N THR A 49 14.08 61.33 -38.01
CA THR A 49 15.40 60.76 -37.76
C THR A 49 16.37 61.23 -38.83
N ARG A 50 17.61 60.77 -38.75
CA ARG A 50 18.61 61.11 -39.76
C ARG A 50 19.52 59.92 -40.00
N VAL A 51 19.68 59.54 -41.27
CA VAL A 51 20.45 58.35 -41.61
C VAL A 51 21.54 58.64 -42.62
N ASP A 52 22.67 57.94 -42.48
CA ASP A 52 23.79 58.08 -43.40
C ASP A 52 23.73 57.00 -44.47
N MET A 53 23.67 57.44 -45.72
CA MET A 53 23.67 56.54 -46.87
C MET A 53 25.01 56.60 -47.60
N ASN A 54 25.74 55.49 -47.60
CA ASN A 54 27.05 55.44 -48.27
C ASN A 54 27.21 54.19 -49.13
N PRO A 55 28.23 54.19 -49.99
CA PRO A 55 28.46 53.02 -50.86
C PRO A 55 28.81 51.78 -50.05
N ALA A 56 29.32 52.00 -48.83
CA ALA A 56 29.67 50.90 -47.96
C ALA A 56 28.43 50.11 -47.52
N GLY A 57 27.26 50.73 -47.69
CA GLY A 57 26.01 50.10 -47.33
C GLY A 57 25.15 49.76 -48.54
N GLY A 58 25.71 49.99 -49.73
CA GLY A 58 25.03 49.67 -50.97
C GLY A 58 24.26 50.84 -51.53
N MET A 59 24.42 52.00 -50.89
CA MET A 59 23.61 53.17 -51.21
C MET A 59 22.16 52.86 -50.91
N LEU A 60 21.97 52.12 -49.83
CA LEU A 60 20.66 51.61 -49.44
C LEU A 60 20.50 51.68 -47.93
N VAL A 61 19.48 52.41 -47.48
CA VAL A 61 19.21 52.52 -46.05
C VAL A 61 17.80 52.01 -45.71
N THR A 62 17.68 51.36 -44.56
CA THR A 62 16.38 50.91 -44.06
C THR A 62 16.20 51.33 -42.61
N PRO A 63 15.68 52.55 -42.40
CA PRO A 63 15.41 53.06 -41.06
C PRO A 63 14.04 52.60 -40.59
N THR A 64 13.95 52.08 -39.36
CA THR A 64 12.64 51.80 -38.79
C THR A 64 12.03 53.10 -38.29
N ILE A 65 10.75 53.29 -38.55
CA ILE A 65 10.04 54.45 -38.04
C ILE A 65 8.89 53.99 -37.15
N GLU A 66 8.35 54.91 -36.37
CA GLU A 66 7.29 54.58 -35.44
C GLU A 66 6.32 55.73 -35.29
N ILE A 67 5.02 55.42 -35.31
CA ILE A 67 3.99 56.44 -35.22
C ILE A 67 3.14 56.24 -33.97
N PRO A 68 3.44 57.00 -32.91
CA PRO A 68 2.68 56.94 -31.66
C PRO A 68 1.19 57.11 -31.92
N ALA A 69 0.37 56.16 -31.46
CA ALA A 69 -1.07 56.23 -31.69
C ALA A 69 -1.66 57.45 -31.01
N LYS A 70 -0.85 58.14 -30.23
CA LYS A 70 -1.31 59.29 -29.46
C LYS A 70 -1.34 60.57 -30.28
N GLU A 71 -0.20 60.95 -30.84
CA GLU A 71 -0.05 62.24 -31.52
C GLU A 71 -0.97 62.44 -32.72
N VAL A 72 -1.86 61.48 -32.99
CA VAL A 72 -2.66 61.54 -34.20
C VAL A 72 -4.12 61.13 -33.99
N SER A 73 -4.99 62.14 -33.90
CA SER A 73 -6.44 61.92 -33.81
C SER A 73 -7.20 63.24 -33.73
N ASN A 79 -11.41 57.60 -42.02
CA ASN A 79 -10.04 57.29 -42.40
C ASN A 79 -9.01 58.34 -41.97
N GLN A 80 -7.75 57.91 -41.88
CA GLN A 80 -6.64 58.78 -41.51
C GLN A 80 -5.42 58.39 -42.35
N TYR A 81 -4.66 59.39 -42.77
CA TYR A 81 -3.43 59.15 -43.51
C TYR A 81 -2.24 59.82 -42.84
N VAL A 82 -1.05 59.47 -43.29
CA VAL A 82 0.18 60.15 -42.86
C VAL A 82 1.12 60.25 -44.05
N VAL A 83 1.98 61.26 -44.07
CA VAL A 83 2.88 61.46 -45.19
C VAL A 83 4.35 61.22 -44.82
N VAL A 84 5.04 60.40 -45.61
CA VAL A 84 6.44 60.08 -45.39
C VAL A 84 7.33 60.89 -46.34
N GLN A 85 8.14 61.77 -45.76
CA GLN A 85 9.05 62.59 -46.55
C GLN A 85 10.49 62.09 -46.42
N VAL A 86 11.23 62.16 -47.52
CA VAL A 86 12.65 61.81 -47.51
C VAL A 86 13.45 62.86 -48.26
N THR A 87 14.21 63.68 -47.53
CA THR A 87 14.97 64.76 -48.14
C THR A 87 16.48 64.61 -47.95
N GLY A 88 17.22 65.37 -48.73
CA GLY A 88 18.67 65.33 -48.71
C GLY A 88 19.17 66.00 -49.98
N PRO A 89 20.50 66.08 -50.13
CA PRO A 89 21.06 66.67 -51.35
C PRO A 89 20.58 65.94 -52.60
N GLN A 90 19.70 66.58 -53.36
CA GLN A 90 19.18 66.02 -54.60
C GLN A 90 18.11 64.96 -54.40
N VAL A 91 17.45 64.98 -53.24
CA VAL A 91 16.43 63.99 -52.93
C VAL A 91 15.18 64.60 -52.28
N ARG A 92 14.08 64.56 -53.01
CA ARG A 92 12.77 64.84 -52.45
C ARG A 92 11.81 63.72 -52.86
N LEU A 93 11.40 62.93 -51.89
CA LEU A 93 10.48 61.82 -52.12
C LEU A 93 9.31 61.93 -51.15
N GLU A 94 8.12 61.71 -51.66
CA GLU A 94 6.92 61.80 -50.84
C GLU A 94 5.95 60.69 -51.22
N LYS A 95 5.34 60.09 -50.21
CA LYS A 95 4.31 59.08 -50.43
C LYS A 95 3.28 59.17 -49.32
N VAL A 96 2.01 59.33 -49.70
CA VAL A 96 0.93 59.32 -48.73
C VAL A 96 0.53 57.88 -48.43
N VAL A 97 0.41 57.57 -47.15
CA VAL A 97 0.18 56.18 -46.72
C VAL A 97 -1.01 56.06 -45.77
N LEU A 98 -1.74 54.95 -45.89
CA LEU A 98 -2.89 54.69 -45.04
C LEU A 98 -2.45 54.27 -43.63
N LEU A 99 -3.11 54.83 -42.62
CA LEU A 99 -2.79 54.50 -41.24
C LEU A 99 -3.77 53.46 -40.70
N SER A 100 -3.31 52.65 -39.76
CA SER A 100 -4.15 51.63 -39.13
C SER A 100 -3.87 51.59 -37.64
N TYR A 101 -4.93 51.62 -36.84
CA TYR A 101 -4.76 51.73 -35.39
C TYR A 101 -4.59 50.38 -34.72
N GLN A 102 -4.63 49.31 -35.50
CA GLN A 102 -4.41 47.98 -34.95
C GLN A 102 -2.92 47.71 -34.76
N SER A 103 -2.39 48.23 -33.66
CA SER A 103 -0.97 48.13 -33.34
C SER A 103 -0.48 46.69 -33.44
N SER A 104 -1.28 45.77 -32.95
CA SER A 104 -0.93 44.35 -33.00
C SER A 104 -2.18 43.49 -32.99
N PHE A 105 -1.99 42.18 -33.03
CA PHE A 105 -3.11 41.26 -33.01
C PHE A 105 -3.46 40.87 -31.59
N LEU A 106 -4.72 41.06 -31.22
CA LEU A 106 -5.21 40.67 -29.90
C LEU A 106 -6.02 39.37 -29.99
N PHE A 107 -5.90 38.53 -28.96
CA PHE A 107 -6.68 37.30 -28.88
C PHE A 107 -7.26 37.13 -27.47
N ILE A 108 -8.50 36.66 -27.39
CA ILE A 108 -9.16 36.50 -26.09
C ILE A 108 -9.31 35.05 -25.66
N GLN A 109 -8.98 34.78 -24.40
CA GLN A 109 -9.22 33.47 -23.81
C GLN A 109 -10.24 33.60 -22.69
N THR A 110 -11.18 32.65 -22.63
CA THR A 110 -12.09 32.56 -21.49
C THR A 110 -11.91 31.19 -20.83
N ASP A 111 -12.25 31.08 -19.56
CA ASP A 111 -12.02 29.82 -18.84
C ASP A 111 -12.91 28.68 -19.33
N LYS A 112 -14.08 29.02 -19.86
CA LYS A 112 -15.04 28.03 -20.34
C LYS A 112 -15.81 28.61 -21.51
N GLY A 113 -16.48 27.77 -22.27
CA GLY A 113 -17.21 28.22 -23.44
C GLY A 113 -18.69 28.42 -23.15
N ILE A 114 -19.10 27.89 -22.02
CA ILE A 114 -20.50 27.94 -21.63
C ILE A 114 -20.56 28.23 -20.14
N TYR A 115 -21.41 29.18 -19.76
CA TYR A 115 -21.56 29.57 -18.36
C TYR A 115 -23.00 29.48 -17.92
N THR A 116 -23.21 29.35 -16.62
CA THR A 116 -24.54 29.42 -16.03
C THR A 116 -24.75 30.77 -15.37
N PRO A 117 -26.00 31.23 -15.27
CA PRO A 117 -26.31 32.49 -14.60
C PRO A 117 -25.73 32.54 -13.19
N GLY A 118 -25.12 33.66 -12.84
CA GLY A 118 -24.61 33.88 -11.49
C GLY A 118 -23.18 33.48 -11.28
N SER A 119 -22.44 33.32 -12.37
CA SER A 119 -21.03 32.96 -12.26
C SER A 119 -20.13 33.93 -13.00
N PRO A 120 -18.87 33.99 -12.58
CA PRO A 120 -17.81 34.82 -13.16
C PRO A 120 -17.31 34.31 -14.51
N VAL A 121 -17.15 35.22 -15.46
CA VAL A 121 -16.50 34.91 -16.73
C VAL A 121 -15.08 35.44 -16.72
N LEU A 122 -14.13 34.58 -16.36
CA LEU A 122 -12.73 34.97 -16.31
C LEU A 122 -12.17 35.06 -17.72
N TYR A 123 -11.25 35.97 -17.95
CA TYR A 123 -10.66 36.09 -19.27
C TYR A 123 -9.26 36.71 -19.26
N ARG A 124 -8.52 36.48 -20.33
CA ARG A 124 -7.21 37.09 -20.55
C ARG A 124 -7.16 37.61 -21.97
N VAL A 125 -6.45 38.71 -22.18
CA VAL A 125 -6.14 39.15 -23.53
C VAL A 125 -4.65 38.97 -23.79
N PHE A 126 -4.34 38.45 -24.97
CA PHE A 126 -2.94 38.26 -25.36
C PHE A 126 -2.64 39.16 -26.52
N SER A 127 -1.41 39.65 -26.59
CA SER A 127 -0.95 40.43 -27.73
C SER A 127 0.21 39.68 -28.38
N MET A 128 0.42 39.90 -29.67
CA MET A 128 1.50 39.20 -30.38
C MET A 128 2.87 39.82 -30.17
N ASP A 129 2.93 41.05 -29.66
CA ASP A 129 4.22 41.71 -29.44
C ASP A 129 4.17 42.91 -28.49
N HIS A 130 5.35 43.29 -27.99
CA HIS A 130 5.50 44.44 -27.11
C HIS A 130 6.81 45.19 -27.43
N LYS A 137 -0.50 51.59 -25.36
CA LYS A 137 -0.45 50.89 -24.07
C LYS A 137 -1.82 50.37 -23.65
N THR A 138 -2.88 51.10 -24.01
CA THR A 138 -4.20 50.80 -23.50
C THR A 138 -5.21 50.17 -24.48
N VAL A 139 -5.81 49.07 -24.03
CA VAL A 139 -6.74 48.27 -24.82
C VAL A 139 -8.14 48.41 -24.23
N ILE A 140 -9.17 48.30 -25.06
CA ILE A 140 -10.55 48.41 -24.60
C ILE A 140 -11.26 47.06 -24.67
N VAL A 141 -11.93 46.67 -23.58
CA VAL A 141 -12.64 45.40 -23.52
C VAL A 141 -14.12 45.56 -23.17
N GLU A 142 -14.97 45.21 -24.12
CA GLU A 142 -16.42 45.35 -23.98
C GLU A 142 -17.15 44.00 -23.93
N PHE A 143 -18.19 43.93 -23.11
CA PHE A 143 -19.06 42.76 -23.08
C PHE A 143 -20.42 43.09 -23.70
N GLN A 144 -20.87 42.27 -24.63
CA GLN A 144 -22.17 42.47 -25.26
C GLN A 144 -23.10 41.30 -24.99
N THR A 145 -24.38 41.61 -24.82
CA THR A 145 -25.40 40.60 -24.57
C THR A 145 -25.88 40.02 -25.90
N PRO A 146 -26.62 38.90 -25.84
CA PRO A 146 -27.07 38.24 -27.07
C PRO A 146 -27.89 39.15 -27.98
N GLU A 147 -28.53 40.17 -27.39
CA GLU A 147 -29.33 41.10 -28.17
C GLU A 147 -28.46 42.24 -28.69
N GLY A 148 -27.18 42.21 -28.32
CA GLY A 148 -26.20 43.14 -28.82
C GLY A 148 -26.02 44.39 -27.97
N ILE A 149 -26.48 44.35 -26.73
CA ILE A 149 -26.35 45.51 -25.87
C ILE A 149 -24.99 45.57 -25.20
N LEU A 150 -24.40 46.75 -25.18
CA LEU A 150 -23.12 46.95 -24.52
C LEU A 150 -23.33 47.16 -23.03
N VAL A 151 -22.88 46.22 -22.22
CA VAL A 151 -23.16 46.28 -20.78
C VAL A 151 -21.92 46.44 -19.92
N SER A 152 -20.75 46.40 -20.56
CA SER A 152 -19.50 46.65 -19.86
C SER A 152 -18.43 47.10 -20.84
N SER A 153 -17.61 48.06 -20.42
CA SER A 153 -16.54 48.59 -21.26
C SER A 153 -15.42 49.19 -20.42
N ASN A 154 -14.30 48.47 -20.33
CA ASN A 154 -13.16 48.93 -19.53
C ASN A 154 -11.90 49.14 -20.36
N SER A 155 -11.10 50.12 -19.96
CA SER A 155 -9.73 50.24 -20.42
C SER A 155 -8.88 49.27 -19.62
N VAL A 156 -8.11 48.45 -20.32
CA VAL A 156 -7.45 47.31 -19.70
C VAL A 156 -5.93 47.33 -19.92
N ASP A 157 -5.21 46.75 -18.95
CA ASP A 157 -3.78 46.53 -19.11
C ASP A 157 -3.57 45.02 -19.19
N LEU A 158 -2.77 44.59 -20.16
CA LEU A 158 -2.68 43.16 -20.50
C LEU A 158 -2.07 42.25 -19.44
N ASN A 159 -2.21 42.62 -18.18
CA ASN A 159 -1.81 41.78 -17.05
C ASN A 159 -2.99 41.52 -16.10
N PHE A 160 -3.70 42.60 -15.77
CA PHE A 160 -4.81 42.53 -14.83
C PHE A 160 -6.13 42.74 -15.55
N PHE A 161 -7.03 41.77 -15.44
CA PHE A 161 -8.33 41.85 -16.11
C PHE A 161 -9.51 41.80 -15.16
N TRP A 162 -10.59 42.44 -15.56
CA TRP A 162 -11.79 42.53 -14.75
C TRP A 162 -12.85 41.54 -15.21
N PRO A 163 -13.00 40.43 -14.46
CA PRO A 163 -13.94 39.34 -14.76
C PRO A 163 -15.36 39.85 -14.76
N TYR A 164 -16.13 39.53 -15.79
CA TYR A 164 -17.54 39.91 -15.80
C TYR A 164 -18.32 38.97 -14.90
N ASN A 165 -19.19 39.53 -14.08
CA ASN A 165 -20.04 38.74 -13.22
C ASN A 165 -21.47 38.69 -13.73
N LEU A 166 -21.86 37.52 -14.21
CA LEU A 166 -23.20 37.33 -14.75
C LEU A 166 -24.22 37.37 -13.62
N PRO A 167 -25.30 38.15 -13.81
CA PRO A 167 -26.40 38.25 -12.86
C PRO A 167 -27.21 36.95 -12.79
N ASP A 168 -27.73 36.61 -11.62
CA ASP A 168 -28.59 35.43 -11.49
C ASP A 168 -29.76 35.53 -12.45
N LEU A 169 -30.09 36.75 -12.86
CA LEU A 169 -31.21 37.01 -13.75
C LEU A 169 -30.69 37.65 -15.03
N VAL A 170 -30.06 36.86 -15.87
CA VAL A 170 -29.33 37.38 -17.03
C VAL A 170 -29.90 36.84 -18.34
N SER A 171 -29.64 37.56 -19.43
CA SER A 171 -30.10 37.15 -20.76
C SER A 171 -29.37 35.90 -21.26
N LEU A 172 -30.13 34.85 -21.57
CA LEU A 172 -29.56 33.60 -22.04
C LEU A 172 -29.27 33.68 -23.54
N GLY A 173 -28.22 32.98 -23.97
CA GLY A 173 -27.81 33.04 -25.36
C GLY A 173 -26.31 33.12 -25.55
N THR A 174 -25.90 33.71 -26.67
CA THR A 174 -24.48 33.82 -26.99
C THR A 174 -23.98 35.24 -26.83
N TRP A 175 -23.16 35.45 -25.81
CA TRP A 175 -22.53 36.73 -25.53
C TRP A 175 -21.28 36.94 -26.36
N ARG A 176 -20.87 38.20 -26.50
CA ARG A 176 -19.61 38.53 -27.14
C ARG A 176 -18.69 39.23 -26.16
N ILE A 177 -17.41 38.88 -26.19
CA ILE A 177 -16.38 39.70 -25.59
C ILE A 177 -15.61 40.34 -26.73
N VAL A 178 -15.52 41.67 -26.73
CA VAL A 178 -14.83 42.36 -27.80
C VAL A 178 -13.64 43.16 -27.29
N ALA A 179 -12.46 42.85 -27.82
CA ALA A 179 -11.26 43.60 -27.49
C ALA A 179 -10.81 44.41 -28.69
N LYS A 180 -10.54 45.69 -28.49
CA LYS A 180 -10.10 46.56 -29.56
C LYS A 180 -9.14 47.62 -29.04
N TYR A 181 -8.24 48.07 -29.91
CA TYR A 181 -7.40 49.23 -29.61
C TYR A 181 -8.27 50.47 -29.71
N GLU A 182 -7.95 51.49 -28.91
CA GLU A 182 -8.84 52.65 -28.77
C GLU A 182 -9.60 53.10 -30.01
N HIS A 183 -8.90 53.69 -30.99
CA HIS A 183 -9.57 54.24 -32.16
C HIS A 183 -9.65 53.27 -33.33
N SER A 184 -9.44 52.00 -33.05
CA SER A 184 -9.43 50.97 -34.10
C SER A 184 -10.83 50.51 -34.45
N PRO A 185 -11.20 50.61 -35.74
CA PRO A 185 -12.45 50.04 -36.24
C PRO A 185 -12.39 48.53 -36.22
N GLU A 186 -11.17 48.00 -36.35
CA GLU A 186 -10.94 46.56 -36.31
C GLU A 186 -10.85 46.06 -34.87
N ASN A 187 -11.28 44.83 -34.64
CA ASN A 187 -11.37 44.29 -33.29
C ASN A 187 -11.31 42.77 -33.27
N TYR A 188 -11.03 42.18 -32.12
CA TYR A 188 -11.17 40.73 -31.96
C TYR A 188 -12.37 40.38 -31.08
N THR A 189 -13.18 39.43 -31.55
CA THR A 189 -14.40 39.06 -30.85
C THR A 189 -14.37 37.61 -30.41
N ALA A 190 -14.63 37.39 -29.12
CA ALA A 190 -14.78 36.05 -28.57
C ALA A 190 -16.25 35.78 -28.25
N TYR A 191 -16.61 34.51 -28.13
CA TYR A 191 -17.98 34.13 -27.84
C TYR A 191 -18.06 33.23 -26.63
N PHE A 192 -19.18 33.30 -25.93
CA PHE A 192 -19.51 32.32 -24.91
C PHE A 192 -21.02 32.22 -24.74
N ASP A 193 -21.50 31.01 -24.46
CA ASP A 193 -22.92 30.78 -24.26
C ASP A 193 -23.29 30.89 -22.79
N VAL A 194 -24.46 31.45 -22.51
CA VAL A 194 -25.00 31.43 -21.16
C VAL A 194 -26.31 30.66 -21.17
N ARG A 195 -26.36 29.59 -20.38
CA ARG A 195 -27.46 28.64 -20.41
C ARG A 195 -27.77 28.16 -19.00
N LYS A 196 -29.00 27.74 -18.76
CA LYS A 196 -29.31 27.03 -17.53
C LYS A 196 -29.13 25.54 -17.81
N TYR A 197 -27.88 25.16 -18.04
CA TYR A 197 -27.53 23.82 -18.49
C TYR A 197 -26.77 23.10 -17.39
N VAL A 198 -27.12 21.85 -17.12
CA VAL A 198 -26.31 21.03 -16.24
C VAL A 198 -25.39 20.15 -17.09
N LEU A 199 -24.14 20.03 -16.66
CA LEU A 199 -23.14 19.31 -17.44
C LEU A 199 -23.34 17.82 -17.32
N PRO A 200 -23.47 17.14 -18.47
CA PRO A 200 -23.70 15.69 -18.50
C PRO A 200 -22.53 14.91 -17.91
N SER A 201 -22.77 13.64 -17.63
CA SER A 201 -21.76 12.78 -17.03
C SER A 201 -20.96 12.02 -18.08
N PHE A 202 -21.35 12.16 -19.35
CA PHE A 202 -20.65 11.47 -20.40
C PHE A 202 -20.50 12.30 -21.68
N GLU A 203 -19.52 11.93 -22.50
CA GLU A 203 -19.22 12.59 -23.76
C GLU A 203 -19.72 11.76 -24.92
N VAL A 204 -20.10 12.42 -26.02
CA VAL A 204 -20.55 11.71 -27.20
C VAL A 204 -19.80 12.17 -28.45
N ARG A 205 -19.00 11.28 -29.03
CA ARG A 205 -18.26 11.60 -30.25
C ARG A 205 -18.92 10.98 -31.48
N LEU A 206 -19.04 11.76 -32.55
CA LEU A 206 -19.60 11.28 -33.80
C LEU A 206 -18.54 11.22 -34.89
N GLN A 207 -18.68 10.23 -35.77
CA GLN A 207 -17.71 9.99 -36.83
C GLN A 207 -18.43 9.58 -38.11
N PRO A 208 -18.62 10.53 -39.04
CA PRO A 208 -19.36 10.30 -40.28
C PRO A 208 -18.63 9.33 -41.21
N SER A 209 -19.38 8.57 -41.98
CA SER A 209 -18.81 7.57 -42.88
C SER A 209 -17.99 8.25 -43.97
N GLU A 210 -18.32 9.50 -44.25
CA GLU A 210 -17.60 10.31 -45.20
C GLU A 210 -17.73 11.78 -44.83
N LYS A 211 -16.88 12.62 -45.39
CA LYS A 211 -16.92 14.06 -45.11
C LYS A 211 -17.85 14.79 -46.04
N PHE A 212 -18.49 14.05 -46.95
CA PHE A 212 -19.37 14.65 -47.93
C PHE A 212 -20.49 13.69 -48.27
N PHE A 213 -21.47 14.19 -49.02
CA PHE A 213 -22.60 13.38 -49.44
C PHE A 213 -22.89 13.70 -50.90
N TYR A 214 -22.82 12.69 -51.75
CA TYR A 214 -23.05 12.90 -53.18
C TYR A 214 -24.48 13.31 -53.46
N ILE A 215 -24.64 14.43 -54.17
CA ILE A 215 -25.95 15.00 -54.40
C ILE A 215 -26.85 14.04 -55.16
N ASP A 216 -26.23 13.20 -55.99
CA ASP A 216 -26.97 12.36 -56.93
C ASP A 216 -26.57 10.88 -56.85
N GLY A 217 -25.71 10.55 -55.90
CA GLY A 217 -25.20 9.20 -55.78
C GLY A 217 -26.23 8.18 -55.35
N ASN A 218 -25.75 6.97 -55.09
CA ASN A 218 -26.61 5.88 -54.61
C ASN A 218 -26.19 5.50 -53.20
N GLU A 219 -25.06 6.07 -52.78
CA GLU A 219 -24.47 5.82 -51.47
C GLU A 219 -25.40 6.10 -50.28
N ASN A 220 -25.19 5.36 -49.19
CA ASN A 220 -25.85 5.64 -47.91
C ASN A 220 -24.99 6.54 -47.03
N PHE A 221 -25.56 7.01 -45.93
CA PHE A 221 -24.76 7.76 -44.97
C PHE A 221 -24.76 7.10 -43.61
N HIS A 222 -23.59 6.99 -43.00
CA HIS A 222 -23.47 6.36 -41.70
C HIS A 222 -22.89 7.34 -40.69
N VAL A 223 -23.36 7.27 -39.45
CA VAL A 223 -22.77 8.02 -38.36
C VAL A 223 -22.42 7.06 -37.25
N SER A 224 -21.13 6.83 -37.02
CA SER A 224 -20.70 6.01 -35.91
C SER A 224 -20.70 6.82 -34.62
N ILE A 225 -21.23 6.22 -33.56
CA ILE A 225 -21.35 6.90 -32.27
C ILE A 225 -20.50 6.23 -31.21
N THR A 226 -19.74 7.02 -30.46
CA THR A 226 -19.05 6.49 -29.28
C THR A 226 -19.41 7.31 -28.05
N ALA A 227 -19.83 6.62 -27.00
CA ALA A 227 -20.29 7.25 -25.77
C ALA A 227 -19.45 6.78 -24.60
N ARG A 228 -18.58 7.65 -24.11
CA ARG A 228 -17.73 7.34 -22.98
C ARG A 228 -18.07 8.26 -21.83
N TYR A 229 -17.97 7.76 -20.61
CA TYR A 229 -18.11 8.61 -19.44
C TYR A 229 -16.92 9.54 -19.40
N LEU A 230 -17.05 10.63 -18.66
CA LEU A 230 -16.00 11.63 -18.58
C LEU A 230 -14.79 11.12 -17.80
N TYR A 231 -14.97 10.02 -17.07
CA TYR A 231 -13.85 9.42 -16.36
C TYR A 231 -13.22 8.26 -17.12
N GLY A 232 -13.78 7.92 -18.28
CA GLY A 232 -13.13 6.99 -19.18
C GLY A 232 -13.83 5.71 -19.59
N GLU A 233 -14.68 5.17 -18.73
CA GLU A 233 -15.33 3.89 -19.02
C GLU A 233 -16.42 4.01 -20.08
N GLU A 234 -16.76 2.89 -20.70
CA GLU A 234 -17.73 2.90 -21.79
C GLU A 234 -19.16 3.03 -21.28
N VAL A 235 -20.01 3.69 -22.07
CA VAL A 235 -21.39 3.90 -21.70
C VAL A 235 -22.32 2.92 -22.40
N GLU A 236 -23.29 2.39 -21.68
CA GLU A 236 -24.33 1.56 -22.26
C GLU A 236 -25.64 2.33 -22.28
N GLY A 237 -26.46 2.13 -23.32
CA GLY A 237 -27.71 2.87 -23.40
C GLY A 237 -28.44 2.80 -24.73
N VAL A 238 -28.96 3.94 -25.16
CA VAL A 238 -29.78 4.01 -26.36
C VAL A 238 -29.60 5.36 -27.06
N ALA A 239 -29.57 5.33 -28.40
CA ALA A 239 -29.45 6.56 -29.17
C ALA A 239 -30.67 6.82 -30.06
N PHE A 240 -31.08 8.08 -30.16
CA PHE A 240 -32.09 8.50 -31.12
C PHE A 240 -31.45 9.44 -32.14
N VAL A 241 -31.44 9.04 -33.40
CA VAL A 241 -30.78 9.84 -34.43
C VAL A 241 -31.76 10.32 -35.49
N LEU A 242 -31.61 11.57 -35.90
CA LEU A 242 -32.49 12.19 -36.88
C LEU A 242 -31.66 12.95 -37.90
N PHE A 243 -31.88 12.68 -39.18
CA PHE A 243 -31.11 13.29 -40.25
C PHE A 243 -31.85 14.46 -40.89
N GLY A 244 -31.12 15.36 -41.54
CA GLY A 244 -31.74 16.49 -42.20
C GLY A 244 -30.81 17.27 -43.12
N VAL A 245 -31.37 18.27 -43.78
CA VAL A 245 -30.59 19.13 -44.67
C VAL A 245 -30.65 20.58 -44.19
N LYS A 246 -29.49 21.23 -44.14
CA LYS A 246 -29.38 22.53 -43.49
C LYS A 246 -28.85 23.63 -44.40
N ILE A 247 -29.73 24.11 -45.27
CA ILE A 247 -29.59 25.36 -46.01
C ILE A 247 -28.49 26.33 -45.51
N ASP A 248 -28.91 27.49 -45.00
CA ASP A 248 -28.00 28.56 -44.59
C ASP A 248 -28.17 28.68 -43.09
N ASP A 249 -29.41 28.73 -42.66
CA ASP A 249 -29.76 28.48 -41.27
C ASP A 249 -31.26 28.31 -41.07
N ALA A 250 -31.84 27.48 -41.92
CA ALA A 250 -33.16 26.92 -41.68
C ALA A 250 -33.00 25.42 -41.85
N LYS A 251 -33.51 24.64 -40.90
CA LYS A 251 -33.33 23.20 -40.95
C LYS A 251 -34.56 22.44 -41.42
N LYS A 252 -34.36 21.59 -42.43
CA LYS A 252 -35.42 20.70 -42.90
C LYS A 252 -35.08 19.26 -42.53
N SER A 253 -35.91 18.67 -41.69
CA SER A 253 -35.66 17.32 -41.19
C SER A 253 -36.21 16.25 -42.14
N ILE A 254 -35.59 15.09 -42.10
CA ILE A 254 -36.05 13.92 -42.84
C ILE A 254 -36.75 12.99 -41.87
N PRO A 255 -38.02 13.29 -41.55
CA PRO A 255 -38.78 12.67 -40.45
C PRO A 255 -38.82 11.15 -40.46
N ASP A 256 -38.86 10.54 -41.65
CA ASP A 256 -38.93 9.09 -41.73
C ASP A 256 -37.56 8.45 -41.52
N SER A 257 -36.60 9.26 -41.07
CA SER A 257 -35.24 8.78 -40.86
C SER A 257 -34.90 8.69 -39.38
N LEU A 258 -35.81 9.15 -38.53
CA LEU A 258 -35.63 9.02 -37.09
C LEU A 258 -35.49 7.57 -36.74
N THR A 259 -34.37 7.20 -36.13
CA THR A 259 -34.11 5.81 -35.80
C THR A 259 -33.53 5.63 -34.41
N ARG A 260 -34.10 4.70 -33.65
CA ARG A 260 -33.60 4.37 -32.33
C ARG A 260 -32.60 3.22 -32.42
N ILE A 261 -31.38 3.45 -31.97
CA ILE A 261 -30.36 2.40 -32.01
C ILE A 261 -29.79 2.16 -30.62
N PRO A 262 -29.36 0.92 -30.35
CA PRO A 262 -28.74 0.59 -29.05
C PRO A 262 -27.31 1.07 -28.98
N ILE A 263 -26.93 1.69 -27.87
CA ILE A 263 -25.54 2.00 -27.61
C ILE A 263 -24.98 0.90 -26.72
N ILE A 264 -24.12 0.07 -27.29
CA ILE A 264 -23.56 -1.07 -26.57
C ILE A 264 -22.05 -0.96 -26.42
N ASP A 265 -21.57 -1.23 -25.21
CA ASP A 265 -20.15 -1.09 -24.90
C ASP A 265 -19.54 0.15 -25.52
N GLY A 266 -20.33 1.21 -25.63
CA GLY A 266 -19.81 2.49 -26.08
C GLY A 266 -20.12 2.84 -27.52
N ASP A 267 -20.16 1.84 -28.39
CA ASP A 267 -20.30 2.09 -29.82
C ASP A 267 -21.75 2.06 -30.31
N GLY A 268 -22.01 2.73 -31.42
CA GLY A 268 -23.32 2.74 -32.04
C GLY A 268 -23.18 3.14 -33.50
N LYS A 269 -24.15 2.76 -34.32
CA LYS A 269 -24.12 3.15 -35.73
C LYS A 269 -25.53 3.44 -36.23
N ALA A 270 -25.75 4.68 -36.67
CA ALA A 270 -27.02 5.10 -37.23
C ALA A 270 -26.88 5.27 -38.74
N THR A 271 -27.88 4.80 -39.49
CA THR A 271 -27.81 4.88 -40.93
C THR A 271 -28.95 5.67 -41.55
N LEU A 272 -28.60 6.53 -42.51
CA LEU A 272 -29.57 7.20 -43.34
C LEU A 272 -29.63 6.50 -44.69
N LYS A 273 -30.78 5.91 -45.01
CA LYS A 273 -30.94 5.21 -46.29
C LYS A 273 -31.10 6.20 -47.43
N ARG A 274 -30.38 5.97 -48.52
CA ARG A 274 -30.44 6.83 -49.68
C ARG A 274 -31.87 6.91 -50.19
N ASP A 275 -32.61 5.83 -50.00
CA ASP A 275 -34.01 5.74 -50.39
C ASP A 275 -34.85 6.78 -49.65
N THR A 276 -34.74 6.77 -48.33
CA THR A 276 -35.49 7.71 -47.50
C THR A 276 -35.13 9.15 -47.85
N PHE A 277 -33.87 9.34 -48.24
CA PHE A 277 -33.39 10.66 -48.63
C PHE A 277 -34.08 11.15 -49.91
N ARG A 278 -34.01 10.34 -50.97
CA ARG A 278 -34.66 10.67 -52.23
C ARG A 278 -36.15 10.94 -52.06
N SER A 279 -36.79 10.20 -51.16
CA SER A 279 -38.22 10.39 -50.89
C SER A 279 -38.51 11.79 -50.40
N ARG A 280 -37.65 12.29 -49.51
CA ARG A 280 -37.85 13.61 -48.90
C ARG A 280 -37.35 14.74 -49.80
N PHE A 281 -36.26 14.50 -50.53
CA PHE A 281 -35.69 15.51 -51.41
C PHE A 281 -35.49 15.00 -52.84
N PRO A 282 -36.51 15.17 -53.70
CA PRO A 282 -36.46 14.66 -55.07
C PRO A 282 -35.82 15.65 -56.04
N ASN A 283 -36.05 16.94 -55.80
CA ASN A 283 -35.50 17.97 -56.69
C ASN A 283 -34.05 18.30 -56.35
N LEU A 284 -33.13 17.64 -57.03
CA LEU A 284 -31.70 17.78 -56.77
C LEU A 284 -31.23 19.23 -56.73
N ASN A 285 -31.93 20.09 -57.45
CA ASN A 285 -31.53 21.49 -57.52
C ASN A 285 -31.71 22.20 -56.18
N GLU A 286 -32.75 21.83 -55.46
CA GLU A 286 -33.00 22.39 -54.14
C GLU A 286 -31.82 22.19 -53.19
N LEU A 287 -31.05 21.12 -53.41
CA LEU A 287 -29.99 20.73 -52.49
C LEU A 287 -28.66 21.43 -52.73
N VAL A 288 -28.50 22.03 -53.90
CA VAL A 288 -27.21 22.58 -54.30
C VAL A 288 -26.70 23.65 -53.34
N GLY A 289 -25.54 23.39 -52.76
CA GLY A 289 -24.88 24.35 -51.88
C GLY A 289 -25.22 24.17 -50.42
N HIS A 290 -25.95 23.11 -50.10
CA HIS A 290 -26.37 22.87 -48.73
C HIS A 290 -25.61 21.72 -48.09
N THR A 291 -25.91 21.44 -46.83
CA THR A 291 -25.18 20.43 -46.08
C THR A 291 -26.11 19.41 -45.45
N LEU A 292 -25.55 18.30 -44.99
CA LEU A 292 -26.32 17.25 -44.35
C LEU A 292 -25.94 17.16 -42.87
N TYR A 293 -26.93 17.21 -41.99
CA TYR A 293 -26.66 17.11 -40.56
C TYR A 293 -27.33 15.89 -39.98
N ALA A 294 -26.79 15.42 -38.86
CA ALA A 294 -27.42 14.36 -38.10
C ALA A 294 -27.52 14.79 -36.65
N SER A 295 -28.70 14.65 -36.06
CA SER A 295 -28.89 14.97 -34.66
C SER A 295 -28.90 13.70 -33.82
N VAL A 296 -28.01 13.62 -32.84
CA VAL A 296 -27.91 12.44 -31.99
C VAL A 296 -28.27 12.74 -30.54
N THR A 297 -29.19 11.94 -30.00
CA THR A 297 -29.60 12.04 -28.60
C THR A 297 -29.33 10.71 -27.93
N VAL A 298 -28.49 10.71 -26.90
CA VAL A 298 -28.11 9.47 -26.23
C VAL A 298 -28.49 9.53 -24.75
N MET A 299 -29.19 8.50 -24.29
CA MET A 299 -29.56 8.37 -22.89
C MET A 299 -28.92 7.12 -22.34
N THR A 300 -28.47 7.18 -21.09
CA THR A 300 -27.91 6.00 -20.43
C THR A 300 -28.97 4.94 -20.14
N GLU A 301 -28.56 3.69 -20.02
CA GLU A 301 -29.48 2.58 -19.84
C GLU A 301 -30.42 2.80 -18.67
N SER A 302 -29.96 3.57 -17.69
CA SER A 302 -30.69 3.76 -16.44
C SER A 302 -31.61 4.97 -16.44
N GLY A 303 -31.64 5.71 -17.54
CA GLY A 303 -32.49 6.87 -17.68
C GLY A 303 -32.03 8.06 -16.86
N SER A 304 -30.79 7.98 -16.38
CA SER A 304 -30.28 8.93 -15.41
C SER A 304 -29.65 10.16 -16.05
N ASP A 305 -29.34 10.08 -17.33
CA ASP A 305 -28.66 11.18 -18.02
C ASP A 305 -28.82 11.14 -19.53
N MET A 306 -28.59 12.28 -20.19
CA MET A 306 -28.86 12.40 -21.61
C MET A 306 -28.04 13.51 -22.27
N VAL A 307 -27.18 13.13 -23.21
CA VAL A 307 -26.42 14.11 -23.98
C VAL A 307 -27.12 14.34 -25.32
N VAL A 308 -27.04 15.56 -25.84
CA VAL A 308 -27.53 15.84 -27.18
C VAL A 308 -26.46 16.48 -28.06
N THR A 309 -25.92 15.71 -29.00
CA THR A 309 -24.91 16.21 -29.92
C THR A 309 -25.50 16.37 -31.31
N GLU A 310 -24.68 16.83 -32.24
CA GLU A 310 -25.10 16.94 -33.63
C GLU A 310 -23.89 16.97 -34.54
N GLN A 311 -23.91 16.13 -35.56
CA GLN A 311 -22.88 16.11 -36.59
C GLN A 311 -23.33 16.97 -37.75
N SER A 312 -22.70 18.13 -37.93
CA SER A 312 -23.12 19.06 -38.96
C SER A 312 -22.04 19.22 -40.03
N GLY A 313 -22.32 20.10 -41.00
CA GLY A 313 -21.35 20.41 -42.04
C GLY A 313 -20.88 19.23 -42.89
N ILE A 314 -21.83 18.42 -43.33
CA ILE A 314 -21.54 17.38 -44.33
C ILE A 314 -22.04 17.89 -45.66
N HIS A 315 -21.13 18.42 -46.47
CA HIS A 315 -21.51 19.08 -47.72
C HIS A 315 -22.12 18.12 -48.73
N ILE A 316 -23.17 18.56 -49.39
CA ILE A 316 -23.82 17.77 -50.42
C ILE A 316 -23.30 18.23 -51.77
N VAL A 317 -22.47 17.38 -52.38
CA VAL A 317 -21.62 17.81 -53.48
C VAL A 317 -21.62 16.87 -54.69
N ALA A 318 -21.07 17.36 -55.80
CA ALA A 318 -20.91 16.56 -57.00
C ALA A 318 -19.57 15.82 -56.96
N SER A 319 -18.66 16.29 -56.11
CA SER A 319 -17.31 15.76 -56.03
C SER A 319 -16.69 15.98 -54.66
N PRO A 320 -15.80 15.08 -54.23
CA PRO A 320 -15.16 15.15 -52.91
C PRO A 320 -14.07 16.21 -52.81
N TYR A 321 -13.76 16.88 -53.92
CA TYR A 321 -12.67 17.85 -53.94
C TYR A 321 -13.06 19.21 -54.53
N GLN A 322 -12.23 20.21 -54.26
CA GLN A 322 -12.36 21.54 -54.81
C GLN A 322 -10.99 22.01 -55.26
N ILE A 323 -10.91 22.61 -56.44
CA ILE A 323 -9.66 23.18 -56.92
C ILE A 323 -9.69 24.69 -56.79
N HIS A 324 -8.59 25.27 -56.33
CA HIS A 324 -8.48 26.71 -56.15
C HIS A 324 -7.24 27.26 -56.82
N PHE A 325 -7.34 28.49 -57.33
CA PHE A 325 -6.16 29.17 -57.85
C PHE A 325 -5.79 30.37 -56.99
N THR A 326 -6.20 30.34 -55.73
CA THR A 326 -5.93 31.44 -54.82
C THR A 326 -4.45 31.54 -54.46
N LYS A 327 -3.70 30.47 -54.72
CA LYS A 327 -2.30 30.41 -54.30
C LYS A 327 -1.30 30.57 -55.45
N THR A 328 -1.81 30.81 -56.65
CA THR A 328 -0.94 31.00 -57.81
C THR A 328 -1.11 32.41 -58.37
N PRO A 329 -0.04 32.95 -59.00
CA PRO A 329 -0.08 34.29 -59.61
C PRO A 329 -1.00 34.34 -60.82
N LYS A 330 -1.74 35.44 -60.98
CA LYS A 330 -2.63 35.60 -62.13
C LYS A 330 -1.92 36.22 -63.32
N TYR A 331 -0.60 36.32 -63.25
CA TYR A 331 0.18 36.98 -64.28
C TYR A 331 1.42 36.17 -64.65
N PHE A 332 1.81 36.23 -65.92
CA PHE A 332 2.93 35.41 -66.40
C PHE A 332 3.95 36.25 -67.17
N LYS A 333 5.11 35.65 -67.40
CA LYS A 333 6.17 36.32 -68.13
C LYS A 333 6.52 35.56 -69.41
N PRO A 334 6.10 36.09 -70.56
CA PRO A 334 6.28 35.45 -71.86
C PRO A 334 7.70 34.91 -72.06
N GLY A 335 7.80 33.69 -72.55
CA GLY A 335 9.10 33.09 -72.83
C GLY A 335 9.78 32.52 -71.60
N MET A 336 9.09 32.61 -70.46
CA MET A 336 9.61 32.05 -69.22
C MET A 336 8.61 31.08 -68.61
N PRO A 337 9.10 30.02 -67.96
CA PRO A 337 8.25 29.05 -67.29
C PRO A 337 7.27 29.74 -66.34
N TYR A 338 6.00 29.37 -66.41
CA TYR A 338 5.02 29.82 -65.44
C TYR A 338 4.82 28.75 -64.39
N GLU A 339 4.86 29.13 -63.12
CA GLU A 339 4.71 28.18 -62.02
C GLU A 339 3.27 28.13 -61.52
N LEU A 340 2.52 27.14 -61.99
CA LEU A 340 1.13 26.96 -61.58
C LEU A 340 1.05 26.22 -60.25
N THR A 341 0.43 26.85 -59.26
CA THR A 341 0.28 26.23 -57.95
C THR A 341 -1.18 25.87 -57.69
N VAL A 342 -1.51 24.59 -57.89
CA VAL A 342 -2.87 24.12 -57.70
C VAL A 342 -3.11 23.81 -56.23
N TYR A 343 -4.16 24.40 -55.67
CA TYR A 343 -4.54 24.16 -54.30
C TYR A 343 -5.83 23.36 -54.27
N VAL A 344 -5.78 22.19 -53.65
CA VAL A 344 -6.91 21.26 -53.62
C VAL A 344 -7.40 21.03 -52.19
N THR A 345 -8.69 21.27 -51.96
CA THR A 345 -9.26 21.14 -50.63
C THR A 345 -10.40 20.13 -50.59
N ASN A 346 -10.71 19.66 -49.39
CA ASN A 346 -11.93 18.90 -49.15
C ASN A 346 -13.11 19.87 -49.14
N PRO A 347 -14.34 19.35 -49.18
CA PRO A 347 -15.50 20.26 -49.23
C PRO A 347 -15.54 21.23 -48.05
N ASP A 348 -15.02 20.82 -46.89
CA ASP A 348 -15.10 21.67 -45.70
C ASP A 348 -13.95 22.69 -45.60
N GLY A 349 -13.03 22.63 -46.55
CA GLY A 349 -11.98 23.63 -46.65
C GLY A 349 -10.60 23.11 -46.26
N SER A 350 -10.55 21.97 -45.59
CA SER A 350 -9.28 21.39 -45.17
C SER A 350 -8.42 20.97 -46.38
N PRO A 351 -7.10 20.89 -46.19
CA PRO A 351 -6.19 20.45 -47.24
C PRO A 351 -6.42 19.00 -47.63
N ALA A 352 -6.04 18.62 -48.84
CA ALA A 352 -6.25 17.26 -49.34
C ALA A 352 -4.98 16.70 -49.98
N ALA A 353 -4.35 15.75 -49.30
CA ALA A 353 -3.05 15.23 -49.71
C ALA A 353 -3.12 14.10 -50.74
N HIS A 354 -2.00 13.83 -51.38
CA HIS A 354 -1.87 12.70 -52.29
C HIS A 354 -2.94 12.67 -53.37
N VAL A 355 -3.44 13.83 -53.74
CA VAL A 355 -4.41 13.94 -54.83
C VAL A 355 -3.74 14.38 -56.13
N PRO A 356 -3.72 13.48 -57.12
CA PRO A 356 -3.11 13.80 -58.41
C PRO A 356 -3.92 14.85 -59.16
N VAL A 357 -3.24 15.81 -59.78
CA VAL A 357 -3.88 16.81 -60.61
C VAL A 357 -3.22 16.83 -61.97
N VAL A 358 -3.93 17.31 -62.99
CA VAL A 358 -3.42 17.35 -64.35
C VAL A 358 -3.94 18.56 -65.12
N SER A 359 -3.11 19.09 -66.01
CA SER A 359 -3.55 20.11 -66.94
C SER A 359 -3.42 19.57 -68.35
N GLU A 360 -4.51 19.06 -68.89
CA GLU A 360 -4.47 18.29 -70.13
C GLU A 360 -3.84 19.04 -71.31
N ALA A 361 -4.08 20.34 -71.41
CA ALA A 361 -3.57 21.11 -72.54
C ALA A 361 -2.07 21.34 -72.47
N PHE A 362 -1.46 21.04 -71.32
CA PHE A 362 -0.03 21.27 -71.12
C PHE A 362 0.73 20.01 -70.71
N HIS A 363 0.03 18.88 -70.67
CA HIS A 363 0.64 17.62 -70.27
C HIS A 363 1.36 17.74 -68.93
N SER A 364 0.84 18.60 -68.06
CA SER A 364 1.42 18.78 -66.73
C SER A 364 0.71 17.90 -65.70
N MET A 365 1.48 17.10 -64.97
CA MET A 365 0.95 16.28 -63.91
C MET A 365 1.65 16.57 -62.61
N GLY A 366 0.91 16.47 -61.50
CA GLY A 366 1.49 16.65 -60.19
C GLY A 366 0.58 16.05 -59.14
N THR A 367 1.15 15.76 -57.97
CA THR A 367 0.36 15.26 -56.86
C THR A 367 0.52 16.18 -55.65
N THR A 368 -0.61 16.64 -55.11
CA THR A 368 -0.59 17.53 -53.96
C THR A 368 0.17 16.92 -52.80
N LEU A 369 0.71 17.78 -51.93
CA LEU A 369 1.45 17.35 -50.77
C LEU A 369 0.63 17.56 -49.49
N SER A 370 1.28 17.46 -48.34
CA SER A 370 0.58 17.50 -47.07
C SER A 370 -0.31 18.74 -46.88
N ASP A 371 0.04 19.83 -47.55
CA ASP A 371 -0.73 21.07 -47.43
C ASP A 371 -1.63 21.33 -48.65
N GLY A 372 -1.86 20.28 -49.43
CA GLY A 372 -2.84 20.31 -50.49
C GLY A 372 -2.40 21.07 -51.73
N THR A 373 -1.12 21.40 -51.81
CA THR A 373 -0.62 22.13 -52.96
C THR A 373 0.22 21.26 -53.88
N ALA A 374 0.10 21.49 -55.18
CA ALA A 374 0.98 20.87 -56.16
C ALA A 374 1.49 21.94 -57.11
N LYS A 375 2.81 21.98 -57.30
CA LYS A 375 3.38 22.96 -58.21
C LYS A 375 3.68 22.31 -59.56
N LEU A 376 3.09 22.86 -60.62
CA LEU A 376 3.32 22.35 -61.97
C LEU A 376 3.99 23.40 -62.84
N ILE A 377 5.13 23.05 -63.43
CA ILE A 377 5.82 23.94 -64.35
C ILE A 377 5.13 23.91 -65.72
N LEU A 378 4.79 25.08 -66.23
CA LEU A 378 4.19 25.19 -67.55
C LEU A 378 5.15 25.86 -68.52
N ASN A 379 4.88 25.72 -69.82
CA ASN A 379 5.72 26.36 -70.83
C ASN A 379 4.94 27.20 -71.83
N ILE A 380 5.31 28.47 -71.92
CA ILE A 380 4.45 29.50 -72.49
C ILE A 380 4.88 30.01 -73.86
N PRO A 381 3.92 30.07 -74.81
CA PRO A 381 4.14 30.67 -76.14
C PRO A 381 4.79 32.04 -76.02
N LEU A 382 5.78 32.29 -76.87
CA LEU A 382 6.56 33.53 -76.83
C LEU A 382 5.71 34.76 -77.11
N ASN A 383 4.59 34.55 -77.79
CA ASN A 383 3.72 35.65 -78.21
C ASN A 383 2.31 35.54 -77.62
N ALA A 384 2.23 35.10 -76.37
CA ALA A 384 0.95 34.91 -75.70
C ALA A 384 0.65 36.03 -74.73
N GLN A 385 -0.37 36.82 -75.02
CA GLN A 385 -0.74 37.96 -74.19
C GLN A 385 -1.89 37.65 -73.24
N SER A 386 -2.56 36.52 -73.47
CA SER A 386 -3.64 36.06 -72.62
C SER A 386 -3.63 34.54 -72.55
N LEU A 387 -3.54 34.01 -71.34
CA LEU A 387 -3.35 32.58 -71.15
C LEU A 387 -4.45 31.93 -70.31
N PRO A 388 -5.13 30.92 -70.90
CA PRO A 388 -6.15 30.15 -70.18
C PRO A 388 -5.57 28.85 -69.62
N ILE A 389 -5.97 28.48 -68.41
CA ILE A 389 -5.50 27.25 -67.79
C ILE A 389 -6.65 26.47 -67.16
N THR A 390 -6.69 25.17 -67.43
CA THR A 390 -7.70 24.29 -66.85
C THR A 390 -7.06 23.10 -66.12
N VAL A 391 -7.42 22.94 -64.85
CA VAL A 391 -6.91 21.84 -64.05
C VAL A 391 -8.05 21.00 -63.51
N ARG A 392 -7.88 19.68 -63.55
CA ARG A 392 -8.83 18.77 -62.93
C ARG A 392 -8.07 17.75 -62.10
N THR A 393 -8.78 17.04 -61.24
CA THR A 393 -8.16 15.99 -60.43
C THR A 393 -8.12 14.67 -61.18
N ASN A 394 -7.33 13.73 -60.68
CA ASN A 394 -7.19 12.43 -61.33
C ASN A 394 -6.90 11.34 -60.30
N HIS A 395 -7.77 11.23 -59.30
CA HIS A 395 -7.61 10.24 -58.26
C HIS A 395 -7.92 8.84 -58.81
N GLY A 396 -7.27 7.82 -58.26
CA GLY A 396 -7.48 6.46 -58.71
C GLY A 396 -8.78 5.83 -58.24
N ASP A 397 -9.12 6.08 -56.98
CA ASP A 397 -10.34 5.55 -56.39
C ASP A 397 -11.56 6.23 -56.98
N LEU A 398 -11.33 7.21 -57.85
CA LEU A 398 -12.41 8.07 -58.30
C LEU A 398 -12.82 7.91 -59.75
N PRO A 399 -14.14 7.79 -59.97
CA PRO A 399 -14.76 7.87 -61.30
C PRO A 399 -14.52 9.24 -61.91
N ARG A 400 -14.55 9.32 -63.24
CA ARG A 400 -14.39 10.60 -63.92
C ARG A 400 -15.46 11.59 -63.47
N GLU A 401 -16.70 11.12 -63.38
CA GLU A 401 -17.81 11.94 -62.90
C GLU A 401 -17.44 12.75 -61.67
N ARG A 402 -16.69 12.12 -60.77
CA ARG A 402 -16.45 12.67 -59.44
C ARG A 402 -15.18 13.51 -59.32
N GLN A 403 -14.47 13.69 -60.43
CA GLN A 403 -13.25 14.50 -60.39
C GLN A 403 -13.62 15.97 -60.42
N ALA A 404 -12.81 16.79 -59.74
CA ALA A 404 -13.09 18.22 -59.64
C ALA A 404 -12.41 18.98 -60.76
N THR A 405 -12.94 20.15 -61.08
CA THR A 405 -12.38 20.97 -62.16
C THR A 405 -12.56 22.46 -61.87
N LYS A 406 -11.63 23.27 -62.37
CA LYS A 406 -11.71 24.71 -62.25
C LYS A 406 -10.82 25.33 -63.33
N SER A 407 -11.14 26.56 -63.73
CA SER A 407 -10.37 27.25 -64.76
C SER A 407 -10.05 28.71 -64.42
N MET A 408 -9.01 29.25 -65.05
CA MET A 408 -8.58 30.62 -64.80
C MET A 408 -7.88 31.17 -66.02
N THR A 409 -7.62 32.47 -66.02
CA THR A 409 -6.83 33.09 -67.08
C THR A 409 -5.79 34.04 -66.50
N ALA A 410 -4.58 33.97 -67.03
CA ALA A 410 -3.50 34.84 -66.59
C ALA A 410 -3.13 35.83 -67.69
N ILE A 411 -3.09 37.11 -67.35
CA ILE A 411 -2.68 38.14 -68.30
C ILE A 411 -1.17 38.34 -68.22
N ALA A 412 -0.60 38.96 -69.24
CA ALA A 412 0.85 39.16 -69.29
C ALA A 412 1.29 40.40 -68.53
N TYR A 413 2.48 40.31 -67.95
CA TYR A 413 3.11 41.45 -67.31
C TYR A 413 3.41 42.51 -68.37
N GLN A 414 2.86 43.70 -68.20
CA GLN A 414 3.07 44.79 -69.17
C GLN A 414 4.40 45.49 -68.92
N THR A 415 5.36 45.27 -69.81
CA THR A 415 6.67 45.89 -69.70
C THR A 415 6.58 47.42 -69.78
N GLN A 416 7.48 48.10 -69.09
CA GLN A 416 7.45 49.57 -69.05
C GLN A 416 7.81 50.18 -70.40
N GLY A 417 6.83 50.81 -71.04
CA GLY A 417 7.00 51.37 -72.37
C GLY A 417 6.87 50.31 -73.45
N GLY A 418 7.08 49.06 -73.06
CA GLY A 418 7.08 47.96 -74.01
C GLY A 418 8.49 47.52 -74.26
N SER A 419 9.36 47.74 -73.28
CA SER A 419 10.78 47.47 -73.42
C SER A 419 11.08 45.98 -73.58
N GLY A 420 10.14 45.14 -73.19
CA GLY A 420 10.32 43.70 -73.28
C GLY A 420 11.23 43.15 -72.19
N ASN A 421 11.42 43.93 -71.14
CA ASN A 421 12.26 43.54 -70.01
C ASN A 421 11.46 42.93 -68.87
N TYR A 422 11.74 41.67 -68.56
CA TYR A 422 10.99 40.92 -67.55
C TYR A 422 11.87 40.47 -66.40
N LEU A 423 11.24 40.16 -65.27
CA LEU A 423 11.93 39.56 -64.13
C LEU A 423 11.05 38.45 -63.57
N HIS A 424 11.69 37.36 -63.16
CA HIS A 424 10.94 36.26 -62.56
C HIS A 424 11.70 35.57 -61.44
N VAL A 425 11.12 35.62 -60.24
CA VAL A 425 11.66 34.88 -59.11
C VAL A 425 11.01 33.51 -59.04
N ALA A 426 11.78 32.50 -58.66
CA ALA A 426 11.29 31.13 -58.64
C ALA A 426 11.75 30.39 -57.39
N ILE A 427 10.85 29.60 -56.82
CA ILE A 427 11.16 28.86 -55.61
C ILE A 427 10.63 27.43 -55.66
N THR A 428 11.54 26.49 -55.89
CA THR A 428 11.18 25.08 -56.07
C THR A 428 10.80 24.39 -54.76
N SER A 429 11.38 24.84 -53.65
CA SER A 429 11.21 24.18 -52.36
C SER A 429 9.74 24.14 -51.93
N THR A 430 9.40 23.13 -51.14
CA THR A 430 8.01 22.90 -50.75
C THR A 430 7.91 22.47 -49.30
N GLU A 431 6.69 22.52 -48.76
CA GLU A 431 6.44 22.20 -47.35
C GLU A 431 7.50 22.82 -46.47
N ILE A 432 7.55 24.15 -46.47
CA ILE A 432 8.64 24.92 -45.88
C ILE A 432 8.53 25.08 -44.37
N LYS A 433 9.55 24.62 -43.66
CA LYS A 433 9.58 24.70 -42.20
C LYS A 433 10.62 25.69 -41.71
N PRO A 434 10.36 26.31 -40.55
CA PRO A 434 11.43 27.09 -39.92
C PRO A 434 12.65 26.21 -39.68
N GLY A 435 13.75 26.53 -40.36
CA GLY A 435 14.98 25.79 -40.23
C GLY A 435 15.54 25.41 -41.59
N ASP A 436 14.71 25.54 -42.62
CA ASP A 436 15.12 25.20 -43.97
C ASP A 436 16.03 26.26 -44.57
N ASN A 437 16.72 25.90 -45.64
CA ASN A 437 17.50 26.84 -46.43
C ASN A 437 16.96 26.86 -47.85
N LEU A 438 16.53 28.03 -48.29
CA LEU A 438 15.71 28.12 -49.49
C LEU A 438 16.46 28.65 -50.72
N PRO A 439 16.68 27.76 -51.70
CA PRO A 439 17.28 28.18 -52.97
C PRO A 439 16.33 29.11 -53.73
N VAL A 440 16.70 30.38 -53.81
CA VAL A 440 15.92 31.35 -54.57
C VAL A 440 16.64 31.70 -55.87
N ASN A 441 15.88 31.87 -56.94
CA ASN A 441 16.46 32.11 -58.26
C ASN A 441 15.97 33.41 -58.88
N PHE A 442 16.91 34.17 -59.42
CA PHE A 442 16.57 35.40 -60.14
C PHE A 442 16.75 35.19 -61.63
N ASN A 443 15.65 34.96 -62.33
CA ASN A 443 15.69 34.75 -63.77
C ASN A 443 15.41 36.04 -64.52
N VAL A 444 16.24 36.34 -65.51
CA VAL A 444 16.05 37.53 -66.32
C VAL A 444 15.88 37.17 -67.79
N LYS A 445 15.17 38.03 -68.51
CA LYS A 445 14.98 37.85 -69.95
C LYS A 445 14.57 39.18 -70.56
N GLY A 446 15.30 39.60 -71.59
CA GLY A 446 14.97 40.84 -72.27
C GLY A 446 16.11 41.37 -73.12
N ASN A 447 16.15 42.69 -73.26
CA ASN A 447 17.13 43.38 -74.08
C ASN A 447 18.56 42.98 -73.74
N ALA A 448 19.21 42.25 -74.64
CA ALA A 448 20.58 41.82 -74.44
C ALA A 448 21.43 43.02 -74.03
N ASN A 449 21.04 44.19 -74.53
CA ASN A 449 21.71 45.44 -74.21
C ASN A 449 21.44 45.84 -72.76
N SER A 450 20.17 45.81 -72.38
CA SER A 450 19.76 46.17 -71.02
C SER A 450 20.26 45.16 -69.99
N LEU A 451 20.25 43.89 -70.36
CA LEU A 451 20.63 42.83 -69.43
C LEU A 451 22.07 42.94 -68.92
N LYS A 452 22.94 43.56 -69.70
CA LYS A 452 24.33 43.67 -69.27
C LYS A 452 24.59 44.88 -68.36
N GLN A 453 23.59 45.76 -68.23
CA GLN A 453 23.67 46.83 -67.23
C GLN A 453 22.78 46.52 -66.03
N ILE A 454 22.99 45.34 -65.46
CA ILE A 454 22.30 44.90 -64.26
C ILE A 454 23.32 44.36 -63.27
N LYS A 455 23.62 45.13 -62.23
CA LYS A 455 24.66 44.73 -61.29
C LYS A 455 24.12 44.33 -59.92
N TYR A 456 22.80 44.34 -59.77
CA TYR A 456 22.19 43.88 -58.53
C TYR A 456 20.67 43.81 -58.60
N PHE A 457 20.12 42.89 -57.81
CA PHE A 457 18.68 42.86 -57.54
C PHE A 457 18.46 43.35 -56.12
N THR A 458 17.45 44.19 -55.94
CA THR A 458 16.99 44.55 -54.61
C THR A 458 15.85 43.63 -54.24
N TYR A 459 15.88 43.08 -53.04
CA TYR A 459 14.75 42.26 -52.59
C TYR A 459 14.23 42.63 -51.19
N LEU A 460 12.94 42.40 -50.98
CA LEU A 460 12.28 42.70 -49.71
C LEU A 460 11.52 41.47 -49.25
N ILE A 461 11.74 41.08 -48.00
CA ILE A 461 10.92 40.04 -47.39
C ILE A 461 9.80 40.71 -46.62
N LEU A 462 8.55 40.46 -47.02
CA LEU A 462 7.41 41.00 -46.31
C LEU A 462 6.78 39.94 -45.41
N ASN A 463 6.42 40.34 -44.20
CA ASN A 463 5.74 39.43 -43.29
C ASN A 463 4.84 40.14 -42.28
N LYS A 464 3.59 39.68 -42.18
CA LYS A 464 2.62 40.27 -41.28
C LYS A 464 2.41 41.76 -41.57
N GLY A 465 2.60 42.13 -42.83
CA GLY A 465 2.31 43.50 -43.27
C GLY A 465 3.49 44.43 -43.10
N LYS A 466 4.59 43.89 -42.63
CA LYS A 466 5.78 44.68 -42.38
C LYS A 466 6.91 44.30 -43.33
N ILE A 467 7.77 45.26 -43.66
CA ILE A 467 9.02 44.95 -44.34
C ILE A 467 9.95 44.33 -43.33
N PHE A 468 10.02 43.01 -43.34
CA PHE A 468 10.83 42.27 -42.37
C PHE A 468 12.33 42.41 -42.66
N LYS A 469 12.73 42.12 -43.88
CA LYS A 469 14.14 42.15 -44.26
C LYS A 469 14.33 42.69 -45.67
N VAL A 470 15.36 43.52 -45.84
CA VAL A 470 15.74 43.99 -47.16
C VAL A 470 17.11 43.39 -47.50
N GLY A 471 17.43 43.29 -48.79
CA GLY A 471 18.71 42.73 -49.19
C GLY A 471 19.10 43.02 -50.62
N ARG A 472 20.39 42.87 -50.90
CA ARG A 472 20.91 43.04 -52.25
C ARG A 472 21.56 41.74 -52.74
N GLN A 473 21.36 41.43 -54.01
CA GLN A 473 21.93 40.24 -54.63
C GLN A 473 22.64 40.61 -55.92
N PRO A 474 23.96 40.36 -55.97
CA PRO A 474 24.80 40.80 -57.09
C PRO A 474 24.71 39.86 -58.29
N ARG A 475 24.66 40.45 -59.48
CA ARG A 475 24.64 39.71 -60.73
C ARG A 475 25.85 40.10 -61.57
N ARG A 476 26.60 39.11 -62.05
CA ARG A 476 27.72 39.38 -62.94
C ARG A 476 27.34 39.18 -64.41
N ASP A 477 28.08 39.82 -65.30
CA ASP A 477 27.78 39.78 -66.71
C ASP A 477 27.76 38.34 -67.22
N GLY A 478 26.66 37.93 -67.84
CA GLY A 478 26.55 36.60 -68.41
C GLY A 478 25.65 35.66 -67.66
N GLN A 479 25.34 35.99 -66.41
CA GLN A 479 24.52 35.13 -65.57
C GLN A 479 23.05 35.50 -65.62
N ASN A 480 22.32 34.97 -66.61
CA ASN A 480 20.89 35.22 -66.70
C ASN A 480 20.09 34.56 -65.58
N LEU A 481 20.77 33.76 -64.76
CA LEU A 481 20.14 33.09 -63.64
C LEU A 481 21.07 33.12 -62.42
N VAL A 482 20.61 33.73 -61.33
CA VAL A 482 21.41 33.87 -60.13
C VAL A 482 20.70 33.30 -58.89
N THR A 483 21.41 32.45 -58.14
CA THR A 483 20.81 31.80 -56.99
C THR A 483 21.28 32.44 -55.69
N MET A 484 20.37 32.47 -54.72
CA MET A 484 20.67 32.98 -53.38
C MET A 484 20.08 32.03 -52.35
N ASN A 485 20.70 31.95 -51.18
CA ASN A 485 20.12 31.16 -50.10
C ASN A 485 19.38 32.03 -49.09
N LEU A 486 18.17 31.60 -48.73
CA LEU A 486 17.38 32.29 -47.73
C LEU A 486 17.13 31.38 -46.54
N HIS A 487 17.61 31.77 -45.36
CA HIS A 487 17.41 30.99 -44.15
C HIS A 487 16.07 31.35 -43.53
N ILE A 488 15.23 30.33 -43.38
CA ILE A 488 13.88 30.53 -42.85
C ILE A 488 13.89 30.42 -41.33
N THR A 489 13.18 31.33 -40.68
CA THR A 489 13.10 31.36 -39.23
C THR A 489 11.65 31.51 -38.79
N PRO A 490 11.36 31.15 -37.53
CA PRO A 490 9.98 31.20 -37.02
C PRO A 490 9.33 32.57 -37.24
N ASP A 491 10.16 33.58 -37.50
CA ASP A 491 9.67 34.93 -37.69
C ASP A 491 8.94 35.08 -39.02
N LEU A 492 8.99 34.06 -39.86
CA LEU A 492 8.36 34.11 -41.17
C LEU A 492 7.03 33.38 -41.22
N ILE A 493 6.73 32.62 -40.16
CA ILE A 493 5.41 32.03 -39.98
C ILE A 493 4.38 33.17 -39.90
N PRO A 494 3.18 32.98 -40.49
CA PRO A 494 2.62 31.79 -41.14
C PRO A 494 2.97 31.73 -42.62
N SER A 495 3.48 32.83 -43.16
CA SER A 495 3.79 32.97 -44.57
C SER A 495 4.51 34.29 -44.80
N PHE A 496 5.23 34.40 -45.91
CA PHE A 496 5.89 35.64 -46.26
C PHE A 496 5.88 35.92 -47.76
N ARG A 497 6.19 37.15 -48.12
CA ARG A 497 6.26 37.54 -49.52
C ARG A 497 7.67 37.96 -49.90
N PHE A 498 8.12 37.47 -51.05
CA PHE A 498 9.42 37.82 -51.58
C PHE A 498 9.20 38.77 -52.74
N VAL A 499 9.61 40.02 -52.57
CA VAL A 499 9.53 41.00 -53.64
C VAL A 499 10.94 41.39 -54.08
N ALA A 500 11.20 41.34 -55.38
CA ALA A 500 12.52 41.69 -55.89
C ALA A 500 12.40 42.51 -57.15
N TYR A 501 13.37 43.38 -57.38
CA TYR A 501 13.37 44.17 -58.61
C TYR A 501 14.78 44.58 -59.00
N TYR A 502 14.96 44.91 -60.27
CA TYR A 502 16.20 45.50 -60.77
C TYR A 502 15.87 46.70 -61.64
N GLN A 503 16.87 47.52 -61.94
CA GLN A 503 16.64 48.75 -62.68
C GLN A 503 17.55 48.90 -63.90
N VAL A 504 17.09 49.66 -64.88
CA VAL A 504 17.85 49.88 -66.10
C VAL A 504 17.83 51.35 -66.50
N GLY A 505 19.02 51.94 -66.63
CA GLY A 505 19.15 53.31 -67.06
C GLY A 505 18.54 54.31 -66.10
N ASN A 506 18.52 53.96 -64.82
CA ASN A 506 17.96 54.84 -63.79
C ASN A 506 16.58 55.37 -64.19
N ASN A 507 15.88 54.61 -65.03
CA ASN A 507 14.61 55.07 -65.59
C ASN A 507 13.54 53.99 -65.51
N GLU A 508 13.94 52.75 -65.77
CA GLU A 508 13.00 51.63 -65.85
C GLU A 508 13.15 50.67 -64.68
N ILE A 509 12.03 50.35 -64.05
CA ILE A 509 12.02 49.39 -62.95
C ILE A 509 11.28 48.12 -63.36
N VAL A 510 11.92 46.98 -63.14
CA VAL A 510 11.30 45.69 -63.41
C VAL A 510 11.13 44.90 -62.12
N ALA A 511 9.90 44.52 -61.80
CA ALA A 511 9.60 43.89 -60.52
C ALA A 511 8.97 42.52 -60.62
N ASP A 512 9.07 41.75 -59.54
CA ASP A 512 8.31 40.52 -59.39
C ASP A 512 8.16 40.16 -57.93
N SER A 513 7.06 39.49 -57.59
CA SER A 513 6.84 39.00 -56.23
C SER A 513 6.44 37.53 -56.26
N VAL A 514 6.51 36.90 -55.10
CA VAL A 514 6.19 35.49 -54.96
C VAL A 514 5.75 35.23 -53.55
N TRP A 515 4.61 34.55 -53.38
CA TRP A 515 4.07 34.27 -52.05
C TRP A 515 4.56 32.94 -51.54
N VAL A 516 5.01 32.91 -50.30
CA VAL A 516 5.60 31.71 -49.73
C VAL A 516 4.92 31.28 -48.43
N ASP A 517 4.38 30.07 -48.43
CA ASP A 517 3.73 29.55 -47.24
C ASP A 517 4.75 28.86 -46.34
N VAL A 518 4.62 29.08 -45.04
CA VAL A 518 5.46 28.41 -44.05
C VAL A 518 4.56 27.54 -43.17
N LYS A 519 5.10 26.44 -42.65
CA LYS A 519 4.34 25.54 -41.80
C LYS A 519 4.00 26.24 -40.50
N ASP A 520 2.70 26.39 -40.26
CA ASP A 520 2.19 27.12 -39.10
C ASP A 520 2.39 26.35 -37.81
N THR A 521 3.17 26.92 -36.90
CA THR A 521 3.37 26.35 -35.57
C THR A 521 3.50 27.51 -34.58
N CYS A 522 3.95 27.22 -33.36
CA CYS A 522 4.33 28.27 -32.45
C CYS A 522 5.70 28.78 -32.87
N MET A 523 5.95 30.08 -32.73
CA MET A 523 7.28 30.60 -32.97
C MET A 523 8.23 30.00 -31.94
N GLY A 524 7.67 29.65 -30.78
CA GLY A 524 8.42 29.02 -29.72
C GLY A 524 7.89 27.65 -29.37
N THR A 525 7.97 27.30 -28.09
CA THR A 525 7.49 26.01 -27.63
C THR A 525 6.60 26.19 -26.42
N LEU A 526 5.72 25.22 -26.18
CA LEU A 526 4.98 25.13 -24.94
C LEU A 526 4.39 23.74 -24.80
N VAL A 527 4.76 23.07 -23.71
CA VAL A 527 4.35 21.70 -23.49
C VAL A 527 4.01 21.48 -22.02
N VAL A 528 2.92 20.76 -21.77
CA VAL A 528 2.61 20.33 -20.41
C VAL A 528 2.81 18.82 -20.28
N LYS A 529 3.79 18.44 -19.47
CA LYS A 529 4.12 17.03 -19.25
C LYS A 529 3.65 16.56 -17.87
N GLY A 530 3.11 15.34 -17.83
CA GLY A 530 2.70 14.74 -16.57
C GLY A 530 3.15 13.30 -16.50
N ASP A 531 2.44 12.48 -15.73
CA ASP A 531 2.78 11.08 -15.63
C ASP A 531 1.73 10.19 -16.31
N ASN A 532 0.62 10.79 -16.69
CA ASN A 532 -0.42 10.07 -17.41
C ASN A 532 -1.04 8.91 -16.64
N LEU A 533 -0.88 8.92 -15.32
CA LEU A 533 -1.45 7.89 -14.46
C LEU A 533 -2.84 8.26 -13.97
N ILE A 534 -3.67 7.24 -13.76
CA ILE A 534 -5.01 7.44 -13.24
C ILE A 534 -4.89 7.87 -11.77
N GLN A 535 -5.72 8.82 -11.36
CA GLN A 535 -5.57 9.45 -10.04
C GLN A 535 -6.82 9.37 -9.19
N MET A 536 -6.62 9.36 -7.87
CA MET A 536 -7.72 9.51 -6.91
C MET A 536 -8.05 11.00 -6.74
N PRO A 537 -9.30 11.31 -6.36
CA PRO A 537 -9.65 12.71 -6.13
C PRO A 537 -8.84 13.33 -4.99
N GLY A 538 -8.55 14.63 -5.11
CA GLY A 538 -7.84 15.36 -4.10
C GLY A 538 -6.40 14.89 -3.91
N ALA A 539 -5.86 14.22 -4.93
CA ALA A 539 -4.51 13.72 -4.86
C ALA A 539 -3.50 14.79 -5.27
N ALA A 540 -2.25 14.60 -4.85
CA ALA A 540 -1.19 15.54 -5.17
C ALA A 540 -0.68 15.32 -6.59
N MET A 541 -0.64 16.39 -7.37
CA MET A 541 -0.18 16.33 -8.75
C MET A 541 1.09 17.13 -8.95
N LYS A 542 1.90 16.70 -9.91
CA LYS A 542 3.01 17.51 -10.41
C LYS A 542 2.92 17.55 -11.91
N ILE A 543 3.25 18.70 -12.49
CA ILE A 543 3.32 18.82 -13.93
C ILE A 543 4.50 19.71 -14.29
N LYS A 544 5.09 19.47 -15.45
CA LYS A 544 6.18 20.31 -15.92
C LYS A 544 5.70 21.23 -17.04
N LEU A 545 6.01 22.51 -16.91
CA LEU A 545 5.77 23.46 -17.99
C LEU A 545 7.10 23.68 -18.70
N GLU A 546 7.16 23.26 -19.96
CA GLU A 546 8.38 23.40 -20.74
C GLU A 546 8.14 24.35 -21.91
N GLY A 547 8.86 25.47 -21.90
CA GLY A 547 8.70 26.47 -22.95
C GLY A 547 9.86 27.44 -23.05
N ASP A 548 9.65 28.51 -23.80
CA ASP A 548 10.69 29.49 -24.07
C ASP A 548 11.10 30.23 -22.80
N PRO A 549 12.39 30.52 -22.66
CA PRO A 549 12.88 31.21 -21.46
C PRO A 549 12.28 32.60 -21.32
N GLY A 550 11.65 32.87 -20.19
CA GLY A 550 11.06 34.18 -19.94
C GLY A 550 9.56 34.18 -20.18
N ALA A 551 9.08 33.10 -20.79
CA ALA A 551 7.66 32.97 -21.10
C ALA A 551 6.79 33.28 -19.90
N ARG A 552 5.62 33.85 -20.19
CA ARG A 552 4.61 34.06 -19.17
C ARG A 552 3.39 33.19 -19.53
N VAL A 553 3.15 32.18 -18.72
CA VAL A 553 2.20 31.12 -19.05
C VAL A 553 0.89 31.18 -18.26
N GLY A 554 -0.22 31.24 -18.99
CA GLY A 554 -1.54 31.21 -18.38
C GLY A 554 -2.13 29.81 -18.36
N LEU A 555 -2.49 29.35 -17.16
CA LEU A 555 -3.06 28.02 -16.99
C LEU A 555 -4.55 28.05 -16.71
N VAL A 556 -5.22 26.94 -17.02
CA VAL A 556 -6.58 26.72 -16.58
C VAL A 556 -6.84 25.22 -16.56
N ALA A 557 -7.69 24.78 -15.63
CA ALA A 557 -8.12 23.39 -15.59
C ALA A 557 -9.62 23.37 -15.85
N VAL A 558 -10.05 22.56 -16.81
CA VAL A 558 -11.46 22.51 -17.18
C VAL A 558 -11.98 21.09 -17.14
N ASP A 559 -13.12 20.89 -16.47
CA ASP A 559 -13.78 19.59 -16.50
C ASP A 559 -14.06 19.25 -17.95
N LYS A 560 -13.74 18.02 -18.35
CA LYS A 560 -13.90 17.61 -19.74
C LYS A 560 -15.35 17.76 -20.22
N ALA A 561 -16.27 17.90 -19.28
CA ALA A 561 -17.68 18.11 -19.62
C ALA A 561 -17.91 19.44 -20.32
N VAL A 562 -17.04 20.40 -20.04
CA VAL A 562 -17.12 21.72 -20.66
C VAL A 562 -16.25 21.77 -21.90
N TYR A 563 -15.00 21.34 -21.76
CA TYR A 563 -14.03 21.39 -22.84
C TYR A 563 -14.53 20.77 -24.14
N VAL A 564 -15.46 19.82 -24.04
CA VAL A 564 -16.01 19.15 -25.22
C VAL A 564 -17.14 19.93 -25.87
N LEU A 565 -17.71 20.87 -25.12
CA LEU A 565 -18.77 21.73 -25.66
C LEU A 565 -18.20 22.98 -26.31
N ASN A 566 -18.87 23.45 -27.35
CA ASN A 566 -18.46 24.67 -28.05
C ASN A 566 -16.99 24.70 -28.45
N ASP A 567 -16.54 23.68 -29.17
CA ASP A 567 -15.20 23.69 -29.76
C ASP A 567 -15.02 25.02 -30.49
N LYS A 568 -16.10 25.47 -31.12
CA LYS A 568 -16.09 26.63 -31.98
C LYS A 568 -15.51 27.89 -31.33
N TYR A 569 -15.84 28.10 -30.06
CA TYR A 569 -15.46 29.35 -29.39
C TYR A 569 -14.03 29.38 -28.89
N LYS A 570 -13.42 28.20 -28.82
CA LYS A 570 -12.11 28.02 -28.20
C LYS A 570 -10.99 28.70 -28.97
N ILE A 571 -9.93 29.07 -28.27
CA ILE A 571 -8.75 29.64 -28.91
C ILE A 571 -7.77 28.54 -29.26
N SER A 572 -7.18 28.64 -30.45
CA SER A 572 -6.20 27.67 -30.91
C SER A 572 -5.10 28.37 -31.68
N GLN A 573 -3.98 27.70 -31.87
CA GLN A 573 -2.90 28.26 -32.66
C GLN A 573 -3.42 28.52 -34.07
N ALA A 574 -4.16 27.56 -34.59
CA ALA A 574 -4.73 27.66 -35.92
C ALA A 574 -5.49 28.97 -36.13
N LYS A 575 -6.37 29.30 -35.17
CA LYS A 575 -7.19 30.52 -35.27
C LYS A 575 -6.35 31.78 -35.20
N ILE A 576 -5.24 31.71 -34.48
CA ILE A 576 -4.33 32.85 -34.39
C ILE A 576 -3.71 33.14 -35.75
N TRP A 577 -3.09 32.13 -36.35
CA TRP A 577 -2.45 32.32 -37.66
C TRP A 577 -3.46 32.70 -38.73
N ASP A 578 -4.62 32.06 -38.72
CA ASP A 578 -5.66 32.36 -39.70
C ASP A 578 -6.13 33.80 -39.55
N THR A 579 -6.14 34.31 -38.32
CA THR A 579 -6.52 35.70 -38.08
C THR A 579 -5.45 36.63 -38.65
N ILE A 580 -4.20 36.20 -38.56
CA ILE A 580 -3.07 36.97 -39.09
C ILE A 580 -3.12 37.05 -40.60
N GLU A 581 -3.35 35.90 -41.24
CA GLU A 581 -3.34 35.81 -42.70
C GLU A 581 -4.47 36.58 -43.37
N LYS A 582 -5.58 36.79 -42.66
CA LYS A 582 -6.70 37.52 -43.22
C LYS A 582 -6.51 39.01 -43.03
N SER A 583 -5.51 39.38 -42.25
CA SER A 583 -5.20 40.79 -42.00
C SER A 583 -3.98 41.20 -42.81
N ASP A 584 -3.69 40.42 -43.85
CA ASP A 584 -2.58 40.72 -44.74
C ASP A 584 -2.92 41.94 -45.57
N PHE A 585 -2.00 42.89 -45.65
CA PHE A 585 -2.18 44.05 -46.50
C PHE A 585 -1.87 43.67 -47.95
N GLY A 586 -1.33 42.47 -48.14
CA GLY A 586 -1.05 41.93 -49.45
C GLY A 586 -2.23 41.17 -50.04
N CYS A 587 -2.47 41.35 -51.33
CA CYS A 587 -3.68 40.85 -51.97
C CYS A 587 -3.49 39.56 -52.77
N THR A 588 -2.74 39.62 -53.86
CA THR A 588 -2.58 38.48 -54.75
C THR A 588 -1.44 37.56 -54.34
N ALA A 589 -1.18 36.54 -55.14
CA ALA A 589 -0.17 35.54 -54.81
C ALA A 589 1.13 35.70 -55.59
N GLY A 590 1.32 36.84 -56.25
CA GLY A 590 2.54 37.09 -56.97
C GLY A 590 2.41 37.95 -58.22
N SER A 591 3.54 38.46 -58.70
CA SER A 591 3.59 39.30 -59.89
C SER A 591 2.52 40.38 -59.87
N GLY A 592 2.09 40.78 -61.05
CA GLY A 592 1.10 41.83 -61.22
C GLY A 592 1.10 42.27 -62.67
N GLN A 593 0.24 43.23 -63.02
CA GLN A 593 0.20 43.74 -64.38
C GLN A 593 1.45 44.58 -64.72
N ASN A 594 1.34 45.89 -64.52
CA ASN A 594 2.46 46.80 -64.66
C ASN A 594 3.48 46.57 -63.56
N ASN A 595 4.62 47.27 -63.61
CA ASN A 595 5.59 47.22 -62.54
C ASN A 595 5.01 47.74 -61.22
N LEU A 596 4.12 48.71 -61.32
CA LEU A 596 3.39 49.22 -60.16
C LEU A 596 2.55 48.12 -59.54
N GLY A 597 1.87 47.35 -60.40
CA GLY A 597 0.97 46.31 -59.96
C GLY A 597 1.63 45.32 -59.03
N VAL A 598 2.86 44.92 -59.36
CA VAL A 598 3.60 43.99 -58.52
C VAL A 598 3.66 44.49 -57.09
N PHE A 599 4.18 45.70 -56.91
CA PHE A 599 4.29 46.32 -55.59
C PHE A 599 2.93 46.47 -54.93
N GLU A 600 1.99 47.11 -55.62
CA GLU A 600 0.64 47.29 -55.10
C GLU A 600 0.06 45.97 -54.60
N ASP A 601 0.25 44.90 -55.39
CA ASP A 601 -0.31 43.59 -55.08
C ASP A 601 0.39 42.89 -53.92
N ALA A 602 1.61 43.28 -53.63
CA ALA A 602 2.35 42.68 -52.52
C ALA A 602 2.00 43.37 -51.22
N GLY A 603 1.36 44.52 -51.33
CA GLY A 603 1.02 45.32 -50.17
C GLY A 603 2.07 46.37 -49.88
N LEU A 604 2.79 46.79 -50.92
CA LEU A 604 3.82 47.82 -50.77
C LEU A 604 3.40 49.13 -51.41
N ALA A 605 4.07 50.20 -50.99
CA ALA A 605 3.88 51.51 -51.60
C ALA A 605 5.20 51.94 -52.19
N LEU A 606 5.20 52.30 -53.47
CA LEU A 606 6.42 52.74 -54.14
C LEU A 606 6.32 54.15 -54.69
N THR A 607 7.41 54.89 -54.55
CA THR A 607 7.53 56.22 -55.14
C THR A 607 8.99 56.46 -55.52
N THR A 608 9.21 57.11 -56.64
CA THR A 608 10.57 57.34 -57.12
C THR A 608 10.75 58.77 -57.61
N SER A 609 12.00 59.11 -57.95
CA SER A 609 12.33 60.45 -58.41
C SER A 609 12.01 60.64 -59.88
N THR A 610 11.22 59.75 -60.45
CA THR A 610 10.78 59.86 -61.84
C THR A 610 9.26 59.84 -61.95
N ASN A 611 8.59 60.32 -60.91
CA ASN A 611 7.13 60.40 -60.88
C ASN A 611 6.44 59.05 -61.05
N LEU A 612 7.16 57.99 -60.73
CA LEU A 612 6.63 56.64 -60.82
C LEU A 612 6.00 56.22 -59.50
N ASN A 613 4.70 56.48 -59.36
CA ASN A 613 3.98 56.22 -58.11
C ASN A 613 2.98 55.06 -58.20
N THR A 614 2.82 54.35 -57.08
CA THR A 614 1.78 53.35 -56.97
C THR A 614 0.48 54.04 -56.56
N LYS A 615 -0.58 53.81 -57.33
CA LYS A 615 -1.86 54.49 -57.10
C LYS A 615 -2.24 54.47 -55.63
N GLN A 616 -3.05 55.44 -55.22
CA GLN A 616 -3.48 55.53 -53.82
C GLN A 616 -4.34 54.34 -53.41
N ARG A 617 -4.48 54.16 -52.10
CA ARG A 617 -5.08 52.95 -51.58
C ARG A 617 -6.37 53.20 -50.79
N SER A 618 -7.43 52.48 -51.17
CA SER A 618 -8.75 52.64 -50.58
C SER A 618 -8.81 52.24 -49.11
N ALA A 619 -8.87 50.93 -48.86
CA ALA A 619 -9.02 50.43 -47.51
C ALA A 619 -7.90 49.47 -47.11
N ALA A 620 -7.79 49.22 -45.81
CA ALA A 620 -6.76 48.33 -45.27
C ALA A 620 -7.04 46.87 -45.61
N LYS A 621 -8.27 46.59 -46.05
CA LYS A 621 -8.65 45.22 -46.42
C LYS A 621 -8.83 45.05 -47.92
N CYS A 622 -8.30 43.96 -48.44
CA CYS A 622 -8.23 43.72 -49.88
C CYS A 622 -9.59 43.46 -50.51
N PRO A 623 -9.76 43.85 -51.78
CA PRO A 623 -10.91 43.42 -52.57
C PRO A 623 -11.09 41.91 -52.44
N GLN A 624 -12.31 41.41 -52.63
CA GLN A 624 -12.58 39.99 -52.39
C GLN A 624 -12.42 39.15 -53.66
N ASP B 5 -21.88 -2.71 11.04
CA ASP B 5 -21.25 -4.02 11.29
C ASP B 5 -20.58 -4.56 10.02
N GLY B 6 -19.26 -4.68 10.07
CA GLY B 6 -18.50 -5.11 8.90
C GLY B 6 -18.30 -3.96 7.95
N PHE B 7 -19.17 -2.95 8.07
CA PHE B 7 -19.11 -1.77 7.22
C PHE B 7 -18.12 -0.74 7.76
N ILE B 8 -18.07 0.41 7.08
CA ILE B 8 -17.18 1.49 7.46
C ILE B 8 -17.96 2.55 8.23
N ALA B 9 -17.42 2.96 9.38
CA ALA B 9 -18.06 3.95 10.23
C ALA B 9 -18.33 5.26 9.47
N ASP B 10 -19.53 5.80 9.67
CA ASP B 10 -19.99 6.95 8.90
C ASP B 10 -19.01 8.12 8.87
N SER B 11 -18.37 8.39 10.01
CA SER B 11 -17.53 9.58 10.14
C SER B 11 -16.18 9.47 9.45
N ASP B 12 -15.86 8.27 8.97
CA ASP B 12 -14.60 8.07 8.26
C ASP B 12 -14.80 8.18 6.75
N ILE B 13 -16.07 8.17 6.34
CA ILE B 13 -16.43 8.44 4.96
C ILE B 13 -16.52 9.95 4.77
N ILE B 14 -15.61 10.50 3.97
CA ILE B 14 -15.59 11.95 3.75
C ILE B 14 -16.14 12.33 2.38
N SER B 15 -17.41 12.74 2.34
CA SER B 15 -18.10 13.05 1.09
C SER B 15 -17.36 14.06 0.24
N ARG B 16 -17.24 13.76 -1.05
CA ARG B 16 -16.68 14.70 -2.02
C ARG B 16 -17.70 15.79 -2.28
N SER B 17 -17.24 17.02 -2.50
CA SER B 17 -18.15 18.15 -2.65
C SER B 17 -17.64 19.25 -3.57
N ASP B 18 -16.33 19.27 -3.83
CA ASP B 18 -15.73 20.37 -4.60
C ASP B 18 -15.70 20.08 -6.10
N PHE B 19 -16.71 20.57 -6.81
CA PHE B 19 -16.89 20.18 -8.21
C PHE B 19 -16.87 21.35 -9.19
N PRO B 20 -15.73 22.05 -9.29
CA PRO B 20 -15.65 23.24 -10.14
C PRO B 20 -15.74 22.85 -11.61
N LYS B 21 -16.46 23.64 -12.41
CA LYS B 21 -16.45 23.43 -13.85
C LYS B 21 -15.11 23.90 -14.41
N SER B 22 -14.46 24.83 -13.72
CA SER B 22 -13.11 25.25 -14.07
C SER B 22 -12.33 25.83 -12.88
N TRP B 23 -11.02 25.73 -12.95
CA TRP B 23 -10.16 26.15 -11.84
C TRP B 23 -8.72 26.34 -12.29
N LEU B 24 -7.82 26.44 -11.32
CA LEU B 24 -6.40 26.64 -11.57
C LEU B 24 -6.10 27.78 -12.54
N TRP B 25 -6.86 28.87 -12.40
CA TRP B 25 -6.68 30.06 -13.21
C TRP B 25 -5.49 30.86 -12.70
N LEU B 26 -4.29 30.37 -12.99
CA LEU B 26 -3.06 30.99 -12.49
C LEU B 26 -2.10 31.31 -13.61
N THR B 27 -1.19 32.25 -13.35
CA THR B 27 -0.10 32.51 -14.29
C THR B 27 1.23 32.18 -13.65
N LYS B 28 2.04 31.40 -14.36
CA LYS B 28 3.37 31.05 -13.90
C LYS B 28 4.41 31.62 -14.87
N ASP B 29 5.56 32.02 -14.34
CA ASP B 29 6.62 32.55 -15.20
C ASP B 29 7.77 31.57 -15.34
N LEU B 30 8.26 31.42 -16.57
CA LEU B 30 9.35 30.49 -16.87
C LEU B 30 10.71 31.15 -16.67
N THR B 31 11.12 31.25 -15.41
CA THR B 31 12.34 31.93 -15.04
C THR B 31 13.55 31.01 -15.08
N GLU B 32 13.33 29.76 -14.67
CA GLU B 32 14.41 28.78 -14.56
C GLU B 32 15.32 28.78 -15.79
N GLU B 33 16.56 28.36 -15.59
CA GLU B 33 17.59 28.43 -16.63
C GLU B 33 17.28 27.54 -17.82
N PRO B 34 17.60 28.02 -19.03
CA PRO B 34 17.44 27.27 -20.28
C PRO B 34 18.30 26.01 -20.28
N ASN B 35 18.15 25.17 -21.31
CA ASN B 35 19.04 24.04 -21.48
C ASN B 35 19.71 24.06 -22.86
N SER B 36 20.27 22.92 -23.27
CA SER B 36 21.02 22.86 -24.52
C SER B 36 20.18 23.28 -25.73
N GLN B 37 18.87 23.28 -25.58
CA GLN B 37 17.98 23.58 -26.69
C GLN B 37 17.12 24.82 -26.46
N GLY B 38 17.50 25.62 -25.46
CA GLY B 38 16.81 26.86 -25.16
C GLY B 38 15.43 26.66 -24.58
N ILE B 39 15.25 25.54 -23.87
CA ILE B 39 13.96 25.20 -23.28
C ILE B 39 14.05 25.14 -21.76
N SER B 40 13.39 26.08 -21.10
CA SER B 40 13.39 26.11 -19.64
C SER B 40 12.10 25.51 -19.10
N SER B 41 12.23 24.61 -18.12
CA SER B 41 11.06 23.91 -17.60
C SER B 41 10.77 24.24 -16.14
N LYS B 42 9.49 24.28 -15.81
CA LYS B 42 9.03 24.64 -14.47
C LYS B 42 8.18 23.51 -13.91
N THR B 43 8.68 22.82 -12.90
CA THR B 43 7.87 21.82 -12.22
C THR B 43 6.86 22.52 -11.34
N MET B 44 5.60 22.12 -11.48
CA MET B 44 4.51 22.76 -10.73
C MET B 44 3.67 21.71 -10.03
N SER B 45 3.44 21.91 -8.73
CA SER B 45 2.66 20.98 -7.94
C SER B 45 1.37 21.61 -7.42
N PHE B 46 0.32 20.80 -7.34
CA PHE B 46 -0.99 21.27 -6.92
C PHE B 46 -1.89 20.07 -6.64
N TYR B 47 -2.94 20.26 -5.85
CA TYR B 47 -3.86 19.17 -5.50
C TYR B 47 -5.15 19.23 -6.31
N LEU B 48 -5.60 18.07 -6.78
CA LEU B 48 -6.83 17.99 -7.56
C LEU B 48 -8.05 18.33 -6.72
N ARG B 49 -9.15 18.64 -7.39
CA ARG B 49 -10.42 18.85 -6.72
C ARG B 49 -11.09 17.51 -6.42
N ASP B 50 -12.41 17.54 -6.18
CA ASP B 50 -13.13 16.34 -5.74
C ASP B 50 -13.84 15.60 -6.86
N SER B 51 -13.99 16.27 -8.01
CA SER B 51 -14.68 15.68 -9.16
C SER B 51 -14.03 14.40 -9.64
N ILE B 52 -14.87 13.39 -9.92
CA ILE B 52 -14.43 12.18 -10.59
C ILE B 52 -14.67 12.37 -12.07
N THR B 53 -13.61 12.62 -12.82
CA THR B 53 -13.77 13.08 -14.17
C THR B 53 -12.44 13.08 -14.86
N THR B 54 -12.37 13.74 -16.01
CA THR B 54 -11.11 14.00 -16.67
C THR B 54 -10.92 15.50 -16.67
N TRP B 55 -9.79 15.96 -16.13
CA TRP B 55 -9.45 17.37 -16.17
C TRP B 55 -8.62 17.63 -17.40
N VAL B 56 -8.99 18.67 -18.14
CA VAL B 56 -8.18 19.11 -19.27
C VAL B 56 -7.42 20.36 -18.89
N VAL B 57 -6.09 20.28 -18.86
CA VAL B 57 -5.27 21.43 -18.52
C VAL B 57 -4.76 22.16 -19.75
N LEU B 58 -5.18 23.41 -19.92
CA LEU B 58 -4.76 24.21 -21.07
C LEU B 58 -3.75 25.27 -20.65
N ALA B 59 -2.65 25.35 -21.39
CA ALA B 59 -1.67 26.38 -21.13
C ALA B 59 -1.54 27.26 -22.36
N VAL B 60 -1.40 28.56 -22.14
CA VAL B 60 -1.19 29.53 -23.21
C VAL B 60 -0.10 30.50 -22.77
N SER B 61 0.97 30.61 -23.55
CA SER B 61 2.12 31.43 -23.15
C SER B 61 2.40 32.60 -24.08
N PHE B 62 3.01 33.65 -23.53
CA PHE B 62 3.53 34.75 -24.33
C PHE B 62 4.98 35.06 -23.99
N THR B 63 5.77 35.32 -25.02
CA THR B 63 7.12 35.88 -24.85
C THR B 63 7.27 36.95 -25.92
N PRO B 64 8.04 38.01 -25.61
CA PRO B 64 8.18 39.18 -26.50
C PRO B 64 8.76 38.88 -27.88
N THR B 65 9.53 37.80 -28.03
CA THR B 65 10.11 37.48 -29.33
C THR B 65 9.46 36.29 -30.03
N LYS B 66 8.69 35.50 -29.29
CA LYS B 66 8.08 34.28 -29.84
C LYS B 66 6.54 34.30 -29.82
N GLY B 67 5.96 35.48 -29.60
CA GLY B 67 4.52 35.63 -29.63
C GLY B 67 3.74 34.67 -28.75
N ILE B 68 2.49 34.42 -29.13
CA ILE B 68 1.57 33.57 -28.35
C ILE B 68 1.63 32.11 -28.77
N CYS B 69 1.69 31.21 -27.79
CA CYS B 69 1.69 29.78 -28.04
C CYS B 69 0.58 29.05 -27.27
N VAL B 70 -0.23 28.28 -27.99
CA VAL B 70 -1.25 27.46 -27.35
C VAL B 70 -0.79 26.00 -27.28
N ALA B 71 -0.63 25.49 -26.07
CA ALA B 71 -0.08 24.16 -25.88
C ALA B 71 -1.09 23.08 -26.25
N GLU B 72 -0.61 21.84 -26.35
CA GLU B 72 -1.52 20.71 -26.50
C GLU B 72 -2.07 20.34 -25.13
N PRO B 73 -3.39 20.13 -25.06
CA PRO B 73 -4.10 19.77 -23.83
C PRO B 73 -3.47 18.61 -23.11
N TYR B 74 -3.24 18.77 -21.81
CA TYR B 74 -2.83 17.65 -20.96
C TYR B 74 -4.02 17.20 -20.13
N GLU B 75 -4.38 15.93 -20.25
CA GLU B 75 -5.54 15.41 -19.54
C GLU B 75 -5.17 14.62 -18.29
N ILE B 76 -5.99 14.76 -17.25
CA ILE B 76 -5.81 14.02 -16.01
C ILE B 76 -7.06 13.24 -15.72
N ARG B 77 -6.94 11.91 -15.67
CA ARG B 77 -8.07 11.07 -15.33
C ARG B 77 -8.11 10.81 -13.83
N VAL B 78 -9.20 11.23 -13.21
CA VAL B 78 -9.43 10.97 -11.80
C VAL B 78 -10.54 9.94 -11.71
N MET B 79 -10.38 8.97 -10.80
CA MET B 79 -11.35 7.88 -10.73
C MET B 79 -11.20 7.00 -9.48
N LYS B 80 -12.33 6.65 -8.88
CA LYS B 80 -12.37 5.69 -7.79
C LYS B 80 -12.93 4.35 -8.27
N VAL B 81 -12.58 3.28 -7.57
CA VAL B 81 -12.99 1.94 -7.97
C VAL B 81 -14.42 1.63 -7.52
N PHE B 82 -14.97 2.51 -6.70
CA PHE B 82 -16.35 2.39 -6.24
C PHE B 82 -16.83 3.76 -5.81
N PHE B 83 -17.87 4.27 -6.48
CA PHE B 83 -18.30 5.63 -6.21
C PHE B 83 -19.77 5.89 -6.57
N ILE B 84 -20.24 7.07 -6.21
CA ILE B 84 -21.61 7.47 -6.53
C ILE B 84 -21.63 8.52 -7.65
N ASP B 85 -22.56 8.33 -8.58
CA ASP B 85 -22.77 9.24 -9.69
C ASP B 85 -24.14 9.86 -9.46
N LEU B 86 -24.20 11.19 -9.41
CA LEU B 86 -25.46 11.85 -9.05
C LEU B 86 -25.80 13.03 -9.97
N GLN B 87 -26.72 12.82 -10.91
CA GLN B 87 -27.15 13.89 -11.79
C GLN B 87 -28.45 14.50 -11.32
N MET B 88 -28.45 15.81 -11.11
CA MET B 88 -29.66 16.51 -10.71
C MET B 88 -30.02 17.56 -11.74
N PRO B 89 -31.31 17.91 -11.82
CA PRO B 89 -31.75 18.89 -12.82
C PRO B 89 -31.19 20.25 -12.47
N TYR B 90 -31.25 21.19 -13.41
CA TYR B 90 -30.77 22.53 -13.13
C TYR B 90 -31.56 23.11 -11.97
N SER B 91 -32.84 22.76 -11.89
CA SER B 91 -33.71 23.22 -10.81
C SER B 91 -34.91 22.29 -10.63
N VAL B 92 -35.49 22.32 -9.44
CA VAL B 92 -36.73 21.58 -9.15
C VAL B 92 -37.68 22.54 -8.44
N VAL B 93 -38.98 22.24 -8.48
CA VAL B 93 -39.96 23.15 -7.93
C VAL B 93 -40.32 22.83 -6.48
N LYS B 94 -40.53 23.90 -5.71
CA LYS B 94 -40.85 23.79 -4.28
C LYS B 94 -42.12 22.99 -4.07
N ASN B 95 -42.14 22.23 -2.98
CA ASN B 95 -43.33 21.50 -2.57
C ASN B 95 -43.73 20.38 -3.53
N GLU B 96 -43.05 20.29 -4.67
CA GLU B 96 -43.35 19.23 -5.64
C GLU B 96 -42.39 18.06 -5.49
N GLN B 97 -42.96 16.86 -5.36
CA GLN B 97 -42.20 15.64 -5.12
C GLN B 97 -41.46 15.14 -6.36
N VAL B 98 -40.19 14.81 -6.19
CA VAL B 98 -39.35 14.42 -7.31
C VAL B 98 -38.53 13.18 -6.97
N GLU B 99 -38.05 12.50 -8.02
CA GLU B 99 -37.14 11.38 -7.83
C GLU B 99 -35.73 11.76 -8.26
N ILE B 100 -34.77 11.49 -7.40
CA ILE B 100 -33.38 11.72 -7.69
C ILE B 100 -32.68 10.38 -7.85
N ARG B 101 -32.05 10.17 -8.99
CA ARG B 101 -31.51 8.86 -9.32
C ARG B 101 -29.99 8.82 -9.25
N ALA B 102 -29.48 8.30 -8.14
CA ALA B 102 -28.05 8.11 -7.95
C ALA B 102 -27.63 6.83 -8.64
N ILE B 103 -26.35 6.73 -8.99
CA ILE B 103 -25.84 5.52 -9.60
C ILE B 103 -24.61 5.03 -8.85
N LEU B 104 -24.71 3.81 -8.31
CA LEU B 104 -23.56 3.20 -7.68
C LEU B 104 -22.75 2.43 -8.71
N HIS B 105 -21.50 2.86 -8.92
CA HIS B 105 -20.61 2.19 -9.85
C HIS B 105 -19.64 1.30 -9.09
N ASN B 106 -19.67 0.00 -9.38
CA ASN B 106 -18.69 -0.92 -8.83
C ASN B 106 -17.76 -1.43 -9.91
N TYR B 107 -16.51 -0.94 -9.89
CA TYR B 107 -15.53 -1.34 -10.90
C TYR B 107 -14.52 -2.34 -10.35
N VAL B 108 -14.78 -2.85 -9.14
CA VAL B 108 -14.02 -3.97 -8.63
C VAL B 108 -14.47 -5.23 -9.37
N ASN B 109 -13.52 -6.08 -9.71
CA ASN B 109 -13.88 -7.33 -10.39
C ASN B 109 -14.31 -8.39 -9.39
N GLU B 110 -15.24 -8.03 -8.51
CA GLU B 110 -15.78 -8.98 -7.55
C GLU B 110 -17.10 -8.52 -6.98
N ASP B 111 -17.96 -9.46 -6.63
CA ASP B 111 -19.26 -9.15 -6.04
C ASP B 111 -19.09 -8.48 -4.69
N ILE B 112 -19.95 -7.51 -4.40
CA ILE B 112 -19.88 -6.78 -3.15
C ILE B 112 -21.26 -6.61 -2.53
N TYR B 113 -21.28 -6.45 -1.21
CA TYR B 113 -22.51 -6.12 -0.50
C TYR B 113 -22.34 -4.71 0.06
N VAL B 114 -23.23 -3.81 -0.32
CA VAL B 114 -23.06 -2.41 0.03
C VAL B 114 -24.22 -1.86 0.84
N ARG B 115 -23.96 -0.76 1.53
CA ARG B 115 -24.97 -0.02 2.28
C ARG B 115 -24.97 1.44 1.85
N VAL B 116 -26.14 1.96 1.53
CA VAL B 116 -26.25 3.36 1.10
C VAL B 116 -27.21 4.10 2.01
N GLU B 117 -26.77 5.23 2.55
CA GLU B 117 -27.66 6.05 3.36
C GLU B 117 -27.89 7.41 2.71
N LEU B 118 -29.08 7.96 2.90
CA LEU B 118 -29.36 9.33 2.49
C LEU B 118 -29.47 10.19 3.74
N LEU B 119 -28.59 11.17 3.87
CA LEU B 119 -28.54 11.99 5.07
C LEU B 119 -29.77 12.87 5.24
N TYR B 120 -30.16 13.09 6.49
CA TYR B 120 -31.32 13.93 6.78
C TYR B 120 -31.02 15.39 6.47
N ASN B 121 -31.97 16.05 5.82
CA ASN B 121 -31.90 17.48 5.62
C ASN B 121 -33.28 18.11 5.77
N PRO B 122 -33.41 19.02 6.75
CA PRO B 122 -34.64 19.73 7.09
C PRO B 122 -35.30 20.43 5.90
N ALA B 123 -34.51 20.80 4.91
CA ALA B 123 -35.04 21.44 3.71
C ALA B 123 -35.85 20.44 2.89
N PHE B 124 -35.81 19.17 3.29
CA PHE B 124 -36.47 18.10 2.55
C PHE B 124 -37.43 17.28 3.39
N CYS B 125 -38.48 16.80 2.74
CA CYS B 125 -39.21 15.65 3.26
C CYS B 125 -38.66 14.44 2.51
N SER B 126 -38.17 13.45 3.23
CA SER B 126 -37.61 12.26 2.59
C SER B 126 -37.82 11.04 3.48
N ALA B 127 -37.05 9.99 3.23
CA ALA B 127 -37.15 8.79 4.03
C ALA B 127 -36.37 8.95 5.33
N SER B 128 -35.59 10.02 5.42
CA SER B 128 -34.77 10.25 6.59
C SER B 128 -35.35 11.29 7.54
N THR B 129 -35.31 10.97 8.83
CA THR B 129 -35.67 11.91 9.88
C THR B 129 -34.43 12.22 10.69
N LYS B 130 -34.49 13.23 11.54
CA LYS B 130 -33.31 13.64 12.30
C LYS B 130 -32.65 12.46 13.02
N GLY B 131 -33.46 11.56 13.55
CA GLY B 131 -32.96 10.47 14.36
C GLY B 131 -32.61 9.21 13.60
N GLN B 132 -33.48 8.82 12.68
CA GLN B 132 -33.27 7.61 11.90
C GLN B 132 -32.87 7.94 10.47
N ARG B 133 -31.65 7.56 10.10
CA ARG B 133 -31.17 7.75 8.74
C ARG B 133 -31.69 6.63 7.85
N TYR B 134 -32.07 6.97 6.63
CA TYR B 134 -32.62 5.97 5.71
C TYR B 134 -31.53 5.11 5.08
N ARG B 135 -31.60 3.81 5.31
CA ARG B 135 -30.55 2.90 4.90
C ARG B 135 -31.03 1.79 3.98
N GLN B 136 -30.24 1.51 2.95
CA GLN B 136 -30.46 0.36 2.08
C GLN B 136 -29.20 -0.50 2.07
N GLN B 137 -29.38 -1.81 1.97
CA GLN B 137 -28.26 -2.72 1.78
C GLN B 137 -28.62 -3.74 0.70
N PHE B 138 -27.69 -4.00 -0.20
CA PHE B 138 -27.96 -4.90 -1.32
C PHE B 138 -26.69 -5.30 -2.06
N PRO B 139 -26.75 -6.41 -2.80
CA PRO B 139 -25.63 -6.89 -3.62
C PRO B 139 -25.47 -6.09 -4.89
N ILE B 140 -24.24 -6.06 -5.41
CA ILE B 140 -23.95 -5.42 -6.69
C ILE B 140 -22.94 -6.28 -7.42
N LYS B 141 -23.38 -7.00 -8.45
CA LYS B 141 -22.52 -7.92 -9.18
C LYS B 141 -21.26 -7.21 -9.67
N ALA B 142 -20.17 -7.95 -9.80
CA ALA B 142 -18.89 -7.39 -10.21
C ALA B 142 -18.95 -6.63 -11.54
N LEU B 143 -18.25 -5.51 -11.60
CA LEU B 143 -18.17 -4.69 -12.81
C LEU B 143 -19.52 -4.29 -13.38
N SER B 144 -20.36 -3.66 -12.55
CA SER B 144 -21.66 -3.20 -13.00
C SER B 144 -22.16 -2.00 -12.22
N SER B 145 -23.36 -1.55 -12.57
CA SER B 145 -23.96 -0.38 -11.97
C SER B 145 -25.32 -0.74 -11.39
N ARG B 146 -25.77 0.04 -10.40
CA ARG B 146 -27.11 -0.12 -9.90
C ARG B 146 -27.69 1.27 -9.63
N ALA B 147 -28.86 1.55 -10.20
CA ALA B 147 -29.56 2.79 -9.91
C ALA B 147 -30.13 2.72 -8.50
N VAL B 148 -30.01 3.83 -7.78
CA VAL B 148 -30.51 3.91 -6.42
C VAL B 148 -31.37 5.15 -6.32
N PRO B 149 -32.69 4.99 -6.51
CA PRO B 149 -33.59 6.13 -6.54
C PRO B 149 -33.80 6.69 -5.14
N PHE B 150 -33.96 8.01 -5.02
CA PHE B 150 -34.34 8.65 -3.78
C PHE B 150 -35.49 9.60 -4.03
N VAL B 151 -36.50 9.56 -3.16
CA VAL B 151 -37.68 10.37 -3.33
C VAL B 151 -37.69 11.45 -2.27
N ILE B 152 -37.79 12.71 -2.70
CA ILE B 152 -37.73 13.83 -1.76
C ILE B 152 -38.70 14.94 -2.16
N VAL B 153 -38.98 15.83 -1.22
CA VAL B 153 -39.88 16.96 -1.47
C VAL B 153 -39.28 18.24 -0.90
N PRO B 154 -38.75 19.10 -1.79
CA PRO B 154 -38.17 20.38 -1.35
C PRO B 154 -39.20 21.21 -0.59
N LEU B 155 -38.83 21.70 0.59
CA LEU B 155 -39.76 22.46 1.42
C LEU B 155 -39.39 23.94 1.48
N GLU B 156 -38.22 24.28 0.97
CA GLU B 156 -37.73 25.65 0.94
C GLU B 156 -37.02 25.90 -0.37
N GLN B 157 -37.11 27.12 -0.89
CA GLN B 157 -36.43 27.48 -2.13
C GLN B 157 -34.98 27.86 -1.88
N GLY B 158 -34.16 27.75 -2.91
CA GLY B 158 -32.74 28.08 -2.82
C GLY B 158 -31.87 26.85 -2.97
N LEU B 159 -30.59 26.97 -2.64
CA LEU B 159 -29.67 25.85 -2.75
C LEU B 159 -29.67 24.99 -1.49
N HIS B 160 -29.79 23.67 -1.68
CA HIS B 160 -29.81 22.74 -0.55
C HIS B 160 -29.05 21.45 -0.81
N ASP B 161 -28.33 20.99 0.20
CA ASP B 161 -27.42 19.85 0.05
C ASP B 161 -28.17 18.52 -0.01
N VAL B 162 -27.84 17.71 -1.02
CA VAL B 162 -28.24 16.32 -1.00
C VAL B 162 -26.98 15.50 -0.81
N GLU B 163 -26.85 14.84 0.34
CA GLU B 163 -25.65 14.09 0.66
C GLU B 163 -25.93 12.59 0.76
N ILE B 164 -25.27 11.82 -0.10
CA ILE B 164 -25.40 10.37 -0.10
C ILE B 164 -24.07 9.74 0.29
N LYS B 165 -24.13 8.64 1.05
CA LYS B 165 -22.92 7.94 1.47
C LYS B 165 -23.07 6.44 1.26
N ALA B 166 -22.00 5.80 0.83
CA ALA B 166 -22.03 4.37 0.55
C ALA B 166 -20.71 3.74 0.96
N SER B 167 -20.76 2.48 1.37
CA SER B 167 -19.55 1.75 1.71
C SER B 167 -19.73 0.27 1.45
N VAL B 168 -18.63 -0.42 1.15
CA VAL B 168 -18.67 -1.85 0.88
C VAL B 168 -18.36 -2.66 2.13
N GLN B 169 -19.15 -3.70 2.36
CA GLN B 169 -19.03 -4.51 3.56
C GLN B 169 -17.71 -5.28 3.58
N GLU B 170 -17.11 -5.36 4.77
CA GLU B 170 -15.84 -6.06 4.95
C GLU B 170 -14.86 -5.70 3.84
N ALA B 171 -14.58 -4.41 3.73
CA ALA B 171 -13.64 -3.88 2.76
C ALA B 171 -13.29 -2.44 3.14
N LEU B 172 -12.38 -1.84 2.39
CA LEU B 172 -11.96 -0.47 2.69
C LEU B 172 -12.67 0.58 1.84
N TRP B 173 -13.31 0.15 0.77
CA TRP B 173 -13.91 1.08 -0.17
C TRP B 173 -15.12 1.79 0.39
N SER B 174 -15.21 3.09 0.13
CA SER B 174 -16.35 3.89 0.54
C SER B 174 -16.39 5.15 -0.31
N ASP B 175 -17.55 5.78 -0.36
CA ASP B 175 -17.70 7.02 -1.09
C ASP B 175 -18.91 7.80 -0.59
N GLY B 176 -18.77 9.12 -0.54
CA GLY B 176 -19.89 9.99 -0.23
C GLY B 176 -19.90 11.14 -1.21
N VAL B 177 -21.09 11.58 -1.56
CA VAL B 177 -21.22 12.74 -2.44
C VAL B 177 -22.24 13.72 -1.88
N ARG B 178 -21.85 14.99 -1.80
CA ARG B 178 -22.77 16.05 -1.43
C ARG B 178 -22.91 17.05 -2.58
N LYS B 179 -24.12 17.19 -3.09
CA LYS B 179 -24.37 18.11 -4.19
C LYS B 179 -25.56 19.01 -3.87
N LYS B 180 -25.53 20.23 -4.41
CA LYS B 180 -26.60 21.19 -4.16
C LYS B 180 -27.72 21.09 -5.19
N LEU B 181 -28.94 21.02 -4.69
CA LEU B 181 -30.10 20.98 -5.55
C LEU B 181 -30.76 22.35 -5.54
N LYS B 182 -30.93 22.95 -6.71
CA LYS B 182 -31.52 24.27 -6.81
C LYS B 182 -33.04 24.20 -6.77
N VAL B 183 -33.63 24.74 -5.71
CA VAL B 183 -35.08 24.75 -5.56
C VAL B 183 -35.64 26.13 -5.88
N VAL B 184 -36.61 26.19 -6.77
CA VAL B 184 -37.26 27.45 -7.09
C VAL B 184 -38.71 27.45 -6.62
N PRO B 185 -39.25 28.64 -6.34
CA PRO B 185 -40.64 28.83 -5.91
C PRO B 185 -41.66 28.37 -6.94
N GLU B 186 -42.86 28.00 -6.48
CA GLU B 186 -43.91 27.54 -7.36
C GLU B 186 -44.39 28.66 -8.28
N GLY B 187 -44.87 28.31 -9.45
CA GLY B 187 -45.43 29.29 -10.37
C GLY B 187 -44.62 29.52 -11.62
N VAL B 188 -45.10 30.43 -12.46
CA VAL B 188 -44.38 30.81 -13.68
C VAL B 188 -43.77 32.19 -13.49
N GLN B 189 -42.53 32.36 -13.93
CA GLN B 189 -41.88 33.66 -13.83
C GLN B 189 -42.30 34.60 -14.94
N LYS B 190 -42.98 35.68 -14.55
CA LYS B 190 -43.37 36.73 -15.49
C LYS B 190 -42.55 37.98 -15.23
N SER B 191 -42.77 39.01 -16.03
CA SER B 191 -42.08 40.28 -15.84
C SER B 191 -42.83 41.42 -16.52
N ILE B 192 -43.13 42.46 -15.75
CA ILE B 192 -43.83 43.62 -16.27
C ILE B 192 -42.84 44.62 -16.85
N VAL B 193 -43.06 45.02 -18.09
CA VAL B 193 -42.17 45.95 -18.77
C VAL B 193 -42.75 47.35 -18.84
N THR B 194 -42.00 48.33 -18.35
CA THR B 194 -42.44 49.73 -18.40
C THR B 194 -41.41 50.57 -19.13
N ILE B 195 -41.84 51.26 -20.18
CA ILE B 195 -40.92 52.09 -20.96
C ILE B 195 -41.16 53.58 -20.75
N VAL B 196 -40.09 54.32 -20.51
CA VAL B 196 -40.18 55.77 -20.33
C VAL B 196 -39.12 56.49 -21.15
N LYS B 197 -39.57 57.35 -22.06
CA LYS B 197 -38.64 58.13 -22.88
C LYS B 197 -38.19 59.39 -22.15
N LEU B 198 -36.88 59.59 -22.09
CA LEU B 198 -36.33 60.78 -21.47
C LEU B 198 -35.85 61.76 -22.54
N ASP B 199 -36.27 63.00 -22.42
CA ASP B 199 -35.95 64.04 -23.40
C ASP B 199 -36.30 65.40 -22.83
N PRO B 200 -35.45 65.91 -21.91
CA PRO B 200 -35.68 67.19 -21.22
C PRO B 200 -36.07 68.33 -22.16
N ARG B 201 -35.43 68.39 -23.33
CA ARG B 201 -35.68 69.46 -24.29
C ARG B 201 -37.14 69.51 -24.73
N ALA B 202 -37.83 68.37 -24.65
CA ALA B 202 -39.20 68.26 -25.14
C ALA B 202 -40.23 68.07 -24.04
N LYS B 203 -40.05 67.01 -23.25
CA LYS B 203 -41.01 66.67 -22.20
C LYS B 203 -40.68 67.40 -20.90
N GLY B 204 -39.59 68.16 -20.91
CA GLY B 204 -39.12 68.82 -19.70
C GLY B 204 -39.87 70.08 -19.33
N VAL B 205 -39.39 70.76 -18.30
CA VAL B 205 -40.01 72.00 -17.83
C VAL B 205 -39.00 73.13 -17.93
N GLY B 206 -38.21 73.31 -16.87
CA GLY B 206 -37.15 74.30 -16.89
C GLY B 206 -35.97 73.76 -17.66
N GLY B 207 -36.19 72.65 -18.35
CA GLY B 207 -35.13 71.91 -18.99
C GLY B 207 -34.89 70.64 -18.21
N THR B 208 -35.70 70.44 -17.18
CA THR B 208 -35.63 69.25 -16.34
C THR B 208 -36.90 68.44 -16.46
N GLN B 209 -36.78 67.12 -16.36
CA GLN B 209 -37.93 66.24 -16.51
C GLN B 209 -38.02 65.29 -15.33
N LEU B 210 -39.06 65.47 -14.52
CA LEU B 210 -39.30 64.59 -13.39
C LEU B 210 -40.26 63.50 -13.80
N GLU B 211 -39.91 62.25 -13.50
CA GLU B 211 -40.76 61.11 -13.84
C GLU B 211 -40.88 60.21 -12.64
N VAL B 212 -42.09 60.06 -12.11
CA VAL B 212 -42.33 59.15 -11.00
C VAL B 212 -43.05 57.91 -11.48
N ILE B 213 -42.41 56.77 -11.33
CA ILE B 213 -43.00 55.50 -11.73
C ILE B 213 -43.50 54.77 -10.49
N LYS B 214 -44.81 54.71 -10.33
CA LYS B 214 -45.41 54.09 -9.15
C LYS B 214 -45.09 52.61 -9.06
N ALA B 215 -45.17 52.08 -7.84
CA ALA B 215 -45.00 50.65 -7.62
C ALA B 215 -45.99 49.91 -8.52
N ARG B 216 -45.48 48.96 -9.29
CA ARG B 216 -46.30 48.27 -10.28
C ARG B 216 -47.33 47.35 -9.64
N LYS B 217 -48.41 47.09 -10.37
CA LYS B 217 -49.46 46.21 -9.92
C LYS B 217 -49.23 44.78 -10.41
N LEU B 218 -49.07 43.86 -9.48
CA LEU B 218 -48.99 42.44 -9.82
C LEU B 218 -49.93 41.62 -8.94
N ASP B 219 -51.15 41.42 -9.43
CA ASP B 219 -52.16 40.66 -8.68
C ASP B 219 -51.90 39.16 -8.77
N ASP B 220 -51.27 38.73 -9.85
CA ASP B 220 -51.00 37.32 -10.08
C ASP B 220 -50.04 36.77 -9.05
N ARG B 221 -49.33 37.65 -8.37
CA ARG B 221 -48.18 37.25 -7.56
C ARG B 221 -48.45 36.14 -6.56
N VAL B 222 -47.64 35.10 -6.63
CA VAL B 222 -47.56 34.11 -5.58
C VAL B 222 -47.10 34.85 -4.34
N PRO B 223 -47.71 34.55 -3.19
CA PRO B 223 -47.31 35.29 -1.98
C PRO B 223 -45.94 34.85 -1.45
N ASP B 224 -45.19 35.78 -0.89
CA ASP B 224 -43.93 35.49 -0.20
C ASP B 224 -42.72 35.34 -1.13
N THR B 225 -42.95 35.34 -2.44
CA THR B 225 -41.87 35.12 -3.39
C THR B 225 -41.11 36.40 -3.74
N GLU B 226 -39.80 36.33 -3.69
CA GLU B 226 -38.95 37.49 -3.96
C GLU B 226 -39.25 38.17 -5.29
N ILE B 227 -39.05 39.48 -5.32
CA ILE B 227 -39.26 40.29 -6.51
C ILE B 227 -37.96 40.95 -6.92
N GLU B 228 -37.75 41.13 -8.22
CA GLU B 228 -36.55 41.77 -8.72
C GLU B 228 -36.91 42.83 -9.76
N THR B 229 -36.48 44.06 -9.51
CA THR B 229 -36.67 45.13 -10.49
C THR B 229 -35.33 45.53 -11.09
N LYS B 230 -35.30 45.65 -12.41
CA LYS B 230 -34.13 46.17 -13.11
C LYS B 230 -34.47 47.48 -13.78
N ILE B 231 -33.65 48.50 -13.53
CA ILE B 231 -33.79 49.78 -14.21
C ILE B 231 -32.62 49.96 -15.18
N ILE B 232 -32.93 49.97 -16.47
CA ILE B 232 -31.89 50.10 -17.49
C ILE B 232 -32.00 51.43 -18.24
N ILE B 233 -30.93 52.21 -18.22
CA ILE B 233 -30.86 53.45 -18.99
C ILE B 233 -30.02 53.27 -20.24
N GLN B 234 -30.60 53.61 -21.40
CA GLN B 234 -29.88 53.50 -22.66
C GLN B 234 -29.89 54.79 -23.46
N GLY B 235 -28.74 55.45 -23.55
CA GLY B 235 -28.61 56.63 -24.39
C GLY B 235 -29.01 56.32 -25.82
N ASP B 236 -29.37 57.35 -26.58
CA ASP B 236 -29.81 57.16 -27.96
C ASP B 236 -28.67 57.35 -28.97
N PRO B 237 -28.64 56.48 -29.99
CA PRO B 237 -27.62 56.49 -31.04
C PRO B 237 -27.30 57.91 -31.54
N ASP C 9 -23.68 67.46 -28.68
CA ASP C 9 -25.02 67.17 -29.15
C ASP C 9 -25.81 66.41 -28.09
N LEU C 10 -25.10 65.88 -27.11
CA LEU C 10 -25.72 65.01 -26.10
C LEU C 10 -25.03 65.06 -24.74
N ASN C 11 -25.75 65.55 -23.75
CA ASN C 11 -25.31 65.54 -22.36
C ASN C 11 -26.50 65.34 -21.45
N LEU C 12 -26.51 64.25 -20.69
CA LEU C 12 -27.64 63.94 -19.84
C LEU C 12 -27.26 63.63 -18.40
N ASP C 13 -27.74 64.47 -17.47
CA ASP C 13 -27.68 64.16 -16.06
C ASP C 13 -28.91 63.35 -15.66
N ILE C 14 -28.68 62.12 -15.22
CA ILE C 14 -29.78 61.25 -14.80
C ILE C 14 -29.66 60.98 -13.31
N THR C 15 -30.74 61.21 -12.58
CA THR C 15 -30.76 60.88 -11.16
C THR C 15 -31.86 59.86 -10.89
N ILE C 16 -31.52 58.81 -10.16
CA ILE C 16 -32.50 57.79 -9.79
C ILE C 16 -32.53 57.63 -8.28
N GLU C 17 -33.52 58.26 -7.64
CA GLU C 17 -33.68 58.13 -6.21
C GLU C 17 -34.61 56.96 -5.95
N LEU C 18 -34.17 56.01 -5.14
CA LEU C 18 -35.00 54.88 -4.74
C LEU C 18 -35.28 54.97 -3.25
N PRO C 19 -36.43 54.42 -2.82
CA PRO C 19 -36.77 54.45 -1.40
C PRO C 19 -35.96 53.43 -0.60
N ASP C 20 -35.40 52.43 -1.29
CA ASP C 20 -34.68 51.35 -0.62
C ASP C 20 -33.23 51.69 -0.28
N ARG C 21 -32.82 52.92 -0.57
CA ARG C 21 -31.45 53.35 -0.26
C ARG C 21 -31.33 54.86 -0.09
N GLU C 22 -30.28 55.28 0.64
CA GLU C 22 -30.09 56.69 0.99
C GLU C 22 -29.42 57.49 -0.12
N VAL C 23 -28.35 56.95 -0.68
CA VAL C 23 -27.63 57.61 -1.78
C VAL C 23 -28.36 57.44 -3.10
N PRO C 24 -28.71 58.55 -3.75
CA PRO C 24 -29.32 58.48 -5.08
C PRO C 24 -28.32 57.95 -6.10
N ILE C 25 -28.80 57.52 -7.26
CA ILE C 25 -27.95 56.92 -8.27
C ILE C 25 -27.80 57.87 -9.46
N ARG C 26 -26.58 58.33 -9.69
CA ARG C 26 -26.31 59.35 -10.71
C ARG C 26 -25.50 58.84 -11.89
N TYR C 27 -26.03 59.04 -13.09
CA TYR C 27 -25.33 58.73 -14.34
C TYR C 27 -25.14 60.00 -15.15
N ARG C 28 -24.10 60.05 -15.97
CA ARG C 28 -24.03 61.06 -17.01
C ARG C 28 -23.75 60.40 -18.34
N ILE C 29 -24.59 60.69 -19.33
CA ILE C 29 -24.47 60.06 -20.64
C ILE C 29 -24.13 61.09 -21.70
N ASN C 30 -23.06 60.82 -22.45
CA ASN C 30 -22.66 61.66 -23.58
C ASN C 30 -22.24 60.79 -24.76
N TYR C 31 -21.85 61.43 -25.86
CA TYR C 31 -21.58 60.70 -27.10
C TYR C 31 -20.56 59.57 -26.91
N GLU C 32 -19.61 59.77 -26.01
CA GLU C 32 -18.57 58.77 -25.76
C GLU C 32 -19.15 57.45 -25.25
N ASN C 33 -19.92 57.53 -24.16
CA ASN C 33 -20.44 56.34 -23.50
C ASN C 33 -21.89 56.01 -23.87
N ALA C 34 -22.39 56.63 -24.93
CA ALA C 34 -23.78 56.49 -25.35
C ALA C 34 -24.28 55.05 -25.36
N LEU C 35 -23.48 54.16 -25.93
CA LEU C 35 -23.89 52.77 -26.15
C LEU C 35 -23.87 51.91 -24.90
N LEU C 36 -23.26 52.41 -23.83
CA LEU C 36 -23.19 51.65 -22.59
C LEU C 36 -24.51 51.72 -21.82
N ALA C 37 -25.10 50.55 -21.58
CA ALA C 37 -26.33 50.45 -20.80
C ALA C 37 -26.00 50.51 -19.31
N ARG C 38 -26.77 51.31 -18.58
CA ARG C 38 -26.55 51.47 -17.15
C ARG C 38 -27.67 50.77 -16.39
N THR C 39 -27.30 49.98 -15.39
CA THR C 39 -28.28 49.09 -14.75
C THR C 39 -28.26 49.15 -13.22
N VAL C 40 -29.45 49.27 -12.64
CA VAL C 40 -29.60 49.15 -11.19
C VAL C 40 -30.61 48.06 -10.86
N GLU C 41 -30.29 47.24 -9.87
CA GLU C 41 -31.23 46.24 -9.37
C GLU C 41 -31.77 46.66 -8.00
N THR C 42 -33.08 46.56 -7.82
CA THR C 42 -33.70 46.72 -6.50
C THR C 42 -34.54 45.49 -6.19
N LYS C 43 -34.43 44.98 -4.97
CA LYS C 43 -35.14 43.77 -4.60
C LYS C 43 -36.57 44.04 -4.15
N LEU C 44 -36.99 45.30 -4.26
CA LEU C 44 -38.30 45.69 -3.78
C LEU C 44 -39.17 46.23 -4.90
N ASN C 45 -40.45 46.45 -4.59
CA ASN C 45 -41.41 47.00 -5.54
C ASN C 45 -42.02 48.28 -4.98
N GLN C 46 -41.31 49.39 -5.15
CA GLN C 46 -41.77 50.66 -4.62
C GLN C 46 -41.82 51.72 -5.71
N ASP C 47 -42.01 52.98 -5.32
CA ASP C 47 -42.01 54.08 -6.26
C ASP C 47 -40.58 54.45 -6.63
N ILE C 48 -40.40 54.91 -7.86
CA ILE C 48 -39.07 55.19 -8.40
C ILE C 48 -39.04 56.55 -9.08
N THR C 49 -38.29 57.49 -8.50
CA THR C 49 -38.21 58.83 -9.08
C THR C 49 -36.98 58.98 -9.97
N VAL C 50 -37.21 59.49 -11.18
CA VAL C 50 -36.15 59.67 -12.16
C VAL C 50 -36.09 61.12 -12.58
N THR C 51 -34.92 61.72 -12.44
CA THR C 51 -34.76 63.12 -12.79
C THR C 51 -33.73 63.27 -13.89
N ALA C 52 -34.20 63.59 -15.09
CA ALA C 52 -33.30 63.80 -16.21
C ALA C 52 -33.28 65.27 -16.61
N SER C 53 -32.07 65.82 -16.75
CA SER C 53 -31.89 67.16 -17.27
C SER C 53 -30.71 67.17 -18.23
N GLY C 54 -30.81 67.97 -19.28
CA GLY C 54 -29.77 68.01 -20.29
C GLY C 54 -30.31 68.27 -21.68
N ASP C 55 -29.63 67.74 -22.69
CA ASP C 55 -29.94 68.09 -24.07
C ASP C 55 -30.33 66.91 -24.97
N GLY C 56 -29.85 65.71 -24.65
CA GLY C 56 -30.06 64.57 -25.52
C GLY C 56 -31.31 63.75 -25.25
N LYS C 57 -31.35 62.55 -25.79
CA LYS C 57 -32.45 61.63 -25.56
C LYS C 57 -31.94 60.32 -24.97
N ALA C 58 -32.80 59.63 -24.22
CA ALA C 58 -32.46 58.34 -23.63
C ALA C 58 -33.72 57.53 -23.40
N THR C 59 -33.57 56.20 -23.39
CA THR C 59 -34.71 55.31 -23.15
C THR C 59 -34.55 54.55 -21.85
N MET C 60 -35.45 54.81 -20.90
CA MET C 60 -35.44 54.11 -19.62
C MET C 60 -36.38 52.92 -19.64
N THR C 61 -35.84 51.75 -19.30
CA THR C 61 -36.63 50.54 -19.26
C THR C 61 -36.69 49.95 -17.86
N ILE C 62 -37.90 49.80 -17.33
CA ILE C 62 -38.11 49.15 -16.05
C ILE C 62 -38.59 47.72 -16.27
N LEU C 63 -37.89 46.75 -15.70
CA LEU C 63 -38.30 45.37 -15.76
C LEU C 63 -38.57 44.83 -14.36
N THR C 64 -39.83 44.49 -14.07
CA THR C 64 -40.18 43.95 -12.76
C THR C 64 -40.43 42.45 -12.85
N PHE C 65 -39.61 41.67 -12.16
CA PHE C 65 -39.74 40.22 -12.20
C PHE C 65 -40.43 39.70 -10.94
N TYR C 66 -41.31 38.73 -11.12
CA TYR C 66 -42.03 38.10 -10.01
C TYR C 66 -42.61 36.76 -10.46
N ASN C 67 -43.06 35.96 -9.50
CA ASN C 67 -43.70 34.68 -9.82
C ASN C 67 -45.22 34.77 -9.76
N ALA C 68 -45.88 34.33 -10.83
CA ALA C 68 -47.34 34.43 -10.93
C ALA C 68 -48.04 33.10 -10.69
N GLN C 69 -49.35 33.17 -10.47
CA GLN C 69 -50.16 31.97 -10.20
C GLN C 69 -50.33 31.10 -11.43
N LEU C 70 -50.78 29.87 -11.21
CA LEU C 70 -50.92 28.92 -12.31
C LEU C 70 -52.21 28.10 -12.19
N VAL C 76 -48.20 19.39 -13.64
CA VAL C 76 -49.25 18.59 -14.27
C VAL C 76 -48.80 18.06 -15.62
N CYS C 77 -49.00 16.76 -15.84
CA CYS C 77 -48.65 16.10 -17.09
C CYS C 77 -49.29 16.82 -18.27
N ASN C 78 -48.50 17.65 -18.94
CA ASN C 78 -49.03 18.52 -19.99
C ASN C 78 -49.30 17.82 -21.31
N LYS C 79 -48.41 16.92 -21.73
CA LYS C 79 -48.51 16.34 -23.07
C LYS C 79 -48.92 14.86 -23.13
N PHE C 80 -48.90 14.18 -21.99
CA PHE C 80 -49.44 12.82 -21.91
C PHE C 80 -50.43 12.73 -20.76
N HIS C 81 -51.32 11.75 -20.83
CA HIS C 81 -52.06 11.33 -19.65
C HIS C 81 -51.45 10.03 -19.18
N LEU C 82 -51.40 9.82 -17.87
CA LEU C 82 -50.74 8.64 -17.32
C LEU C 82 -51.37 8.15 -16.02
N ASN C 83 -51.59 6.84 -15.93
CA ASN C 83 -52.10 6.23 -14.71
C ASN C 83 -51.23 5.06 -14.25
N VAL C 84 -50.81 5.10 -12.99
CA VAL C 84 -50.00 4.03 -12.43
C VAL C 84 -50.65 3.44 -11.19
N SER C 85 -51.11 2.19 -11.31
CA SER C 85 -51.73 1.47 -10.21
C SER C 85 -50.76 0.41 -9.70
N VAL C 86 -51.01 -0.09 -8.50
CA VAL C 86 -50.31 -1.27 -8.01
C VAL C 86 -51.24 -2.07 -7.11
N GLU C 87 -51.39 -3.35 -7.40
CA GLU C 87 -52.36 -4.17 -6.70
C GLU C 87 -51.80 -5.56 -6.36
N ASN C 88 -52.50 -6.27 -5.47
CA ASN C 88 -52.05 -7.58 -5.01
C ASN C 88 -52.46 -8.70 -5.96
N ILE C 89 -52.51 -9.93 -5.44
CA ILE C 89 -52.85 -11.10 -6.25
C ILE C 89 -53.69 -12.10 -5.46
N LYS C 97 -43.67 -15.27 -1.14
CA LYS C 97 -44.22 -14.51 -2.27
C LYS C 97 -44.85 -13.20 -1.83
N GLY C 98 -44.01 -12.18 -1.64
CA GLY C 98 -44.48 -10.82 -1.51
C GLY C 98 -44.37 -10.18 -2.89
N ALA C 99 -45.47 -10.17 -3.62
CA ALA C 99 -45.44 -9.74 -5.02
C ALA C 99 -46.57 -8.77 -5.33
N LEU C 100 -46.38 -7.96 -6.36
CA LEU C 100 -47.31 -6.91 -6.72
C LEU C 100 -47.50 -6.78 -8.23
N MET C 101 -48.63 -6.21 -8.64
CA MET C 101 -48.94 -6.03 -10.05
C MET C 101 -48.90 -4.55 -10.44
N LEU C 102 -47.92 -4.20 -11.26
CA LEU C 102 -47.77 -2.83 -11.73
C LEU C 102 -48.60 -2.63 -12.98
N LYS C 103 -49.56 -1.70 -12.93
CA LYS C 103 -50.36 -1.35 -14.09
C LYS C 103 -50.04 0.07 -14.54
N ILE C 104 -49.73 0.24 -15.83
CA ILE C 104 -49.39 1.55 -16.37
C ILE C 104 -50.15 1.85 -17.64
N CYS C 105 -50.95 2.91 -17.63
CA CYS C 105 -51.72 3.30 -18.79
C CYS C 105 -51.27 4.66 -19.29
N THR C 106 -51.21 4.81 -20.62
CA THR C 106 -50.71 6.04 -21.23
C THR C 106 -51.48 6.42 -22.49
N ARG C 107 -51.60 7.72 -22.72
CA ARG C 107 -52.20 8.24 -23.94
C ARG C 107 -51.65 9.62 -24.29
N TYR C 108 -51.28 9.81 -25.56
CA TYR C 108 -50.74 11.07 -26.05
C TYR C 108 -51.88 12.03 -26.37
N LEU C 109 -51.66 13.32 -26.18
CA LEU C 109 -52.74 14.30 -26.29
C LEU C 109 -52.65 15.20 -27.52
N GLY C 110 -52.00 14.71 -28.57
CA GLY C 110 -51.89 15.47 -29.80
C GLY C 110 -52.95 15.10 -30.81
N GLU C 111 -52.82 15.58 -32.03
CA GLU C 111 -53.75 15.23 -33.10
C GLU C 111 -53.26 13.99 -33.83
N VAL C 112 -51.97 13.69 -33.69
CA VAL C 112 -51.37 12.52 -34.34
C VAL C 112 -50.64 11.65 -33.32
N ASP C 113 -50.47 10.37 -33.64
CA ASP C 113 -49.76 9.44 -32.75
C ASP C 113 -48.35 9.95 -32.47
N SER C 114 -47.83 9.64 -31.28
CA SER C 114 -46.51 10.13 -30.89
C SER C 114 -45.39 9.14 -31.21
N THR C 115 -44.32 9.64 -31.79
CA THR C 115 -43.22 8.79 -32.24
C THR C 115 -42.12 8.66 -31.18
N MET C 116 -41.52 7.47 -31.14
CA MET C 116 -40.44 7.17 -30.20
C MET C 116 -40.76 7.66 -28.80
N THR C 117 -41.65 6.96 -28.12
CA THR C 117 -42.03 7.33 -26.76
C THR C 117 -41.24 6.50 -25.75
N ILE C 118 -41.19 6.98 -24.51
CA ILE C 118 -40.38 6.36 -23.47
C ILE C 118 -41.14 6.26 -22.16
N ILE C 119 -41.11 5.08 -21.56
CA ILE C 119 -41.71 4.89 -20.25
C ILE C 119 -40.63 4.49 -19.24
N ASP C 120 -40.20 5.48 -18.47
CA ASP C 120 -39.15 5.31 -17.48
C ASP C 120 -39.79 4.85 -16.18
N ILE C 121 -39.61 3.57 -15.85
CA ILE C 121 -40.15 3.01 -14.63
C ILE C 121 -39.08 2.82 -13.57
N SER C 122 -39.40 3.20 -12.34
CA SER C 122 -38.48 2.93 -11.22
C SER C 122 -39.17 2.07 -10.18
N MET C 123 -38.41 1.13 -9.60
CA MET C 123 -38.96 0.16 -8.67
C MET C 123 -39.21 0.73 -7.28
N LEU C 124 -40.14 0.11 -6.57
CA LEU C 124 -40.28 0.32 -5.14
C LEU C 124 -39.00 -0.15 -4.48
N THR C 125 -38.63 0.49 -3.38
CA THR C 125 -37.42 0.09 -2.68
C THR C 125 -37.44 -1.41 -2.43
N GLY C 126 -36.42 -2.10 -2.92
CA GLY C 126 -36.25 -3.51 -2.63
C GLY C 126 -37.06 -4.44 -3.51
N PHE C 127 -37.67 -3.89 -4.55
CA PHE C 127 -38.42 -4.71 -5.51
C PHE C 127 -37.69 -4.84 -6.84
N LEU C 128 -38.12 -5.82 -7.64
CA LEU C 128 -37.55 -6.05 -8.96
C LEU C 128 -38.61 -6.62 -9.89
N PRO C 129 -38.41 -6.45 -11.21
CA PRO C 129 -39.39 -6.95 -12.18
C PRO C 129 -39.31 -8.46 -12.35
N ASP C 130 -40.45 -9.14 -12.21
CA ASP C 130 -40.55 -10.55 -12.54
C ASP C 130 -39.94 -10.78 -13.93
N ALA C 131 -38.86 -11.54 -13.99
CA ALA C 131 -38.10 -11.70 -15.22
C ALA C 131 -38.95 -12.08 -16.42
N GLU C 132 -39.92 -12.97 -16.22
CA GLU C 132 -40.70 -13.51 -17.32
C GLU C 132 -41.67 -12.50 -17.93
N ASP C 133 -42.32 -11.71 -17.09
CA ASP C 133 -43.26 -10.70 -17.57
C ASP C 133 -42.54 -9.65 -18.41
N LEU C 134 -41.32 -9.31 -18.00
CA LEU C 134 -40.51 -8.36 -18.74
C LEU C 134 -40.14 -8.93 -20.11
N THR C 135 -39.59 -10.13 -20.12
CA THR C 135 -39.26 -10.82 -21.38
C THR C 135 -40.48 -10.89 -22.30
N ARG C 136 -41.67 -10.86 -21.72
CA ARG C 136 -42.90 -10.86 -22.52
C ARG C 136 -43.19 -9.47 -23.09
N LEU C 137 -42.81 -8.43 -22.35
CA LEU C 137 -42.99 -7.07 -22.83
C LEU C 137 -42.07 -6.76 -24.00
N SER C 138 -40.85 -7.27 -23.93
CA SER C 138 -39.84 -7.00 -24.96
C SER C 138 -40.25 -7.56 -26.31
N LYS C 139 -41.11 -8.57 -26.30
CA LYS C 139 -41.61 -9.15 -27.54
C LYS C 139 -42.25 -8.08 -28.42
N GLY C 140 -41.98 -8.14 -29.72
CA GLY C 140 -42.59 -7.23 -30.67
C GLY C 140 -41.62 -6.41 -31.48
N VAL C 141 -42.14 -5.83 -32.58
CA VAL C 141 -41.36 -4.95 -33.42
C VAL C 141 -41.54 -3.51 -32.96
N ASP C 142 -42.55 -3.29 -32.11
CA ASP C 142 -42.90 -1.97 -31.64
C ASP C 142 -42.15 -1.56 -30.36
N ARG C 143 -41.73 -2.56 -29.59
CA ARG C 143 -41.11 -2.31 -28.29
C ARG C 143 -39.61 -2.62 -28.27
N TYR C 144 -38.89 -1.92 -27.42
CA TYR C 144 -37.51 -2.28 -27.10
C TYR C 144 -37.27 -2.06 -25.62
N ILE C 145 -36.69 -3.06 -24.98
CA ILE C 145 -36.25 -2.95 -23.60
C ILE C 145 -34.77 -3.26 -23.63
N SER C 146 -34.00 -2.53 -22.83
CA SER C 146 -32.56 -2.66 -22.93
C SER C 146 -32.07 -3.94 -22.25
N ARG C 147 -30.90 -4.40 -22.67
CA ARG C 147 -30.26 -5.57 -22.11
C ARG C 147 -30.35 -5.63 -20.59
N TYR C 148 -30.72 -6.77 -20.04
CA TYR C 148 -30.72 -6.95 -18.59
C TYR C 148 -30.35 -8.36 -18.16
N GLU C 149 -29.87 -8.50 -16.94
CA GLU C 149 -29.48 -9.79 -16.39
C GLU C 149 -30.54 -10.38 -15.48
N VAL C 150 -30.43 -11.68 -15.21
CA VAL C 150 -31.42 -12.38 -14.39
C VAL C 150 -30.79 -13.22 -13.30
N ASP C 151 -31.39 -13.18 -12.12
CA ASP C 151 -31.06 -14.10 -11.04
C ASP C 151 -32.33 -14.35 -10.24
N ASN C 152 -32.52 -15.60 -9.81
CA ASN C 152 -33.76 -16.01 -9.14
C ASN C 152 -35.02 -15.41 -9.76
N ASN C 153 -35.08 -15.41 -11.08
CA ASN C 153 -36.29 -15.01 -11.79
C ASN C 153 -36.64 -13.54 -11.62
N MET C 154 -35.65 -12.73 -11.28
CA MET C 154 -35.86 -11.29 -11.14
C MET C 154 -34.89 -10.53 -12.04
N ALA C 155 -35.41 -9.57 -12.80
CA ALA C 155 -34.56 -8.77 -13.66
C ALA C 155 -33.73 -7.79 -12.83
N GLN C 156 -32.41 -7.84 -12.98
CA GLN C 156 -31.52 -7.03 -12.16
C GLN C 156 -31.46 -5.56 -12.61
N LYS C 157 -32.64 -4.99 -12.85
CA LYS C 157 -32.76 -3.56 -13.10
C LYS C 157 -33.65 -2.95 -12.04
N VAL C 158 -33.20 -1.85 -11.45
CA VAL C 158 -34.04 -1.11 -10.52
C VAL C 158 -34.75 0.00 -11.27
N ALA C 159 -34.16 0.39 -12.39
CA ALA C 159 -34.80 1.33 -13.31
C ALA C 159 -35.08 0.62 -14.62
N VAL C 160 -36.36 0.51 -14.99
CA VAL C 160 -36.75 -0.16 -16.20
C VAL C 160 -37.27 0.81 -17.24
N ILE C 161 -36.51 1.00 -18.31
CA ILE C 161 -36.95 1.88 -19.40
C ILE C 161 -37.47 1.06 -20.58
N ILE C 162 -38.71 1.32 -20.96
CA ILE C 162 -39.32 0.69 -22.13
C ILE C 162 -39.48 1.71 -23.25
N TYR C 163 -38.93 1.41 -24.42
CA TYR C 163 -39.04 2.32 -25.56
C TYR C 163 -40.11 1.83 -26.54
N LEU C 164 -41.10 2.68 -26.79
CA LEU C 164 -42.18 2.34 -27.71
C LEU C 164 -41.97 3.07 -29.03
N ASN C 165 -42.43 2.46 -30.12
CA ASN C 165 -42.32 3.09 -31.44
C ASN C 165 -43.38 4.16 -31.65
N LYS C 166 -44.51 3.99 -30.96
CA LYS C 166 -45.61 4.94 -31.05
C LYS C 166 -46.51 4.77 -29.83
N VAL C 167 -47.20 5.85 -29.47
CA VAL C 167 -48.25 5.80 -28.45
C VAL C 167 -49.47 6.51 -28.97
N SER C 168 -50.59 5.79 -29.03
CA SER C 168 -51.80 6.30 -29.64
C SER C 168 -52.30 7.57 -28.98
N HIS C 169 -52.94 8.44 -29.76
CA HIS C 169 -53.56 9.64 -29.23
C HIS C 169 -55.06 9.42 -29.12
N SER C 170 -55.48 8.16 -29.29
CA SER C 170 -56.88 7.79 -29.29
C SER C 170 -57.27 7.03 -28.03
N GLU C 171 -56.70 5.84 -27.88
CA GLU C 171 -57.02 5.00 -26.73
C GLU C 171 -55.79 4.68 -25.87
N ASP C 172 -56.01 4.50 -24.58
CA ASP C 172 -54.93 4.21 -23.65
C ASP C 172 -54.15 2.97 -24.05
N GLU C 173 -52.82 3.09 -24.07
CA GLU C 173 -51.98 1.92 -24.29
C GLU C 173 -51.45 1.41 -22.97
N CYS C 174 -52.12 0.39 -22.42
CA CYS C 174 -51.76 -0.14 -21.11
C CYS C 174 -50.77 -1.30 -21.21
N LEU C 175 -49.90 -1.39 -20.20
CA LEU C 175 -49.08 -2.56 -20.00
C LEU C 175 -49.05 -2.88 -18.52
N HIS C 176 -48.42 -4.00 -18.15
CA HIS C 176 -48.41 -4.43 -16.77
C HIS C 176 -47.41 -5.54 -16.53
N PHE C 177 -46.91 -5.64 -15.31
CA PHE C 177 -46.02 -6.74 -14.95
C PHE C 177 -45.81 -6.90 -13.45
N LYS C 178 -45.55 -8.14 -13.03
CA LYS C 178 -45.32 -8.45 -11.64
C LYS C 178 -43.99 -7.92 -11.15
N ILE C 179 -43.94 -7.53 -9.88
CA ILE C 179 -42.70 -7.12 -9.24
C ILE C 179 -42.58 -7.82 -7.88
N LEU C 180 -41.38 -8.30 -7.57
CA LEU C 180 -41.19 -9.18 -6.42
C LEU C 180 -40.19 -8.60 -5.42
N LYS C 181 -40.28 -9.04 -4.17
CA LYS C 181 -39.42 -8.49 -3.11
C LYS C 181 -38.06 -9.19 -3.07
N HIS C 182 -37.02 -8.42 -3.39
CA HIS C 182 -35.65 -8.93 -3.52
C HIS C 182 -34.90 -8.89 -2.20
N PHE C 183 -35.12 -7.82 -1.43
CA PHE C 183 -34.56 -7.70 -0.09
C PHE C 183 -35.47 -6.87 0.81
N GLU C 184 -35.45 -7.18 2.10
CA GLU C 184 -36.34 -6.54 3.07
C GLU C 184 -35.77 -5.23 3.62
N VAL C 185 -36.61 -4.20 3.67
CA VAL C 185 -36.21 -2.91 4.23
C VAL C 185 -37.31 -2.33 5.10
N GLY C 186 -36.91 -1.55 6.11
CA GLY C 186 -37.86 -0.91 7.00
C GLY C 186 -38.94 -0.19 6.23
N PHE C 187 -38.62 1.01 5.76
CA PHE C 187 -39.56 1.79 4.97
C PHE C 187 -39.36 1.55 3.48
N ILE C 188 -40.45 1.64 2.72
CA ILE C 188 -40.41 1.45 1.28
C ILE C 188 -40.68 2.76 0.55
N GLN C 189 -39.66 3.33 -0.08
CA GLN C 189 -39.84 4.53 -0.90
C GLN C 189 -40.79 4.25 -2.05
N PRO C 190 -41.65 5.22 -2.36
CA PRO C 190 -42.53 5.06 -3.52
C PRO C 190 -41.70 4.91 -4.80
N GLY C 191 -42.26 4.27 -5.80
CA GLY C 191 -41.64 4.21 -7.10
C GLY C 191 -42.21 5.31 -7.97
N SER C 192 -41.74 5.43 -9.19
CA SER C 192 -42.26 6.44 -10.10
C SER C 192 -42.31 5.96 -11.53
N VAL C 193 -43.02 6.72 -12.36
CA VAL C 193 -43.19 6.41 -13.76
C VAL C 193 -43.19 7.71 -14.55
N LYS C 194 -42.23 7.86 -15.45
CA LYS C 194 -42.17 9.03 -16.33
C LYS C 194 -42.56 8.63 -17.76
N VAL C 195 -43.12 9.59 -18.50
CA VAL C 195 -43.47 9.36 -19.89
C VAL C 195 -43.14 10.57 -20.76
N TYR C 196 -42.29 10.35 -21.75
CA TYR C 196 -41.92 11.41 -22.70
C TYR C 196 -41.66 10.83 -24.07
N SER C 197 -41.72 11.67 -25.10
CA SER C 197 -41.40 11.23 -26.45
C SER C 197 -40.14 11.92 -26.93
N TYR C 198 -39.72 11.64 -28.16
CA TYR C 198 -38.50 12.22 -28.70
C TYR C 198 -38.65 13.72 -28.98
N TYR C 199 -39.77 14.08 -29.58
CA TYR C 199 -40.04 15.48 -29.90
C TYR C 199 -40.55 16.25 -28.68
N ASN C 200 -40.83 15.51 -27.61
CA ASN C 200 -41.31 16.10 -26.35
C ASN C 200 -40.42 15.69 -25.17
N LEU C 201 -39.16 16.07 -25.24
CA LEU C 201 -38.14 15.62 -24.28
C LEU C 201 -38.11 16.42 -22.98
N ASP C 202 -38.68 17.61 -23.00
CA ASP C 202 -38.51 18.55 -21.90
C ASP C 202 -39.42 18.28 -20.72
N GLU C 203 -40.56 18.95 -20.68
CA GLU C 203 -41.53 18.75 -19.61
C GLU C 203 -41.98 17.29 -19.61
N LYS C 204 -41.89 16.64 -18.45
CA LYS C 204 -42.16 15.21 -18.35
C LYS C 204 -43.34 14.91 -17.44
N CYS C 205 -44.12 13.91 -17.82
CA CYS C 205 -45.20 13.43 -16.99
C CYS C 205 -44.65 12.39 -16.03
N THR C 206 -44.92 12.57 -14.74
CA THR C 206 -44.40 11.69 -13.71
C THR C 206 -45.46 11.41 -12.66
N LYS C 207 -45.71 10.14 -12.38
CA LYS C 207 -46.61 9.76 -11.30
C LYS C 207 -45.87 8.84 -10.36
N PHE C 208 -46.35 8.74 -9.12
CA PHE C 208 -45.71 7.86 -8.15
C PHE C 208 -46.68 6.74 -7.77
N TYR C 209 -46.13 5.61 -7.35
CA TYR C 209 -46.96 4.49 -6.95
C TYR C 209 -46.47 3.83 -5.67
N HIS C 210 -47.41 3.53 -4.78
CA HIS C 210 -47.08 2.87 -3.52
C HIS C 210 -48.26 1.99 -3.10
N PRO C 211 -47.97 0.83 -2.53
CA PRO C 211 -49.02 -0.09 -2.06
C PRO C 211 -49.96 0.58 -1.06
N ASP C 212 -49.40 1.45 -0.21
CA ASP C 212 -50.15 2.04 0.89
C ASP C 212 -50.57 3.48 0.61
N LYS C 213 -50.21 4.00 -0.55
CA LYS C 213 -50.48 5.39 -0.90
C LYS C 213 -51.12 5.52 -2.29
N GLY C 214 -52.36 6.00 -2.32
CA GLY C 214 -53.11 6.09 -3.56
C GLY C 214 -52.56 7.00 -4.63
N THR C 215 -51.51 7.76 -4.29
CA THR C 215 -50.82 8.62 -5.26
C THR C 215 -49.31 8.56 -5.10
N GLY C 216 -48.85 7.79 -4.13
CA GLY C 216 -47.42 7.57 -3.93
C GLY C 216 -46.72 8.76 -3.33
N LEU C 217 -47.50 9.68 -2.77
CA LEU C 217 -46.94 10.87 -2.17
C LEU C 217 -46.39 10.58 -0.78
N LEU C 218 -45.20 11.07 -0.49
CA LEU C 218 -44.67 11.01 0.86
C LEU C 218 -45.56 11.90 1.72
N ASN C 219 -45.72 11.55 2.99
CA ASN C 219 -46.67 12.27 3.84
C ASN C 219 -46.21 13.66 4.25
N LYS C 220 -47.03 14.66 3.93
CA LYS C 220 -46.77 16.04 4.29
C LYS C 220 -48.05 16.85 4.47
N ILE C 221 -47.98 17.87 5.31
CA ILE C 221 -49.12 18.76 5.56
C ILE C 221 -48.83 20.15 5.01
N CYS C 222 -49.86 20.84 4.53
CA CYS C 222 -49.67 22.15 3.92
C CYS C 222 -50.60 23.24 4.45
N ILE C 223 -50.07 24.46 4.51
CA ILE C 223 -50.89 25.64 4.76
C ILE C 223 -50.62 26.61 3.62
N GLY C 224 -51.42 26.50 2.56
CA GLY C 224 -51.19 27.29 1.37
C GLY C 224 -49.93 26.83 0.67
N ASN C 225 -48.83 27.53 0.91
CA ASN C 225 -47.56 27.21 0.27
C ASN C 225 -46.50 26.68 1.22
N VAL C 226 -46.79 26.71 2.52
CA VAL C 226 -45.86 26.19 3.49
C VAL C 226 -46.18 24.73 3.85
N CYS C 227 -45.24 23.84 3.54
CA CYS C 227 -45.39 22.43 3.85
C CYS C 227 -44.34 22.00 4.87
N ARG C 228 -44.77 21.16 5.82
CA ARG C 228 -43.85 20.54 6.77
C ARG C 228 -43.90 19.03 6.58
N CYS C 229 -42.83 18.33 6.94
CA CYS C 229 -42.82 16.88 6.86
C CYS C 229 -43.70 16.27 7.96
N ALA C 230 -44.60 15.37 7.58
CA ALA C 230 -45.63 14.87 8.49
C ALA C 230 -45.31 13.53 9.16
N GLY C 231 -44.35 12.81 8.60
CA GLY C 231 -43.94 11.53 9.16
C GLY C 231 -44.47 10.35 8.38
N GLU C 232 -43.66 9.31 8.28
CA GLU C 232 -44.07 8.10 7.58
C GLU C 232 -44.75 7.14 8.55
N THR C 233 -44.28 7.14 9.79
CA THR C 233 -44.96 6.45 10.87
C THR C 233 -46.25 7.21 11.16
N CYS C 234 -46.89 6.87 12.26
CA CYS C 234 -48.12 7.53 12.64
C CYS C 234 -48.03 7.80 14.12
N SER C 235 -48.18 9.07 14.50
CA SER C 235 -48.12 9.42 15.92
C SER C 235 -49.11 8.56 16.69
N SER C 236 -48.86 8.35 17.97
CA SER C 236 -49.73 7.51 18.78
C SER C 236 -49.99 8.10 20.16
N LEU C 237 -51.11 7.69 20.76
CA LEU C 237 -51.51 8.20 22.07
C LEU C 237 -50.74 7.49 23.17
N ASN C 238 -50.63 8.13 24.34
CA ASN C 238 -49.84 7.58 25.43
C ASN C 238 -50.65 7.01 26.59
N HIS C 239 -50.14 5.96 27.21
CA HIS C 239 -50.73 5.43 28.43
C HIS C 239 -49.75 4.57 29.22
N GLN C 240 -49.43 5.04 30.43
CA GLN C 240 -48.79 4.21 31.44
C GLN C 240 -49.79 4.21 32.58
N GLU C 241 -50.02 3.07 33.21
CA GLU C 241 -50.95 3.05 34.33
C GLU C 241 -50.34 3.73 35.56
N ARG C 242 -49.03 3.87 35.55
CA ARG C 242 -48.33 4.65 36.57
C ARG C 242 -47.28 5.58 35.95
N ILE C 243 -47.35 6.87 36.31
CA ILE C 243 -46.41 7.87 35.82
C ILE C 243 -45.26 8.06 36.80
N ASP C 244 -44.10 7.51 36.48
CA ASP C 244 -42.91 7.73 37.29
C ASP C 244 -42.64 9.24 37.32
N VAL C 245 -43.04 9.89 38.41
CA VAL C 245 -42.94 11.34 38.49
C VAL C 245 -41.53 11.89 38.23
N PRO C 246 -40.50 11.23 38.77
CA PRO C 246 -39.13 11.71 38.54
C PRO C 246 -38.76 11.74 37.05
N LEU C 247 -39.00 10.64 36.35
CA LEU C 247 -38.59 10.53 34.95
C LEU C 247 -39.50 11.35 34.03
N GLN C 248 -40.78 11.42 34.39
CA GLN C 248 -41.74 12.22 33.64
C GLN C 248 -41.32 13.68 33.64
N ILE C 249 -40.48 14.04 34.61
CA ILE C 249 -39.93 15.39 34.69
C ILE C 249 -38.82 15.57 33.67
N GLU C 250 -37.79 14.73 33.78
CA GLU C 250 -36.60 14.84 32.93
C GLU C 250 -36.90 14.79 31.44
N LYS C 251 -38.00 14.15 31.07
CA LYS C 251 -38.40 14.09 29.66
C LYS C 251 -39.15 15.36 29.26
N ALA C 252 -39.85 15.96 30.21
CA ALA C 252 -40.59 17.19 29.97
C ALA C 252 -39.71 18.41 30.18
N CYS C 253 -38.62 18.24 30.91
CA CYS C 253 -37.68 19.33 31.15
C CYS C 253 -36.52 19.28 30.18
N GLU C 254 -36.73 18.63 29.04
CA GLU C 254 -35.72 18.58 27.99
C GLU C 254 -35.62 19.96 27.32
N THR C 255 -34.53 20.17 26.59
CA THR C 255 -34.25 21.49 26.03
C THR C 255 -35.24 21.90 24.94
N ASN C 256 -35.64 20.94 24.11
CA ASN C 256 -36.52 21.24 22.98
C ASN C 256 -38.00 21.23 23.35
N VAL C 257 -38.29 20.85 24.59
CA VAL C 257 -39.66 20.88 25.07
C VAL C 257 -40.00 22.29 25.53
N ASP C 258 -40.86 22.97 24.78
CA ASP C 258 -41.11 24.38 24.97
C ASP C 258 -42.18 24.66 26.00
N TYR C 259 -43.29 23.94 25.90
CA TYR C 259 -44.43 24.16 26.77
C TYR C 259 -45.04 22.85 27.24
N VAL C 260 -45.85 22.92 28.29
CA VAL C 260 -46.65 21.79 28.75
C VAL C 260 -48.04 22.30 29.11
N TYR C 261 -49.08 21.65 28.62
CA TYR C 261 -50.44 22.07 28.90
C TYR C 261 -51.35 20.95 29.37
N LYS C 262 -52.45 21.34 30.02
CA LYS C 262 -53.60 20.48 30.20
C LYS C 262 -54.62 20.99 29.21
N THR C 263 -55.17 20.12 28.39
CA THR C 263 -56.05 20.55 27.32
C THR C 263 -57.29 19.69 27.20
N LYS C 264 -58.42 20.35 26.93
CA LYS C 264 -59.67 19.65 26.65
C LYS C 264 -59.81 19.56 25.14
N LEU C 265 -60.20 18.40 24.64
CA LEU C 265 -60.43 18.24 23.21
C LEU C 265 -61.79 18.83 22.87
N LEU C 266 -61.79 20.03 22.32
CA LEU C 266 -63.02 20.77 22.06
C LEU C 266 -63.80 20.19 20.89
N ARG C 267 -63.15 20.11 19.73
CA ARG C 267 -63.82 19.64 18.51
C ARG C 267 -62.88 18.76 17.70
N ILE C 268 -63.29 18.48 16.46
CA ILE C 268 -62.45 17.78 15.48
C ILE C 268 -62.96 18.11 14.09
N GLU C 269 -62.18 18.88 13.34
CA GLU C 269 -62.60 19.35 12.03
C GLU C 269 -61.67 18.83 10.92
N GLU C 270 -62.21 18.69 9.71
CA GLU C 270 -61.46 18.08 8.63
C GLU C 270 -61.29 18.99 7.41
N GLN C 271 -60.05 19.38 7.14
CA GLN C 271 -59.73 20.04 5.89
C GLN C 271 -58.54 19.36 5.21
N ASP C 272 -58.69 19.10 3.91
CA ASP C 272 -57.63 18.49 3.10
C ASP C 272 -56.92 17.36 3.82
N GLY C 273 -57.58 16.22 3.91
CA GLY C 273 -57.01 15.05 4.55
C GLY C 273 -56.35 15.33 5.89
N ASN C 274 -56.77 16.41 6.53
CA ASN C 274 -56.18 16.82 7.81
C ASN C 274 -57.16 16.84 8.96
N ASP C 275 -56.69 16.36 10.11
CA ASP C 275 -57.46 16.40 11.35
C ASP C 275 -57.11 17.64 12.16
N ILE C 276 -57.91 18.69 12.01
CA ILE C 276 -57.74 19.90 12.79
C ILE C 276 -58.41 19.73 14.15
N TYR C 277 -57.65 19.31 15.15
CA TYR C 277 -58.20 19.14 16.49
C TYR C 277 -58.21 20.47 17.24
N VAL C 278 -59.30 21.23 17.09
CA VAL C 278 -59.41 22.49 17.83
C VAL C 278 -59.24 22.23 19.32
N MET C 279 -58.37 23.00 19.96
CA MET C 279 -58.02 22.79 21.34
C MET C 279 -58.07 24.06 22.18
N ASP C 280 -58.50 23.92 23.42
CA ASP C 280 -58.39 24.99 24.40
C ASP C 280 -57.62 24.48 25.60
N VAL C 281 -56.88 25.38 26.25
CA VAL C 281 -56.02 25.01 27.36
C VAL C 281 -56.62 25.35 28.73
N LEU C 282 -56.62 24.35 29.61
CA LEU C 282 -57.09 24.53 30.98
C LEU C 282 -56.06 25.27 31.79
N GLU C 283 -54.94 24.62 32.06
CA GLU C 283 -53.89 25.19 32.88
C GLU C 283 -52.49 25.05 32.26
N VAL C 284 -51.76 26.16 32.27
CA VAL C 284 -50.39 26.18 31.78
C VAL C 284 -49.44 25.53 32.76
N ILE C 285 -49.11 24.26 32.52
CA ILE C 285 -48.25 23.51 33.42
C ILE C 285 -46.77 23.91 33.29
N LYS C 286 -46.45 24.61 32.20
CA LYS C 286 -45.10 25.13 31.98
C LYS C 286 -45.12 26.12 30.83
N GLN C 287 -45.03 27.41 31.16
CA GLN C 287 -45.08 28.47 30.16
C GLN C 287 -44.12 28.23 28.98
N GLY C 288 -44.52 28.69 27.80
CA GLY C 288 -43.68 28.55 26.62
C GLY C 288 -43.46 29.90 25.96
N THR C 289 -43.15 29.88 24.67
CA THR C 289 -42.93 31.12 23.93
C THR C 289 -44.26 31.85 23.73
N ASP C 290 -45.33 31.07 23.63
CA ASP C 290 -46.68 31.62 23.56
C ASP C 290 -46.98 32.32 24.88
N GLU C 291 -47.29 33.60 24.83
CA GLU C 291 -47.38 34.40 26.05
C GLU C 291 -48.79 34.43 26.66
N ASN C 292 -49.82 34.22 25.82
CA ASN C 292 -51.18 34.05 26.31
C ASN C 292 -51.83 32.81 25.69
N PRO C 293 -51.62 31.64 26.32
CA PRO C 293 -52.06 30.32 25.87
C PRO C 293 -53.53 30.01 26.14
N ARG C 294 -54.21 30.86 26.90
CA ARG C 294 -55.62 30.60 27.23
C ARG C 294 -56.53 31.68 26.68
N ALA C 295 -56.01 32.49 25.76
CA ALA C 295 -56.77 33.59 25.18
C ALA C 295 -57.32 33.23 23.80
N LYS C 296 -56.61 32.34 23.11
CA LYS C 296 -57.04 31.91 21.78
C LYS C 296 -57.30 30.40 21.74
N THR C 297 -57.73 29.92 20.58
CA THR C 297 -57.94 28.50 20.37
C THR C 297 -56.76 27.87 19.64
N HIS C 298 -56.18 26.84 20.25
CA HIS C 298 -55.02 26.16 19.71
C HIS C 298 -55.38 25.07 18.73
N GLN C 299 -55.29 25.36 17.43
CA GLN C 299 -55.50 24.33 16.42
C GLN C 299 -54.30 23.39 16.38
N TYR C 300 -54.55 22.09 16.52
CA TYR C 300 -53.52 21.10 16.27
C TYR C 300 -53.85 20.43 14.95
N ILE C 301 -52.83 19.95 14.24
CA ILE C 301 -53.06 19.34 12.95
C ILE C 301 -52.33 18.02 12.70
N SER C 302 -53.03 17.11 12.03
CA SER C 302 -52.50 15.81 11.66
C SER C 302 -53.32 15.37 10.45
N GLN C 303 -53.03 14.21 9.88
CA GLN C 303 -53.78 13.75 8.72
C GLN C 303 -54.65 12.53 9.00
N ARG C 304 -55.70 12.36 8.20
CA ARG C 304 -56.63 11.24 8.37
C ARG C 304 -55.90 9.91 8.43
N LYS C 305 -54.86 9.77 7.63
CA LYS C 305 -54.00 8.60 7.68
C LYS C 305 -53.83 8.22 9.15
N CYS C 306 -53.77 9.24 9.99
CA CYS C 306 -53.65 9.09 11.43
C CYS C 306 -54.91 9.60 12.13
N GLN C 307 -56.07 9.28 11.56
CA GLN C 307 -57.35 9.69 12.13
C GLN C 307 -57.71 8.74 13.25
N GLU C 308 -56.68 8.21 13.89
CA GLU C 308 -56.82 7.21 14.94
C GLU C 308 -55.46 6.55 15.09
N ALA C 309 -55.41 5.44 15.82
CA ALA C 309 -54.14 4.96 16.36
C ALA C 309 -53.63 6.03 17.31
N LEU C 310 -54.15 7.24 17.08
CA LEU C 310 -53.87 8.46 17.82
C LEU C 310 -55.30 8.84 18.19
N ASN C 311 -55.76 8.04 19.15
CA ASN C 311 -57.12 7.53 19.39
C ASN C 311 -58.16 8.49 20.02
N LEU C 312 -57.94 9.80 20.01
CA LEU C 312 -58.78 10.70 20.84
C LEU C 312 -60.22 11.20 20.51
N LYS C 313 -61.02 10.95 21.55
CA LYS C 313 -62.42 11.31 21.75
C LYS C 313 -62.59 12.76 22.17
N VAL C 314 -63.72 13.34 21.77
CA VAL C 314 -64.07 14.74 22.05
C VAL C 314 -64.45 15.03 23.52
N ASN C 315 -64.01 16.18 24.02
CA ASN C 315 -64.27 16.61 25.41
C ASN C 315 -63.53 15.79 26.47
N ASP C 316 -62.32 15.36 26.13
CA ASP C 316 -61.44 14.67 27.08
C ASP C 316 -60.21 15.54 27.35
N ASP C 317 -59.54 15.29 28.48
CA ASP C 317 -58.40 16.10 28.89
C ASP C 317 -57.10 15.38 28.62
N TYR C 318 -56.06 16.14 28.28
CA TYR C 318 -54.74 15.55 28.03
C TYR C 318 -53.61 16.39 28.59
N LEU C 319 -52.55 15.69 28.96
CA LEU C 319 -51.27 16.27 29.25
C LEU C 319 -50.50 16.33 27.92
N ILE C 320 -50.47 17.51 27.31
CA ILE C 320 -49.75 17.70 26.06
C ILE C 320 -48.49 18.52 26.27
N TRP C 321 -47.34 17.97 25.88
CA TRP C 321 -46.14 18.80 25.79
C TRP C 321 -45.57 18.78 24.37
N GLY C 322 -45.54 19.95 23.75
CA GLY C 322 -45.08 20.09 22.38
C GLY C 322 -43.77 20.84 22.26
N SER C 323 -43.38 21.13 21.02
CA SER C 323 -42.13 21.84 20.76
C SER C 323 -42.39 23.03 19.83
N ARG C 324 -41.75 24.16 20.13
CA ARG C 324 -41.97 25.40 19.39
C ARG C 324 -41.77 25.23 17.88
N SER C 325 -40.81 24.40 17.50
CA SER C 325 -40.47 24.21 16.10
C SER C 325 -41.62 23.65 15.27
N ASP C 326 -42.69 23.22 15.94
CA ASP C 326 -43.83 22.63 15.24
C ASP C 326 -44.95 23.65 15.01
N LEU C 327 -44.64 24.92 15.25
CA LEU C 327 -45.63 25.99 15.06
C LEU C 327 -45.88 26.24 13.59
N LEU C 328 -47.15 26.19 13.19
CA LEU C 328 -47.50 26.45 11.79
C LEU C 328 -47.89 27.90 11.59
N PRO C 329 -47.54 28.47 10.43
CA PRO C 329 -47.85 29.86 10.09
C PRO C 329 -49.32 30.07 9.76
N THR C 330 -50.21 29.64 10.65
CA THR C 330 -51.62 29.95 10.52
C THR C 330 -51.87 31.33 11.08
N LYS C 331 -52.32 32.25 10.25
CA LYS C 331 -52.51 33.63 10.70
C LYS C 331 -53.72 33.73 11.61
N ASP C 332 -53.49 34.28 12.81
CA ASP C 332 -54.56 34.54 13.77
C ASP C 332 -55.06 33.29 14.49
N LYS C 333 -54.31 32.20 14.36
CA LYS C 333 -54.65 30.94 15.03
C LYS C 333 -53.40 30.18 15.43
N ILE C 334 -53.35 29.72 16.67
CA ILE C 334 -52.19 29.03 17.18
C ILE C 334 -52.18 27.57 16.73
N SER C 335 -51.57 27.31 15.58
CA SER C 335 -51.58 25.97 15.00
C SER C 335 -50.25 25.23 15.23
N TYR C 336 -50.35 23.95 15.56
CA TYR C 336 -49.17 23.11 15.74
C TYR C 336 -49.23 21.89 14.84
N ILE C 337 -48.28 20.99 15.02
CA ILE C 337 -48.21 19.77 14.23
C ILE C 337 -47.86 18.59 15.12
N ILE C 338 -48.72 17.57 15.14
CA ILE C 338 -48.44 16.39 15.92
C ILE C 338 -47.27 15.64 15.30
N THR C 339 -46.17 15.58 16.03
CA THR C 339 -44.98 14.84 15.60
C THR C 339 -44.50 13.97 16.74
N LYS C 340 -43.21 13.68 16.75
CA LYS C 340 -42.62 12.91 17.84
C LYS C 340 -42.15 13.84 18.95
N ASN C 341 -41.98 15.12 18.62
CA ASN C 341 -41.67 16.13 19.62
C ASN C 341 -42.92 16.47 20.41
N THR C 342 -44.05 15.95 19.95
CA THR C 342 -45.32 16.17 20.60
C THR C 342 -45.65 15.00 21.50
N TRP C 343 -45.98 15.28 22.76
CA TRP C 343 -46.36 14.25 23.72
C TRP C 343 -47.82 14.40 24.08
N ILE C 344 -48.59 13.34 23.88
CA ILE C 344 -50.02 13.36 24.21
C ILE C 344 -50.41 12.17 25.07
N GLU C 345 -50.78 12.45 26.32
CA GLU C 345 -51.26 11.43 27.24
C GLU C 345 -52.64 11.86 27.72
N ARG C 346 -53.52 10.89 27.97
CA ARG C 346 -54.86 11.21 28.42
C ARG C 346 -54.90 11.48 29.92
N TRP C 347 -55.60 12.55 30.30
CA TRP C 347 -55.72 12.97 31.68
C TRP C 347 -57.15 12.71 32.16
N PRO C 348 -57.32 11.70 33.04
CA PRO C 348 -58.65 11.40 33.57
C PRO C 348 -59.46 12.67 33.83
N HIS C 349 -60.69 12.70 33.30
CA HIS C 349 -61.50 13.91 33.28
C HIS C 349 -61.66 14.58 34.64
N GLU C 350 -61.81 13.77 35.69
CA GLU C 350 -61.97 14.23 37.06
C GLU C 350 -62.96 13.33 37.82
N ASP C 351 -64.03 12.93 37.14
CA ASP C 351 -65.00 12.01 37.69
C ASP C 351 -64.40 10.62 37.84
N GLU C 352 -63.64 10.21 36.83
CA GLU C 352 -63.02 8.89 36.80
C GLU C 352 -62.15 8.63 38.03
N CYS C 353 -61.74 9.71 38.70
CA CYS C 353 -60.77 9.62 39.79
C CYS C 353 -61.35 9.06 41.09
N GLN C 354 -62.67 8.95 41.16
CA GLN C 354 -63.32 8.40 42.35
C GLN C 354 -63.26 6.88 42.33
N GLU C 355 -63.10 6.31 41.14
CA GLU C 355 -62.98 4.87 40.99
C GLU C 355 -61.56 4.40 41.29
N GLU C 356 -61.46 3.31 42.03
CA GLU C 356 -60.17 2.72 42.39
C GLU C 356 -59.29 2.54 41.16
N GLU C 357 -59.92 2.52 39.99
CA GLU C 357 -59.23 2.25 38.73
C GLU C 357 -58.54 3.49 38.14
N PHE C 358 -58.89 4.67 38.65
CA PHE C 358 -58.29 5.91 38.17
C PHE C 358 -57.91 6.86 39.32
N GLN C 359 -57.73 6.32 40.51
CA GLN C 359 -57.49 7.15 41.68
C GLN C 359 -56.00 7.46 41.91
N LYS C 360 -55.15 6.48 41.64
CA LYS C 360 -53.72 6.66 41.82
C LYS C 360 -53.06 7.33 40.61
N LEU C 361 -53.70 7.21 39.46
CA LEU C 361 -53.22 7.89 38.26
C LEU C 361 -53.36 9.39 38.43
N CYS C 362 -54.58 9.84 38.75
CA CYS C 362 -54.87 11.26 38.91
C CYS C 362 -53.95 11.97 39.90
N ASP C 363 -53.47 11.24 40.90
CA ASP C 363 -52.61 11.85 41.91
C ASP C 363 -51.17 11.99 41.44
N ASP C 364 -50.77 11.17 40.47
CA ASP C 364 -49.46 11.34 39.84
C ASP C 364 -49.48 12.61 39.01
N PHE C 365 -50.63 12.92 38.43
CA PHE C 365 -50.83 14.17 37.71
C PHE C 365 -50.96 15.33 38.68
N ALA C 366 -51.77 15.13 39.73
CA ALA C 366 -51.92 16.14 40.77
C ALA C 366 -50.57 16.43 41.42
N GLN C 367 -49.67 15.45 41.35
CA GLN C 367 -48.32 15.62 41.85
C GLN C 367 -47.40 16.19 40.78
N PHE C 368 -47.66 15.82 39.53
CA PHE C 368 -46.87 16.30 38.39
C PHE C 368 -47.22 17.75 38.06
N SER C 369 -48.51 18.02 37.86
CA SER C 369 -48.98 19.36 37.57
C SER C 369 -48.73 20.31 38.74
N TYR C 370 -48.17 19.77 39.81
CA TYR C 370 -47.83 20.56 40.98
C TYR C 370 -46.31 20.69 41.10
N THR C 371 -45.63 19.58 41.27
CA THR C 371 -44.17 19.56 41.41
C THR C 371 -43.49 20.40 40.32
N LEU C 372 -44.12 20.50 39.17
CA LEU C 372 -43.56 21.22 38.03
C LEU C 372 -44.00 22.68 37.93
N THR C 373 -45.01 23.05 38.71
CA THR C 373 -45.54 24.41 38.67
C THR C 373 -45.15 25.22 39.91
N GLU C 374 -44.87 24.50 40.99
CA GLU C 374 -44.47 25.15 42.24
C GLU C 374 -42.96 25.27 42.31
N PHE C 375 -42.27 24.20 41.95
CA PHE C 375 -40.80 24.17 41.98
C PHE C 375 -40.20 24.50 40.63
N GLY C 376 -40.93 24.20 39.56
CA GLY C 376 -40.42 24.34 38.22
C GLY C 376 -39.43 23.23 37.94
N CYS C 377 -38.68 23.37 36.85
CA CYS C 377 -37.72 22.33 36.46
C CYS C 377 -36.66 22.10 37.53
N PRO C 378 -36.02 20.92 37.50
CA PRO C 378 -34.98 20.55 38.46
C PRO C 378 -33.64 21.21 38.20
N THR C 379 -33.33 21.46 36.93
CA THR C 379 -32.02 21.95 36.53
C THR C 379 -32.04 23.27 35.77
N SER D 11 -18.93 6.67 47.99
CA SER D 11 -18.23 6.95 46.75
C SER D 11 -18.62 5.96 45.67
N CYS D 12 -18.06 6.13 44.47
CA CYS D 12 -18.31 5.22 43.36
C CYS D 12 -17.09 4.32 43.12
N SER D 13 -17.32 3.20 42.45
CA SER D 13 -16.24 2.28 42.11
C SER D 13 -15.46 2.79 40.89
N LEU D 14 -14.31 3.40 41.15
CA LEU D 14 -13.51 4.04 40.13
C LEU D 14 -12.71 3.03 39.30
N GLU D 15 -13.41 2.24 38.49
CA GLU D 15 -12.76 1.20 37.71
C GLU D 15 -13.17 1.25 36.25
N GLY D 16 -12.25 0.88 35.36
CA GLY D 16 -12.48 0.97 33.93
C GLY D 16 -12.60 2.42 33.50
N VAL D 17 -11.88 3.30 34.19
CA VAL D 17 -12.00 4.73 33.99
C VAL D 17 -10.80 5.31 33.23
N GLU D 18 -9.72 4.55 33.16
CA GLU D 18 -8.47 5.03 32.56
C GLU D 18 -8.63 5.47 31.11
N ILE D 19 -8.04 6.62 30.78
CA ILE D 19 -8.05 7.13 29.41
C ILE D 19 -6.74 6.78 28.72
N LYS D 20 -6.83 5.94 27.70
CA LYS D 20 -5.65 5.52 26.95
C LYS D 20 -4.91 6.73 26.38
N GLY D 21 -3.83 7.13 27.06
CA GLY D 21 -2.99 8.21 26.58
C GLY D 21 -3.00 9.46 27.44
N GLY D 22 -3.65 9.38 28.61
CA GLY D 22 -3.73 10.52 29.50
C GLY D 22 -3.90 10.16 30.96
N SER D 23 -4.56 11.03 31.70
CA SER D 23 -4.82 10.81 33.12
C SER D 23 -6.03 11.60 33.60
N PHE D 24 -6.47 11.32 34.82
CA PHE D 24 -7.68 11.93 35.36
C PHE D 24 -7.51 12.30 36.84
N ARG D 25 -8.49 13.02 37.38
CA ARG D 25 -8.47 13.39 38.80
C ARG D 25 -9.88 13.42 39.39
N LEU D 26 -9.98 13.08 40.68
CA LEU D 26 -11.25 13.08 41.40
C LEU D 26 -11.57 14.44 42.01
N LEU D 27 -12.87 14.71 42.17
CA LEU D 27 -13.33 15.96 42.76
C LEU D 27 -14.73 15.80 43.37
N GLN D 28 -15.13 16.78 44.16
CA GLN D 28 -16.45 16.77 44.80
C GLN D 28 -16.69 15.56 45.69
N GLU D 29 -15.62 14.85 46.03
CA GLU D 29 -15.69 13.70 46.95
C GLU D 29 -16.25 12.43 46.29
N GLY D 30 -15.79 12.16 45.07
CA GLY D 30 -16.14 10.93 44.38
C GLY D 30 -17.46 10.98 43.63
N GLN D 31 -17.83 12.16 43.16
CA GLN D 31 -19.09 12.33 42.42
C GLN D 31 -18.87 12.89 41.02
N ALA D 32 -17.62 13.17 40.67
CA ALA D 32 -17.27 13.69 39.35
C ALA D 32 -15.77 13.80 39.15
N LEU D 33 -15.25 13.13 38.12
CA LEU D 33 -13.83 13.21 37.79
C LEU D 33 -13.60 14.11 36.58
N GLU D 34 -12.37 14.57 36.42
CA GLU D 34 -12.02 15.40 35.27
C GLU D 34 -10.94 14.72 34.41
N TYR D 35 -11.16 14.71 33.10
CA TYR D 35 -10.21 14.14 32.16
C TYR D 35 -9.18 15.16 31.71
N VAL D 36 -7.98 15.07 32.29
CA VAL D 36 -6.88 15.94 31.89
C VAL D 36 -6.05 15.29 30.80
N CYS D 37 -5.96 15.96 29.66
CA CYS D 37 -5.18 15.45 28.52
C CYS D 37 -4.01 16.36 28.21
N PRO D 38 -3.00 15.81 27.50
CA PRO D 38 -1.88 16.63 27.04
C PRO D 38 -2.39 17.65 26.04
N SER D 39 -1.67 18.77 25.89
CA SER D 39 -2.02 19.74 24.86
C SER D 39 -1.99 19.04 23.51
N GLY D 40 -2.85 19.47 22.60
CA GLY D 40 -2.93 18.85 21.29
C GLY D 40 -3.70 17.53 21.30
N PHE D 41 -4.42 17.27 22.39
CA PHE D 41 -5.24 16.08 22.53
C PHE D 41 -6.52 16.38 23.30
N TYR D 42 -7.53 15.54 23.12
CA TYR D 42 -8.83 15.73 23.75
C TYR D 42 -9.47 14.40 24.16
N PRO D 43 -10.05 14.35 25.39
CA PRO D 43 -10.71 13.22 26.03
C PRO D 43 -11.90 12.75 25.22
N TYR D 44 -12.24 11.46 25.25
CA TYR D 44 -13.06 10.99 24.14
C TYR D 44 -14.48 11.51 23.97
N PRO D 45 -15.51 10.73 24.34
CA PRO D 45 -16.74 11.51 24.46
C PRO D 45 -16.61 12.25 25.78
N VAL D 46 -17.44 13.27 26.00
CA VAL D 46 -17.29 14.27 27.08
C VAL D 46 -16.21 14.08 28.17
N GLN D 47 -15.46 15.16 28.40
CA GLN D 47 -14.29 15.15 29.25
C GLN D 47 -14.50 14.70 30.70
N THR D 48 -15.71 14.83 31.25
CA THR D 48 -15.93 14.70 32.72
C THR D 48 -17.16 13.85 33.14
N ARG D 49 -17.05 12.54 32.98
CA ARG D 49 -18.13 11.61 33.31
C ARG D 49 -18.68 11.87 34.73
N THR D 50 -19.98 11.63 34.91
CA THR D 50 -20.66 11.88 36.19
C THR D 50 -21.03 10.60 36.95
N CYS D 51 -21.73 10.77 38.07
CA CYS D 51 -22.05 9.64 38.95
C CYS D 51 -23.54 9.41 39.14
N ARG D 52 -23.92 8.13 39.23
CA ARG D 52 -25.30 7.73 39.50
C ARG D 52 -25.37 7.15 40.91
N SER D 53 -26.56 6.73 41.32
CA SER D 53 -26.73 6.12 42.64
C SER D 53 -26.69 4.60 42.56
N THR D 54 -26.18 4.07 41.46
CA THR D 54 -25.97 2.64 41.30
C THR D 54 -24.53 2.29 41.69
N GLY D 55 -23.66 3.28 41.60
CA GLY D 55 -22.24 3.10 41.89
C GLY D 55 -21.42 3.11 40.63
N SER D 56 -22.02 2.68 39.52
CA SER D 56 -21.33 2.62 38.24
C SER D 56 -21.10 4.01 37.66
N TRP D 57 -20.57 4.05 36.44
CA TRP D 57 -20.22 5.31 35.78
C TRP D 57 -20.89 5.48 34.42
N SER D 58 -22.22 5.53 34.43
CA SER D 58 -23.00 5.71 33.21
C SER D 58 -22.47 4.89 32.04
N THR D 59 -22.80 5.32 30.82
CA THR D 59 -22.34 4.64 29.62
C THR D 59 -21.66 5.63 28.67
N LEU D 60 -20.64 5.15 27.96
CA LEU D 60 -19.96 5.97 26.96
C LEU D 60 -20.89 6.21 25.78
N LYS D 61 -21.09 7.48 25.43
CA LYS D 61 -21.96 7.84 24.33
C LYS D 61 -21.35 8.95 23.47
N THR D 62 -20.90 8.59 22.28
CA THR D 62 -20.31 9.56 21.35
C THR D 62 -21.36 10.48 20.73
N GLN D 63 -22.49 10.62 21.42
CA GLN D 63 -23.56 11.57 21.08
C GLN D 63 -24.42 11.25 19.85
N ASP D 64 -24.10 10.15 19.15
CA ASP D 64 -25.14 9.45 18.41
C ASP D 64 -25.79 8.63 19.50
N GLN D 65 -25.23 8.82 20.69
CA GLN D 65 -25.62 8.10 21.90
C GLN D 65 -25.58 6.60 21.70
N LYS D 66 -24.70 6.16 20.80
CA LYS D 66 -24.33 4.76 20.69
C LYS D 66 -23.38 4.47 21.84
N THR D 67 -23.51 3.30 22.46
CA THR D 67 -22.64 2.94 23.57
C THR D 67 -21.22 2.66 23.08
N VAL D 68 -20.26 3.41 23.62
CA VAL D 68 -18.87 3.34 23.19
C VAL D 68 -18.03 2.46 24.11
N ARG D 69 -16.94 1.91 23.58
CA ARG D 69 -16.21 0.84 24.26
C ARG D 69 -14.90 1.24 24.92
N LYS D 70 -14.51 2.51 24.80
CA LYS D 70 -13.27 2.96 25.43
C LYS D 70 -13.06 4.48 25.38
N ALA D 71 -12.42 5.01 26.43
CA ALA D 71 -12.07 6.41 26.49
C ALA D 71 -10.59 6.59 26.19
N GLU D 72 -10.26 7.56 25.35
CA GLU D 72 -8.88 7.78 24.94
C GLU D 72 -8.62 9.25 24.59
N CYS D 73 -7.33 9.61 24.59
CA CYS D 73 -6.93 10.96 24.20
C CYS D 73 -6.53 11.01 22.73
N ARG D 74 -7.46 11.35 21.86
CA ARG D 74 -7.12 11.47 20.44
C ARG D 74 -6.54 12.82 20.07
N ALA D 75 -5.86 12.87 18.92
CA ALA D 75 -5.21 14.08 18.46
C ALA D 75 -6.24 15.12 18.04
N ILE D 76 -5.91 16.39 18.26
CA ILE D 76 -6.77 17.48 17.83
C ILE D 76 -6.52 17.76 16.35
N HIS D 77 -7.59 17.99 15.60
CA HIS D 77 -7.45 18.30 14.17
C HIS D 77 -8.05 19.67 13.83
N CYS D 78 -7.33 20.44 13.02
CA CYS D 78 -7.91 21.65 12.44
C CYS D 78 -8.72 21.26 11.20
N PRO D 79 -9.85 21.96 10.99
CA PRO D 79 -10.83 21.65 9.93
C PRO D 79 -10.30 21.91 8.53
N ARG D 80 -10.59 21.01 7.60
CA ARG D 80 -10.25 21.21 6.20
C ARG D 80 -11.18 22.28 5.63
N PRO D 81 -10.67 23.12 4.73
CA PRO D 81 -11.55 24.08 4.04
C PRO D 81 -12.56 23.36 3.16
N HIS D 82 -13.83 23.75 3.26
CA HIS D 82 -14.87 23.12 2.45
C HIS D 82 -14.96 23.80 1.09
N ASP D 83 -14.40 24.99 1.02
CA ASP D 83 -14.44 25.77 -0.19
C ASP D 83 -13.53 26.97 -0.01
N PHE D 84 -12.97 27.46 -1.11
CA PHE D 84 -12.18 28.68 -1.09
C PHE D 84 -12.34 29.37 -2.45
N GLU D 85 -13.25 30.33 -2.51
CA GLU D 85 -13.57 31.02 -3.76
C GLU D 85 -12.39 31.77 -4.35
N ASN D 86 -12.24 31.66 -5.67
CA ASN D 86 -11.29 32.48 -6.41
C ASN D 86 -9.83 32.17 -6.16
N GLY D 87 -9.53 30.94 -5.78
CA GLY D 87 -8.15 30.58 -5.52
C GLY D 87 -7.97 29.11 -5.22
N GLU D 88 -6.73 28.73 -4.95
CA GLU D 88 -6.39 27.36 -4.61
C GLU D 88 -5.70 27.34 -3.27
N TYR D 89 -5.71 26.20 -2.59
CA TYR D 89 -4.96 26.04 -1.35
C TYR D 89 -4.10 24.78 -1.35
N TRP D 90 -3.00 24.82 -0.61
CA TRP D 90 -2.00 23.77 -0.62
C TRP D 90 -1.59 23.50 0.82
N PRO D 91 -1.63 22.23 1.26
CA PRO D 91 -2.09 21.03 0.58
C PRO D 91 -3.56 20.74 0.85
N ARG D 92 -4.14 19.78 0.14
CA ARG D 92 -5.50 19.32 0.43
C ARG D 92 -5.43 17.99 1.15
N SER D 93 -5.67 18.02 2.46
CA SER D 93 -5.72 16.80 3.25
C SER D 93 -7.12 16.63 3.82
N PRO D 94 -7.47 15.39 4.20
CA PRO D 94 -8.77 15.08 4.82
C PRO D 94 -9.04 15.96 6.04
N TYR D 95 -8.04 16.10 6.90
CA TYR D 95 -8.11 16.95 8.07
C TYR D 95 -6.68 17.39 8.35
N TYR D 96 -6.47 18.21 9.38
CA TYR D 96 -5.12 18.74 9.61
C TYR D 96 -4.60 18.51 11.02
N ASN D 97 -3.31 18.18 11.10
CA ASN D 97 -2.63 17.92 12.36
C ASN D 97 -2.18 19.18 13.07
N VAL D 98 -1.86 19.04 14.35
CA VAL D 98 -1.28 20.14 15.08
C VAL D 98 0.02 20.59 14.42
N SER D 99 0.12 21.89 14.16
CA SER D 99 1.31 22.48 13.55
C SER D 99 1.47 22.20 12.06
N ASP D 100 0.41 21.68 11.43
CA ASP D 100 0.39 21.56 9.97
C ASP D 100 0.19 22.95 9.38
N GLU D 101 0.85 23.24 8.27
CA GLU D 101 0.69 24.54 7.64
C GLU D 101 -0.09 24.43 6.35
N ILE D 102 -0.86 25.46 6.04
CA ILE D 102 -1.68 25.50 4.84
C ILE D 102 -1.52 26.86 4.17
N SER D 103 -1.53 26.90 2.85
CA SER D 103 -1.29 28.14 2.12
C SER D 103 -2.40 28.49 1.15
N PHE D 104 -2.57 29.78 0.89
CA PHE D 104 -3.63 30.25 0.00
C PHE D 104 -3.07 31.08 -1.15
N HIS D 105 -3.63 30.89 -2.34
CA HIS D 105 -3.14 31.56 -3.55
C HIS D 105 -4.32 32.00 -4.41
N CYS D 106 -4.25 33.23 -4.93
CA CYS D 106 -5.40 33.81 -5.63
C CYS D 106 -5.37 33.63 -7.14
N TYR D 107 -6.54 33.41 -7.73
CA TYR D 107 -6.64 33.38 -9.18
C TYR D 107 -6.20 34.72 -9.74
N ASP D 108 -5.71 34.72 -10.97
CA ASP D 108 -5.33 35.97 -11.63
C ASP D 108 -6.54 36.89 -11.67
N GLY D 109 -6.37 38.10 -11.16
CA GLY D 109 -7.44 39.09 -11.19
C GLY D 109 -7.99 39.35 -9.81
N TYR D 110 -7.55 38.54 -8.84
CA TYR D 110 -8.02 38.66 -7.47
C TYR D 110 -6.85 38.97 -6.54
N THR D 111 -7.12 39.79 -5.52
CA THR D 111 -6.11 40.15 -4.53
C THR D 111 -6.45 39.50 -3.20
N LEU D 112 -5.43 39.10 -2.45
CA LEU D 112 -5.67 38.38 -1.20
C LEU D 112 -5.71 39.30 0.03
N ARG D 113 -6.74 39.10 0.86
CA ARG D 113 -6.86 39.77 2.13
C ARG D 113 -6.68 38.70 3.20
N GLY D 114 -6.23 39.10 4.38
CA GLY D 114 -6.09 38.17 5.48
C GLY D 114 -4.85 37.31 5.40
N SER D 115 -4.87 36.18 6.10
CA SER D 115 -3.67 35.38 6.30
C SER D 115 -3.38 34.41 5.15
N ALA D 116 -2.30 34.70 4.42
CA ALA D 116 -1.90 33.89 3.28
C ALA D 116 -1.39 32.51 3.71
N ASN D 117 -0.59 32.48 4.76
CA ASN D 117 -0.16 31.22 5.36
C ASN D 117 -0.80 31.08 6.74
N ARG D 118 -1.42 29.94 7.00
CA ARG D 118 -2.04 29.69 8.30
C ARG D 118 -1.52 28.40 8.91
N THR D 119 -1.53 28.31 10.23
CA THR D 119 -1.02 27.13 10.91
C THR D 119 -2.05 26.55 11.88
N CYS D 120 -2.11 25.21 11.93
CA CYS D 120 -3.01 24.52 12.84
C CYS D 120 -2.51 24.65 14.27
N GLN D 121 -3.24 25.41 15.08
CA GLN D 121 -2.86 25.64 16.47
C GLN D 121 -3.33 24.53 17.40
N VAL D 122 -2.76 24.51 18.60
CA VAL D 122 -2.95 23.41 19.55
C VAL D 122 -4.38 23.31 20.10
N ASN D 123 -5.22 24.29 19.76
CA ASN D 123 -6.60 24.27 20.23
C ASN D 123 -7.63 23.85 19.18
N GLY D 124 -7.20 23.77 17.93
CA GLY D 124 -8.08 23.35 16.84
C GLY D 124 -8.54 24.50 15.97
N ARG D 125 -8.10 25.71 16.30
CA ARG D 125 -8.40 26.89 15.51
C ARG D 125 -7.22 27.17 14.59
N TRP D 126 -7.50 27.70 13.41
CA TRP D 126 -6.42 28.08 12.50
C TRP D 126 -5.85 29.41 12.92
N SER D 127 -4.53 29.55 12.79
CA SER D 127 -3.85 30.80 13.13
C SER D 127 -4.19 31.91 12.15
N GLY D 128 -3.73 33.12 12.44
CA GLY D 128 -4.01 34.27 11.59
C GLY D 128 -5.50 34.52 11.47
N GLN D 129 -5.92 35.06 10.33
CA GLN D 129 -7.34 35.29 10.07
C GLN D 129 -7.79 34.74 8.72
N THR D 130 -9.09 34.58 8.58
CA THR D 130 -9.70 34.02 7.37
C THR D 130 -9.16 34.65 6.08
N ALA D 131 -8.75 33.78 5.15
CA ALA D 131 -8.22 34.23 3.87
C ALA D 131 -9.34 34.46 2.85
N ILE D 132 -9.25 35.56 2.13
CA ILE D 132 -10.27 35.93 1.15
C ILE D 132 -9.67 36.42 -0.16
N CYS D 133 -10.10 35.83 -1.27
CA CYS D 133 -9.66 36.29 -2.58
C CYS D 133 -10.75 37.08 -3.30
N ASP D 134 -10.55 38.39 -3.39
CA ASP D 134 -11.57 39.29 -3.92
C ASP D 134 -10.92 40.30 -4.86
N ASN D 135 -11.73 40.99 -5.64
CA ASN D 135 -11.20 42.00 -6.57
C ASN D 135 -11.86 43.37 -6.42
N GLY D 136 -12.76 43.50 -5.47
CA GLY D 136 -13.41 44.78 -5.20
C GLY D 136 -14.40 45.20 -6.25
N ALA D 137 -14.63 44.35 -7.24
CA ALA D 137 -15.62 44.62 -8.28
C ALA D 137 -17.02 44.69 -7.69
N GLY D 138 -17.21 44.05 -6.55
CA GLY D 138 -18.50 44.04 -5.90
C GLY D 138 -18.82 45.36 -5.21
N TYR D 139 -20.08 45.52 -4.82
CA TYR D 139 -20.49 46.67 -4.02
C TYR D 139 -20.12 46.39 -2.57
N CYS D 140 -20.15 45.12 -2.20
CA CYS D 140 -19.63 44.66 -0.93
C CYS D 140 -18.46 43.73 -1.20
N SER D 141 -17.57 43.61 -0.23
CA SER D 141 -16.46 42.69 -0.34
C SER D 141 -16.98 41.25 -0.33
N ASN D 142 -16.21 40.34 -0.90
CA ASN D 142 -16.44 38.93 -0.70
C ASN D 142 -16.32 38.68 0.80
N PRO D 143 -17.39 38.19 1.45
CA PRO D 143 -17.41 38.08 2.91
C PRO D 143 -16.52 36.94 3.40
N GLY D 144 -16.06 36.10 2.47
CA GLY D 144 -15.13 35.04 2.80
C GLY D 144 -15.79 33.78 3.31
N ILE D 145 -15.00 32.74 3.50
CA ILE D 145 -15.50 31.49 4.07
C ILE D 145 -14.54 31.04 5.15
N PRO D 146 -14.88 31.33 6.41
CA PRO D 146 -14.05 30.94 7.55
C PRO D 146 -13.83 29.44 7.54
N ILE D 147 -12.58 29.02 7.59
CA ILE D 147 -12.27 27.60 7.48
C ILE D 147 -13.12 26.79 8.44
N GLY D 148 -13.90 25.87 7.89
CA GLY D 148 -14.76 25.02 8.68
C GLY D 148 -16.21 25.19 8.29
N THR D 149 -16.54 26.30 7.65
CA THR D 149 -17.93 26.61 7.32
C THR D 149 -18.25 26.36 5.86
N ARG D 150 -19.54 26.39 5.55
CA ARG D 150 -20.03 26.30 4.18
C ARG D 150 -20.84 27.55 3.91
N LYS D 151 -20.66 28.14 2.73
CA LYS D 151 -21.37 29.38 2.43
C LYS D 151 -22.30 29.25 1.22
N VAL D 152 -23.51 29.77 1.36
CA VAL D 152 -24.49 29.77 0.29
C VAL D 152 -24.89 31.19 -0.10
N GLY D 153 -24.42 31.63 -1.27
CA GLY D 153 -24.61 32.99 -1.73
C GLY D 153 -23.31 33.47 -2.33
N SER D 154 -23.37 34.06 -3.51
CA SER D 154 -22.16 34.45 -4.22
C SER D 154 -22.37 35.76 -4.98
N GLN D 155 -23.56 36.33 -4.81
CA GLN D 155 -23.83 37.64 -5.36
C GLN D 155 -23.74 38.65 -4.23
N TYR D 156 -22.84 39.63 -4.39
CA TYR D 156 -22.58 40.60 -3.33
C TYR D 156 -23.05 41.99 -3.71
N ARG D 157 -24.28 42.07 -4.24
CA ARG D 157 -24.92 43.34 -4.57
C ARG D 157 -25.62 43.89 -3.34
N LEU D 158 -26.18 45.09 -3.46
CA LEU D 158 -26.83 45.73 -2.33
C LEU D 158 -28.06 44.96 -1.83
N GLU D 159 -28.09 44.73 -0.52
CA GLU D 159 -29.20 44.00 0.11
C GLU D 159 -29.20 42.52 -0.23
N ASP D 160 -28.06 42.02 -0.71
CA ASP D 160 -27.91 40.60 -0.97
C ASP D 160 -27.33 39.91 0.25
N SER D 161 -27.87 38.75 0.60
CA SER D 161 -27.45 38.07 1.80
C SER D 161 -26.70 36.79 1.48
N VAL D 162 -25.83 36.37 2.40
CA VAL D 162 -25.18 35.08 2.30
C VAL D 162 -25.43 34.33 3.59
N THR D 163 -25.52 33.01 3.53
CA THR D 163 -25.78 32.21 4.72
C THR D 163 -24.66 31.22 4.98
N TYR D 164 -24.40 30.95 6.26
CA TYR D 164 -23.36 30.01 6.63
C TYR D 164 -23.97 28.89 7.45
N HIS D 165 -23.38 27.70 7.35
CA HIS D 165 -23.69 26.62 8.27
C HIS D 165 -22.48 25.74 8.47
N CYS D 166 -22.60 24.76 9.36
CA CYS D 166 -21.45 23.97 9.75
C CYS D 166 -21.66 22.47 9.56
N SER D 167 -20.56 21.75 9.41
CA SER D 167 -20.59 20.29 9.30
C SER D 167 -21.39 19.71 10.46
N ARG D 168 -22.49 19.03 10.15
CA ARG D 168 -23.36 18.50 11.20
C ARG D 168 -22.58 17.75 12.28
N GLY D 169 -22.81 18.16 13.52
CA GLY D 169 -22.00 17.75 14.64
C GLY D 169 -21.48 19.02 15.31
N LEU D 170 -20.87 19.88 14.51
CA LEU D 170 -20.44 21.20 14.96
C LEU D 170 -21.63 22.14 15.04
N THR D 171 -21.48 23.23 15.77
CA THR D 171 -22.53 24.24 15.85
C THR D 171 -21.98 25.60 15.45
N LEU D 172 -22.84 26.47 14.95
CA LEU D 172 -22.40 27.75 14.39
C LEU D 172 -22.35 28.89 15.41
N ARG D 173 -21.22 29.58 15.43
CA ARG D 173 -21.03 30.76 16.27
C ARG D 173 -20.94 31.99 15.37
N GLY D 174 -21.42 33.12 15.84
CA GLY D 174 -21.48 34.32 15.02
C GLY D 174 -22.76 34.36 14.19
N SER D 175 -22.79 35.22 13.17
CA SER D 175 -23.98 35.37 12.34
C SER D 175 -24.15 34.23 11.34
N GLN D 176 -25.34 33.65 11.31
CA GLN D 176 -25.63 32.58 10.37
C GLN D 176 -26.13 33.19 9.06
N ARG D 177 -26.43 34.48 9.10
CA ARG D 177 -26.85 35.21 7.91
C ARG D 177 -26.25 36.61 7.90
N ARG D 178 -25.68 37.01 6.77
CA ARG D 178 -25.11 38.35 6.63
C ARG D 178 -25.63 39.05 5.39
N THR D 179 -26.14 40.26 5.57
CA THR D 179 -26.70 41.05 4.49
C THR D 179 -25.75 42.18 4.08
N CYS D 180 -25.65 42.40 2.78
CA CYS D 180 -24.88 43.51 2.24
C CYS D 180 -25.62 44.82 2.48
N GLN D 181 -25.05 45.67 3.31
CA GLN D 181 -25.70 46.92 3.68
C GLN D 181 -25.08 48.12 2.97
N GLU D 182 -25.83 49.20 2.86
CA GLU D 182 -25.48 50.32 1.98
C GLU D 182 -24.05 50.84 2.12
N GLY D 183 -23.50 50.79 3.33
CA GLY D 183 -22.12 51.23 3.53
C GLY D 183 -21.13 50.51 2.62
N GLY D 184 -21.44 49.26 2.30
CA GLY D 184 -20.52 48.39 1.58
C GLY D 184 -20.06 47.32 2.55
N SER D 185 -20.55 47.42 3.77
CA SER D 185 -20.18 46.52 4.84
C SER D 185 -21.25 45.44 5.05
N TRP D 186 -20.84 44.32 5.64
CA TRP D 186 -21.76 43.23 5.91
C TRP D 186 -22.32 43.28 7.33
N SER D 187 -23.63 43.06 7.45
CA SER D 187 -24.26 42.95 8.76
C SER D 187 -23.73 41.73 9.48
N GLY D 188 -23.90 41.70 10.80
CA GLY D 188 -23.54 40.55 11.59
C GLY D 188 -22.06 40.45 11.89
N THR D 189 -21.60 39.24 12.23
CA THR D 189 -20.18 39.00 12.50
C THR D 189 -19.71 37.74 11.78
N GLU D 190 -18.41 37.66 11.51
CA GLU D 190 -17.83 36.47 10.88
C GLU D 190 -18.18 35.21 11.68
N PRO D 191 -18.69 34.18 10.98
CA PRO D 191 -19.06 32.91 11.61
C PRO D 191 -17.84 32.04 11.86
N SER D 192 -17.99 31.05 12.74
CA SER D 192 -16.91 30.10 13.03
C SER D 192 -17.49 28.80 13.58
N CYS D 193 -16.84 27.69 13.25
CA CYS D 193 -17.35 26.37 13.65
C CYS D 193 -16.81 25.95 15.01
N GLN D 194 -17.66 25.33 15.82
CA GLN D 194 -17.30 24.99 17.19
C GLN D 194 -17.49 23.52 17.52
N ASP D 195 -16.46 22.92 18.11
CA ASP D 195 -16.53 21.56 18.63
C ASP D 195 -16.91 21.57 20.10
N SER D 196 -17.42 20.45 20.59
CA SER D 196 -17.72 20.32 22.01
C SER D 196 -16.45 20.56 22.81
N PHE D 197 -15.37 19.91 22.40
CA PHE D 197 -14.10 20.00 23.12
C PHE D 197 -13.38 21.32 22.90
N MET D 198 -13.76 22.05 21.84
CA MET D 198 -13.16 23.35 21.55
C MET D 198 -13.46 24.33 22.67
N TYR D 199 -12.42 24.98 23.18
CA TYR D 199 -12.58 25.94 24.25
C TYR D 199 -11.86 27.26 23.97
N ASP D 200 -12.46 28.34 24.45
CA ASP D 200 -11.80 29.64 24.46
C ASP D 200 -10.87 29.72 25.66
N THR D 201 -9.64 30.15 25.44
CA THR D 201 -8.68 30.26 26.52
C THR D 201 -9.03 31.49 27.35
N PRO D 202 -8.55 31.55 28.60
CA PRO D 202 -8.85 32.73 29.40
C PRO D 202 -8.27 33.98 28.75
N GLN D 203 -7.03 33.90 28.30
CA GLN D 203 -6.36 35.07 27.72
C GLN D 203 -7.07 35.57 26.46
N GLU D 204 -7.55 34.65 25.63
CA GLU D 204 -8.26 35.02 24.41
C GLU D 204 -9.54 35.78 24.75
N VAL D 205 -10.29 35.23 25.70
CA VAL D 205 -11.57 35.82 26.10
C VAL D 205 -11.36 37.20 26.70
N ALA D 206 -10.45 37.27 27.69
CA ALA D 206 -10.13 38.53 28.33
C ALA D 206 -9.87 39.60 27.29
N GLU D 207 -8.99 39.29 26.34
CA GLU D 207 -8.65 40.22 25.26
C GLU D 207 -9.89 40.60 24.46
N ALA D 208 -10.55 39.60 23.87
CA ALA D 208 -11.69 39.86 23.00
C ALA D 208 -12.75 40.71 23.68
N PHE D 209 -13.12 40.32 24.89
CA PHE D 209 -14.14 41.04 25.65
C PHE D 209 -13.73 42.48 25.89
N LEU D 210 -12.61 42.66 26.58
CA LEU D 210 -12.09 43.99 26.85
C LEU D 210 -11.92 44.81 25.58
N SER D 211 -11.71 44.13 24.46
CA SER D 211 -11.44 44.79 23.19
C SER D 211 -12.69 45.27 22.47
N SER D 212 -13.82 44.66 22.76
CA SER D 212 -15.07 45.08 22.14
C SER D 212 -15.81 46.01 23.09
N LEU D 213 -15.47 45.93 24.38
CA LEU D 213 -16.10 46.76 25.40
C LEU D 213 -15.56 48.18 25.34
N THR D 214 -14.33 48.33 24.90
CA THR D 214 -13.71 49.63 24.78
C THR D 214 -13.44 49.95 23.33
N GLU D 215 -12.77 51.07 23.09
CA GLU D 215 -12.24 51.38 21.78
C GLU D 215 -10.74 51.59 21.89
N THR D 216 -9.98 50.68 21.29
CA THR D 216 -8.52 50.71 21.35
C THR D 216 -7.92 51.69 20.34
N LYS D 233 -3.29 52.67 25.29
CA LYS D 233 -4.22 52.72 26.42
C LYS D 233 -5.68 52.85 25.95
N ARG D 234 -6.57 52.11 26.61
CA ARG D 234 -7.97 52.05 26.22
C ARG D 234 -8.87 52.98 27.04
N LYS D 235 -10.07 53.22 26.52
CA LYS D 235 -11.07 54.02 27.21
C LYS D 235 -12.46 53.52 26.83
N ILE D 236 -13.44 53.78 27.69
CA ILE D 236 -14.83 53.49 27.36
C ILE D 236 -15.46 54.76 26.76
N VAL D 237 -16.22 54.59 25.69
CA VAL D 237 -16.76 55.74 24.97
C VAL D 237 -18.22 56.04 25.32
N LEU D 238 -18.43 57.10 26.09
CA LEU D 238 -19.77 57.62 26.34
C LEU D 238 -20.00 58.83 25.47
N ASP D 239 -21.25 59.30 25.42
CA ASP D 239 -21.59 60.50 24.65
C ASP D 239 -21.19 61.73 25.45
N PRO D 240 -21.19 62.90 24.79
CA PRO D 240 -21.01 64.15 25.54
C PRO D 240 -21.98 64.17 26.71
N SER D 241 -21.46 64.12 27.93
CA SER D 241 -22.29 63.97 29.12
C SER D 241 -23.25 62.81 28.93
N GLY D 242 -22.69 61.62 28.70
CA GLY D 242 -23.48 60.44 28.43
C GLY D 242 -23.72 59.60 29.67
N SER D 243 -23.85 58.30 29.47
CA SER D 243 -24.17 57.39 30.56
C SER D 243 -23.96 55.94 30.13
N MET D 244 -23.90 55.03 31.10
CA MET D 244 -23.79 53.61 30.80
C MET D 244 -24.48 52.79 31.88
N ASN D 245 -25.19 51.74 31.45
CA ASN D 245 -25.80 50.80 32.37
C ASN D 245 -25.26 49.40 32.14
N ILE D 246 -24.85 48.73 33.21
CA ILE D 246 -24.41 47.36 33.11
C ILE D 246 -25.36 46.47 33.89
N TYR D 247 -25.91 45.46 33.22
CA TYR D 247 -26.81 44.52 33.85
C TYR D 247 -26.15 43.16 34.00
N LEU D 248 -25.79 42.81 35.22
CA LEU D 248 -25.23 41.51 35.51
C LEU D 248 -26.36 40.52 35.72
N VAL D 249 -26.41 39.49 34.88
CA VAL D 249 -27.45 38.49 34.99
C VAL D 249 -26.83 37.12 35.21
N LEU D 250 -27.01 36.58 36.41
CA LEU D 250 -26.34 35.35 36.84
C LEU D 250 -27.31 34.17 36.95
N ASP D 251 -26.93 33.05 36.32
CA ASP D 251 -27.77 31.86 36.27
C ASP D 251 -27.52 30.98 37.49
N GLY D 252 -28.59 30.65 38.21
CA GLY D 252 -28.47 29.91 39.45
C GLY D 252 -29.23 28.61 39.54
N SER D 253 -29.62 28.06 38.40
CA SER D 253 -30.34 26.79 38.37
C SER D 253 -29.43 25.63 38.76
N GLY D 254 -30.02 24.45 38.94
CA GLY D 254 -29.28 23.27 39.38
C GLY D 254 -28.23 22.82 38.39
N SER D 255 -28.35 23.25 37.15
CA SER D 255 -27.42 22.87 36.09
C SER D 255 -26.08 23.58 36.22
N ILE D 256 -26.01 24.53 37.15
CA ILE D 256 -24.79 25.27 37.38
C ILE D 256 -24.08 24.70 38.60
N GLY D 257 -24.80 24.61 39.71
CA GLY D 257 -24.26 24.03 40.93
C GLY D 257 -23.80 25.07 41.92
N ALA D 258 -23.42 24.62 43.12
CA ALA D 258 -22.92 25.51 44.15
C ALA D 258 -21.53 26.03 43.77
N SER D 259 -20.63 25.10 43.46
CA SER D 259 -19.24 25.41 43.14
C SER D 259 -19.09 26.53 42.11
N ASP D 260 -19.87 26.45 41.04
CA ASP D 260 -19.76 27.41 39.94
C ASP D 260 -20.41 28.77 40.25
N PHE D 261 -21.56 28.74 40.92
CA PHE D 261 -22.29 29.96 41.24
C PHE D 261 -21.48 30.95 42.08
N THR D 262 -20.98 30.50 43.23
CA THR D 262 -20.26 31.36 44.16
C THR D 262 -18.90 31.77 43.60
N GLY D 263 -18.52 31.14 42.48
CA GLY D 263 -17.31 31.50 41.78
C GLY D 263 -17.58 32.62 40.80
N ALA D 264 -18.69 32.52 40.07
CA ALA D 264 -19.13 33.58 39.17
C ALA D 264 -19.31 34.86 39.97
N LYS D 265 -19.67 34.72 41.24
CA LYS D 265 -19.70 35.84 42.14
C LYS D 265 -18.33 36.50 42.17
N LYS D 266 -17.30 35.71 42.49
CA LYS D 266 -15.94 36.23 42.51
C LYS D 266 -15.60 36.91 41.18
N CYS D 267 -16.11 36.34 40.09
CA CYS D 267 -15.84 36.88 38.76
C CYS D 267 -16.43 38.28 38.59
N LEU D 268 -17.71 38.42 38.93
CA LEU D 268 -18.39 39.70 38.79
C LEU D 268 -17.81 40.77 39.72
N VAL D 269 -17.41 40.38 40.92
CA VAL D 269 -16.70 41.28 41.81
C VAL D 269 -15.53 41.93 41.07
N ASN D 270 -14.73 41.11 40.40
CA ASN D 270 -13.59 41.60 39.64
C ASN D 270 -13.99 42.56 38.53
N LEU D 271 -15.05 42.21 37.80
CA LEU D 271 -15.50 43.02 36.69
C LEU D 271 -15.77 44.45 37.14
N ILE D 272 -16.45 44.60 38.27
CA ILE D 272 -16.74 45.92 38.81
C ILE D 272 -15.44 46.70 38.97
N GLU D 273 -14.45 46.08 39.60
CA GLU D 273 -13.18 46.73 39.86
C GLU D 273 -12.42 47.08 38.57
N LYS D 274 -12.58 46.24 37.55
CA LYS D 274 -11.94 46.51 36.27
C LYS D 274 -12.58 47.74 35.63
N VAL D 275 -13.90 47.72 35.54
CA VAL D 275 -14.65 48.82 34.96
C VAL D 275 -14.44 50.12 35.75
N ALA D 276 -14.31 49.98 37.06
CA ALA D 276 -14.08 51.12 37.94
C ALA D 276 -12.79 51.87 37.59
N SER D 277 -11.81 51.12 37.11
CA SER D 277 -10.51 51.70 36.78
C SER D 277 -10.49 52.30 35.38
N TYR D 278 -11.66 52.73 34.91
CA TYR D 278 -11.75 53.45 33.65
C TYR D 278 -12.27 54.86 33.90
N GLY D 279 -12.75 55.09 35.12
CA GLY D 279 -13.28 56.39 35.48
C GLY D 279 -14.63 56.65 34.86
N VAL D 280 -15.42 55.59 34.70
CA VAL D 280 -16.82 55.77 34.33
C VAL D 280 -17.67 55.17 35.44
N LYS D 281 -18.72 55.89 35.82
CA LYS D 281 -19.60 55.45 36.90
C LYS D 281 -20.92 54.97 36.31
N PRO D 282 -20.97 53.70 35.91
CA PRO D 282 -22.14 53.12 35.26
C PRO D 282 -23.15 52.67 36.30
N ARG D 283 -24.43 52.78 35.96
CA ARG D 283 -25.48 52.31 36.85
C ARG D 283 -25.59 50.80 36.74
N TYR D 284 -25.56 50.13 37.88
CA TYR D 284 -25.55 48.67 37.88
C TYR D 284 -26.91 48.05 38.10
N GLY D 285 -27.14 46.93 37.42
CA GLY D 285 -28.32 46.12 37.65
C GLY D 285 -27.86 44.72 38.00
N LEU D 286 -28.34 44.18 39.10
CA LEU D 286 -27.91 42.87 39.54
C LEU D 286 -29.09 41.92 39.66
N VAL D 287 -29.01 40.81 38.92
CA VAL D 287 -30.09 39.84 38.88
C VAL D 287 -29.53 38.43 38.83
N THR D 288 -29.82 37.62 39.84
CA THR D 288 -29.65 36.18 39.71
C THR D 288 -31.02 35.60 39.33
N TYR D 289 -31.05 34.37 38.83
CA TYR D 289 -32.31 33.78 38.39
C TYR D 289 -32.25 32.27 38.30
N ALA D 290 -33.44 31.67 38.29
CA ALA D 290 -33.60 30.25 38.12
C ALA D 290 -35.01 30.02 37.61
N THR D 291 -35.83 29.37 38.43
CA THR D 291 -37.25 29.26 38.16
C THR D 291 -37.89 30.64 38.16
N TYR D 292 -37.36 31.53 39.01
CA TYR D 292 -37.79 32.92 39.05
C TYR D 292 -36.59 33.87 39.13
N PRO D 293 -36.77 35.11 38.67
CA PRO D 293 -35.69 36.08 38.81
C PRO D 293 -35.74 36.73 40.18
N LYS D 294 -34.59 37.10 40.73
CA LYS D 294 -34.58 37.94 41.91
C LYS D 294 -33.78 39.20 41.64
N ILE D 295 -34.39 40.35 41.88
CA ILE D 295 -33.76 41.63 41.56
C ILE D 295 -33.08 42.24 42.78
N TRP D 296 -31.75 42.14 42.82
CA TRP D 296 -30.97 42.60 43.95
C TRP D 296 -30.58 44.06 43.82
N VAL D 297 -30.50 44.54 42.58
CA VAL D 297 -30.13 45.93 42.31
C VAL D 297 -30.76 46.43 41.02
N LYS D 298 -31.54 47.51 41.12
CA LYS D 298 -32.09 48.15 39.94
C LYS D 298 -31.18 49.29 39.52
N VAL D 299 -31.19 49.64 38.24
CA VAL D 299 -30.40 50.79 37.79
C VAL D 299 -31.04 52.08 38.30
N SER D 300 -32.31 52.00 38.68
CA SER D 300 -33.04 53.16 39.18
C SER D 300 -32.64 53.51 40.61
N GLU D 301 -32.38 52.48 41.43
CA GLU D 301 -31.97 52.68 42.82
C GLU D 301 -30.88 53.74 42.91
N ALA D 302 -30.89 54.49 44.00
CA ALA D 302 -29.97 55.61 44.17
C ALA D 302 -28.51 55.18 44.11
N ASP D 303 -28.18 54.15 44.88
CA ASP D 303 -26.80 53.72 45.04
C ASP D 303 -26.29 52.79 43.93
N SER D 304 -27.07 52.66 42.85
CA SER D 304 -26.73 51.70 41.81
C SER D 304 -25.45 52.05 41.07
N SER D 305 -25.03 53.32 41.16
CA SER D 305 -23.81 53.77 40.50
C SER D 305 -22.65 53.84 41.49
N ASN D 306 -22.64 52.90 42.42
CA ASN D 306 -21.65 52.87 43.49
C ASN D 306 -20.94 51.53 43.54
N ALA D 307 -19.72 51.49 43.03
CA ALA D 307 -18.95 50.24 42.96
C ALA D 307 -18.94 49.50 44.28
N ASP D 308 -18.64 50.21 45.37
CA ASP D 308 -18.58 49.60 46.69
C ASP D 308 -19.90 48.98 47.13
N TRP D 309 -20.99 49.73 46.97
CA TRP D 309 -22.32 49.26 47.36
C TRP D 309 -22.73 48.03 46.58
N VAL D 310 -22.48 48.04 45.27
CA VAL D 310 -22.83 46.92 44.41
C VAL D 310 -21.99 45.68 44.73
N THR D 311 -20.71 45.85 45.00
CA THR D 311 -19.87 44.75 45.42
C THR D 311 -20.35 44.18 46.76
N LYS D 312 -20.86 45.06 47.62
CA LYS D 312 -21.39 44.64 48.92
C LYS D 312 -22.71 43.91 48.77
N GLN D 313 -23.42 44.18 47.68
CA GLN D 313 -24.68 43.51 47.39
C GLN D 313 -24.42 42.16 46.75
N LEU D 314 -23.33 42.08 46.00
CA LEU D 314 -22.99 40.90 45.22
C LEU D 314 -22.46 39.78 46.10
N ASN D 315 -21.80 40.15 47.19
CA ASN D 315 -21.27 39.17 48.11
C ASN D 315 -22.33 38.73 49.11
N GLU D 316 -23.52 39.30 48.99
CA GLU D 316 -24.66 38.89 49.80
C GLU D 316 -25.46 37.82 49.06
N ILE D 317 -25.26 37.76 47.75
CA ILE D 317 -25.90 36.73 46.93
C ILE D 317 -25.54 35.34 47.47
N ASN D 318 -26.56 34.53 47.69
CA ASN D 318 -26.39 33.21 48.29
C ASN D 318 -27.03 32.14 47.42
N TYR D 319 -26.22 31.23 46.90
CA TYR D 319 -26.74 30.19 46.00
C TYR D 319 -27.93 29.46 46.60
N GLU D 320 -27.98 29.42 47.93
CA GLU D 320 -29.02 28.71 48.65
C GLU D 320 -30.39 29.35 48.46
N ASP D 321 -30.41 30.56 47.92
CA ASP D 321 -31.66 31.29 47.72
C ASP D 321 -32.53 30.61 46.68
N HIS D 322 -31.90 30.03 45.67
CA HIS D 322 -32.63 29.45 44.54
C HIS D 322 -32.74 27.93 44.64
N LYS D 323 -32.19 27.35 45.70
CA LYS D 323 -32.15 25.90 45.82
C LYS D 323 -33.54 25.29 45.87
N LEU D 324 -34.51 26.05 46.39
CA LEU D 324 -35.87 25.55 46.50
C LEU D 324 -36.47 25.33 45.12
N LYS D 325 -36.40 26.35 44.27
CA LYS D 325 -36.88 26.24 42.89
C LYS D 325 -35.71 26.43 41.94
N SER D 326 -35.24 25.32 41.38
CA SER D 326 -33.94 25.29 40.71
C SER D 326 -33.99 25.26 39.17
N GLY D 327 -35.09 25.73 38.60
CA GLY D 327 -35.28 25.68 37.16
C GLY D 327 -34.48 26.74 36.41
N THR D 328 -34.68 26.80 35.10
CA THR D 328 -33.98 27.77 34.26
C THR D 328 -34.93 28.51 33.34
N ASN D 329 -35.47 29.64 33.81
CA ASN D 329 -36.41 30.43 33.01
C ASN D 329 -35.79 31.74 32.54
N THR D 330 -34.82 31.64 31.64
CA THR D 330 -34.03 32.79 31.22
C THR D 330 -34.88 33.95 30.67
N LYS D 331 -36.01 33.64 30.06
CA LYS D 331 -36.85 34.70 29.52
C LYS D 331 -37.25 35.69 30.61
N LYS D 332 -37.72 35.16 31.74
CA LYS D 332 -38.14 36.01 32.86
C LYS D 332 -37.03 36.92 33.32
N ALA D 333 -35.84 36.36 33.54
CA ALA D 333 -34.70 37.10 34.03
C ALA D 333 -34.38 38.30 33.11
N LEU D 334 -34.52 38.09 31.81
CA LEU D 334 -34.24 39.14 30.84
C LEU D 334 -35.40 40.14 30.75
N GLN D 335 -36.59 39.71 31.16
CA GLN D 335 -37.75 40.60 31.16
C GLN D 335 -37.70 41.47 32.39
N ALA D 336 -36.91 41.03 33.38
CA ALA D 336 -36.61 41.84 34.54
C ALA D 336 -35.72 42.99 34.12
N VAL D 337 -34.63 42.66 33.42
CA VAL D 337 -33.74 43.67 32.84
C VAL D 337 -34.55 44.65 32.00
N TYR D 338 -35.48 44.14 31.19
CA TYR D 338 -36.33 45.02 30.40
C TYR D 338 -37.08 46.01 31.29
N SER D 339 -37.55 45.55 32.45
CA SER D 339 -38.26 46.42 33.37
C SER D 339 -37.39 47.59 33.81
N MET D 340 -36.18 47.29 34.27
CA MET D 340 -35.22 48.31 34.70
C MET D 340 -34.91 49.31 33.59
N MET D 341 -34.90 48.83 32.35
CA MET D 341 -34.53 49.66 31.22
C MET D 341 -35.58 50.71 30.88
N SER D 342 -36.83 50.34 31.00
CA SER D 342 -37.91 51.09 30.35
C SER D 342 -38.47 52.29 31.13
N TRP D 343 -39.59 52.77 30.62
CA TRP D 343 -40.31 53.91 31.15
C TRP D 343 -41.71 53.80 30.57
N PRO D 344 -42.74 54.08 31.39
CA PRO D 344 -44.16 53.86 31.04
C PRO D 344 -44.50 54.20 29.59
N ASP D 345 -44.15 53.31 28.68
CA ASP D 345 -44.25 53.53 27.25
C ASP D 345 -43.64 54.87 26.84
N ASP D 346 -44.44 55.94 26.87
CA ASP D 346 -43.93 57.27 26.55
C ASP D 346 -43.51 58.05 27.80
N VAL D 347 -43.54 59.37 27.71
CA VAL D 347 -42.97 60.25 28.73
C VAL D 347 -41.51 59.88 29.04
N PRO D 348 -40.64 59.95 28.01
CA PRO D 348 -39.25 59.49 28.00
C PRO D 348 -38.28 60.47 28.64
N PRO D 349 -37.44 59.98 29.57
CA PRO D 349 -36.48 60.81 30.30
C PRO D 349 -35.49 61.46 29.35
N GLU D 350 -34.93 62.59 29.75
CA GLU D 350 -33.89 63.22 28.94
C GLU D 350 -32.63 62.37 28.99
N GLY D 351 -31.95 62.28 27.84
CA GLY D 351 -30.74 61.51 27.75
C GLY D 351 -30.98 60.01 27.73
N TRP D 352 -32.19 59.61 27.32
CA TRP D 352 -32.49 58.20 27.16
C TRP D 352 -31.74 57.65 25.96
N ASN D 353 -31.72 58.42 24.88
CA ASN D 353 -31.02 58.03 23.67
C ASN D 353 -29.55 58.45 23.73
N ARG D 354 -29.01 58.47 24.94
CA ARG D 354 -27.63 58.85 25.17
C ARG D 354 -26.98 57.82 26.09
N THR D 355 -27.80 56.92 26.63
CA THR D 355 -27.32 55.90 27.56
C THR D 355 -27.00 54.59 26.85
N ARG D 356 -25.85 54.02 27.17
CA ARG D 356 -25.36 52.80 26.54
C ARG D 356 -25.56 51.57 27.43
N HIS D 357 -26.28 50.58 26.93
CA HIS D 357 -26.67 49.42 27.73
C HIS D 357 -25.81 48.20 27.44
N VAL D 358 -25.25 47.61 28.50
CA VAL D 358 -24.37 46.46 28.36
C VAL D 358 -24.80 45.32 29.28
N ILE D 359 -25.27 44.23 28.69
CA ILE D 359 -25.74 43.08 29.47
C ILE D 359 -24.67 42.00 29.59
N ILE D 360 -24.37 41.61 30.82
CA ILE D 360 -23.45 40.49 31.07
C ILE D 360 -24.25 39.29 31.55
N LEU D 361 -24.47 38.35 30.64
CA LEU D 361 -25.27 37.17 30.95
C LEU D 361 -24.38 35.94 31.10
N MET D 362 -24.53 35.25 32.23
CA MET D 362 -23.73 34.08 32.51
C MET D 362 -24.60 32.85 32.73
N THR D 363 -24.71 32.03 31.70
CA THR D 363 -25.61 30.88 31.73
C THR D 363 -24.99 29.74 30.95
N ASP D 364 -25.41 28.51 31.22
CA ASP D 364 -24.99 27.39 30.41
C ASP D 364 -25.88 27.35 29.18
N GLY D 365 -26.87 28.24 29.16
CA GLY D 365 -27.75 28.39 28.02
C GLY D 365 -28.74 27.25 27.82
N LEU D 366 -29.15 26.64 28.93
CA LEU D 366 -30.06 25.49 28.87
C LEU D 366 -31.44 25.81 29.41
N HIS D 367 -32.12 26.79 28.80
CA HIS D 367 -33.43 27.20 29.29
C HIS D 367 -34.46 26.09 29.13
N ASN D 368 -35.38 25.99 30.09
CA ASN D 368 -36.43 24.99 30.06
C ASN D 368 -37.80 25.54 30.48
N MET D 369 -37.85 26.84 30.76
CA MET D 369 -39.10 27.50 31.07
C MET D 369 -39.20 28.85 30.37
N GLY D 370 -40.40 29.24 29.98
CA GLY D 370 -40.64 30.55 29.39
C GLY D 370 -40.31 30.66 27.92
N GLY D 371 -39.89 29.56 27.32
CA GLY D 371 -39.56 29.56 25.91
C GLY D 371 -38.32 30.37 25.57
N ASP D 372 -38.22 30.77 24.31
CA ASP D 372 -37.00 31.40 23.79
C ASP D 372 -36.74 32.80 24.35
N PRO D 373 -35.57 32.98 24.98
CA PRO D 373 -35.12 34.26 25.55
C PRO D 373 -34.98 35.36 24.49
N ILE D 374 -34.68 34.97 23.26
CA ILE D 374 -34.44 35.93 22.19
C ILE D 374 -35.54 36.98 22.08
N THR D 375 -36.79 36.54 22.19
CA THR D 375 -37.95 37.43 22.13
C THR D 375 -37.78 38.70 22.98
N VAL D 376 -37.22 38.55 24.17
CA VAL D 376 -37.03 39.68 25.08
C VAL D 376 -35.93 40.62 24.58
N ILE D 377 -34.88 40.05 24.00
CA ILE D 377 -33.85 40.86 23.34
C ILE D 377 -34.51 41.70 22.25
N ASP D 378 -35.32 41.05 21.43
CA ASP D 378 -36.10 41.75 20.40
C ASP D 378 -36.88 42.90 21.01
N GLU D 379 -37.57 42.61 22.11
CA GLU D 379 -38.34 43.63 22.83
C GLU D 379 -37.44 44.76 23.29
N ILE D 380 -36.31 44.40 23.88
CA ILE D 380 -35.35 45.38 24.37
C ILE D 380 -34.89 46.34 23.29
N ARG D 381 -34.67 45.81 22.09
CA ARG D 381 -34.21 46.63 20.98
C ARG D 381 -35.31 47.57 20.48
N ASP D 382 -36.56 47.11 20.57
CA ASP D 382 -37.70 47.97 20.26
C ASP D 382 -37.68 49.20 21.15
N LEU D 383 -37.48 48.96 22.43
CA LEU D 383 -37.51 49.99 23.45
C LEU D 383 -36.36 50.98 23.29
N LEU D 384 -35.20 50.47 22.88
CA LEU D 384 -34.01 51.30 22.75
C LEU D 384 -33.92 51.94 21.38
N TYR D 385 -34.86 51.57 20.50
CA TYR D 385 -34.90 52.08 19.14
C TYR D 385 -33.62 51.69 18.41
N ILE D 386 -33.29 50.41 18.47
CA ILE D 386 -32.08 49.90 17.85
C ILE D 386 -32.41 49.08 16.61
N GLY D 387 -31.75 49.39 15.51
CA GLY D 387 -31.95 48.69 14.26
C GLY D 387 -33.23 49.09 13.56
N LYS D 388 -33.80 50.21 13.96
CA LYS D 388 -35.10 50.62 13.44
C LYS D 388 -35.02 51.79 12.47
N ASP D 389 -33.95 52.58 12.57
CA ASP D 389 -33.75 53.67 11.62
C ASP D 389 -32.53 53.42 10.75
N ARG D 390 -32.76 53.23 9.45
CA ARG D 390 -31.70 53.04 8.48
C ARG D 390 -30.70 54.19 8.57
N LYS D 391 -31.24 55.39 8.75
CA LYS D 391 -30.46 56.63 8.79
C LYS D 391 -29.61 56.74 10.06
N ASN D 392 -29.99 55.99 11.10
CA ASN D 392 -29.30 56.03 12.39
C ASN D 392 -29.62 54.79 13.22
N PRO D 393 -28.89 53.69 12.96
CA PRO D 393 -29.16 52.34 13.47
C PRO D 393 -28.98 52.18 14.99
N ARG D 394 -28.18 53.04 15.60
CA ARG D 394 -28.04 53.04 17.05
C ARG D 394 -27.59 51.70 17.62
N GLU D 395 -26.96 50.86 16.82
CA GLU D 395 -26.50 49.56 17.31
C GLU D 395 -25.46 49.70 18.41
N ASP D 396 -24.77 50.84 18.43
CA ASP D 396 -23.72 51.11 19.41
C ASP D 396 -24.19 51.00 20.86
N TYR D 397 -25.48 51.23 21.07
CA TYR D 397 -26.01 51.46 22.41
C TYR D 397 -26.47 50.20 23.16
N LEU D 398 -26.36 49.04 22.53
CA LEU D 398 -26.65 47.79 23.22
C LEU D 398 -25.62 46.72 22.89
N ASP D 399 -25.00 46.19 23.94
CA ASP D 399 -24.07 45.08 23.83
C ASP D 399 -24.52 43.95 24.74
N VAL D 400 -24.74 42.78 24.16
CA VAL D 400 -25.07 41.61 24.96
C VAL D 400 -23.90 40.64 24.95
N TYR D 401 -23.39 40.34 26.13
CA TYR D 401 -22.29 39.38 26.27
C TYR D 401 -22.77 38.16 27.02
N VAL D 402 -22.36 36.97 26.57
CA VAL D 402 -22.72 35.75 27.27
C VAL D 402 -21.49 34.88 27.53
N PHE D 403 -21.36 34.42 28.78
CA PHE D 403 -20.26 33.54 29.15
C PHE D 403 -20.78 32.16 29.51
N GLY D 404 -20.19 31.12 28.93
CA GLY D 404 -20.66 29.76 29.13
C GLY D 404 -19.84 28.98 30.15
N VAL D 405 -20.55 28.35 31.10
CA VAL D 405 -19.93 27.73 32.26
C VAL D 405 -18.84 26.70 31.96
N GLY D 406 -19.19 25.59 31.32
CA GLY D 406 -18.24 24.51 31.10
C GLY D 406 -18.55 23.53 29.98
N PRO D 407 -18.32 22.23 30.23
CA PRO D 407 -18.44 21.14 29.26
C PRO D 407 -19.87 20.78 28.88
N LEU D 408 -20.85 21.47 29.44
CA LEU D 408 -22.25 21.13 29.20
C LEU D 408 -23.06 22.28 28.63
N VAL D 409 -22.36 23.27 28.08
CA VAL D 409 -22.99 24.46 27.51
C VAL D 409 -23.66 24.19 26.16
N ASN D 410 -24.85 24.75 25.98
CA ASN D 410 -25.57 24.66 24.71
C ASN D 410 -25.25 25.87 23.84
N GLN D 411 -24.18 25.75 23.05
CA GLN D 411 -23.63 26.90 22.34
C GLN D 411 -24.59 27.60 21.39
N VAL D 412 -25.45 26.83 20.73
CA VAL D 412 -26.42 27.42 19.81
C VAL D 412 -27.15 28.56 20.50
N ASN D 413 -27.54 28.32 21.75
CA ASN D 413 -28.38 29.24 22.50
C ASN D 413 -27.65 30.43 23.10
N ILE D 414 -26.44 30.22 23.61
CA ILE D 414 -25.70 31.34 24.17
C ILE D 414 -25.16 32.21 23.06
N ASN D 415 -25.32 31.76 21.82
CA ASN D 415 -24.92 32.56 20.66
C ASN D 415 -26.08 33.40 20.15
N ALA D 416 -27.29 32.89 20.28
CA ALA D 416 -28.47 33.61 19.85
C ALA D 416 -28.71 34.87 20.70
N LEU D 417 -28.37 34.78 21.98
CA LEU D 417 -28.54 35.89 22.89
C LEU D 417 -27.46 36.94 22.65
N ALA D 418 -26.21 36.49 22.58
CA ALA D 418 -25.07 37.39 22.41
C ALA D 418 -25.18 38.28 21.17
N SER D 419 -24.52 39.44 21.24
CA SER D 419 -24.54 40.38 20.13
C SER D 419 -23.69 39.89 18.97
N LYS D 420 -24.07 40.27 17.76
CA LYS D 420 -23.30 39.89 16.59
C LYS D 420 -22.83 41.16 15.89
N LYS D 421 -21.66 41.65 16.26
CA LYS D 421 -21.15 42.89 15.66
C LYS D 421 -19.90 42.63 14.84
N ASP D 422 -19.75 43.37 13.74
CA ASP D 422 -18.63 43.20 12.84
C ASP D 422 -17.30 43.27 13.57
N ASN D 423 -16.43 42.29 13.32
CA ASN D 423 -15.07 42.32 13.84
C ASN D 423 -14.95 42.34 15.36
N GLU D 424 -16.01 41.91 16.05
CA GLU D 424 -15.98 41.75 17.50
C GLU D 424 -16.45 40.34 17.86
N GLN D 425 -16.37 40.00 19.15
CA GLN D 425 -16.83 38.70 19.61
C GLN D 425 -17.54 38.79 20.96
N HIS D 426 -18.79 38.35 21.02
CA HIS D 426 -19.60 38.56 22.22
C HIS D 426 -20.05 37.28 22.94
N VAL D 427 -19.65 36.12 22.42
CA VAL D 427 -19.99 34.86 23.10
C VAL D 427 -18.73 34.07 23.42
N PHE D 428 -18.62 33.64 24.67
CA PHE D 428 -17.45 32.94 25.12
C PHE D 428 -17.83 31.64 25.84
N LYS D 429 -17.12 30.56 25.53
CA LYS D 429 -17.28 29.32 26.26
C LYS D 429 -15.95 28.89 26.84
N VAL D 430 -15.94 28.64 28.15
CA VAL D 430 -14.70 28.38 28.87
C VAL D 430 -14.74 27.03 29.60
N LYS D 431 -13.56 26.40 29.76
CA LYS D 431 -13.47 25.05 30.30
C LYS D 431 -13.83 24.95 31.77
N ASP D 432 -12.81 25.03 32.62
CA ASP D 432 -12.97 25.17 34.06
C ASP D 432 -13.83 26.41 34.42
N MET D 433 -14.13 26.57 35.71
CA MET D 433 -14.65 27.82 36.29
C MET D 433 -13.40 28.51 36.75
N GLU D 434 -12.41 27.68 37.04
CA GLU D 434 -11.10 28.12 37.46
C GLU D 434 -10.65 29.03 36.32
N ASN D 435 -10.89 28.52 35.10
CA ASN D 435 -10.56 29.26 33.88
C ASN D 435 -11.37 30.54 33.69
N LEU D 436 -12.63 30.53 34.11
CA LEU D 436 -13.47 31.72 33.97
C LEU D 436 -12.98 32.82 34.89
N GLU D 437 -12.78 32.48 36.16
CA GLU D 437 -12.18 33.40 37.12
C GLU D 437 -10.89 33.97 36.52
N ASP D 438 -10.13 33.13 35.82
CA ASP D 438 -8.85 33.51 35.25
C ASP D 438 -8.96 34.58 34.17
N VAL D 439 -10.14 34.68 33.56
CA VAL D 439 -10.37 35.73 32.58
C VAL D 439 -10.31 37.10 33.24
N PHE D 440 -11.15 37.28 34.26
CA PHE D 440 -11.29 38.57 34.93
C PHE D 440 -10.10 38.88 35.83
N TYR D 441 -9.44 37.83 36.30
CA TYR D 441 -8.19 38.02 37.03
C TYR D 441 -7.15 38.66 36.13
N GLN D 442 -7.18 38.30 34.84
CA GLN D 442 -6.19 38.84 33.90
C GLN D 442 -6.55 40.23 33.41
N MET D 443 -7.85 40.53 33.33
CA MET D 443 -8.28 41.86 32.97
C MET D 443 -7.70 42.87 33.94
N ILE D 444 -7.78 42.55 35.23
CA ILE D 444 -7.25 43.41 36.28
C ILE D 444 -5.73 43.51 36.22
N ASP D 445 -5.10 42.52 35.59
CA ASP D 445 -3.64 42.50 35.48
C ASP D 445 -3.11 43.37 34.36
N GLU D 446 -3.90 43.58 33.31
CA GLU D 446 -3.48 44.45 32.21
C GLU D 446 -3.39 45.89 32.69
N SER D 447 -4.15 46.21 33.72
CA SER D 447 -4.12 47.53 34.33
C SER D 447 -2.75 47.78 34.96
N GLN D 448 -2.46 47.03 36.02
CA GLN D 448 -1.27 47.23 36.85
C GLN D 448 0.02 47.44 36.08
N SER D 449 0.96 48.13 36.72
CA SER D 449 2.23 48.47 36.11
C SER D 449 2.98 47.26 35.57
N LEU D 450 4.07 47.50 34.87
CA LEU D 450 4.80 46.44 34.18
C LEU D 450 5.69 45.62 35.11
N SER D 451 5.87 46.10 36.33
CA SER D 451 6.72 45.38 37.29
C SER D 451 6.01 44.13 37.82
N LEU D 452 4.79 43.92 37.35
CA LEU D 452 4.04 42.71 37.70
C LEU D 452 4.68 41.50 37.01
N CYS D 453 5.09 40.53 37.81
CA CYS D 453 5.90 39.41 37.30
C CYS D 453 5.09 38.31 36.62
N GLY D 454 5.72 37.64 35.66
CA GLY D 454 5.12 36.51 34.97
C GLY D 454 3.86 36.86 34.20
N MET D 455 3.81 38.08 33.68
CA MET D 455 2.59 38.56 33.04
C MET D 455 2.80 38.81 31.55
N VAL D 456 1.87 38.30 30.73
CA VAL D 456 2.01 38.40 29.28
C VAL D 456 0.65 38.63 28.63
N TRP D 457 0.57 39.67 27.80
CA TRP D 457 -0.70 40.03 27.14
C TRP D 457 -0.70 39.67 25.65
N GLU D 458 -1.48 38.64 25.31
CA GLU D 458 -1.57 38.15 23.94
C GLU D 458 -2.47 39.04 23.08
N HIS D 459 -1.91 39.61 22.02
CA HIS D 459 -2.67 40.47 21.11
C HIS D 459 -3.40 39.65 20.05
N GLY D 462 0.69 41.26 17.56
CA GLY D 462 1.62 40.62 18.47
C GLY D 462 3.06 40.72 18.00
N THR D 463 3.95 40.00 18.68
CA THR D 463 5.38 40.01 18.35
C THR D 463 6.10 38.85 19.04
N ASP D 464 7.34 38.60 18.61
CA ASP D 464 8.13 37.48 19.11
C ASP D 464 8.44 37.59 20.61
N TYR D 465 9.27 38.55 20.98
CA TYR D 465 9.66 38.74 22.38
C TYR D 465 8.49 39.20 23.26
N HIS D 466 7.44 39.71 22.63
CA HIS D 466 6.22 40.04 23.35
C HIS D 466 5.78 38.85 24.17
N LYS D 467 5.92 37.67 23.59
CA LYS D 467 5.41 36.43 24.17
C LYS D 467 6.33 35.84 25.25
N GLN D 468 7.58 36.26 25.27
CA GLN D 468 8.50 35.85 26.33
C GLN D 468 9.42 37.00 26.76
N PRO D 469 8.87 38.00 27.46
CA PRO D 469 9.56 39.23 27.87
C PRO D 469 10.76 39.00 28.81
N TRP D 470 10.77 37.92 29.56
CA TRP D 470 11.82 37.68 30.54
C TRP D 470 13.08 37.08 29.92
N GLN D 471 13.00 36.73 28.65
CA GLN D 471 14.08 35.99 28.00
C GLN D 471 15.29 36.86 27.73
N ALA D 472 16.46 36.39 28.11
CA ALA D 472 17.70 37.12 27.91
C ALA D 472 18.76 36.22 27.28
N LYS D 473 19.36 36.68 26.19
CA LYS D 473 20.40 35.94 25.49
C LYS D 473 21.80 36.32 25.98
N ILE D 474 22.46 35.39 26.68
CA ILE D 474 23.82 35.62 27.13
C ILE D 474 24.80 35.20 26.03
N SER D 475 26.02 35.74 26.08
CA SER D 475 27.04 35.45 25.09
C SER D 475 28.44 35.46 25.70
N VAL D 476 29.32 34.62 25.16
CA VAL D 476 30.69 34.56 25.63
C VAL D 476 31.67 34.63 24.45
N ILE D 477 32.84 35.22 24.69
CA ILE D 477 33.91 35.23 23.71
C ILE D 477 35.04 34.33 24.19
N ARG D 478 35.29 33.25 23.46
CA ARG D 478 36.35 32.32 23.82
C ARG D 478 37.10 31.80 22.59
N PRO D 479 38.18 32.48 22.21
CA PRO D 479 39.06 32.11 21.09
C PRO D 479 39.58 30.68 21.23
N SER D 485 27.25 30.49 23.98
CA SER D 485 26.04 31.28 24.14
C SER D 485 25.00 30.61 25.03
N CYS D 486 24.57 31.33 26.07
CA CYS D 486 23.61 30.80 27.05
C CYS D 486 22.26 31.47 26.96
N MET D 487 21.41 31.19 27.96
CA MET D 487 20.11 31.84 28.10
C MET D 487 19.99 32.34 29.54
N GLY D 488 19.00 33.19 29.78
CA GLY D 488 18.79 33.74 31.11
C GLY D 488 17.45 34.41 31.26
N ALA D 489 17.04 34.64 32.50
CA ALA D 489 15.75 35.27 32.78
C ALA D 489 15.89 36.54 33.61
N VAL D 490 15.27 37.61 33.14
CA VAL D 490 15.18 38.84 33.90
C VAL D 490 14.30 38.61 35.13
N VAL D 491 14.86 38.84 36.31
CA VAL D 491 14.09 38.65 37.55
C VAL D 491 13.82 39.97 38.25
N SER D 492 14.41 41.04 37.73
CA SER D 492 14.22 42.37 38.29
C SER D 492 14.73 43.44 37.33
N GLU D 493 15.07 44.61 37.86
CA GLU D 493 15.55 45.71 37.03
C GLU D 493 17.08 45.70 36.96
N TYR D 494 17.69 44.98 37.90
CA TYR D 494 19.15 44.92 38.00
C TYR D 494 19.73 43.53 37.70
N PHE D 495 18.99 42.48 38.03
CA PHE D 495 19.53 41.13 37.98
C PHE D 495 18.92 40.21 36.92
N VAL D 496 19.73 39.27 36.44
CA VAL D 496 19.30 38.25 35.50
C VAL D 496 19.73 36.88 35.99
N LEU D 497 18.77 36.00 36.21
CA LEU D 497 19.08 34.66 36.71
C LEU D 497 19.48 33.73 35.57
N THR D 498 20.53 32.93 35.80
CA THR D 498 21.04 32.01 34.79
C THR D 498 21.88 30.90 35.43
N ALA D 499 22.63 30.17 34.61
CA ALA D 499 23.41 29.04 35.10
C ALA D 499 24.90 29.34 35.13
N ALA D 500 25.54 28.93 36.22
CA ALA D 500 26.98 29.16 36.41
C ALA D 500 27.83 28.60 35.27
N HIS D 501 27.60 27.34 34.93
CA HIS D 501 28.47 26.60 34.02
C HIS D 501 28.81 27.29 32.69
N CYS D 502 28.01 28.25 32.26
CA CYS D 502 28.28 28.90 30.97
C CYS D 502 29.15 30.16 31.07
N PHE D 503 29.89 30.28 32.17
CA PHE D 503 30.93 31.29 32.30
C PHE D 503 32.29 30.61 32.43
N THR D 504 33.28 31.35 32.92
CA THR D 504 34.63 30.79 33.07
C THR D 504 35.15 30.90 34.50
N VAL D 505 35.08 32.12 35.03
CA VAL D 505 35.68 32.50 36.31
C VAL D 505 37.02 33.17 36.05
N ASP D 506 37.49 33.07 34.80
CA ASP D 506 38.69 33.75 34.35
C ASP D 506 39.85 33.57 35.33
N HIS D 510 35.23 42.14 31.23
CA HIS D 510 34.41 42.42 30.05
C HIS D 510 34.24 41.18 29.20
N SER D 511 34.75 40.05 29.69
CA SER D 511 34.74 38.80 28.93
C SER D 511 33.34 38.24 28.71
N ILE D 512 32.33 39.07 28.96
CA ILE D 512 30.94 38.62 28.93
C ILE D 512 30.00 39.71 28.39
N LYS D 513 28.79 39.32 28.01
CA LYS D 513 27.82 40.27 27.44
C LYS D 513 26.40 39.72 27.42
N VAL D 514 25.43 40.58 27.74
CA VAL D 514 24.02 40.18 27.84
C VAL D 514 23.14 40.99 26.90
N SER D 515 22.05 40.40 26.43
CA SER D 515 21.09 41.10 25.58
C SER D 515 19.65 40.68 25.87
N VAL D 516 18.74 41.64 25.91
CA VAL D 516 17.33 41.35 26.17
C VAL D 516 16.42 42.06 25.18
N GLY D 517 15.11 41.85 25.33
CA GLY D 517 14.12 42.51 24.49
C GLY D 517 14.23 42.21 23.01
N GLY D 518 15.26 41.46 22.63
CA GLY D 518 15.51 41.16 21.23
C GLY D 518 16.13 42.35 20.53
N GLU D 519 17.03 43.03 21.23
CA GLU D 519 17.68 44.22 20.69
C GLU D 519 19.17 43.99 20.48
N LYS D 520 19.73 44.73 19.53
CA LYS D 520 21.16 44.65 19.23
C LYS D 520 21.99 44.89 20.48
N ARG D 521 21.77 46.05 21.09
CA ARG D 521 22.50 46.46 22.30
C ARG D 521 22.76 45.30 23.27
N ASP D 522 24.03 45.08 23.60
CA ASP D 522 24.38 44.14 24.67
C ASP D 522 24.79 44.90 25.92
N LEU D 523 23.86 44.99 26.86
CA LEU D 523 24.05 45.76 28.09
C LEU D 523 25.31 45.35 28.87
N GLU D 524 26.00 46.34 29.41
CA GLU D 524 27.19 46.08 30.22
C GLU D 524 26.82 45.48 31.57
N ILE D 525 27.79 44.86 32.21
CA ILE D 525 27.57 44.15 33.46
C ILE D 525 28.42 44.72 34.57
N GLU D 526 27.87 44.74 35.79
CA GLU D 526 28.70 45.05 36.95
C GLU D 526 29.53 43.82 37.30
N VAL D 527 28.86 42.77 37.76
CA VAL D 527 29.56 41.58 38.23
C VAL D 527 28.74 40.30 38.06
N VAL D 528 29.33 39.17 38.44
CA VAL D 528 28.67 37.87 38.43
C VAL D 528 28.80 37.21 39.79
N LEU D 529 27.68 36.79 40.37
CA LEU D 529 27.70 36.07 41.63
C LEU D 529 27.38 34.60 41.42
N PHE D 530 28.35 33.72 41.69
CA PHE D 530 28.08 32.29 41.68
C PHE D 530 27.60 31.87 43.06
N HIS D 531 27.01 30.69 43.14
CA HIS D 531 26.65 30.12 44.44
C HIS D 531 27.95 29.75 45.15
N PRO D 532 27.96 29.85 46.49
CA PRO D 532 29.17 29.48 47.23
C PRO D 532 29.47 27.98 47.09
N ASN D 533 28.44 27.15 47.23
CA ASN D 533 28.61 25.71 47.19
C ASN D 533 28.83 25.17 45.78
N TYR D 534 29.04 26.06 44.82
CA TYR D 534 29.23 25.64 43.44
C TYR D 534 30.67 25.29 43.12
N ASN D 535 30.83 24.27 42.27
CA ASN D 535 32.16 23.85 41.83
C ASN D 535 32.07 22.98 40.57
N ILE D 536 32.35 23.59 39.42
CA ILE D 536 32.34 22.89 38.14
C ILE D 536 33.24 21.66 38.20
N ASN D 537 34.11 21.63 39.21
CA ASN D 537 34.89 20.44 39.54
C ASN D 537 34.51 19.96 40.94
N GLY D 538 35.48 19.90 41.83
CA GLY D 538 35.20 19.55 43.22
C GLY D 538 34.72 18.11 43.38
N LYS D 539 35.44 17.19 42.75
CA LYS D 539 35.15 15.77 42.80
C LYS D 539 35.86 15.10 41.63
N LYS D 540 36.63 15.91 40.90
CA LYS D 540 37.27 15.49 39.67
C LYS D 540 38.15 14.26 39.82
N GLU D 541 38.86 14.16 40.95
CA GLU D 541 39.72 13.01 41.18
C GLU D 541 38.97 11.80 41.73
N ALA D 542 37.65 11.86 41.65
CA ALA D 542 36.81 10.71 41.95
C ALA D 542 36.09 10.26 40.68
N GLY D 543 36.79 10.39 39.55
CA GLY D 543 36.26 9.97 38.26
C GLY D 543 35.23 10.91 37.68
N ILE D 544 34.94 12.00 38.39
CA ILE D 544 33.85 12.91 38.02
C ILE D 544 34.33 14.22 37.42
N PRO D 545 34.33 14.32 36.08
CA PRO D 545 34.74 15.54 35.37
C PRO D 545 33.94 16.76 35.80
N GLU D 546 32.62 16.62 35.87
CA GLU D 546 31.74 17.75 36.16
C GLU D 546 30.66 17.42 37.19
N PHE D 547 30.57 18.25 38.22
CA PHE D 547 29.60 18.07 39.30
C PHE D 547 28.69 19.30 39.37
N TYR D 548 27.60 19.25 38.63
CA TYR D 548 26.76 20.42 38.38
C TYR D 548 25.90 20.86 39.57
N ASP D 549 26.20 20.38 40.76
CA ASP D 549 25.43 20.75 41.95
C ASP D 549 25.49 22.26 42.23
N TYR D 550 24.34 22.86 42.50
CA TYR D 550 24.24 24.28 42.83
C TYR D 550 24.60 25.20 41.67
N ASP D 551 24.35 24.73 40.45
CA ASP D 551 24.72 25.45 39.23
C ASP D 551 23.85 26.68 38.94
N VAL D 552 24.03 27.76 39.69
CA VAL D 552 23.30 29.00 39.42
C VAL D 552 24.13 30.25 39.69
N ALA D 553 23.92 31.29 38.87
CA ALA D 553 24.66 32.53 38.98
C ALA D 553 23.82 33.74 38.56
N LEU D 554 24.02 34.86 39.27
CA LEU D 554 23.31 36.10 38.97
C LEU D 554 24.17 37.07 38.18
N ILE D 555 23.53 37.91 37.37
CA ILE D 555 24.21 38.97 36.65
C ILE D 555 23.62 40.32 37.03
N LYS D 556 24.40 41.14 37.70
CA LYS D 556 23.93 42.48 38.07
C LYS D 556 24.30 43.48 36.99
N LEU D 557 23.32 43.83 36.17
CA LEU D 557 23.53 44.77 35.07
C LEU D 557 24.15 46.07 35.56
N LYS D 558 24.87 46.75 34.67
CA LYS D 558 25.50 48.01 35.01
C LYS D 558 24.45 49.07 35.33
N ASN D 559 23.38 49.09 34.54
CA ASN D 559 22.33 50.11 34.68
C ASN D 559 21.04 49.52 35.22
N LYS D 560 20.04 50.38 35.37
CA LYS D 560 18.68 49.93 35.65
C LYS D 560 18.00 49.64 34.33
N LEU D 561 17.03 48.73 34.34
CA LEU D 561 16.33 48.36 33.12
C LEU D 561 14.92 48.94 33.10
N LYS D 562 14.61 49.69 32.05
CA LYS D 562 13.26 50.19 31.87
C LYS D 562 12.44 49.12 31.18
N TYR D 563 11.34 48.72 31.83
CA TYR D 563 10.50 47.67 31.31
C TYR D 563 9.78 48.12 30.03
N GLY D 564 8.85 47.30 29.56
CA GLY D 564 8.12 47.60 28.35
C GLY D 564 7.31 46.43 27.84
N GLN D 565 6.90 46.49 26.58
CA GLN D 565 6.15 45.41 25.96
C GLN D 565 7.05 44.21 25.70
N THR D 566 8.35 44.45 25.56
CA THR D 566 9.30 43.39 25.26
C THR D 566 10.23 43.08 26.43
N ILE D 567 10.05 43.78 27.53
CA ILE D 567 10.87 43.54 28.72
C ILE D 567 10.05 43.61 30.01
N ARG D 568 10.03 42.51 30.74
CA ARG D 568 9.29 42.41 32.00
C ARG D 568 9.90 41.29 32.82
N PRO D 569 9.75 41.36 34.15
CA PRO D 569 10.30 40.33 35.04
C PRO D 569 9.50 39.03 34.97
N ILE D 570 10.14 37.91 35.30
CA ILE D 570 9.44 36.65 35.48
C ILE D 570 9.37 36.35 36.97
N CYS D 571 8.33 35.65 37.40
CA CYS D 571 8.14 35.40 38.82
C CYS D 571 9.19 34.48 39.44
N LEU D 572 9.33 34.56 40.75
CA LEU D 572 10.21 33.69 41.50
C LEU D 572 9.44 33.08 42.66
N PRO D 573 9.89 31.91 43.14
CA PRO D 573 9.18 31.23 44.23
C PRO D 573 9.32 31.99 45.55
N CYS D 574 8.45 31.69 46.51
CA CYS D 574 8.53 32.27 47.84
C CYS D 574 8.71 33.79 47.84
N THR D 575 7.82 34.48 47.13
CA THR D 575 7.81 35.94 47.12
C THR D 575 6.37 36.45 47.25
N GLU D 576 6.23 37.63 47.83
CA GLU D 576 4.91 38.27 47.94
C GLU D 576 4.28 38.31 46.55
N GLY D 577 5.10 38.58 45.54
CA GLY D 577 4.63 38.68 44.17
C GLY D 577 3.96 37.43 43.65
N THR D 578 4.61 36.28 43.86
CA THR D 578 4.10 34.99 43.39
C THR D 578 2.87 34.52 44.15
N THR D 579 2.89 34.66 45.47
CA THR D 579 1.76 34.31 46.31
C THR D 579 0.46 34.86 45.71
N ARG D 580 0.54 36.06 45.14
CA ARG D 580 -0.62 36.74 44.58
C ARG D 580 -0.84 36.43 43.11
N ALA D 581 0.19 35.87 42.47
CA ALA D 581 0.06 35.42 41.08
C ALA D 581 -0.73 34.13 41.02
N LEU D 582 -0.66 33.34 42.08
CA LEU D 582 -1.39 32.09 42.18
C LEU D 582 -2.80 32.33 42.73
N ARG D 583 -3.15 33.59 42.93
CA ARG D 583 -4.45 33.98 43.46
C ARG D 583 -4.68 33.35 44.83
N LEU D 584 -3.65 33.32 45.65
CA LEU D 584 -3.75 32.69 46.97
C LEU D 584 -3.75 33.72 48.10
N PRO D 585 -4.51 33.43 49.17
CA PRO D 585 -4.61 34.28 50.36
C PRO D 585 -3.23 34.73 50.84
N PRO D 586 -3.09 36.04 51.12
CA PRO D 586 -1.81 36.64 51.53
C PRO D 586 -1.17 35.94 52.73
N THR D 587 -1.91 35.04 53.37
CA THR D 587 -1.41 34.31 54.53
C THR D 587 -0.60 33.07 54.12
N THR D 588 -0.35 32.95 52.82
CA THR D 588 0.36 31.79 52.28
C THR D 588 1.82 31.73 52.72
N THR D 589 2.22 30.57 53.24
CA THR D 589 3.60 30.37 53.66
C THR D 589 4.48 30.03 52.47
N CYS D 590 5.72 29.63 52.74
CA CYS D 590 6.65 29.28 51.67
C CYS D 590 6.38 27.86 51.16
N GLN D 591 6.24 26.92 52.08
CA GLN D 591 6.03 25.52 51.73
C GLN D 591 4.75 25.31 50.92
N GLN D 592 3.67 25.95 51.34
CA GLN D 592 2.37 25.79 50.68
C GLN D 592 2.42 26.20 49.21
N GLN D 593 3.47 26.92 48.83
CA GLN D 593 3.71 27.26 47.43
C GLN D 593 4.34 26.08 46.71
N LYS D 594 5.20 25.35 47.42
CA LYS D 594 5.86 24.18 46.85
C LYS D 594 4.84 23.07 46.60
N GLU D 595 4.00 22.81 47.60
CA GLU D 595 3.00 21.75 47.49
C GLU D 595 1.93 22.09 46.46
N GLU D 596 2.02 23.30 45.90
CA GLU D 596 1.09 23.77 44.88
C GLU D 596 1.79 23.91 43.54
N LEU D 597 3.06 24.31 43.56
CA LEU D 597 3.85 24.49 42.35
C LEU D 597 4.56 23.20 41.91
N LEU D 598 5.22 22.56 42.87
CA LEU D 598 5.96 21.32 42.60
C LEU D 598 5.48 20.17 43.47
N PRO D 599 4.21 19.74 43.30
CA PRO D 599 3.67 18.60 44.05
C PRO D 599 4.43 17.32 43.75
N ALA D 600 4.01 16.20 44.35
CA ALA D 600 4.63 14.91 44.07
C ALA D 600 3.85 14.21 42.97
N GLN D 601 4.20 14.51 41.72
CA GLN D 601 3.35 14.18 40.59
C GLN D 601 4.12 14.48 39.31
N ASP D 602 3.51 14.22 38.15
CA ASP D 602 4.11 14.63 36.89
C ASP D 602 3.66 16.05 36.62
N ILE D 603 4.60 16.98 36.70
CA ILE D 603 4.28 18.41 36.69
C ILE D 603 4.41 19.02 35.30
N LYS D 604 3.32 19.57 34.79
CA LYS D 604 3.35 20.25 33.49
C LYS D 604 4.12 21.56 33.59
N ALA D 605 5.05 21.75 32.66
CA ALA D 605 5.90 22.94 32.65
C ALA D 605 6.38 23.27 31.25
N LEU D 606 7.22 24.28 31.12
CA LEU D 606 7.70 24.71 29.82
C LEU D 606 9.08 25.37 29.90
N PHE D 607 9.78 25.43 28.78
CA PHE D 607 11.05 26.14 28.72
C PHE D 607 11.19 26.81 27.37
N VAL D 608 12.07 27.82 27.30
CA VAL D 608 12.18 28.65 26.11
C VAL D 608 13.45 28.37 25.31
N SER D 609 13.26 27.98 24.06
CA SER D 609 14.36 27.53 23.20
C SER D 609 14.39 28.29 21.87
N GLU D 610 15.57 28.78 21.50
CA GLU D 610 15.73 29.53 20.25
C GLU D 610 15.94 28.58 19.08
N GLU D 611 15.44 28.97 17.91
CA GLU D 611 15.48 28.12 16.72
C GLU D 611 15.24 28.93 15.44
N GLU D 612 16.32 29.30 14.76
CA GLU D 612 16.25 30.10 13.55
C GLU D 612 15.78 31.53 13.85
N LYS D 613 16.38 32.13 14.88
CA LYS D 613 16.02 33.48 15.30
C LYS D 613 14.54 33.61 15.68
N LYS D 614 14.05 32.66 16.45
CA LYS D 614 12.69 32.71 16.99
C LYS D 614 12.63 32.07 18.37
N LEU D 615 11.77 32.60 19.22
CA LEU D 615 11.59 32.04 20.55
C LEU D 615 10.37 31.11 20.58
N THR D 616 10.61 29.86 20.96
CA THR D 616 9.56 28.85 20.97
C THR D 616 9.35 28.31 22.37
N ARG D 617 8.09 28.01 22.70
CA ARG D 617 7.76 27.36 23.97
C ARG D 617 7.75 25.85 23.80
N LYS D 618 8.72 25.18 24.42
CA LYS D 618 8.75 23.72 24.43
C LYS D 618 8.13 23.22 25.73
N GLU D 619 7.02 22.50 25.63
CA GLU D 619 6.32 22.02 26.81
C GLU D 619 6.88 20.68 27.28
N VAL D 620 7.27 20.62 28.56
CA VAL D 620 7.83 19.41 29.12
C VAL D 620 7.10 19.05 30.42
N TYR D 621 7.35 17.85 30.93
CA TYR D 621 6.82 17.44 32.22
C TYR D 621 7.96 17.18 33.18
N ILE D 622 7.85 17.68 34.40
CA ILE D 622 8.84 17.40 35.42
C ILE D 622 8.44 16.14 36.15
N LYS D 623 9.34 15.17 36.23
CA LYS D 623 9.08 13.94 36.96
C LYS D 623 9.37 14.16 38.43
N ASN D 624 8.33 14.24 39.23
CA ASN D 624 8.49 14.50 40.66
C ASN D 624 7.55 13.61 41.48
N GLY D 625 7.20 12.47 40.90
CA GLY D 625 6.38 11.48 41.57
C GLY D 625 7.05 10.11 41.54
N ASP D 626 6.28 9.10 41.13
CA ASP D 626 6.81 7.75 41.00
C ASP D 626 7.86 7.65 39.90
N LYS D 627 7.83 8.59 38.97
CA LYS D 627 8.75 8.59 37.84
C LYS D 627 10.07 9.30 38.16
N LYS D 628 10.14 9.92 39.33
CA LYS D 628 11.33 10.67 39.72
C LYS D 628 12.56 9.78 39.76
N GLY D 629 12.43 8.64 40.45
CA GLY D 629 13.52 7.68 40.54
C GLY D 629 14.07 7.30 39.18
N SER D 630 13.23 6.67 38.35
CA SER D 630 13.67 6.17 37.06
C SER D 630 14.24 7.26 36.17
N CYS D 631 13.84 8.50 36.43
CA CYS D 631 14.32 9.63 35.65
C CYS D 631 15.72 10.04 36.08
N GLU D 632 15.96 10.10 37.39
CA GLU D 632 17.27 10.42 37.91
C GLU D 632 18.27 9.31 37.57
N ARG D 633 17.79 8.08 37.56
CA ARG D 633 18.65 6.92 37.35
C ARG D 633 19.33 6.91 35.97
N ASP D 634 18.74 7.63 35.01
CA ASP D 634 19.31 7.68 33.67
C ASP D 634 20.56 8.56 33.63
N ALA D 635 21.08 8.88 34.81
CA ALA D 635 22.24 9.76 34.91
C ALA D 635 23.52 9.07 34.47
N GLN D 636 23.73 7.85 34.95
CA GLN D 636 24.98 7.12 34.70
C GLN D 636 25.20 6.74 33.23
N TYR D 637 24.39 7.29 32.33
CA TYR D 637 24.54 7.03 30.91
C TYR D 637 24.92 8.30 30.16
N ALA D 638 25.31 9.33 30.91
CA ALA D 638 25.78 10.58 30.32
C ALA D 638 27.26 10.48 30.02
N PRO D 639 27.77 11.33 29.11
CA PRO D 639 29.19 11.27 28.77
C PRO D 639 30.06 11.56 29.98
N GLY D 640 30.72 10.54 30.52
CA GLY D 640 31.66 10.74 31.60
C GLY D 640 31.26 10.17 32.95
N TYR D 641 29.99 10.33 33.31
CA TYR D 641 29.50 9.93 34.63
C TYR D 641 29.43 8.41 34.81
N ASP D 642 29.83 7.67 33.78
CA ASP D 642 29.78 6.21 33.80
C ASP D 642 30.18 5.63 35.16
N LYS D 643 31.45 5.77 35.48
CA LYS D 643 32.06 5.12 36.64
C LYS D 643 31.34 5.37 37.97
N VAL D 644 30.28 6.15 37.95
CA VAL D 644 29.50 6.40 39.16
C VAL D 644 28.70 5.17 39.58
N LYS D 645 29.03 4.63 40.74
CA LYS D 645 28.38 3.42 41.25
C LYS D 645 27.06 3.75 41.94
N ASP D 646 27.03 4.88 42.62
CA ASP D 646 25.84 5.32 43.34
C ASP D 646 25.34 6.62 42.73
N ILE D 647 24.33 6.53 41.87
CA ILE D 647 23.85 7.67 41.08
C ILE D 647 23.67 8.96 41.87
N SER D 648 23.31 8.85 43.15
CA SER D 648 23.08 10.03 43.98
C SER D 648 24.34 10.89 44.12
N GLU D 649 25.48 10.33 43.70
CA GLU D 649 26.75 11.04 43.82
C GLU D 649 26.89 12.16 42.79
N VAL D 650 25.97 12.20 41.83
CA VAL D 650 25.94 13.30 40.86
C VAL D 650 24.55 13.95 40.80
N VAL D 651 23.52 13.18 41.11
CA VAL D 651 22.15 13.70 41.12
C VAL D 651 21.72 14.02 42.54
N THR D 652 21.73 15.31 42.87
CA THR D 652 21.52 15.77 44.24
C THR D 652 20.11 16.31 44.47
N PRO D 653 19.70 16.40 45.75
CA PRO D 653 18.39 16.91 46.17
C PRO D 653 18.06 18.30 45.63
N ARG D 654 19.05 19.03 45.12
CA ARG D 654 18.78 20.31 44.47
C ARG D 654 18.69 20.14 42.97
N PHE D 655 17.79 19.27 42.53
CA PHE D 655 17.66 18.96 41.10
C PHE D 655 16.24 18.55 40.71
N LEU D 656 15.77 19.08 39.58
CA LEU D 656 14.50 18.65 38.99
C LEU D 656 14.79 17.86 37.72
N CYS D 657 13.77 17.23 37.16
CA CYS D 657 14.00 16.26 36.09
C CYS D 657 12.95 16.28 34.99
N THR D 658 13.37 16.56 33.75
CA THR D 658 12.46 16.50 32.60
C THR D 658 12.98 15.63 31.47
N GLY D 659 12.25 15.60 30.36
CA GLY D 659 12.63 14.83 29.19
C GLY D 659 12.23 13.36 29.29
N GLY D 660 12.38 12.63 28.19
CA GLY D 660 12.06 11.22 28.18
C GLY D 660 10.76 10.92 27.46
N VAL D 661 10.27 9.69 27.60
CA VAL D 661 9.07 9.28 26.87
C VAL D 661 7.87 9.03 27.79
N SER D 662 8.13 8.91 29.09
CA SER D 662 7.07 8.69 30.06
C SER D 662 6.90 9.94 30.90
N PRO D 663 5.65 10.46 30.99
CA PRO D 663 4.40 9.91 30.47
C PRO D 663 4.19 10.22 29.00
N TYR D 664 4.79 11.31 28.52
CA TYR D 664 4.68 11.67 27.10
C TYR D 664 6.06 12.00 26.54
N ALA D 665 6.20 11.86 25.23
CA ALA D 665 7.45 12.22 24.57
C ALA D 665 7.76 13.69 24.81
N ASP D 666 8.81 13.95 25.59
CA ASP D 666 9.21 15.31 25.92
C ASP D 666 10.35 15.81 25.04
N PRO D 667 10.25 17.05 24.57
CA PRO D 667 11.37 17.71 23.88
C PRO D 667 12.53 17.95 24.85
N ASN D 668 13.74 18.04 24.33
CA ASN D 668 14.91 18.28 25.18
C ASN D 668 15.49 19.67 24.97
N THR D 669 16.19 20.16 26.00
CA THR D 669 16.85 21.45 25.92
C THR D 669 18.09 21.34 25.05
N CYS D 670 18.49 22.44 24.43
CA CYS D 670 19.69 22.45 23.61
C CYS D 670 20.88 22.95 24.43
N ARG D 671 22.02 23.11 23.78
CA ARG D 671 23.18 23.70 24.43
C ARG D 671 22.94 25.20 24.56
N GLY D 672 22.44 25.80 23.49
CA GLY D 672 22.17 27.22 23.48
C GLY D 672 21.05 27.62 24.42
N ASP D 673 20.43 26.63 25.06
CA ASP D 673 19.29 26.86 25.94
C ASP D 673 19.65 26.79 27.41
N SER D 674 20.82 26.21 27.72
CA SER D 674 21.22 26.08 29.12
C SER D 674 21.11 27.42 29.83
N GLY D 675 20.89 27.38 31.14
CA GLY D 675 20.78 28.59 31.92
C GLY D 675 19.50 29.37 31.68
N GLY D 676 18.59 28.79 30.91
CA GLY D 676 17.29 29.42 30.66
C GLY D 676 16.29 29.10 31.75
N PRO D 677 15.14 29.79 31.76
CA PRO D 677 14.14 29.55 32.80
C PRO D 677 13.37 28.27 32.55
N LEU D 678 13.14 27.49 33.61
CA LEU D 678 12.18 26.41 33.58
C LEU D 678 10.92 26.90 34.27
N ILE D 679 9.83 26.99 33.52
CA ILE D 679 8.64 27.71 33.95
C ILE D 679 7.40 26.84 34.15
N VAL D 680 6.59 27.21 35.14
CA VAL D 680 5.27 26.63 35.32
C VAL D 680 4.25 27.69 35.00
N HIS D 681 3.35 27.41 34.07
CA HIS D 681 2.34 28.37 33.64
C HIS D 681 1.02 28.13 34.35
N LYS D 682 0.97 28.48 35.63
CA LYS D 682 -0.22 28.24 36.44
C LYS D 682 -1.03 29.52 36.61
N ARG D 683 -2.36 29.36 36.61
CA ARG D 683 -3.29 30.48 36.73
C ARG D 683 -2.96 31.61 35.77
N SER D 684 -2.62 31.24 34.54
CA SER D 684 -2.32 32.20 33.48
C SER D 684 -1.20 33.19 33.82
N ARG D 685 -0.47 32.93 34.90
CA ARG D 685 0.75 33.68 35.20
C ARG D 685 1.94 32.74 35.07
N PHE D 686 3.12 33.29 34.78
CA PHE D 686 4.31 32.47 34.53
C PHE D 686 5.33 32.53 35.67
N ILE D 687 5.52 31.42 36.36
CA ILE D 687 6.52 31.34 37.42
C ILE D 687 7.74 30.49 37.02
N GLN D 688 8.93 30.95 37.39
CA GLN D 688 10.13 30.17 37.18
C GLN D 688 10.39 29.27 38.39
N VAL D 689 10.60 27.97 38.14
CA VAL D 689 10.88 27.04 39.23
C VAL D 689 12.27 26.40 39.14
N GLY D 690 13.00 26.68 38.06
CA GLY D 690 14.32 26.13 37.92
C GLY D 690 15.18 26.79 36.86
N VAL D 691 16.44 26.39 36.77
CA VAL D 691 17.35 26.87 35.75
C VAL D 691 17.93 25.71 34.95
N ILE D 692 17.77 25.75 33.64
CA ILE D 692 18.28 24.69 32.78
C ILE D 692 19.76 24.47 33.00
N SER D 693 20.11 23.26 33.46
CA SER D 693 21.50 22.94 33.77
C SER D 693 22.16 22.10 32.68
N TRP D 694 22.15 20.78 32.85
CA TRP D 694 22.79 19.88 31.91
C TRP D 694 21.83 18.83 31.35
N GLY D 695 22.15 18.32 30.17
CA GLY D 695 21.42 17.21 29.60
C GLY D 695 22.21 15.91 29.74
N VAL D 696 21.66 14.83 29.21
CA VAL D 696 22.37 13.55 29.19
C VAL D 696 22.78 13.22 27.76
N VAL D 697 22.01 13.72 26.81
CA VAL D 697 22.27 13.47 25.40
C VAL D 697 22.09 14.76 24.59
N ASP D 698 23.02 15.03 23.68
CA ASP D 698 22.84 16.14 22.75
C ASP D 698 21.99 15.68 21.58
N VAL D 699 21.08 16.54 21.14
CA VAL D 699 20.05 16.14 20.19
C VAL D 699 19.72 17.24 19.18
N CYS D 700 20.23 18.44 19.44
CA CYS D 700 19.86 19.61 18.64
C CYS D 700 20.52 19.67 17.25
N LYS D 701 19.71 19.99 16.25
CA LYS D 701 18.29 20.28 16.46
C LYS D 701 17.39 19.25 15.76
N LYS D 707 14.15 13.69 14.82
CA LYS D 707 15.54 13.54 15.23
C LYS D 707 15.74 12.20 15.96
N GLN D 708 14.70 11.36 15.94
CA GLN D 708 14.72 10.11 16.70
C GLN D 708 14.66 10.46 18.18
N VAL D 709 15.76 10.19 18.88
CA VAL D 709 15.97 10.57 20.29
C VAL D 709 15.78 9.43 21.29
N PRO D 710 16.85 9.07 22.00
CA PRO D 710 16.81 7.99 23.00
C PRO D 710 15.80 8.28 24.06
N ALA D 711 14.98 7.31 24.40
CA ALA D 711 14.19 7.45 25.61
C ALA D 711 15.06 7.75 26.83
N HIS D 712 16.33 7.35 26.79
CA HIS D 712 17.13 7.39 28.00
C HIS D 712 17.77 8.74 28.15
N ALA D 713 17.32 9.63 27.27
CA ALA D 713 17.79 11.00 27.14
C ALA D 713 17.65 11.77 28.46
N ARG D 714 16.73 12.73 28.53
CA ARG D 714 16.46 13.46 29.77
C ARG D 714 17.28 14.75 29.95
N ASP D 715 16.91 15.54 30.97
CA ASP D 715 17.44 16.90 31.19
C ASP D 715 17.40 17.25 32.67
N PHE D 716 18.32 18.08 33.13
CA PHE D 716 18.39 18.43 34.54
C PHE D 716 18.36 19.94 34.86
N HIS D 717 17.53 20.30 35.83
CA HIS D 717 17.37 21.70 36.21
C HIS D 717 17.58 21.92 37.70
N ILE D 718 18.08 23.10 38.06
CA ILE D 718 18.29 23.44 39.45
C ILE D 718 16.97 23.89 40.07
N ASN D 719 16.51 23.15 41.06
CA ASN D 719 15.28 23.48 41.76
C ASN D 719 15.47 24.75 42.58
N LEU D 720 14.84 25.84 42.15
CA LEU D 720 15.01 27.13 42.81
C LEU D 720 14.55 27.11 44.26
N PHE D 721 13.76 26.11 44.63
CA PHE D 721 13.31 25.97 46.01
C PHE D 721 14.41 25.48 46.96
N GLN D 722 15.55 25.09 46.39
CA GLN D 722 16.63 24.52 47.18
C GLN D 722 17.79 25.50 47.32
N VAL D 723 17.69 26.62 46.61
CA VAL D 723 18.69 27.68 46.70
C VAL D 723 18.11 28.94 47.30
N LEU D 724 17.10 28.78 48.16
CA LEU D 724 16.44 29.92 48.79
C LEU D 724 17.38 30.76 49.65
N PRO D 725 18.28 30.10 50.41
CA PRO D 725 19.24 30.91 51.17
C PRO D 725 19.91 31.94 50.28
N TRP D 726 20.56 31.46 49.22
CA TRP D 726 21.35 32.32 48.34
C TRP D 726 20.53 33.35 47.60
N LEU D 727 19.25 33.06 47.37
CA LEU D 727 18.39 33.96 46.61
C LEU D 727 18.01 35.21 47.41
N LYS D 728 17.36 35.00 48.55
CA LYS D 728 16.92 36.09 49.40
C LYS D 728 18.11 36.98 49.76
N GLU D 729 19.29 36.38 49.77
CA GLU D 729 20.51 37.03 50.23
C GLU D 729 21.00 38.08 49.23
N LYS D 730 21.00 37.74 47.95
CA LYS D 730 21.60 38.60 46.93
C LYS D 730 20.59 39.45 46.18
N LEU D 731 19.33 39.41 46.60
CA LEU D 731 18.28 40.17 45.94
C LEU D 731 17.42 40.93 46.94
N GLN D 732 17.81 40.88 48.21
CA GLN D 732 16.99 41.42 49.29
C GLN D 732 16.61 42.89 49.12
N ASP D 733 17.38 43.64 48.32
CA ASP D 733 17.08 45.05 48.08
C ASP D 733 16.43 45.25 46.71
N GLU D 734 15.32 44.54 46.45
CA GLU D 734 14.73 44.53 45.12
C GLU D 734 13.21 44.69 45.04
N ASP D 735 12.56 44.85 46.19
CA ASP D 735 11.10 45.04 46.18
C ASP D 735 10.36 43.78 45.72
N LEU D 736 11.11 42.72 45.48
CA LEU D 736 10.52 41.40 45.25
C LEU D 736 9.90 40.83 46.54
N GLY D 737 10.49 41.10 47.70
CA GLY D 737 9.80 40.78 48.94
C GLY D 737 9.52 39.30 49.09
N PHE D 738 10.31 38.64 49.93
CA PHE D 738 10.10 37.20 50.14
C PHE D 738 9.36 36.88 51.44
N LEU D 739 9.51 35.65 51.93
CA LEU D 739 8.81 35.22 53.15
C LEU D 739 9.70 34.67 54.29
N ALA D 740 9.79 33.34 54.41
CA ALA D 740 10.59 32.68 55.45
C ALA D 740 11.93 33.36 55.65
N ALA E 1 80.10 -22.27 -28.57
CA ALA E 1 81.01 -23.03 -27.72
C ALA E 1 80.59 -22.98 -26.24
N LEU E 2 79.44 -22.37 -25.97
CA LEU E 2 78.85 -22.41 -24.62
C LEU E 2 77.34 -22.67 -24.64
N TYR E 3 76.93 -23.74 -23.96
CA TYR E 3 75.53 -24.12 -23.96
C TYR E 3 74.96 -24.21 -22.55
N THR E 4 73.77 -23.66 -22.36
CA THR E 4 73.17 -23.59 -21.04
C THR E 4 71.73 -24.11 -20.99
N LEU E 5 71.43 -24.86 -19.93
CA LEU E 5 70.07 -25.28 -19.66
C LEU E 5 69.62 -24.68 -18.33
N ILE E 6 68.40 -24.15 -18.31
CA ILE E 6 67.85 -23.55 -17.10
C ILE E 6 66.38 -23.92 -16.94
N THR E 7 66.05 -24.57 -15.82
CA THR E 7 64.69 -24.98 -15.56
C THR E 7 64.28 -24.64 -14.13
N PRO E 8 62.98 -24.51 -13.88
CA PRO E 8 62.48 -24.40 -12.51
C PRO E 8 63.15 -25.44 -11.63
N ALA E 9 63.60 -25.05 -10.44
CA ALA E 9 64.30 -25.96 -9.53
C ALA E 9 63.43 -27.13 -9.11
N VAL E 10 62.12 -26.96 -9.26
CA VAL E 10 61.14 -28.00 -8.94
C VAL E 10 60.06 -28.04 -10.01
N LEU E 11 59.83 -29.21 -10.58
CA LEU E 11 58.83 -29.37 -11.63
C LEU E 11 57.52 -29.92 -11.05
N ARG E 12 56.41 -29.31 -11.45
CA ARG E 12 55.10 -29.75 -11.00
C ARG E 12 54.52 -30.78 -11.95
N THR E 13 53.38 -31.38 -11.60
CA THR E 13 53.09 -32.63 -12.28
C THR E 13 53.15 -32.82 -13.84
N ASP E 14 52.12 -32.98 -14.71
CA ASP E 14 50.69 -32.62 -14.73
C ASP E 14 50.29 -31.13 -14.83
N THR E 15 51.24 -30.25 -15.15
CA THR E 15 50.94 -28.93 -15.75
C THR E 15 52.07 -28.47 -16.68
N GLU E 16 51.90 -27.33 -17.35
CA GLU E 16 52.92 -26.82 -18.28
C GLU E 16 54.12 -26.20 -17.56
N GLU E 17 55.33 -26.67 -17.88
CA GLU E 17 56.55 -26.11 -17.33
C GLU E 17 57.49 -25.65 -18.44
N GLN E 18 57.73 -24.35 -18.54
CA GLN E 18 58.65 -23.83 -19.54
C GLN E 18 60.11 -24.02 -19.11
N ILE E 19 60.96 -24.41 -20.07
CA ILE E 19 62.39 -24.51 -19.80
C ILE E 19 63.18 -23.56 -20.70
N LEU E 20 64.50 -23.51 -20.51
CA LEU E 20 65.32 -22.59 -21.28
C LEU E 20 66.60 -23.23 -21.82
N VAL E 21 66.75 -23.14 -23.14
CA VAL E 21 67.94 -23.66 -23.82
C VAL E 21 68.65 -22.53 -24.54
N GLU E 22 69.94 -22.39 -24.34
CA GLU E 22 70.68 -21.28 -24.93
C GLU E 22 71.99 -21.68 -25.63
N ALA E 23 72.26 -21.02 -26.74
CA ALA E 23 73.51 -21.21 -27.48
C ALA E 23 74.30 -19.90 -27.56
N HIS E 24 75.44 -19.87 -26.86
CA HIS E 24 76.31 -18.71 -26.86
C HIS E 24 77.55 -18.95 -27.71
N GLY E 25 77.99 -17.92 -28.41
CA GLY E 25 79.13 -18.05 -29.30
C GLY E 25 78.83 -18.99 -30.44
N ASP E 26 77.54 -19.12 -30.78
CA ASP E 26 77.10 -19.99 -31.85
C ASP E 26 75.96 -19.31 -32.62
N SER E 27 75.77 -19.72 -33.87
CA SER E 27 74.72 -19.16 -34.71
C SER E 27 74.32 -20.13 -35.82
N THR E 28 74.85 -21.35 -35.74
CA THR E 28 74.51 -22.42 -36.67
C THR E 28 73.17 -23.06 -36.29
N PRO E 29 72.13 -22.85 -37.13
CA PRO E 29 70.82 -23.44 -36.84
C PRO E 29 70.95 -24.91 -36.43
N LYS E 30 70.28 -25.29 -35.35
CA LYS E 30 70.38 -26.65 -34.85
C LYS E 30 69.03 -27.37 -34.85
N GLN E 31 69.03 -28.56 -34.25
CA GLN E 31 67.82 -29.33 -34.00
C GLN E 31 67.97 -30.08 -32.68
N LEU E 32 67.47 -29.50 -31.60
CA LEU E 32 67.66 -30.08 -30.29
C LEU E 32 66.51 -31.00 -29.90
N ASP E 33 66.85 -32.09 -29.24
CA ASP E 33 65.87 -33.03 -28.71
C ASP E 33 65.77 -32.88 -27.20
N ILE E 34 64.54 -32.90 -26.69
CA ILE E 34 64.30 -32.71 -25.26
C ILE E 34 63.63 -33.94 -24.67
N PHE E 35 64.39 -34.70 -23.89
CA PHE E 35 63.87 -35.92 -23.27
C PHE E 35 63.72 -35.75 -21.77
N VAL E 36 62.59 -36.22 -21.24
CA VAL E 36 62.40 -36.27 -19.80
C VAL E 36 62.20 -37.71 -19.36
N HIS E 37 63.15 -38.21 -18.57
CA HIS E 37 63.11 -39.57 -18.07
C HIS E 37 62.96 -39.56 -16.57
N ASP E 38 62.49 -40.66 -16.00
CA ASP E 38 62.50 -40.81 -14.56
C ASP E 38 63.96 -40.86 -14.13
N PHE E 39 64.20 -40.88 -12.82
CA PHE E 39 65.55 -40.99 -12.31
C PHE E 39 65.53 -41.91 -11.11
N PRO E 40 66.57 -42.74 -10.97
CA PRO E 40 67.76 -42.82 -11.84
C PRO E 40 67.65 -43.75 -13.05
N ARG E 41 66.88 -44.83 -12.94
CA ARG E 41 66.95 -45.92 -13.92
C ARG E 41 66.49 -45.61 -15.35
N LYS E 42 65.99 -44.39 -15.58
CA LYS E 42 65.55 -43.99 -16.92
C LYS E 42 64.75 -45.08 -17.62
N GLN E 43 63.72 -45.58 -16.94
CA GLN E 43 62.95 -46.72 -17.42
C GLN E 43 61.97 -46.36 -18.53
N LYS E 44 61.78 -45.07 -18.78
CA LYS E 44 60.76 -44.66 -19.75
C LYS E 44 60.88 -43.19 -20.14
N THR E 45 60.11 -42.79 -21.16
CA THR E 45 60.17 -41.44 -21.70
C THR E 45 58.91 -40.65 -21.36
N LEU E 46 58.98 -39.89 -20.27
CA LEU E 46 57.85 -39.17 -19.69
C LEU E 46 57.32 -38.08 -20.63
N PHE E 47 58.23 -37.41 -21.30
CA PHE E 47 57.87 -36.39 -22.27
C PHE E 47 59.00 -36.28 -23.24
N GLN E 48 58.69 -35.89 -24.47
CA GLN E 48 59.69 -35.81 -25.52
C GLN E 48 59.25 -34.87 -26.64
N THR E 49 60.21 -34.15 -27.21
CA THR E 49 59.91 -33.26 -28.33
C THR E 49 61.19 -32.85 -29.06
N ARG E 50 61.02 -32.32 -30.27
CA ARG E 50 62.14 -31.84 -31.07
C ARG E 50 61.94 -30.35 -31.31
N VAL E 51 63.00 -29.57 -31.18
CA VAL E 51 62.88 -28.11 -31.26
C VAL E 51 63.92 -27.49 -32.19
N ASP E 52 63.52 -26.39 -32.84
CA ASP E 52 64.39 -25.67 -33.77
C ASP E 52 64.98 -24.40 -33.16
N MET E 53 66.31 -24.34 -33.08
CA MET E 53 67.01 -23.19 -32.55
C MET E 53 67.83 -22.48 -33.62
N ASN E 54 67.39 -21.29 -34.03
CA ASN E 54 68.05 -20.56 -35.11
C ASN E 54 68.23 -19.08 -34.80
N PRO E 55 69.08 -18.37 -35.58
CA PRO E 55 69.38 -16.95 -35.35
C PRO E 55 68.14 -16.05 -35.31
N ALA E 56 67.04 -16.49 -35.93
CA ALA E 56 65.80 -15.71 -35.89
C ALA E 56 65.29 -15.59 -34.45
N GLY E 57 65.32 -16.71 -33.72
CA GLY E 57 64.93 -16.74 -32.33
C GLY E 57 66.11 -16.52 -31.40
N GLY E 58 67.14 -15.85 -31.90
CA GLY E 58 68.30 -15.49 -31.11
C GLY E 58 69.06 -16.63 -30.47
N MET E 59 69.01 -17.81 -31.08
CA MET E 59 69.70 -18.98 -30.56
C MET E 59 69.28 -19.24 -29.12
N LEU E 60 67.99 -19.53 -28.95
CA LEU E 60 67.38 -19.56 -27.64
C LEU E 60 65.92 -19.99 -27.78
N VAL E 61 65.58 -21.12 -27.20
CA VAL E 61 64.22 -21.65 -27.32
C VAL E 61 63.54 -21.90 -25.97
N THR E 62 62.23 -21.72 -25.94
CA THR E 62 61.44 -21.96 -24.75
C THR E 62 60.39 -23.05 -24.98
N PRO E 63 60.81 -24.31 -24.90
CA PRO E 63 59.91 -25.46 -25.02
C PRO E 63 59.05 -25.64 -23.78
N THR E 64 57.87 -26.21 -23.96
CA THR E 64 56.99 -26.52 -22.84
C THR E 64 56.97 -28.03 -22.61
N ILE E 65 57.47 -28.46 -21.46
CA ILE E 65 57.42 -29.87 -21.09
C ILE E 65 56.23 -30.12 -20.16
N GLU E 66 55.82 -31.39 -20.06
CA GLU E 66 54.69 -31.76 -19.21
C GLU E 66 54.82 -33.19 -18.73
N ILE E 67 54.93 -33.36 -17.41
CA ILE E 67 55.20 -34.68 -16.83
C ILE E 67 53.96 -35.33 -16.22
N PRO E 68 53.30 -36.21 -16.97
CA PRO E 68 52.07 -36.85 -16.47
C PRO E 68 52.31 -37.61 -15.16
N ALA E 69 51.32 -37.61 -14.27
CA ALA E 69 51.45 -38.30 -12.99
C ALA E 69 51.07 -39.77 -13.10
N LYS E 70 50.42 -40.14 -14.20
CA LYS E 70 50.10 -41.54 -14.45
C LYS E 70 51.39 -42.33 -14.58
N GLU E 71 52.41 -41.67 -15.15
CA GLU E 71 53.61 -42.33 -15.64
C GLU E 71 54.73 -42.45 -14.61
N VAL E 72 54.64 -41.68 -13.53
CA VAL E 72 55.69 -41.70 -12.52
C VAL E 72 55.14 -41.91 -11.11
N SER E 73 53.93 -42.43 -11.02
CA SER E 73 53.36 -42.83 -9.74
C SER E 73 54.18 -43.98 -9.16
N THR E 74 54.60 -43.80 -7.90
CA THR E 74 55.29 -44.82 -7.13
C THR E 74 55.19 -44.33 -5.67
N ASP E 75 54.21 -44.87 -4.92
CA ASP E 75 53.86 -44.50 -3.52
C ASP E 75 55.06 -44.62 -2.59
N SER E 76 56.15 -43.94 -2.95
CA SER E 76 57.42 -44.07 -2.24
C SER E 76 57.56 -43.15 -1.03
N ARG E 77 57.51 -41.85 -1.27
CA ARG E 77 58.08 -40.88 -0.34
C ARG E 77 59.54 -41.26 -0.08
N GLN E 78 60.25 -40.50 0.74
CA GLN E 78 61.71 -40.39 0.59
C GLN E 78 61.87 -39.53 -0.67
N ASN E 79 61.12 -39.91 -1.71
CA ASN E 79 60.67 -39.05 -2.84
C ASN E 79 60.96 -39.51 -4.28
N GLN E 80 61.14 -38.56 -5.20
CA GLN E 80 61.21 -38.86 -6.63
C GLN E 80 61.92 -37.73 -7.35
N TYR E 81 62.75 -38.08 -8.33
CA TYR E 81 63.37 -37.09 -9.20
C TYR E 81 63.11 -37.49 -10.65
N VAL E 82 63.27 -36.54 -11.56
CA VAL E 82 63.27 -36.84 -12.99
C VAL E 82 64.51 -36.22 -13.62
N VAL E 83 64.84 -36.63 -14.84
CA VAL E 83 66.00 -36.06 -15.51
C VAL E 83 65.68 -35.45 -16.87
N VAL E 84 66.02 -34.18 -17.03
CA VAL E 84 65.84 -33.48 -18.29
C VAL E 84 67.12 -33.62 -19.09
N GLN E 85 66.99 -33.95 -20.38
CA GLN E 85 68.16 -34.03 -21.25
C GLN E 85 67.97 -33.18 -22.50
N VAL E 86 69.03 -32.51 -22.90
CA VAL E 86 69.03 -31.80 -24.16
C VAL E 86 70.18 -32.32 -25.00
N THR E 87 69.86 -32.83 -26.18
CA THR E 87 70.88 -33.35 -27.09
C THR E 87 70.75 -32.73 -28.46
N GLY E 88 71.89 -32.51 -29.11
CA GLY E 88 71.93 -32.00 -30.47
C GLY E 88 73.33 -32.03 -31.01
N PRO E 89 73.56 -31.36 -32.15
CA PRO E 89 74.93 -31.22 -32.67
C PRO E 89 75.81 -30.48 -31.65
N GLN E 90 76.74 -31.19 -31.02
CA GLN E 90 77.70 -30.55 -30.11
C GLN E 90 77.08 -30.12 -28.78
N VAL E 91 75.77 -30.28 -28.64
CA VAL E 91 75.08 -29.90 -27.42
C VAL E 91 74.62 -31.12 -26.62
N ARG E 92 75.29 -31.36 -25.50
CA ARG E 92 74.87 -32.41 -24.58
C ARG E 92 74.75 -31.85 -23.18
N LEU E 93 73.51 -31.53 -22.80
CA LEU E 93 73.21 -30.98 -21.48
C LEU E 93 72.15 -31.84 -20.80
N GLU E 94 72.23 -31.94 -19.49
CA GLU E 94 71.22 -32.65 -18.72
C GLU E 94 71.20 -32.21 -17.27
N LYS E 95 70.00 -32.16 -16.69
CA LYS E 95 69.83 -31.73 -15.32
C LYS E 95 68.90 -32.67 -14.55
N VAL E 96 69.37 -33.17 -13.42
CA VAL E 96 68.50 -33.91 -12.51
C VAL E 96 67.67 -32.91 -11.72
N VAL E 97 66.35 -32.99 -11.86
CA VAL E 97 65.45 -32.01 -11.24
C VAL E 97 64.48 -32.65 -10.25
N LEU E 98 64.22 -31.95 -9.15
CA LEU E 98 63.30 -32.45 -8.12
C LEU E 98 61.84 -32.41 -8.56
N LEU E 99 61.09 -33.46 -8.22
CA LEU E 99 59.72 -33.61 -8.67
C LEU E 99 58.70 -33.38 -7.57
N SER E 100 57.67 -32.58 -7.87
CA SER E 100 56.60 -32.31 -6.93
C SER E 100 55.27 -32.75 -7.50
N TYR E 101 54.41 -33.32 -6.67
CA TYR E 101 53.13 -33.85 -7.14
C TYR E 101 51.98 -32.85 -7.06
N GLN E 102 52.22 -31.70 -6.43
CA GLN E 102 51.19 -30.66 -6.34
C GLN E 102 50.99 -29.95 -7.68
N SER E 103 50.14 -30.53 -8.52
CA SER E 103 49.88 -30.03 -9.86
C SER E 103 49.46 -28.57 -9.86
N SER E 104 48.90 -28.13 -8.74
CA SER E 104 48.43 -26.76 -8.62
C SER E 104 47.86 -26.54 -7.22
N PHE E 105 47.46 -25.31 -6.95
CA PHE E 105 46.98 -24.94 -5.63
C PHE E 105 45.47 -25.16 -5.48
N LEU E 106 45.11 -25.97 -4.48
CA LEU E 106 43.72 -26.28 -4.19
C LEU E 106 43.24 -25.49 -2.98
N PHE E 107 41.96 -25.13 -2.98
CA PHE E 107 41.37 -24.43 -1.85
C PHE E 107 39.96 -24.93 -1.56
N ILE E 108 39.62 -25.05 -0.28
CA ILE E 108 38.34 -25.62 0.12
C ILE E 108 37.37 -24.61 0.71
N GLN E 109 36.13 -24.66 0.25
CA GLN E 109 35.06 -23.82 0.80
C GLN E 109 33.98 -24.70 1.40
N THR E 110 33.63 -24.44 2.66
CA THR E 110 32.49 -25.07 3.30
C THR E 110 31.40 -24.03 3.48
N ASP E 111 30.14 -24.46 3.43
CA ASP E 111 29.04 -23.50 3.55
C ASP E 111 29.07 -22.68 4.84
N LYS E 112 29.17 -23.36 5.97
CA LYS E 112 29.30 -22.69 7.27
C LYS E 112 30.65 -23.05 7.88
N GLY E 113 31.05 -22.33 8.92
CA GLY E 113 32.28 -22.62 9.64
C GLY E 113 32.04 -23.40 10.91
N ILE E 114 30.77 -23.51 11.32
CA ILE E 114 30.41 -24.23 12.53
C ILE E 114 29.15 -25.08 12.29
N TYR E 115 29.18 -26.34 12.75
CA TYR E 115 28.08 -27.26 12.47
C TYR E 115 27.48 -27.94 13.71
N THR E 116 26.24 -28.38 13.57
CA THR E 116 25.53 -29.13 14.60
C THR E 116 25.61 -30.62 14.29
N PRO E 117 25.70 -31.47 15.34
CA PRO E 117 25.65 -32.90 15.06
C PRO E 117 24.41 -33.22 14.25
N GLY E 118 24.53 -34.15 13.29
CA GLY E 118 23.40 -34.59 12.51
C GLY E 118 23.00 -33.67 11.37
N SER E 119 23.93 -32.86 10.89
CA SER E 119 23.67 -32.02 9.72
C SER E 119 24.74 -32.24 8.65
N PRO E 120 24.42 -31.86 7.41
CA PRO E 120 25.35 -32.00 6.28
C PRO E 120 26.40 -30.90 6.26
N VAL E 121 27.64 -31.29 5.96
CA VAL E 121 28.69 -30.33 5.66
C VAL E 121 28.86 -30.23 4.16
N LEU E 122 28.43 -29.12 3.58
CA LEU E 122 28.60 -28.90 2.14
C LEU E 122 29.96 -28.28 1.86
N TYR E 123 30.61 -28.71 0.77
CA TYR E 123 31.93 -28.19 0.45
C TYR E 123 32.23 -28.19 -1.05
N ARG E 124 33.19 -27.35 -1.44
CA ARG E 124 33.68 -27.30 -2.81
C ARG E 124 35.19 -27.34 -2.76
N VAL E 125 35.80 -27.78 -3.85
CA VAL E 125 37.24 -27.65 -4.02
C VAL E 125 37.52 -26.81 -5.26
N PHE E 126 38.44 -25.86 -5.11
CA PHE E 126 38.82 -25.02 -6.23
C PHE E 126 40.27 -25.27 -6.62
N SER E 127 40.55 -25.13 -7.90
CA SER E 127 41.92 -25.22 -8.39
C SER E 127 42.28 -23.91 -9.08
N MET E 128 43.51 -23.46 -8.90
CA MET E 128 44.01 -22.29 -9.61
C MET E 128 44.17 -22.54 -11.11
N ASP E 129 44.36 -23.80 -11.47
CA ASP E 129 44.54 -24.19 -12.87
C ASP E 129 43.50 -25.21 -13.34
N HIS E 130 43.64 -25.65 -14.58
CA HIS E 130 42.71 -26.61 -15.18
C HIS E 130 43.26 -27.15 -16.49
N THR E 138 42.24 -37.89 -10.10
CA THR E 138 42.66 -36.51 -9.91
C THR E 138 42.86 -36.15 -8.43
N VAL E 139 41.81 -35.61 -7.80
CA VAL E 139 41.92 -35.08 -6.44
C VAL E 139 41.33 -35.98 -5.35
N ILE E 140 42.00 -36.00 -4.19
CA ILE E 140 41.53 -36.76 -3.03
C ILE E 140 41.05 -35.81 -1.92
N VAL E 141 39.88 -36.09 -1.36
CA VAL E 141 39.37 -35.30 -0.23
C VAL E 141 39.13 -36.18 0.98
N GLU E 142 39.70 -35.78 2.12
CA GLU E 142 39.63 -36.59 3.33
C GLU E 142 39.03 -35.82 4.51
N PHE E 143 38.29 -36.52 5.36
CA PHE E 143 37.72 -35.94 6.56
C PHE E 143 38.38 -36.54 7.80
N GLN E 144 38.82 -35.69 8.71
CA GLN E 144 39.41 -36.15 9.96
C GLN E 144 38.67 -35.67 11.19
N THR E 145 38.41 -36.59 12.11
CA THR E 145 37.80 -36.27 13.40
C THR E 145 38.77 -35.44 14.24
N PRO E 146 38.25 -34.78 15.28
CA PRO E 146 39.12 -33.95 16.12
C PRO E 146 40.17 -34.78 16.84
N GLU E 147 40.01 -36.10 16.81
CA GLU E 147 40.96 -37.02 17.42
C GLU E 147 41.95 -37.53 16.38
N GLY E 148 41.91 -36.95 15.18
CA GLY E 148 42.85 -37.28 14.12
C GLY E 148 42.58 -38.55 13.35
N ILE E 149 41.39 -39.11 13.49
CA ILE E 149 41.02 -40.34 12.79
C ILE E 149 40.43 -40.05 11.42
N LEU E 150 40.90 -40.77 10.40
CA LEU E 150 40.40 -40.61 9.04
C LEU E 150 39.07 -41.36 8.91
N VAL E 151 38.02 -40.65 8.51
CA VAL E 151 36.69 -41.25 8.44
C VAL E 151 36.03 -41.18 7.07
N SER E 152 36.68 -40.47 6.14
CA SER E 152 36.17 -40.40 4.78
C SER E 152 37.31 -40.15 3.80
N SER E 153 37.34 -40.94 2.74
CA SER E 153 38.35 -40.79 1.70
C SER E 153 37.71 -41.01 0.35
N ASN E 154 37.79 -40.00 -0.52
CA ASN E 154 37.16 -40.08 -1.83
C ASN E 154 37.96 -39.42 -2.94
N SER E 155 37.93 -40.02 -4.12
CA SER E 155 38.44 -39.36 -5.32
C SER E 155 37.30 -38.54 -5.91
N VAL E 156 37.48 -37.22 -5.93
CA VAL E 156 36.42 -36.32 -6.34
C VAL E 156 36.64 -35.70 -7.72
N ASP E 157 35.54 -35.46 -8.43
CA ASP E 157 35.56 -34.71 -9.68
C ASP E 157 35.40 -33.23 -9.36
N LEU E 158 36.19 -32.39 -10.03
CA LEU E 158 36.31 -30.98 -9.63
C LEU E 158 35.05 -30.11 -9.78
N ASN E 159 33.97 -30.67 -10.36
CA ASN E 159 32.69 -29.95 -10.45
C ASN E 159 31.49 -30.74 -9.91
N PHE E 160 31.70 -31.56 -8.89
CA PHE E 160 30.63 -32.28 -8.21
C PHE E 160 31.19 -33.02 -7.00
N PHE E 161 30.68 -32.67 -5.81
CA PHE E 161 31.16 -33.22 -4.55
C PHE E 161 30.02 -33.82 -3.72
N TRP E 162 30.32 -34.87 -2.97
CA TRP E 162 29.30 -35.46 -2.11
C TRP E 162 29.31 -34.86 -0.70
N PRO E 163 28.17 -34.30 -0.30
CA PRO E 163 28.11 -33.64 1.01
C PRO E 163 28.48 -34.64 2.10
N TYR E 164 29.21 -34.18 3.11
CA TYR E 164 29.48 -35.04 4.26
C TYR E 164 28.40 -34.91 5.34
N ASN E 165 27.98 -36.04 5.88
CA ASN E 165 26.90 -36.05 6.85
C ASN E 165 27.37 -36.45 8.25
N LEU E 166 27.31 -35.51 9.18
CA LEU E 166 27.67 -35.78 10.55
C LEU E 166 26.59 -36.61 11.24
N PRO E 167 27.01 -37.69 11.92
CA PRO E 167 26.07 -38.56 12.65
C PRO E 167 25.43 -37.81 13.81
N ASP E 168 24.26 -38.25 14.26
CA ASP E 168 23.62 -37.65 15.42
C ASP E 168 24.48 -37.82 16.67
N LEU E 169 25.19 -38.93 16.73
CA LEU E 169 26.20 -39.14 17.76
C LEU E 169 27.58 -38.90 17.17
N VAL E 170 27.88 -37.65 16.84
CA VAL E 170 29.16 -37.29 16.27
C VAL E 170 30.15 -36.95 17.37
N SER E 171 31.43 -36.83 17.00
CA SER E 171 32.45 -36.41 17.94
C SER E 171 32.63 -34.90 17.88
N LEU E 172 32.55 -34.24 19.02
CA LEU E 172 32.62 -32.78 19.07
C LEU E 172 34.07 -32.30 19.07
N GLY E 173 34.27 -31.05 18.64
CA GLY E 173 35.59 -30.49 18.50
C GLY E 173 35.84 -29.93 17.11
N THR E 174 37.09 -29.66 16.79
CA THR E 174 37.46 -29.10 15.48
C THR E 174 37.80 -30.17 14.45
N TRP E 175 37.06 -30.18 13.35
CA TRP E 175 37.24 -31.16 12.29
C TRP E 175 38.08 -30.59 11.15
N ARG E 176 38.72 -31.50 10.39
CA ARG E 176 39.54 -31.11 9.25
C ARG E 176 39.01 -31.70 7.95
N ILE E 177 38.96 -30.88 6.90
CA ILE E 177 38.80 -31.39 5.54
C ILE E 177 40.13 -31.26 4.79
N VAL E 178 40.63 -32.37 4.27
CA VAL E 178 41.91 -32.37 3.57
C VAL E 178 41.78 -32.65 2.07
N ALA E 179 42.36 -31.77 1.26
CA ALA E 179 42.39 -31.96 -0.19
C ALA E 179 43.83 -32.09 -0.67
N LYS E 180 44.11 -33.15 -1.42
CA LYS E 180 45.46 -33.44 -1.88
C LYS E 180 45.42 -34.16 -3.22
N TYR E 181 46.52 -34.11 -3.96
CA TYR E 181 46.71 -34.96 -5.13
C TYR E 181 47.38 -36.23 -4.63
N GLU E 182 46.98 -37.39 -5.15
CA GLU E 182 47.52 -38.64 -4.61
C GLU E 182 49.03 -38.75 -4.77
N HIS E 183 49.68 -39.18 -3.69
CA HIS E 183 51.14 -39.29 -3.59
C HIS E 183 51.79 -38.03 -3.02
N SER E 184 51.07 -36.92 -3.06
CA SER E 184 51.60 -35.64 -2.59
C SER E 184 51.51 -35.48 -1.08
N PRO E 185 52.65 -35.33 -0.42
CA PRO E 185 52.71 -35.05 1.02
C PRO E 185 52.24 -33.63 1.33
N GLU E 186 51.97 -32.87 0.27
CA GLU E 186 51.45 -31.51 0.43
C GLU E 186 49.94 -31.47 0.28
N ASN E 187 49.28 -30.65 1.10
CA ASN E 187 47.84 -30.67 1.21
C ASN E 187 47.29 -29.30 1.62
N TYR E 188 46.16 -28.90 1.05
CA TYR E 188 45.42 -27.79 1.64
C TYR E 188 44.41 -28.34 2.65
N THR E 189 44.15 -27.56 3.70
CA THR E 189 43.41 -28.04 4.86
C THR E 189 42.42 -27.00 5.39
N ALA E 190 41.13 -27.33 5.31
CA ALA E 190 40.11 -26.48 5.91
C ALA E 190 39.68 -27.04 7.26
N TYR E 191 39.21 -26.15 8.14
CA TYR E 191 38.73 -26.58 9.43
C TYR E 191 37.25 -26.24 9.59
N PHE E 192 36.58 -26.96 10.49
CA PHE E 192 35.24 -26.60 10.89
C PHE E 192 34.90 -27.23 12.23
N ASP E 193 34.17 -26.50 13.07
CA ASP E 193 33.81 -26.99 14.39
C ASP E 193 32.45 -27.69 14.41
N VAL E 194 32.36 -28.76 15.19
CA VAL E 194 31.08 -29.39 15.46
C VAL E 194 30.74 -29.23 16.94
N ARG E 195 29.82 -28.32 17.24
CA ARG E 195 29.41 -28.04 18.61
C ARG E 195 27.91 -28.17 18.77
N LYS E 196 27.46 -28.63 19.93
CA LYS E 196 26.05 -28.50 20.30
C LYS E 196 25.85 -27.07 20.76
N TYR E 197 25.29 -26.24 19.90
CA TYR E 197 25.37 -24.80 20.08
C TYR E 197 24.24 -24.10 19.35
N VAL E 198 23.61 -23.13 20.02
CA VAL E 198 22.60 -22.30 19.37
C VAL E 198 23.19 -20.96 18.97
N LEU E 199 22.96 -20.57 17.72
CA LEU E 199 23.45 -19.29 17.22
C LEU E 199 22.74 -18.15 17.91
N PRO E 200 23.50 -17.24 18.52
CA PRO E 200 22.95 -16.13 19.29
C PRO E 200 22.27 -15.12 18.38
N SER E 201 21.39 -14.29 18.94
CA SER E 201 20.59 -13.38 18.14
C SER E 201 21.28 -12.05 17.86
N PHE E 202 22.50 -11.87 18.37
CA PHE E 202 23.24 -10.65 18.13
C PHE E 202 24.74 -10.85 18.01
N GLU E 203 25.40 -9.93 17.31
CA GLU E 203 26.84 -9.96 17.11
C GLU E 203 27.54 -9.05 18.10
N VAL E 204 28.73 -9.44 18.53
CA VAL E 204 29.55 -8.55 19.37
C VAL E 204 30.91 -8.28 18.74
N ARG E 205 31.13 -7.02 18.36
CA ARG E 205 32.37 -6.59 17.73
C ARG E 205 33.29 -5.90 18.74
N LEU E 206 34.59 -6.19 18.67
CA LEU E 206 35.53 -5.61 19.62
C LEU E 206 36.57 -4.72 18.96
N GLN E 207 36.81 -3.55 19.56
CA GLN E 207 37.80 -2.59 19.06
C GLN E 207 38.72 -2.12 20.18
N PRO E 208 40.01 -2.51 20.11
CA PRO E 208 41.01 -2.12 21.10
C PRO E 208 41.50 -0.67 20.95
N SER E 209 41.89 -0.08 22.08
CA SER E 209 42.39 1.29 22.10
C SER E 209 43.68 1.39 21.29
N GLU E 210 44.62 0.51 21.60
CA GLU E 210 45.91 0.48 20.92
C GLU E 210 46.17 -0.90 20.33
N LYS E 211 46.99 -0.94 19.29
CA LYS E 211 47.31 -2.20 18.62
C LYS E 211 48.33 -3.02 19.42
N PHE E 212 48.72 -2.51 20.59
CA PHE E 212 49.75 -3.15 21.40
C PHE E 212 49.66 -2.72 22.86
N PHE E 213 50.53 -3.27 23.68
CA PHE E 213 50.57 -2.94 25.10
C PHE E 213 52.02 -2.87 25.54
N TYR E 214 52.48 -1.69 25.95
CA TYR E 214 53.86 -1.54 26.41
C TYR E 214 54.11 -2.37 27.66
N ILE E 215 55.01 -3.33 27.54
CA ILE E 215 55.35 -4.23 28.62
C ILE E 215 55.70 -3.43 29.88
N ASP E 216 56.31 -2.27 29.69
CA ASP E 216 56.83 -1.46 30.79
C ASP E 216 56.23 -0.05 30.81
N GLY E 217 55.04 0.10 30.26
CA GLY E 217 54.43 1.41 30.11
C GLY E 217 53.65 1.90 31.31
N ASN E 218 53.00 3.05 31.14
CA ASN E 218 52.23 3.67 32.20
C ASN E 218 50.75 3.75 31.85
N GLU E 219 50.44 3.55 30.57
CA GLU E 219 49.09 3.78 30.06
C GLU E 219 48.14 2.61 30.30
N ASN E 220 46.85 2.93 30.35
CA ASN E 220 45.82 1.90 30.50
C ASN E 220 45.46 1.27 29.16
N PHE E 221 44.57 0.30 29.18
CA PHE E 221 44.13 -0.35 27.95
C PHE E 221 42.60 -0.46 27.87
N HIS E 222 42.04 0.10 26.80
CA HIS E 222 40.58 0.10 26.64
C HIS E 222 40.16 -0.86 25.53
N VAL E 223 38.99 -1.45 25.72
CA VAL E 223 38.36 -2.27 24.68
C VAL E 223 36.94 -1.77 24.46
N SER E 224 36.70 -1.12 23.32
CA SER E 224 35.36 -0.67 22.99
C SER E 224 34.51 -1.84 22.53
N ILE E 225 33.25 -1.84 22.96
CA ILE E 225 32.33 -2.93 22.64
C ILE E 225 31.12 -2.44 21.87
N THR E 226 30.73 -3.18 20.85
CA THR E 226 29.53 -2.87 20.09
C THR E 226 28.68 -4.12 19.97
N ALA E 227 27.39 -4.00 20.25
CA ALA E 227 26.48 -5.12 20.15
C ALA E 227 25.28 -4.77 19.29
N ARG E 228 25.02 -5.58 18.27
CA ARG E 228 23.87 -5.37 17.39
C ARG E 228 23.11 -6.66 17.14
N TYR E 229 21.79 -6.59 17.22
CA TYR E 229 20.96 -7.68 16.78
C TYR E 229 21.29 -7.90 15.32
N LEU E 230 21.20 -9.14 14.86
CA LEU E 230 21.66 -9.48 13.52
C LEU E 230 20.84 -8.85 12.40
N TYR E 231 19.71 -8.23 12.75
CA TYR E 231 18.89 -7.55 11.75
C TYR E 231 19.15 -6.04 11.67
N GLY E 232 20.06 -5.52 12.50
CA GLY E 232 20.45 -4.13 12.40
C GLY E 232 20.44 -3.29 13.67
N GLU E 233 19.33 -3.32 14.41
CA GLU E 233 19.16 -2.42 15.55
C GLU E 233 20.08 -2.74 16.72
N GLU E 234 20.17 -1.81 17.67
CA GLU E 234 21.18 -1.89 18.72
C GLU E 234 20.75 -2.69 19.94
N VAL E 235 21.64 -3.56 20.39
CA VAL E 235 21.42 -4.34 21.60
C VAL E 235 21.54 -3.45 22.82
N GLU E 236 20.75 -3.74 23.85
CA GLU E 236 20.86 -3.05 25.11
C GLU E 236 20.93 -4.07 26.24
N GLY E 237 21.99 -4.00 27.03
CA GLY E 237 22.16 -4.93 28.12
C GLY E 237 23.31 -4.63 29.06
N VAL E 238 24.13 -5.65 29.30
CA VAL E 238 25.22 -5.58 30.25
C VAL E 238 26.37 -6.48 29.77
N ALA E 239 27.61 -6.04 29.97
CA ALA E 239 28.77 -6.82 29.55
C ALA E 239 29.72 -7.10 30.72
N PHE E 240 30.33 -8.28 30.72
CA PHE E 240 31.35 -8.61 31.69
C PHE E 240 32.69 -8.80 30.98
N VAL E 241 33.69 -8.03 31.37
CA VAL E 241 35.01 -8.16 30.75
C VAL E 241 36.06 -8.62 31.74
N LEU E 242 36.83 -9.63 31.35
CA LEU E 242 37.91 -10.14 32.18
C LEU E 242 39.18 -10.23 31.36
N PHE E 243 40.22 -9.55 31.82
CA PHE E 243 41.48 -9.51 31.10
C PHE E 243 42.43 -10.59 31.59
N GLY E 244 43.43 -10.89 30.77
CA GLY E 244 44.44 -11.87 31.12
C GLY E 244 45.62 -11.84 30.16
N VAL E 245 46.61 -12.67 30.45
CA VAL E 245 47.81 -12.75 29.61
C VAL E 245 47.95 -14.16 29.06
N LYS E 246 48.11 -14.26 27.74
CA LYS E 246 48.16 -15.55 27.09
C LYS E 246 49.60 -15.97 26.83
N ILE E 247 50.06 -16.93 27.62
CA ILE E 247 51.43 -17.44 27.54
C ILE E 247 51.45 -18.78 26.79
N ASP E 248 51.72 -18.71 25.49
CA ASP E 248 51.63 -19.89 24.62
C ASP E 248 50.15 -20.17 24.33
N ASP E 249 49.55 -21.04 25.13
CA ASP E 249 48.11 -21.22 25.09
C ASP E 249 47.55 -21.29 26.52
N ALA E 250 48.45 -21.30 27.49
CA ALA E 250 48.07 -21.23 28.88
C ALA E 250 47.65 -19.80 29.22
N LYS E 251 46.36 -19.62 29.51
CA LYS E 251 45.85 -18.31 29.89
C LYS E 251 46.04 -18.07 31.38
N LYS E 252 46.52 -16.89 31.74
CA LYS E 252 46.60 -16.48 33.14
C LYS E 252 45.81 -15.19 33.34
N SER E 253 44.72 -15.27 34.08
CA SER E 253 43.78 -14.16 34.17
C SER E 253 44.19 -13.14 35.22
N ILE E 254 43.71 -11.92 35.04
CA ILE E 254 43.86 -10.86 36.01
C ILE E 254 42.53 -10.70 36.72
N PRO E 255 42.27 -11.56 37.72
CA PRO E 255 40.97 -11.62 38.43
C PRO E 255 40.46 -10.26 38.83
N ASP E 256 41.31 -9.41 39.40
CA ASP E 256 40.88 -8.11 39.89
C ASP E 256 40.47 -7.13 38.78
N SER E 257 40.55 -7.58 37.53
CA SER E 257 40.23 -6.72 36.39
C SER E 257 38.78 -6.87 35.95
N LEU E 258 38.13 -7.92 36.43
CA LEU E 258 36.74 -8.22 36.08
C LEU E 258 35.81 -7.04 36.31
N THR E 259 35.25 -6.51 35.23
CA THR E 259 34.42 -5.31 35.28
C THR E 259 33.03 -5.57 34.72
N ARG E 260 32.00 -5.04 35.37
CA ARG E 260 30.65 -5.08 34.82
C ARG E 260 30.31 -3.74 34.19
N ILE E 261 29.81 -3.80 32.96
CA ILE E 261 29.68 -2.63 32.11
C ILE E 261 28.34 -2.57 31.40
N PRO E 262 27.69 -1.40 31.43
CA PRO E 262 26.41 -1.26 30.72
C PRO E 262 26.60 -1.14 29.21
N ILE E 263 25.77 -1.85 28.46
CA ILE E 263 25.66 -1.63 27.03
C ILE E 263 24.47 -0.71 26.79
N ILE E 264 24.75 0.51 26.35
CA ILE E 264 23.72 1.49 26.07
C ILE E 264 23.78 1.86 24.61
N ASP E 265 22.68 1.67 23.89
CA ASP E 265 22.66 1.92 22.45
C ASP E 265 23.74 1.12 21.75
N GLY E 266 23.94 -0.11 22.19
CA GLY E 266 24.88 -1.02 21.55
C GLY E 266 26.34 -0.80 21.89
N ASP E 267 26.64 0.24 22.67
CA ASP E 267 28.03 0.59 22.95
C ASP E 267 28.42 0.46 24.41
N GLY E 268 29.64 0.00 24.65
CA GLY E 268 30.21 -0.09 25.98
C GLY E 268 31.71 0.09 25.91
N LYS E 269 32.33 0.42 27.04
CA LYS E 269 33.77 0.64 27.05
C LYS E 269 34.41 0.09 28.33
N ALA E 270 35.13 -1.02 28.20
CA ALA E 270 35.80 -1.67 29.34
C ALA E 270 37.28 -1.31 29.46
N THR E 271 37.74 -1.13 30.69
CA THR E 271 39.10 -0.65 30.95
C THR E 271 39.94 -1.60 31.79
N LEU E 272 41.22 -1.70 31.45
CA LEU E 272 42.18 -2.41 32.28
C LEU E 272 43.19 -1.41 32.83
N LYS E 273 43.23 -1.26 34.15
CA LYS E 273 44.13 -0.31 34.79
C LYS E 273 45.55 -0.85 34.78
N ARG E 274 46.51 0.02 34.42
CA ARG E 274 47.91 -0.37 34.51
C ARG E 274 48.26 -0.78 35.93
N ASP E 275 47.60 -0.16 36.90
CA ASP E 275 47.73 -0.53 38.31
C ASP E 275 47.43 -2.00 38.52
N THR E 276 46.23 -2.41 38.14
CA THR E 276 45.77 -3.79 38.34
C THR E 276 46.70 -4.76 37.62
N PHE E 277 47.26 -4.30 36.50
CA PHE E 277 48.14 -5.14 35.70
C PHE E 277 49.50 -5.33 36.38
N ARG E 278 50.09 -4.22 36.84
CA ARG E 278 51.35 -4.28 37.57
C ARG E 278 51.25 -5.17 38.81
N SER E 279 50.15 -5.09 39.54
CA SER E 279 49.96 -5.86 40.77
C SER E 279 50.00 -7.36 40.55
N ARG E 280 49.51 -7.80 39.39
CA ARG E 280 49.39 -9.23 39.10
C ARG E 280 50.67 -9.77 38.45
N PHE E 281 51.29 -8.93 37.63
CA PHE E 281 52.52 -9.29 36.92
C PHE E 281 53.64 -8.29 37.19
N PRO E 282 54.20 -8.33 38.40
CA PRO E 282 55.21 -7.36 38.83
C PRO E 282 56.52 -7.59 38.10
N ASN E 283 56.95 -8.84 38.06
CA ASN E 283 58.15 -9.22 37.33
C ASN E 283 57.88 -9.13 35.83
N LEU E 284 58.53 -8.18 35.16
CA LEU E 284 58.33 -7.98 33.73
C LEU E 284 58.87 -9.13 32.90
N ASN E 285 59.86 -9.85 33.42
CA ASN E 285 60.42 -10.97 32.69
C ASN E 285 59.38 -12.01 32.30
N GLU E 286 58.41 -12.23 33.18
CA GLU E 286 57.38 -13.23 32.93
C GLU E 286 56.46 -12.83 31.77
N LEU E 287 56.61 -11.61 31.27
CA LEU E 287 55.70 -11.08 30.27
C LEU E 287 56.23 -11.04 28.84
N VAL E 288 57.52 -11.31 28.67
CA VAL E 288 58.15 -11.15 27.36
C VAL E 288 57.52 -12.01 26.26
N GLY E 289 57.27 -11.41 25.11
CA GLY E 289 56.78 -12.14 23.96
C GLY E 289 55.40 -12.74 24.10
N HIS E 290 54.67 -12.34 25.14
CA HIS E 290 53.33 -12.83 25.37
C HIS E 290 52.26 -11.82 24.97
N THR E 291 51.02 -12.28 24.87
CA THR E 291 49.93 -11.44 24.41
C THR E 291 48.93 -11.16 25.51
N LEU E 292 48.27 -10.02 25.40
CA LEU E 292 47.23 -9.62 26.34
C LEU E 292 45.85 -9.88 25.73
N TYR E 293 44.96 -10.53 26.48
CA TYR E 293 43.64 -10.83 25.95
C TYR E 293 42.53 -10.26 26.81
N ALA E 294 41.32 -10.24 26.26
CA ALA E 294 40.15 -9.75 26.98
C ALA E 294 38.96 -10.63 26.63
N SER E 295 38.29 -11.16 27.64
CA SER E 295 37.16 -12.05 27.39
C SER E 295 35.84 -11.37 27.73
N VAL E 296 35.22 -10.77 26.71
CA VAL E 296 33.95 -10.09 26.86
C VAL E 296 32.74 -11.04 26.84
N THR E 297 31.73 -10.70 27.63
CA THR E 297 30.55 -11.53 27.78
C THR E 297 29.33 -10.63 27.91
N VAL E 298 28.53 -10.56 26.84
CA VAL E 298 27.38 -9.65 26.80
C VAL E 298 26.04 -10.35 26.96
N MET E 299 25.16 -9.73 27.75
CA MET E 299 23.82 -10.24 28.00
C MET E 299 22.81 -9.18 27.61
N THR E 300 21.73 -9.59 26.96
CA THR E 300 20.62 -8.68 26.69
C THR E 300 19.96 -8.29 28.01
N GLU E 301 19.26 -7.16 28.02
CA GLU E 301 18.66 -6.66 29.26
C GLU E 301 17.51 -7.55 29.76
N SER E 302 16.96 -8.37 28.86
CA SER E 302 15.85 -9.25 29.18
C SER E 302 16.32 -10.59 29.74
N GLY E 303 17.61 -10.87 29.62
CA GLY E 303 18.16 -12.12 30.11
C GLY E 303 17.88 -13.23 29.11
N SER E 304 17.48 -12.83 27.91
CA SER E 304 17.04 -13.77 26.89
C SER E 304 18.19 -14.42 26.11
N ASP E 305 19.31 -13.71 26.01
CA ASP E 305 20.41 -14.19 25.17
C ASP E 305 21.77 -13.69 25.63
N MET E 306 22.81 -14.44 25.30
CA MET E 306 24.17 -14.15 25.75
C MET E 306 25.22 -14.50 24.69
N VAL E 307 26.19 -13.61 24.52
CA VAL E 307 27.27 -13.84 23.58
C VAL E 307 28.62 -13.76 24.25
N VAL E 308 29.52 -14.69 23.92
CA VAL E 308 30.88 -14.63 24.44
C VAL E 308 31.91 -14.50 23.32
N THR E 309 32.56 -13.35 23.25
CA THR E 309 33.62 -13.13 22.30
C THR E 309 34.95 -13.14 23.03
N GLU E 310 35.97 -12.66 22.36
CA GLU E 310 37.28 -12.51 22.97
C GLU E 310 38.16 -11.63 22.09
N GLN E 311 38.88 -10.71 22.73
CA GLN E 311 39.89 -9.94 22.05
C GLN E 311 41.23 -10.53 22.40
N SER E 312 41.87 -11.15 21.42
CA SER E 312 43.15 -11.81 21.64
C SER E 312 44.24 -11.22 20.78
N GLY E 313 45.47 -11.70 20.96
CA GLY E 313 46.58 -11.30 20.12
C GLY E 313 46.97 -9.84 20.19
N ILE E 314 46.88 -9.26 21.39
CA ILE E 314 47.43 -7.94 21.62
C ILE E 314 48.80 -8.12 22.25
N HIS E 315 49.84 -7.98 21.45
CA HIS E 315 51.19 -8.28 21.91
C HIS E 315 51.69 -7.33 22.98
N ILE E 316 52.36 -7.91 23.97
CA ILE E 316 53.03 -7.13 25.01
C ILE E 316 54.46 -6.91 24.55
N VAL E 317 54.79 -5.67 24.22
CA VAL E 317 56.03 -5.36 23.53
C VAL E 317 56.78 -4.18 24.12
N ALA E 318 57.98 -3.91 23.59
CA ALA E 318 58.76 -2.75 24.00
C ALA E 318 58.61 -1.61 23.00
N SER E 319 58.25 -1.97 21.77
CA SER E 319 58.04 -0.98 20.71
C SER E 319 56.82 -1.32 19.85
N PRO E 320 56.21 -0.30 19.23
CA PRO E 320 55.04 -0.44 18.36
C PRO E 320 55.34 -1.04 16.99
N TYR E 321 56.61 -1.23 16.65
CA TYR E 321 56.97 -1.70 15.32
C TYR E 321 58.03 -2.81 15.33
N GLN E 322 58.07 -3.57 14.25
CA GLN E 322 59.15 -4.52 14.01
C GLN E 322 59.82 -4.19 12.68
N ILE E 323 61.14 -4.38 12.63
CA ILE E 323 61.88 -4.17 11.40
C ILE E 323 62.32 -5.52 10.83
N HIS E 324 62.16 -5.69 9.52
CA HIS E 324 62.48 -6.95 8.87
C HIS E 324 63.34 -6.73 7.63
N PHE E 325 64.32 -7.61 7.44
CA PHE E 325 65.15 -7.57 6.25
C PHE E 325 64.84 -8.75 5.35
N THR E 326 63.58 -9.18 5.39
CA THR E 326 63.14 -10.34 4.63
C THR E 326 62.89 -9.99 3.17
N LYS E 327 62.92 -8.69 2.84
CA LYS E 327 62.59 -8.24 1.50
C LYS E 327 63.75 -7.58 0.76
N THR E 328 64.96 -7.66 1.31
CA THR E 328 66.16 -7.18 0.62
C THR E 328 67.16 -8.30 0.44
N PRO E 329 67.99 -8.20 -0.61
CA PRO E 329 69.08 -9.15 -0.84
C PRO E 329 70.06 -9.19 0.33
N LYS E 330 70.65 -10.36 0.57
CA LYS E 330 71.68 -10.49 1.60
C LYS E 330 73.06 -10.52 0.96
N TYR E 331 73.17 -9.95 -0.22
CA TYR E 331 74.41 -9.94 -0.97
C TYR E 331 74.52 -8.67 -1.80
N PHE E 332 75.65 -7.99 -1.71
CA PHE E 332 75.85 -6.74 -2.44
C PHE E 332 76.93 -6.85 -3.50
N LYS E 333 77.04 -5.81 -4.31
CA LYS E 333 78.04 -5.77 -5.37
C LYS E 333 78.93 -4.53 -5.18
N PRO E 334 80.17 -4.76 -4.75
CA PRO E 334 81.12 -3.69 -4.41
C PRO E 334 81.25 -2.64 -5.52
N GLY E 335 81.15 -1.36 -5.14
CA GLY E 335 81.29 -0.27 -6.08
C GLY E 335 80.00 0.13 -6.77
N MET E 336 78.91 -0.53 -6.39
CA MET E 336 77.59 -0.21 -6.96
C MET E 336 76.60 0.22 -5.89
N PRO E 337 75.61 1.04 -6.28
CA PRO E 337 74.55 1.41 -5.34
C PRO E 337 73.74 0.17 -4.94
N TYR E 338 73.77 -0.15 -3.65
CA TYR E 338 73.00 -1.27 -3.12
C TYR E 338 71.57 -0.82 -2.80
N GLU E 339 70.59 -1.66 -3.10
CA GLU E 339 69.20 -1.31 -2.83
C GLU E 339 68.65 -2.00 -1.60
N LEU E 340 68.48 -1.22 -0.53
CA LEU E 340 67.97 -1.72 0.73
C LEU E 340 66.46 -1.51 0.82
N THR E 341 65.72 -2.60 1.06
CA THR E 341 64.27 -2.51 1.19
C THR E 341 63.81 -2.84 2.61
N VAL E 342 63.54 -1.82 3.41
CA VAL E 342 63.14 -2.05 4.79
C VAL E 342 61.67 -2.40 4.87
N TYR E 343 61.36 -3.43 5.66
CA TYR E 343 59.98 -3.83 5.88
C TYR E 343 59.61 -3.58 7.34
N VAL E 344 58.61 -2.73 7.56
CA VAL E 344 58.17 -2.40 8.92
C VAL E 344 56.74 -2.88 9.16
N THR E 345 56.54 -3.65 10.23
CA THR E 345 55.23 -4.20 10.56
C THR E 345 54.82 -3.87 11.98
N ASN E 346 53.52 -3.95 12.25
CA ASN E 346 53.02 -3.89 13.61
C ASN E 346 53.32 -5.22 14.29
N PRO E 347 53.14 -5.30 15.63
CA PRO E 347 53.54 -6.51 16.36
C PRO E 347 52.88 -7.81 15.90
N ASP E 348 51.71 -7.72 15.25
CA ASP E 348 51.02 -8.91 14.77
C ASP E 348 51.55 -9.40 13.41
N GLY E 349 52.19 -8.50 12.67
CA GLY E 349 52.79 -8.86 11.40
C GLY E 349 52.27 -8.06 10.24
N SER E 350 51.19 -7.30 10.46
CA SER E 350 50.60 -6.49 9.41
C SER E 350 51.55 -5.38 8.95
N PRO E 351 51.36 -4.91 7.70
CA PRO E 351 52.21 -3.82 7.21
C PRO E 351 51.92 -2.52 7.98
N ALA E 352 52.92 -1.66 8.09
CA ALA E 352 52.80 -0.41 8.82
C ALA E 352 53.25 0.79 7.98
N ALA E 353 52.27 1.59 7.52
CA ALA E 353 52.56 2.70 6.62
C ALA E 353 52.94 3.99 7.35
N HIS E 354 53.60 4.90 6.63
CA HIS E 354 53.97 6.21 7.15
C HIS E 354 54.94 6.15 8.33
N VAL E 355 55.76 5.10 8.39
CA VAL E 355 56.81 5.01 9.40
C VAL E 355 58.14 5.36 8.78
N PRO E 356 58.79 6.40 9.31
CA PRO E 356 60.11 6.80 8.79
C PRO E 356 61.20 5.92 9.37
N VAL E 357 62.21 5.63 8.56
CA VAL E 357 63.32 4.79 8.98
C VAL E 357 64.67 5.42 8.62
N VAL E 358 65.71 5.03 9.34
CA VAL E 358 67.05 5.57 9.09
C VAL E 358 68.15 4.54 9.31
N SER E 359 69.19 4.62 8.48
CA SER E 359 70.44 3.91 8.72
C SER E 359 71.49 4.97 9.00
N GLU E 360 71.80 5.18 10.29
CA GLU E 360 72.64 6.30 10.68
C GLU E 360 74.07 6.19 10.17
N ALA E 361 74.49 5.00 9.80
CA ALA E 361 75.83 4.80 9.28
C ALA E 361 75.97 5.38 7.87
N PHE E 362 74.87 5.39 7.12
CA PHE E 362 74.87 5.91 5.76
C PHE E 362 74.06 7.19 5.66
N HIS E 363 73.52 7.64 6.78
CA HIS E 363 72.64 8.80 6.80
C HIS E 363 71.66 8.72 5.64
N SER E 364 70.90 7.62 5.60
CA SER E 364 69.91 7.43 4.55
C SER E 364 68.54 7.40 5.18
N MET E 365 67.61 8.15 4.60
CA MET E 365 66.27 8.26 5.17
C MET E 365 65.21 7.77 4.20
N GLY E 366 64.01 7.53 4.74
CA GLY E 366 62.88 7.12 3.94
C GLY E 366 61.71 6.74 4.81
N THR E 367 60.50 7.00 4.33
CA THR E 367 59.29 6.60 5.05
C THR E 367 58.61 5.44 4.33
N THR E 368 57.89 4.61 5.09
CA THR E 368 57.25 3.44 4.51
C THR E 368 55.99 3.82 3.75
N LEU E 369 55.66 3.01 2.74
CA LEU E 369 54.47 3.22 1.93
C LEU E 369 53.33 2.31 2.39
N SER E 370 52.28 2.20 1.59
CA SER E 370 51.07 1.47 1.99
C SER E 370 51.35 0.01 2.30
N ASP E 371 52.39 -0.56 1.69
CA ASP E 371 52.76 -1.95 1.94
C ASP E 371 53.79 -2.09 3.06
N GLY E 372 54.07 -0.98 3.74
CA GLY E 372 54.98 -0.98 4.87
C GLY E 372 56.43 -1.19 4.51
N THR E 373 56.84 -0.70 3.35
CA THR E 373 58.22 -0.84 2.90
C THR E 373 58.82 0.49 2.47
N ALA E 374 60.14 0.58 2.57
CA ALA E 374 60.87 1.75 2.09
C ALA E 374 62.16 1.33 1.42
N LYS E 375 62.33 1.73 0.16
CA LYS E 375 63.56 1.45 -0.57
C LYS E 375 64.61 2.53 -0.27
N LEU E 376 65.71 2.11 0.34
CA LEU E 376 66.82 3.03 0.65
C LEU E 376 68.06 2.68 -0.15
N ILE E 377 68.55 3.63 -0.94
CA ILE E 377 69.80 3.44 -1.69
C ILE E 377 71.02 3.75 -0.85
N LEU E 378 71.93 2.79 -0.76
CA LEU E 378 73.18 2.99 -0.04
C LEU E 378 74.35 2.87 -1.01
N ASN E 379 75.37 3.70 -0.81
CA ASN E 379 76.56 3.62 -1.64
C ASN E 379 77.69 2.86 -0.94
N ILE E 380 77.95 1.66 -1.43
CA ILE E 380 78.95 0.79 -0.83
C ILE E 380 80.35 1.21 -1.27
N PRO E 381 81.27 1.34 -0.30
CA PRO E 381 82.67 1.60 -0.66
C PRO E 381 83.16 0.61 -1.71
N LEU E 382 84.16 1.00 -2.47
CA LEU E 382 84.64 0.21 -3.60
C LEU E 382 85.31 -1.09 -3.13
N ASN E 383 85.74 -1.12 -1.88
CA ASN E 383 86.60 -2.21 -1.40
C ASN E 383 85.94 -3.24 -0.48
N ALA E 384 84.99 -2.80 0.34
CA ALA E 384 84.39 -3.63 1.39
C ALA E 384 83.92 -5.00 0.89
N GLN E 385 84.02 -6.00 1.77
CA GLN E 385 83.60 -7.37 1.47
C GLN E 385 82.44 -7.80 2.36
N SER E 386 82.54 -7.46 3.64
CA SER E 386 81.43 -7.64 4.57
C SER E 386 80.74 -6.29 4.70
N LEU E 387 79.47 -6.29 5.11
CA LEU E 387 78.70 -5.06 5.14
C LEU E 387 77.61 -5.05 6.22
N PRO E 388 77.90 -4.41 7.36
CA PRO E 388 76.92 -4.31 8.43
C PRO E 388 75.90 -3.20 8.17
N ILE E 389 74.62 -3.56 8.14
CA ILE E 389 73.56 -2.58 8.01
C ILE E 389 72.66 -2.58 9.24
N THR E 390 72.55 -1.43 9.89
CA THR E 390 71.59 -1.27 10.97
C THR E 390 70.54 -0.26 10.53
N VAL E 391 69.29 -0.53 10.89
CA VAL E 391 68.19 0.36 10.55
C VAL E 391 67.32 0.55 11.78
N ARG E 392 66.80 1.76 11.96
CA ARG E 392 65.88 2.02 13.06
C ARG E 392 64.68 2.85 12.60
N THR E 393 63.58 2.73 13.32
CA THR E 393 62.41 3.55 13.05
C THR E 393 62.65 4.94 13.61
N ASN E 394 61.94 5.92 13.07
CA ASN E 394 62.13 7.30 13.47
C ASN E 394 60.81 8.05 13.40
N HIS E 395 59.79 7.48 14.04
CA HIS E 395 58.46 8.04 13.97
C HIS E 395 58.34 9.25 14.89
N GLY E 396 57.82 10.35 14.36
CA GLY E 396 57.72 11.59 15.11
C GLY E 396 56.87 11.56 16.37
N ASP E 397 56.19 10.45 16.59
CA ASP E 397 55.31 10.31 17.74
C ASP E 397 55.94 9.48 18.84
N LEU E 398 57.11 8.92 18.58
CA LEU E 398 57.76 8.06 19.56
C LEU E 398 59.03 8.67 20.14
N PRO E 399 59.21 8.52 21.46
CA PRO E 399 60.50 8.78 22.10
C PRO E 399 61.53 7.81 21.55
N ARG E 400 62.77 8.28 21.34
CA ARG E 400 63.82 7.43 20.78
C ARG E 400 63.85 6.02 21.38
N GLU E 401 63.41 5.92 22.64
CA GLU E 401 63.48 4.68 23.39
C GLU E 401 62.43 3.67 22.94
N ARG E 402 61.42 4.16 22.23
CA ARG E 402 60.32 3.31 21.77
C ARG E 402 60.46 2.98 20.29
N GLN E 403 61.60 3.32 19.71
CA GLN E 403 61.84 3.03 18.31
C GLN E 403 62.34 1.61 18.16
N ALA E 404 61.93 0.94 17.09
CA ALA E 404 62.39 -0.40 16.80
C ALA E 404 63.69 -0.34 16.02
N THR E 405 64.50 -1.39 16.12
CA THR E 405 65.75 -1.48 15.36
C THR E 405 66.09 -2.92 15.00
N LYS E 406 66.86 -3.09 13.93
CA LYS E 406 67.27 -4.41 13.48
C LYS E 406 68.59 -4.31 12.73
N SER E 407 69.37 -5.39 12.75
CA SER E 407 70.63 -5.43 12.04
C SER E 407 70.74 -6.66 11.16
N MET E 408 71.58 -6.57 10.12
CA MET E 408 71.81 -7.66 9.20
C MET E 408 73.24 -7.55 8.68
N THR E 409 73.70 -8.58 7.99
CA THR E 409 75.00 -8.52 7.35
C THR E 409 74.92 -9.06 5.92
N ALA E 410 75.26 -8.21 4.97
CA ALA E 410 75.27 -8.60 3.56
C ALA E 410 76.70 -8.92 3.11
N ILE E 411 76.86 -10.07 2.45
CA ILE E 411 78.15 -10.49 1.95
C ILE E 411 78.31 -10.08 0.49
N ALA E 412 79.55 -10.07 0.00
CA ALA E 412 79.81 -9.64 -1.37
C ALA E 412 79.63 -10.79 -2.37
N TYR E 413 79.13 -10.45 -3.55
CA TYR E 413 78.93 -11.43 -4.61
C TYR E 413 80.28 -11.86 -5.16
N GLN E 414 80.56 -13.15 -5.11
CA GLN E 414 81.84 -13.68 -5.59
C GLN E 414 81.86 -13.79 -7.11
N THR E 415 82.87 -13.18 -7.72
CA THR E 415 83.06 -13.25 -9.16
C THR E 415 83.75 -14.56 -9.55
N GLN E 416 83.45 -15.06 -10.73
CA GLN E 416 84.07 -16.29 -11.21
C GLN E 416 85.51 -16.04 -11.63
N GLY E 417 86.44 -16.75 -11.00
CA GLY E 417 87.86 -16.58 -11.29
C GLY E 417 88.41 -15.27 -10.76
N GLY E 418 87.59 -14.56 -9.99
CA GLY E 418 87.98 -13.28 -9.43
C GLY E 418 88.04 -12.19 -10.49
N SER E 419 87.09 -12.22 -11.41
CA SER E 419 87.09 -11.32 -12.56
C SER E 419 86.71 -9.88 -12.22
N GLY E 420 86.02 -9.70 -11.11
CA GLY E 420 85.52 -8.38 -10.75
C GLY E 420 84.39 -7.96 -11.69
N ASN E 421 83.83 -8.94 -12.39
CA ASN E 421 82.69 -8.71 -13.29
C ASN E 421 81.37 -8.88 -12.57
N TYR E 422 80.56 -7.83 -12.57
CA TYR E 422 79.31 -7.84 -11.82
C TYR E 422 78.10 -7.50 -12.69
N LEU E 423 76.91 -7.74 -12.14
CA LEU E 423 75.67 -7.32 -12.76
C LEU E 423 74.67 -7.00 -11.67
N HIS E 424 74.03 -5.84 -11.78
CA HIS E 424 73.01 -5.43 -10.82
C HIS E 424 71.75 -4.96 -11.53
N VAL E 425 70.61 -5.54 -11.14
CA VAL E 425 69.33 -5.18 -11.71
C VAL E 425 68.58 -4.32 -10.72
N ALA E 426 68.05 -3.19 -11.18
CA ALA E 426 67.40 -2.24 -10.28
C ALA E 426 66.04 -1.79 -10.78
N ILE E 427 65.13 -1.54 -9.83
CA ILE E 427 63.77 -1.13 -10.14
C ILE E 427 63.31 -0.02 -9.20
N THR E 428 63.02 1.16 -9.75
CA THR E 428 62.68 2.33 -8.93
C THR E 428 61.24 2.30 -8.41
N SER E 429 60.31 1.85 -9.26
CA SER E 429 58.89 1.92 -8.95
C SER E 429 58.49 1.15 -7.70
N THR E 430 57.42 1.61 -7.06
CA THR E 430 56.93 1.01 -5.82
C THR E 430 55.41 0.89 -5.83
N GLU E 431 54.85 0.16 -4.87
CA GLU E 431 53.41 -0.07 -4.81
C GLU E 431 52.89 -0.49 -6.18
N ILE E 432 53.49 -1.54 -6.72
CA ILE E 432 53.26 -1.93 -8.10
C ILE E 432 51.95 -2.67 -8.31
N LYS E 433 51.11 -2.13 -9.19
CA LYS E 433 49.81 -2.71 -9.53
C LYS E 433 49.83 -3.23 -10.96
N PRO E 434 48.96 -4.20 -11.27
CA PRO E 434 48.77 -4.53 -12.68
C PRO E 434 48.35 -3.30 -13.49
N GLY E 435 48.79 -3.22 -14.73
CA GLY E 435 48.51 -2.06 -15.57
C GLY E 435 49.69 -1.11 -15.60
N ASP E 436 50.51 -1.17 -14.56
CA ASP E 436 51.70 -0.33 -14.45
C ASP E 436 52.74 -0.69 -15.50
N ASN E 437 53.40 0.33 -16.04
CA ASN E 437 54.57 0.12 -16.88
C ASN E 437 55.81 0.42 -16.06
N LEU E 438 56.79 -0.47 -16.13
CA LEU E 438 57.87 -0.51 -15.14
C LEU E 438 59.25 -0.41 -15.78
N PRO E 439 59.98 0.68 -15.48
CA PRO E 439 61.36 0.80 -15.99
C PRO E 439 62.28 -0.17 -15.27
N VAL E 440 63.04 -0.97 -16.03
CA VAL E 440 63.99 -1.90 -15.45
C VAL E 440 65.40 -1.49 -15.83
N ASN E 441 66.35 -1.68 -14.91
CA ASN E 441 67.71 -1.20 -15.13
C ASN E 441 68.80 -2.26 -15.04
N PHE E 442 69.49 -2.47 -16.16
CA PHE E 442 70.65 -3.36 -16.20
C PHE E 442 71.93 -2.54 -16.02
N ASN E 443 72.60 -2.74 -14.89
CA ASN E 443 73.85 -2.04 -14.63
C ASN E 443 75.03 -3.00 -14.61
N VAL E 444 76.08 -2.68 -15.36
CA VAL E 444 77.29 -3.50 -15.33
C VAL E 444 78.49 -2.72 -14.83
N LYS E 445 79.35 -3.41 -14.09
CA LYS E 445 80.64 -2.85 -13.68
C LYS E 445 81.67 -3.96 -13.74
N GLY E 446 82.89 -3.62 -14.17
CA GLY E 446 83.96 -4.59 -14.19
C GLY E 446 85.04 -4.37 -15.23
N ASN E 447 85.72 -5.45 -15.59
CA ASN E 447 86.86 -5.42 -16.48
C ASN E 447 86.54 -4.78 -17.84
N ALA E 448 87.39 -3.84 -18.25
CA ALA E 448 87.20 -3.15 -19.53
C ALA E 448 87.21 -4.12 -20.72
N ASN E 449 88.15 -5.06 -20.71
CA ASN E 449 88.21 -6.07 -21.77
C ASN E 449 86.98 -6.97 -21.79
N SER E 450 86.27 -7.00 -20.67
CA SER E 450 85.08 -7.82 -20.55
C SER E 450 83.81 -7.07 -20.96
N LEU E 451 83.63 -5.87 -20.42
CA LEU E 451 82.41 -5.10 -20.64
C LEU E 451 82.15 -4.76 -22.10
N LYS E 452 83.09 -5.11 -22.98
CA LYS E 452 82.93 -4.86 -24.41
C LYS E 452 82.39 -6.08 -25.14
N GLN E 453 82.49 -7.23 -24.48
CA GLN E 453 82.00 -8.48 -25.06
C GLN E 453 80.51 -8.66 -24.76
N ILE E 454 80.03 -8.00 -23.70
CA ILE E 454 78.61 -8.04 -23.35
C ILE E 454 77.77 -7.50 -24.48
N LYS E 455 77.01 -8.38 -25.15
CA LYS E 455 76.25 -7.99 -26.32
C LYS E 455 74.75 -8.16 -26.13
N TYR E 456 74.36 -8.74 -25.00
CA TYR E 456 72.96 -8.91 -24.65
C TYR E 456 72.75 -9.43 -23.23
N PHE E 457 71.61 -9.09 -22.65
CA PHE E 457 71.20 -9.60 -21.36
C PHE E 457 70.03 -10.58 -21.53
N THR E 458 70.10 -11.71 -20.85
CA THR E 458 68.98 -12.64 -20.82
C THR E 458 68.24 -12.48 -19.49
N TYR E 459 66.92 -12.39 -19.56
CA TYR E 459 66.13 -12.28 -18.33
C TYR E 459 65.01 -13.30 -18.22
N LEU E 460 64.72 -13.69 -16.98
CA LEU E 460 63.60 -14.59 -16.68
C LEU E 460 62.60 -13.87 -15.80
N ILE E 461 61.32 -14.15 -16.03
CA ILE E 461 60.24 -13.61 -15.22
C ILE E 461 59.56 -14.77 -14.49
N LEU E 462 60.06 -15.09 -13.30
CA LEU E 462 59.54 -16.22 -12.53
C LEU E 462 58.33 -15.86 -11.68
N ASN E 463 57.27 -16.65 -11.81
CA ASN E 463 56.03 -16.42 -11.06
C ASN E 463 55.27 -17.71 -10.73
N LYS E 464 55.11 -17.96 -9.43
CA LYS E 464 54.41 -19.15 -8.93
C LYS E 464 55.17 -20.44 -9.16
N GLY E 465 56.50 -20.38 -9.01
CA GLY E 465 57.34 -21.56 -9.18
C GLY E 465 57.68 -21.86 -10.63
N LYS E 466 57.08 -21.10 -11.54
CA LYS E 466 57.22 -21.38 -12.97
C LYS E 466 57.91 -20.24 -13.72
N ILE E 467 58.74 -20.60 -14.71
CA ILE E 467 59.19 -19.64 -15.70
C ILE E 467 57.96 -19.22 -16.48
N PHE E 468 57.74 -17.92 -16.59
CA PHE E 468 56.52 -17.40 -17.21
C PHE E 468 56.82 -16.70 -18.54
N LYS E 469 57.87 -15.89 -18.54
CA LYS E 469 58.33 -15.23 -19.76
C LYS E 469 59.84 -15.16 -19.77
N VAL E 470 60.43 -15.25 -20.95
CA VAL E 470 61.87 -15.03 -21.11
C VAL E 470 62.11 -14.01 -22.20
N GLY E 471 63.17 -13.23 -22.07
CA GLY E 471 63.45 -12.18 -23.01
C GLY E 471 64.92 -11.86 -23.20
N ARG E 472 65.18 -10.95 -24.13
CA ARG E 472 66.52 -10.52 -24.43
C ARG E 472 66.58 -9.00 -24.46
N GLN E 473 67.61 -8.45 -23.86
CA GLN E 473 67.84 -7.01 -23.90
C GLN E 473 69.18 -6.72 -24.57
N PRO E 474 69.14 -6.00 -25.70
CA PRO E 474 70.39 -5.72 -26.42
C PRO E 474 71.23 -4.75 -25.61
N ARG E 475 72.55 -4.78 -25.83
CA ARG E 475 73.43 -3.78 -25.24
C ARG E 475 74.35 -3.21 -26.28
N ARG E 476 74.05 -2.00 -26.73
CA ARG E 476 74.90 -1.27 -27.66
C ARG E 476 76.21 -0.95 -26.95
N ASP E 477 77.33 -1.30 -27.58
CA ASP E 477 78.63 -1.17 -26.93
C ASP E 477 78.86 0.20 -26.29
N GLY E 478 79.40 0.18 -25.08
CA GLY E 478 79.63 1.41 -24.34
C GLY E 478 78.57 1.62 -23.27
N GLN E 479 77.36 1.16 -23.55
CA GLN E 479 76.22 1.35 -22.66
C GLN E 479 76.41 0.75 -21.27
N ASN E 480 76.78 1.60 -20.32
CA ASN E 480 76.89 1.19 -18.92
C ASN E 480 75.52 0.88 -18.33
N LEU E 481 74.49 1.48 -18.90
CA LEU E 481 73.14 1.38 -18.37
C LEU E 481 72.13 1.16 -19.49
N VAL E 482 71.38 0.06 -19.40
CA VAL E 482 70.37 -0.25 -20.39
C VAL E 482 69.00 -0.38 -19.76
N THR E 483 68.06 0.46 -20.17
CA THR E 483 66.71 0.43 -19.64
C THR E 483 65.76 -0.36 -20.52
N MET E 484 64.87 -1.10 -19.88
CA MET E 484 63.85 -1.87 -20.58
C MET E 484 62.51 -1.62 -19.91
N ASN E 485 61.46 -1.46 -20.72
CA ASN E 485 60.11 -1.37 -20.17
C ASN E 485 59.57 -2.77 -19.87
N LEU E 486 58.60 -2.85 -18.97
CA LEU E 486 57.99 -4.13 -18.63
C LEU E 486 56.55 -3.95 -18.15
N HIS E 487 55.60 -4.40 -18.97
CA HIS E 487 54.19 -4.29 -18.60
C HIS E 487 53.85 -5.33 -17.53
N ILE E 488 53.20 -4.86 -16.47
CA ILE E 488 52.82 -5.74 -15.36
C ILE E 488 51.36 -6.15 -15.50
N THR E 489 51.15 -7.42 -15.82
CA THR E 489 49.81 -7.94 -16.08
C THR E 489 49.34 -8.79 -14.91
N PRO E 490 48.02 -9.03 -14.83
CA PRO E 490 47.44 -9.79 -13.71
C PRO E 490 48.07 -11.17 -13.53
N ASP E 491 48.94 -11.57 -14.45
CA ASP E 491 49.63 -12.85 -14.36
C ASP E 491 50.70 -12.85 -13.27
N LEU E 492 51.17 -11.67 -12.89
CA LEU E 492 52.32 -11.55 -11.99
C LEU E 492 51.96 -11.48 -10.51
N ILE E 493 50.68 -11.38 -10.20
CA ILE E 493 50.20 -11.48 -8.83
C ILE E 493 50.51 -12.89 -8.33
N PRO E 494 50.90 -13.05 -7.05
CA PRO E 494 51.02 -12.09 -5.94
C PRO E 494 52.35 -11.35 -5.95
N SER E 495 53.32 -11.96 -6.62
CA SER E 495 54.67 -11.42 -6.74
C SER E 495 55.39 -12.15 -7.85
N PHE E 496 56.50 -11.58 -8.33
CA PHE E 496 57.31 -12.25 -9.35
C PHE E 496 58.80 -11.97 -9.17
N ARG E 497 59.62 -12.82 -9.76
CA ARG E 497 61.07 -12.62 -9.69
C ARG E 497 61.65 -12.23 -11.04
N PHE E 498 62.59 -11.30 -11.03
CA PHE E 498 63.31 -10.93 -12.22
C PHE E 498 64.73 -11.44 -12.09
N VAL E 499 65.06 -12.49 -12.84
CA VAL E 499 66.42 -13.02 -12.87
C VAL E 499 67.06 -12.68 -14.21
N ALA E 500 68.30 -12.19 -14.16
CA ALA E 500 68.99 -11.76 -15.38
C ALA E 500 70.48 -12.05 -15.30
N TYR E 501 71.06 -12.41 -16.44
CA TYR E 501 72.49 -12.70 -16.50
C TYR E 501 73.11 -12.34 -17.85
N TYR E 502 74.44 -12.25 -17.87
CA TYR E 502 75.16 -12.06 -19.12
C TYR E 502 76.37 -12.99 -19.17
N GLN E 503 76.87 -13.27 -20.37
CA GLN E 503 78.03 -14.15 -20.54
C GLN E 503 79.27 -13.40 -21.03
N VAL E 504 80.44 -13.87 -20.62
CA VAL E 504 81.71 -13.22 -20.96
C VAL E 504 82.73 -14.23 -21.48
N GLY E 505 83.04 -14.16 -22.77
CA GLY E 505 84.03 -15.04 -23.36
C GLY E 505 83.63 -16.50 -23.30
N ASN E 506 82.33 -16.76 -23.37
CA ASN E 506 81.81 -18.13 -23.42
C ASN E 506 82.24 -19.01 -22.26
N ASN E 507 82.65 -18.40 -21.15
CA ASN E 507 83.15 -19.15 -20.01
C ASN E 507 82.51 -18.73 -18.69
N GLU E 508 82.54 -17.44 -18.41
CA GLU E 508 82.03 -16.92 -17.14
C GLU E 508 80.55 -16.55 -17.23
N ILE E 509 79.84 -16.82 -16.15
CA ILE E 509 78.44 -16.42 -16.05
C ILE E 509 78.30 -15.43 -14.90
N VAL E 510 77.84 -14.22 -15.22
CA VAL E 510 77.59 -13.21 -14.21
C VAL E 510 76.10 -12.93 -14.15
N ALA E 511 75.51 -13.08 -12.96
CA ALA E 511 74.06 -13.01 -12.84
C ALA E 511 73.57 -12.26 -11.59
N ASP E 512 72.29 -11.89 -11.63
CA ASP E 512 71.63 -11.28 -10.48
C ASP E 512 70.11 -11.51 -10.56
N SER E 513 69.43 -11.38 -9.43
CA SER E 513 67.98 -11.52 -9.39
C SER E 513 67.33 -10.50 -8.45
N VAL E 514 66.09 -10.14 -8.76
CA VAL E 514 65.32 -9.23 -7.93
C VAL E 514 63.97 -9.86 -7.63
N TRP E 515 63.46 -9.64 -6.42
CA TRP E 515 62.11 -10.03 -6.08
C TRP E 515 61.22 -8.79 -6.08
N VAL E 516 60.11 -8.87 -6.81
CA VAL E 516 59.17 -7.75 -6.90
C VAL E 516 57.81 -8.13 -6.34
N ASP E 517 57.18 -7.22 -5.61
CA ASP E 517 55.86 -7.48 -5.06
C ASP E 517 54.77 -6.77 -5.87
N VAL E 518 53.64 -7.45 -6.06
CA VAL E 518 52.52 -6.89 -6.79
C VAL E 518 51.30 -6.81 -5.86
N LYS E 519 50.51 -5.76 -6.02
CA LYS E 519 49.29 -5.59 -5.22
C LYS E 519 48.34 -6.77 -5.40
N ASP E 520 48.17 -7.55 -4.34
CA ASP E 520 47.34 -8.75 -4.37
C ASP E 520 45.86 -8.44 -4.50
N THR E 521 45.25 -8.92 -5.58
CA THR E 521 43.81 -8.83 -5.76
C THR E 521 43.30 -10.09 -6.42
N CYS E 522 42.30 -9.95 -7.28
CA CYS E 522 41.88 -11.04 -8.15
C CYS E 522 42.49 -10.81 -9.53
N MET E 523 42.78 -11.89 -10.25
CA MET E 523 43.25 -11.76 -11.62
C MET E 523 42.09 -11.31 -12.51
N GLY E 524 40.88 -11.70 -12.11
CA GLY E 524 39.68 -11.27 -12.81
C GLY E 524 38.81 -10.44 -11.88
N THR E 525 37.51 -10.45 -12.14
CA THR E 525 36.55 -9.72 -11.31
C THR E 525 35.44 -10.63 -10.80
N LEU E 526 34.85 -10.24 -9.67
CA LEU E 526 33.60 -10.83 -9.22
C LEU E 526 32.92 -9.92 -8.22
N VAL E 527 31.69 -9.51 -8.54
CA VAL E 527 30.96 -8.59 -7.69
C VAL E 527 29.49 -8.93 -7.64
N VAL E 528 28.96 -9.13 -6.43
CA VAL E 528 27.53 -9.31 -6.26
C VAL E 528 26.88 -7.95 -6.01
N LYS E 529 25.89 -7.60 -6.83
CA LYS E 529 25.24 -6.30 -6.73
C LYS E 529 23.77 -6.43 -6.43
N GLY E 530 23.28 -5.58 -5.52
CA GLY E 530 21.87 -5.57 -5.18
C GLY E 530 21.38 -4.16 -4.97
N ASP E 531 20.08 -4.00 -4.71
CA ASP E 531 19.49 -2.69 -4.55
C ASP E 531 19.75 -2.09 -3.16
N ASN E 532 20.03 -2.95 -2.18
CA ASN E 532 20.42 -2.50 -0.85
C ASN E 532 19.29 -1.98 0.04
N LEU E 533 18.06 -2.36 -0.27
CA LEU E 533 16.92 -1.96 0.57
C LEU E 533 16.60 -3.04 1.61
N ILE E 534 15.88 -2.65 2.65
CA ILE E 534 15.44 -3.58 3.68
C ILE E 534 14.33 -4.48 3.15
N GLN E 535 14.25 -5.70 3.66
CA GLN E 535 13.40 -6.73 3.06
C GLN E 535 12.44 -7.41 4.03
N MET E 536 11.20 -7.59 3.58
CA MET E 536 10.24 -8.43 4.28
C MET E 536 10.68 -9.89 4.17
N PRO E 537 10.38 -10.72 5.18
CA PRO E 537 10.75 -12.13 5.05
C PRO E 537 9.99 -12.78 3.90
N GLY E 538 10.68 -13.64 3.16
CA GLY E 538 10.07 -14.36 2.06
C GLY E 538 9.71 -13.46 0.89
N ALA E 539 10.60 -12.55 0.56
CA ALA E 539 10.35 -11.61 -0.53
C ALA E 539 11.12 -12.02 -1.78
N ALA E 540 10.65 -11.54 -2.93
CA ALA E 540 11.37 -11.77 -4.18
C ALA E 540 12.65 -10.93 -4.19
N MET E 541 13.76 -11.55 -4.57
CA MET E 541 15.03 -10.85 -4.66
C MET E 541 15.70 -11.02 -6.03
N LYS E 542 16.38 -9.97 -6.47
CA LYS E 542 17.17 -10.03 -7.68
C LYS E 542 18.56 -9.50 -7.39
N ILE E 543 19.57 -10.28 -7.73
CA ILE E 543 20.96 -9.84 -7.57
C ILE E 543 21.72 -10.04 -8.87
N LYS E 544 22.64 -9.12 -9.15
CA LYS E 544 23.43 -9.22 -10.36
C LYS E 544 24.80 -9.84 -10.08
N LEU E 545 25.18 -10.82 -10.89
CA LEU E 545 26.51 -11.38 -10.83
C LEU E 545 27.36 -10.80 -11.95
N GLU E 546 28.47 -10.15 -11.59
CA GLU E 546 29.32 -9.53 -12.58
C GLU E 546 30.75 -10.07 -12.47
N GLY E 547 31.25 -10.62 -13.56
CA GLY E 547 32.58 -11.22 -13.57
C GLY E 547 33.10 -11.51 -14.96
N ASP E 548 34.10 -12.36 -15.04
CA ASP E 548 34.75 -12.67 -16.30
C ASP E 548 33.95 -13.64 -17.17
N PRO E 549 34.08 -13.52 -18.49
CA PRO E 549 33.40 -14.42 -19.42
C PRO E 549 33.75 -15.87 -19.14
N GLY E 550 32.72 -16.72 -19.03
CA GLY E 550 32.93 -18.14 -18.83
C GLY E 550 33.23 -18.52 -17.40
N ALA E 551 32.89 -17.64 -16.46
CA ALA E 551 33.13 -17.90 -15.06
C ALA E 551 32.13 -18.91 -14.49
N ARG E 552 32.64 -19.82 -13.65
CA ARG E 552 31.76 -20.71 -12.91
C ARG E 552 31.66 -20.26 -11.46
N VAL E 553 30.54 -19.64 -11.12
CA VAL E 553 30.36 -19.03 -9.81
C VAL E 553 29.60 -19.91 -8.81
N GLY E 554 30.23 -20.19 -7.68
CA GLY E 554 29.57 -20.93 -6.61
C GLY E 554 28.98 -19.98 -5.57
N LEU E 555 27.70 -20.15 -5.28
CA LEU E 555 27.01 -19.25 -4.37
C LEU E 555 26.68 -19.91 -3.03
N VAL E 556 26.39 -19.08 -2.04
CA VAL E 556 25.92 -19.55 -0.74
C VAL E 556 25.37 -18.37 0.06
N ALA E 557 24.26 -18.59 0.76
CA ALA E 557 23.72 -17.58 1.66
C ALA E 557 23.89 -18.06 3.08
N VAL E 558 24.48 -17.21 3.93
CA VAL E 558 24.73 -17.58 5.32
C VAL E 558 24.03 -16.60 6.25
N ASP E 559 23.37 -17.14 7.26
CA ASP E 559 22.84 -16.31 8.33
C ASP E 559 24.04 -15.62 8.99
N LYS E 560 23.93 -14.32 9.25
CA LYS E 560 25.04 -13.61 9.88
C LYS E 560 25.30 -14.13 11.30
N ALA E 561 24.39 -14.95 11.82
CA ALA E 561 24.58 -15.61 13.11
C ALA E 561 25.85 -16.45 13.10
N VAL E 562 26.03 -17.20 12.03
CA VAL E 562 27.32 -17.80 11.69
C VAL E 562 27.93 -16.84 10.66
N TYR E 563 29.15 -17.11 10.19
CA TYR E 563 29.87 -16.17 9.31
C TYR E 563 30.47 -15.06 10.15
N VAL E 564 29.79 -14.74 11.24
CA VAL E 564 30.37 -13.93 12.29
C VAL E 564 31.26 -14.82 13.14
N LEU E 565 30.95 -16.12 13.14
CA LEU E 565 31.71 -17.10 13.91
C LEU E 565 32.81 -17.76 13.09
N ASN E 566 33.96 -17.95 13.73
CA ASN E 566 35.08 -18.64 13.11
C ASN E 566 35.58 -17.96 11.84
N ASP E 567 35.80 -16.65 11.92
CA ASP E 567 36.41 -15.91 10.82
C ASP E 567 37.74 -16.55 10.42
N LYS E 568 38.41 -17.16 11.38
CA LYS E 568 39.70 -17.80 11.16
C LYS E 568 39.61 -18.89 10.09
N TYR E 569 38.43 -19.51 9.99
CA TYR E 569 38.26 -20.66 9.12
C TYR E 569 37.76 -20.30 7.72
N LYS E 570 37.18 -19.12 7.56
CA LYS E 570 36.64 -18.72 6.27
C LYS E 570 37.75 -18.58 5.23
N ILE E 571 37.40 -18.83 3.97
CA ILE E 571 38.34 -18.67 2.87
C ILE E 571 38.29 -17.23 2.39
N SER E 572 39.45 -16.70 1.98
CA SER E 572 39.52 -15.32 1.53
C SER E 572 40.49 -15.19 0.37
N GLN E 573 40.41 -14.06 -0.33
CA GLN E 573 41.34 -13.82 -1.42
C GLN E 573 42.75 -13.74 -0.87
N ALA E 574 42.87 -13.22 0.35
CA ALA E 574 44.16 -13.05 0.98
C ALA E 574 44.78 -14.39 1.41
N LYS E 575 43.97 -15.26 1.99
CA LYS E 575 44.46 -16.57 2.42
C LYS E 575 45.00 -17.35 1.24
N ILE E 576 44.39 -17.15 0.08
CA ILE E 576 44.80 -17.83 -1.14
C ILE E 576 46.21 -17.45 -1.54
N TRP E 577 46.47 -16.15 -1.63
CA TRP E 577 47.76 -15.65 -2.08
C TRP E 577 48.88 -15.97 -1.10
N ASP E 578 48.54 -16.05 0.18
CA ASP E 578 49.55 -16.38 1.18
C ASP E 578 49.97 -17.83 1.06
N THR E 579 49.09 -18.68 0.54
CA THR E 579 49.43 -20.09 0.35
C THR E 579 50.40 -20.21 -0.82
N ILE E 580 50.05 -19.53 -1.92
CA ILE E 580 50.94 -19.46 -3.09
C ILE E 580 52.34 -19.02 -2.70
N GLU E 581 52.43 -17.89 -2.01
CA GLU E 581 53.71 -17.31 -1.60
C GLU E 581 54.54 -18.21 -0.69
N LYS E 582 53.86 -18.93 0.21
CA LYS E 582 54.55 -19.87 1.11
C LYS E 582 55.01 -21.11 0.36
N SER E 583 54.48 -21.29 -0.85
CA SER E 583 54.80 -22.47 -1.64
C SER E 583 55.83 -22.16 -2.73
N ASP E 584 56.26 -20.90 -2.78
CA ASP E 584 57.23 -20.45 -3.77
C ASP E 584 58.53 -21.22 -3.60
N PHE E 585 59.20 -21.51 -4.72
CA PHE E 585 60.43 -22.29 -4.69
C PHE E 585 61.67 -21.42 -4.48
N GLY E 586 61.56 -20.14 -4.80
CA GLY E 586 62.61 -19.19 -4.50
C GLY E 586 62.58 -18.86 -3.01
N CYS E 587 63.76 -18.85 -2.38
CA CYS E 587 63.83 -18.74 -0.93
C CYS E 587 64.27 -17.37 -0.42
N THR E 588 64.83 -16.54 -1.28
CA THR E 588 65.41 -15.27 -0.85
C THR E 588 65.03 -14.07 -1.71
N ALA E 589 65.37 -12.87 -1.21
CA ALA E 589 64.90 -11.62 -1.79
C ALA E 589 65.70 -11.14 -3.00
N GLY E 590 66.81 -11.81 -3.29
CA GLY E 590 67.59 -11.44 -4.46
C GLY E 590 69.06 -11.77 -4.36
N SER E 591 69.73 -11.72 -5.51
CA SER E 591 71.16 -11.97 -5.60
C SER E 591 71.55 -13.34 -5.03
N GLY E 592 72.83 -13.52 -4.76
CA GLY E 592 73.33 -14.76 -4.20
C GLY E 592 74.80 -14.65 -3.87
N GLN E 593 75.33 -15.66 -3.18
CA GLN E 593 76.74 -15.69 -2.81
C GLN E 593 77.63 -15.61 -4.03
N ASN E 594 77.08 -16.01 -5.18
CA ASN E 594 77.81 -16.05 -6.45
C ASN E 594 76.85 -16.41 -7.57
N ASN E 595 77.38 -16.59 -8.78
CA ASN E 595 76.53 -16.87 -9.93
C ASN E 595 75.60 -18.06 -9.73
N LEU E 596 76.14 -19.18 -9.24
CA LEU E 596 75.33 -20.36 -8.99
C LEU E 596 74.31 -20.08 -7.90
N GLY E 597 74.71 -19.26 -6.93
CA GLY E 597 73.85 -18.93 -5.80
C GLY E 597 72.65 -18.07 -6.13
N VAL E 598 72.73 -17.34 -7.25
CA VAL E 598 71.63 -16.49 -7.68
C VAL E 598 70.49 -17.32 -8.23
N PHE E 599 70.83 -18.40 -8.93
CA PHE E 599 69.82 -19.30 -9.47
C PHE E 599 69.22 -20.16 -8.36
N GLU E 600 70.08 -20.82 -7.60
CA GLU E 600 69.62 -21.66 -6.50
C GLU E 600 68.59 -20.92 -5.65
N ASP E 601 68.93 -19.69 -5.27
CA ASP E 601 68.11 -18.88 -4.38
C ASP E 601 66.80 -18.40 -5.02
N ALA E 602 66.80 -18.26 -6.34
CA ALA E 602 65.62 -17.79 -7.05
C ALA E 602 64.71 -18.95 -7.44
N GLY E 603 65.07 -20.15 -7.00
CA GLY E 603 64.30 -21.34 -7.32
C GLY E 603 64.53 -21.84 -8.73
N LEU E 604 65.79 -21.80 -9.16
CA LEU E 604 66.16 -22.24 -10.50
C LEU E 604 67.27 -23.28 -10.50
N ALA E 605 67.36 -24.03 -11.60
CA ALA E 605 68.44 -24.98 -11.78
C ALA E 605 69.16 -24.66 -13.08
N LEU E 606 70.50 -24.78 -13.06
CA LEU E 606 71.28 -24.54 -14.26
C LEU E 606 72.39 -25.56 -14.43
N THR E 607 72.61 -25.97 -15.68
CA THR E 607 73.76 -26.79 -16.03
C THR E 607 74.37 -26.20 -17.29
N THR E 608 75.71 -26.23 -17.37
CA THR E 608 76.40 -25.66 -18.52
C THR E 608 77.31 -26.68 -19.19
N SER E 609 77.73 -26.37 -20.41
CA SER E 609 78.66 -27.23 -21.14
C SER E 609 80.05 -27.13 -20.53
N THR E 610 80.27 -26.11 -19.71
CA THR E 610 81.50 -25.97 -18.96
C THR E 610 81.36 -26.72 -17.63
N ASN E 611 80.19 -27.32 -17.43
CA ASN E 611 79.89 -28.04 -16.20
C ASN E 611 79.88 -27.17 -14.95
N LEU E 612 79.23 -26.02 -15.06
CA LEU E 612 78.90 -25.19 -13.92
C LEU E 612 77.49 -25.58 -13.51
N ASN E 613 77.35 -26.20 -12.33
CA ASN E 613 76.07 -26.81 -11.95
C ASN E 613 75.52 -26.35 -10.62
N THR E 614 74.26 -25.92 -10.63
CA THR E 614 73.55 -25.61 -9.39
C THR E 614 73.39 -26.90 -8.60
N LYS E 615 73.72 -26.86 -7.32
CA LYS E 615 73.65 -28.06 -6.49
C LYS E 615 72.24 -28.62 -6.38
N GLN E 616 72.14 -29.85 -5.89
CA GLN E 616 70.85 -30.52 -5.69
C GLN E 616 69.95 -29.77 -4.72
N ARG E 617 68.68 -30.15 -4.70
CA ARG E 617 67.73 -29.59 -3.74
C ARG E 617 67.34 -30.62 -2.69
N SER E 618 67.64 -30.32 -1.43
CA SER E 618 67.25 -31.17 -0.32
C SER E 618 65.87 -30.78 0.21
N ALA E 619 64.84 -31.11 -0.58
CA ALA E 619 63.42 -30.81 -0.29
C ALA E 619 62.92 -29.58 -1.06
N ALA E 620 61.59 -29.51 -1.23
CA ALA E 620 61.00 -28.45 -2.06
C ALA E 620 60.59 -27.20 -1.27
N LYS E 621 60.28 -27.36 0.01
CA LYS E 621 60.02 -26.20 0.86
C LYS E 621 61.36 -25.52 1.13
N CYS E 622 61.37 -24.20 1.11
CA CYS E 622 62.59 -23.45 1.42
C CYS E 622 62.90 -23.53 2.91
N PRO E 623 64.18 -23.52 3.26
CA PRO E 623 64.52 -23.49 4.69
C PRO E 623 63.77 -22.34 5.36
N GLN E 624 63.51 -22.45 6.67
CA GLN E 624 62.78 -21.41 7.39
C GLN E 624 63.65 -20.19 7.68
N ASP F 5 -11.63 -9.40 17.96
CA ASP F 5 -12.32 -8.14 18.21
C ASP F 5 -11.37 -6.94 18.15
N GLY F 6 -11.12 -6.46 16.94
CA GLY F 6 -10.14 -5.43 16.70
C GLY F 6 -8.87 -6.06 16.18
N PHE F 7 -8.62 -7.28 16.63
CA PHE F 7 -7.41 -8.01 16.27
C PHE F 7 -7.54 -8.76 14.96
N ILE F 8 -6.40 -9.14 14.41
CA ILE F 8 -6.35 -9.90 13.17
C ILE F 8 -6.66 -11.37 13.45
N ALA F 9 -7.54 -11.96 12.64
CA ALA F 9 -7.97 -13.35 12.84
C ALA F 9 -6.80 -14.32 12.71
N ASP F 10 -6.68 -15.21 13.70
CA ASP F 10 -5.57 -16.14 13.75
C ASP F 10 -5.20 -16.77 12.41
N SER F 11 -6.19 -17.36 11.74
CA SER F 11 -5.97 -18.03 10.47
C SER F 11 -5.29 -17.13 9.43
N ASP F 12 -5.41 -15.81 9.60
CA ASP F 12 -4.78 -14.86 8.69
C ASP F 12 -3.29 -14.70 8.97
N ILE F 13 -2.87 -15.08 10.17
CA ILE F 13 -1.47 -14.99 10.55
C ILE F 13 -0.71 -16.26 10.16
N ILE F 14 0.21 -16.13 9.21
CA ILE F 14 1.07 -17.27 8.86
C ILE F 14 2.41 -17.22 9.60
N SER F 15 2.64 -18.24 10.44
CA SER F 15 3.85 -18.30 11.24
C SER F 15 5.10 -18.58 10.41
N ARG F 16 6.21 -17.94 10.79
CA ARG F 16 7.50 -18.18 10.15
C ARG F 16 8.14 -19.41 10.76
N SER F 17 8.79 -20.23 9.93
CA SER F 17 9.34 -21.49 10.40
C SER F 17 10.68 -21.85 9.75
N ASP F 18 10.96 -21.26 8.60
CA ASP F 18 12.08 -21.68 7.78
C ASP F 18 13.37 -20.96 8.13
N PHE F 19 14.09 -21.48 9.12
CA PHE F 19 15.27 -20.79 9.61
C PHE F 19 16.54 -21.59 9.35
N PRO F 20 17.01 -21.61 8.09
CA PRO F 20 18.23 -22.33 7.77
C PRO F 20 19.42 -21.48 8.18
N LYS F 21 20.49 -22.12 8.67
CA LYS F 21 21.73 -21.41 8.94
C LYS F 21 22.44 -21.10 7.63
N SER F 22 22.27 -21.98 6.64
CA SER F 22 22.83 -21.76 5.31
C SER F 22 21.90 -22.29 4.23
N TRP F 23 21.93 -21.64 3.07
CA TRP F 23 21.11 -22.05 1.94
C TRP F 23 21.63 -21.49 0.63
N LEU F 24 20.85 -21.66 -0.43
CA LEU F 24 21.21 -21.16 -1.76
C LEU F 24 22.55 -21.71 -2.24
N TRP F 25 22.86 -22.94 -1.85
CA TRP F 25 24.09 -23.60 -2.26
C TRP F 25 23.98 -24.01 -3.73
N LEU F 26 24.13 -23.04 -4.62
CA LEU F 26 23.93 -23.27 -6.05
C LEU F 26 25.14 -22.83 -6.84
N THR F 27 25.24 -23.30 -8.09
CA THR F 27 26.27 -22.78 -8.98
C THR F 27 25.65 -22.24 -10.27
N LYS F 28 26.10 -21.06 -10.69
CA LYS F 28 25.60 -20.44 -11.91
C LYS F 28 26.77 -20.23 -12.87
N ASP F 29 26.48 -20.09 -14.15
CA ASP F 29 27.53 -19.84 -15.15
C ASP F 29 27.36 -18.49 -15.83
N LEU F 30 28.47 -17.77 -15.97
CA LEU F 30 28.45 -16.44 -16.61
C LEU F 30 28.62 -16.56 -18.12
N THR F 31 27.52 -16.86 -18.81
CA THR F 31 27.56 -17.14 -20.23
C THR F 31 27.23 -15.92 -21.08
N GLU F 32 26.68 -14.89 -20.45
CA GLU F 32 26.21 -13.70 -21.16
C GLU F 32 27.33 -12.97 -21.89
N GLU F 33 26.93 -12.19 -22.89
CA GLU F 33 27.85 -11.38 -23.67
C GLU F 33 28.54 -10.36 -22.77
N PRO F 34 29.87 -10.27 -22.86
CA PRO F 34 30.62 -9.26 -22.11
C PRO F 34 30.23 -7.86 -22.56
N ASN F 35 30.63 -6.85 -21.80
CA ASN F 35 30.39 -5.47 -22.19
C ASN F 35 31.65 -4.81 -22.72
N SER F 36 31.70 -3.48 -22.66
CA SER F 36 32.84 -2.73 -23.17
C SER F 36 34.12 -3.07 -22.41
N GLN F 37 33.98 -3.36 -21.13
CA GLN F 37 35.13 -3.60 -20.26
C GLN F 37 35.36 -5.07 -19.97
N GLY F 38 34.72 -5.94 -20.76
CA GLY F 38 34.93 -7.37 -20.67
C GLY F 38 34.34 -8.02 -19.43
N ILE F 39 33.15 -7.57 -19.03
CA ILE F 39 32.49 -8.10 -17.85
C ILE F 39 31.10 -8.66 -18.20
N SER F 40 30.83 -9.89 -17.79
CA SER F 40 29.57 -10.55 -18.09
C SER F 40 28.61 -10.47 -16.90
N SER F 41 27.47 -9.81 -17.11
CA SER F 41 26.52 -9.58 -16.02
C SER F 41 25.29 -10.49 -16.10
N LYS F 42 25.04 -11.22 -15.02
CA LYS F 42 23.94 -12.18 -14.97
C LYS F 42 22.96 -11.90 -13.84
N THR F 43 21.75 -11.46 -14.21
CA THR F 43 20.69 -11.26 -13.23
C THR F 43 20.22 -12.59 -12.67
N MET F 44 19.83 -12.61 -11.41
CA MET F 44 19.43 -13.85 -10.75
C MET F 44 18.37 -13.61 -9.68
N SER F 45 17.25 -14.30 -9.80
CA SER F 45 16.12 -14.11 -8.88
C SER F 45 15.94 -15.28 -7.92
N PHE F 46 15.53 -14.98 -6.69
CA PHE F 46 15.24 -16.02 -5.72
C PHE F 46 14.42 -15.46 -4.57
N TYR F 47 13.83 -16.34 -3.76
CA TYR F 47 13.01 -15.90 -2.64
C TYR F 47 13.71 -16.15 -1.31
N LEU F 48 13.54 -15.23 -0.36
CA LEU F 48 14.17 -15.31 0.94
C LEU F 48 13.46 -16.32 1.83
N ARG F 49 14.17 -16.83 2.83
CA ARG F 49 13.55 -17.70 3.82
C ARG F 49 12.84 -16.86 4.87
N ASP F 50 12.47 -17.48 5.99
CA ASP F 50 11.63 -16.82 6.98
C ASP F 50 12.40 -16.03 8.03
N SER F 51 13.70 -16.31 8.16
CA SER F 51 14.53 -15.67 9.18
C SER F 51 14.46 -14.15 9.13
N ILE F 52 14.26 -13.54 10.29
CA ILE F 52 14.40 -12.09 10.42
C ILE F 52 15.81 -11.78 10.93
N THR F 53 16.68 -11.37 10.02
CA THR F 53 18.11 -11.32 10.27
C THR F 53 18.78 -10.64 9.09
N THR F 54 20.09 -10.73 9.02
CA THR F 54 20.82 -10.31 7.85
C THR F 54 21.41 -11.54 7.19
N TRP F 55 21.12 -11.73 5.91
CA TRP F 55 21.74 -12.80 5.14
C TRP F 55 23.02 -12.25 4.53
N VAL F 56 24.06 -13.07 4.46
CA VAL F 56 25.28 -12.67 3.79
C VAL F 56 25.53 -13.57 2.58
N VAL F 57 25.50 -12.98 1.39
CA VAL F 57 25.73 -13.74 0.16
C VAL F 57 27.21 -13.73 -0.25
N LEU F 58 27.80 -14.91 -0.37
CA LEU F 58 29.20 -15.04 -0.74
C LEU F 58 29.36 -15.73 -2.10
N ALA F 59 30.03 -15.05 -3.02
CA ALA F 59 30.30 -15.62 -4.33
C ALA F 59 31.76 -16.01 -4.43
N VAL F 60 32.05 -17.06 -5.20
CA VAL F 60 33.42 -17.47 -5.48
C VAL F 60 33.52 -18.03 -6.89
N SER F 61 34.15 -17.27 -7.79
CA SER F 61 34.22 -17.68 -9.20
C SER F 61 35.56 -18.29 -9.57
N PHE F 62 35.54 -19.13 -10.61
CA PHE F 62 36.76 -19.64 -11.20
C PHE F 62 36.68 -19.61 -12.71
N THR F 63 37.67 -19.00 -13.36
CA THR F 63 37.81 -19.07 -14.80
C THR F 63 39.16 -19.68 -15.10
N PRO F 64 39.34 -20.20 -16.33
CA PRO F 64 40.55 -20.94 -16.70
C PRO F 64 41.81 -20.09 -16.83
N THR F 65 41.68 -18.78 -17.03
CA THR F 65 42.86 -17.93 -17.13
C THR F 65 43.00 -16.96 -15.96
N LYS F 66 41.93 -16.81 -15.18
CA LYS F 66 41.91 -15.81 -14.11
C LYS F 66 41.87 -16.42 -12.71
N GLY F 67 42.07 -17.73 -12.62
CA GLY F 67 42.08 -18.41 -11.34
C GLY F 67 40.87 -18.14 -10.46
N ILE F 68 41.03 -18.43 -9.16
CA ILE F 68 39.96 -18.31 -8.19
C ILE F 68 39.80 -16.87 -7.75
N CYS F 69 38.55 -16.43 -7.58
CA CYS F 69 38.27 -15.07 -7.12
C CYS F 69 37.14 -15.03 -6.11
N VAL F 70 37.41 -14.47 -4.94
CA VAL F 70 36.41 -14.37 -3.87
C VAL F 70 35.81 -12.97 -3.82
N ALA F 71 34.49 -12.87 -3.95
CA ALA F 71 33.84 -11.57 -3.96
C ALA F 71 33.67 -11.01 -2.56
N GLU F 72 33.55 -9.69 -2.46
CA GLU F 72 33.21 -9.07 -1.19
C GLU F 72 31.73 -9.31 -0.94
N PRO F 73 31.38 -9.71 0.28
CA PRO F 73 30.04 -10.18 0.64
C PRO F 73 28.95 -9.15 0.40
N TYR F 74 27.85 -9.56 -0.21
CA TYR F 74 26.66 -8.73 -0.30
C TYR F 74 25.69 -9.07 0.83
N GLU F 75 25.37 -8.09 1.66
CA GLU F 75 24.45 -8.33 2.77
C GLU F 75 23.01 -8.00 2.42
N ILE F 76 22.10 -8.84 2.90
CA ILE F 76 20.66 -8.59 2.75
C ILE F 76 20.06 -8.46 4.13
N ARG F 77 19.37 -7.36 4.37
CA ARG F 77 18.80 -7.09 5.69
C ARG F 77 17.31 -7.35 5.67
N VAL F 78 16.86 -8.29 6.49
CA VAL F 78 15.46 -8.71 6.50
C VAL F 78 14.83 -8.35 7.83
N MET F 79 13.65 -7.74 7.78
CA MET F 79 13.03 -7.25 9.02
C MET F 79 11.55 -6.86 8.89
N LYS F 80 10.78 -7.16 9.93
CA LYS F 80 9.40 -6.68 10.02
C LYS F 80 9.29 -5.53 11.02
N VAL F 81 8.22 -4.75 10.90
CA VAL F 81 8.00 -3.62 11.79
C VAL F 81 7.66 -4.10 13.21
N PHE F 82 7.02 -5.27 13.27
CA PHE F 82 6.54 -5.84 14.51
C PHE F 82 6.79 -7.34 14.42
N PHE F 83 7.44 -7.93 15.41
CA PHE F 83 7.77 -9.35 15.32
C PHE F 83 8.22 -10.00 16.62
N ILE F 84 8.15 -11.33 16.65
CA ILE F 84 8.54 -12.10 17.81
C ILE F 84 9.91 -12.71 17.60
N ASP F 85 10.71 -12.71 18.66
CA ASP F 85 12.05 -13.21 18.63
C ASP F 85 12.10 -14.28 19.70
N LEU F 86 12.41 -15.51 19.29
CA LEU F 86 12.36 -16.64 20.20
C LEU F 86 13.71 -17.37 20.28
N GLN F 87 14.34 -17.35 21.45
CA GLN F 87 15.61 -18.02 21.64
C GLN F 87 15.43 -19.33 22.39
N MET F 88 15.78 -20.42 21.72
CA MET F 88 15.67 -21.74 22.30
C MET F 88 17.04 -22.20 22.74
N PRO F 89 17.10 -23.00 23.81
CA PRO F 89 18.33 -23.69 24.22
C PRO F 89 18.61 -24.82 23.24
N TYR F 90 19.78 -25.43 23.29
CA TYR F 90 20.07 -26.55 22.41
C TYR F 90 19.15 -27.73 22.73
N SER F 91 18.80 -27.86 24.00
CA SER F 91 17.89 -28.93 24.42
C SER F 91 17.35 -28.72 25.83
N VAL F 92 16.26 -29.41 26.13
CA VAL F 92 15.68 -29.43 27.47
C VAL F 92 15.40 -30.88 27.85
N VAL F 93 15.41 -31.16 29.15
CA VAL F 93 15.17 -32.52 29.61
C VAL F 93 13.67 -32.83 29.69
N LYS F 94 13.33 -34.07 29.36
CA LYS F 94 11.97 -34.54 29.43
C LYS F 94 11.43 -34.42 30.85
N ASN F 95 10.16 -34.03 30.98
CA ASN F 95 9.44 -34.06 32.25
C ASN F 95 9.80 -32.95 33.22
N GLU F 96 10.59 -32.01 32.73
CA GLU F 96 11.26 -31.04 33.60
C GLU F 96 10.90 -29.61 33.20
N GLN F 97 10.14 -28.94 34.05
CA GLN F 97 9.57 -27.62 33.75
C GLN F 97 10.61 -26.54 33.46
N VAL F 98 10.46 -25.88 32.33
CA VAL F 98 11.40 -24.85 31.90
C VAL F 98 10.68 -23.57 31.48
N GLU F 99 11.39 -22.45 31.49
CA GLU F 99 10.83 -21.20 31.01
C GLU F 99 11.41 -20.79 29.66
N ILE F 100 10.54 -20.42 28.73
CA ILE F 100 10.93 -19.94 27.41
C ILE F 100 10.63 -18.45 27.33
N ARG F 101 11.65 -17.65 27.02
CA ARG F 101 11.45 -16.22 26.99
C ARG F 101 11.42 -15.69 25.55
N ALA F 102 10.23 -15.28 25.12
CA ALA F 102 10.05 -14.61 23.84
C ALA F 102 10.20 -13.10 24.01
N ILE F 103 10.34 -12.37 22.91
CA ILE F 103 10.45 -10.92 22.96
C ILE F 103 9.62 -10.28 21.86
N LEU F 104 8.64 -9.47 22.24
CA LEU F 104 7.90 -8.70 21.25
C LEU F 104 8.63 -7.42 20.91
N HIS F 105 9.01 -7.29 19.65
CA HIS F 105 9.73 -6.11 19.19
C HIS F 105 8.78 -5.19 18.44
N ASN F 106 8.46 -4.06 19.06
CA ASN F 106 7.72 -2.99 18.39
C ASN F 106 8.69 -1.97 17.81
N TYR F 107 8.77 -1.88 16.49
CA TYR F 107 9.60 -0.88 15.84
C TYR F 107 8.74 0.13 15.06
N VAL F 108 7.48 0.22 15.47
CA VAL F 108 6.59 1.27 15.00
C VAL F 108 6.70 2.44 15.97
N ASN F 109 6.76 3.66 15.46
CA ASN F 109 6.91 4.81 16.35
C ASN F 109 5.62 5.26 17.04
N GLU F 110 4.83 4.30 17.49
CA GLU F 110 3.65 4.61 18.30
C GLU F 110 3.34 3.49 19.27
N ASP F 111 2.56 3.82 20.31
CA ASP F 111 2.15 2.83 21.30
C ASP F 111 1.11 1.92 20.67
N ILE F 112 1.22 0.63 20.95
CA ILE F 112 0.33 -0.36 20.37
C ILE F 112 -0.25 -1.26 21.46
N TYR F 113 -1.41 -1.85 21.18
CA TYR F 113 -2.02 -2.80 22.09
C TYR F 113 -2.05 -4.17 21.41
N VAL F 114 -1.35 -5.13 21.99
CA VAL F 114 -1.15 -6.42 21.34
C VAL F 114 -1.82 -7.60 22.03
N ARG F 115 -2.01 -8.67 21.27
CA ARG F 115 -2.49 -9.94 21.80
C ARG F 115 -1.49 -11.03 21.47
N VAL F 116 -1.15 -11.85 22.46
CA VAL F 116 -0.16 -12.90 22.28
C VAL F 116 -0.70 -14.24 22.76
N GLU F 117 -0.79 -15.20 21.85
CA GLU F 117 -1.24 -16.54 22.20
C GLU F 117 -0.09 -17.53 22.16
N LEU F 118 -0.16 -18.52 23.05
CA LEU F 118 0.71 -19.68 22.94
C LEU F 118 -0.15 -20.80 22.36
N LEU F 119 0.32 -21.44 21.30
CA LEU F 119 -0.49 -22.49 20.68
C LEU F 119 -0.38 -23.78 21.44
N TYR F 120 -1.46 -24.56 21.40
CA TYR F 120 -1.52 -25.82 22.13
C TYR F 120 -0.76 -26.92 21.43
N ASN F 121 0.09 -27.60 22.18
CA ASN F 121 0.82 -28.76 21.67
C ASN F 121 0.78 -29.89 22.70
N PRO F 122 0.23 -31.05 22.30
CA PRO F 122 0.08 -32.24 23.14
C PRO F 122 1.40 -32.74 23.69
N ALA F 123 2.51 -32.38 23.06
CA ALA F 123 3.83 -32.79 23.53
C ALA F 123 4.20 -32.03 24.80
N PHE F 124 3.51 -30.92 25.07
CA PHE F 124 3.81 -30.12 26.24
C PHE F 124 2.63 -30.03 27.20
N CYS F 125 2.96 -29.90 28.48
CA CYS F 125 2.01 -29.35 29.43
C CYS F 125 2.31 -27.86 29.50
N SER F 126 1.29 -27.03 29.35
CA SER F 126 1.48 -25.60 29.48
C SER F 126 0.17 -24.93 29.83
N ALA F 127 0.10 -23.62 29.67
CA ALA F 127 -1.11 -22.89 30.00
C ALA F 127 -2.17 -23.09 28.92
N SER F 128 -1.76 -23.57 27.75
CA SER F 128 -2.68 -23.79 26.65
C SER F 128 -3.28 -25.18 26.69
N THR F 129 -4.50 -25.30 26.16
CA THR F 129 -5.16 -26.59 26.06
C THR F 129 -5.90 -26.71 24.73
N LYS F 130 -6.27 -27.95 24.40
CA LYS F 130 -6.87 -28.24 23.09
C LYS F 130 -8.03 -27.32 22.75
N GLY F 131 -8.68 -26.77 23.77
CA GLY F 131 -9.86 -25.95 23.56
C GLY F 131 -9.67 -24.45 23.75
N GLN F 132 -8.63 -24.09 24.51
CA GLN F 132 -8.40 -22.69 24.85
C GLN F 132 -6.92 -22.34 24.80
N ARG F 133 -6.53 -21.51 23.84
CA ARG F 133 -5.17 -21.00 23.80
C ARG F 133 -4.95 -20.08 24.97
N TYR F 134 -3.72 -20.00 25.45
CA TYR F 134 -3.40 -19.12 26.56
C TYR F 134 -3.08 -17.73 26.02
N ARG F 135 -3.98 -16.79 26.27
CA ARG F 135 -3.92 -15.48 25.66
C ARG F 135 -3.59 -14.35 26.64
N GLN F 136 -2.66 -13.48 26.25
CA GLN F 136 -2.35 -12.27 27.01
C GLN F 136 -2.65 -11.07 26.14
N GLN F 137 -3.05 -9.97 26.77
CA GLN F 137 -3.23 -8.72 26.04
C GLN F 137 -2.58 -7.61 26.84
N PHE F 138 -1.78 -6.78 26.17
CA PHE F 138 -1.08 -5.71 26.85
C PHE F 138 -0.57 -4.65 25.88
N PRO F 139 -0.27 -3.46 26.41
CA PRO F 139 0.27 -2.36 25.60
C PRO F 139 1.79 -2.44 25.47
N ILE F 140 2.33 -1.78 24.44
CA ILE F 140 3.77 -1.65 24.28
C ILE F 140 4.12 -0.22 23.84
N LYS F 141 4.94 0.45 24.64
CA LYS F 141 5.36 1.83 24.33
C LYS F 141 5.98 1.90 22.93
N ALA F 142 6.12 3.10 22.41
CA ALA F 142 6.59 3.28 21.04
C ALA F 142 8.06 2.95 20.85
N LEU F 143 8.40 1.78 20.28
CA LEU F 143 9.82 1.41 20.07
C LEU F 143 10.43 0.48 21.13
N SER F 144 9.69 0.23 22.20
CA SER F 144 10.07 -0.77 23.21
C SER F 144 10.22 -2.22 22.72
N SER F 145 11.02 -3.03 23.44
CA SER F 145 10.79 -4.48 23.37
C SER F 145 9.87 -4.80 24.53
N ARG F 146 9.51 -6.06 24.65
CA ARG F 146 8.88 -6.56 25.85
C ARG F 146 9.02 -8.07 25.93
N ALA F 147 9.39 -8.57 27.11
CA ALA F 147 9.55 -10.01 27.28
C ALA F 147 8.22 -10.67 27.59
N VAL F 148 8.02 -11.85 27.01
CA VAL F 148 6.85 -12.65 27.32
C VAL F 148 7.31 -14.06 27.63
N PRO F 149 7.34 -14.42 28.92
CA PRO F 149 7.72 -15.78 29.35
C PRO F 149 6.60 -16.80 29.11
N PHE F 150 6.99 -18.02 28.74
CA PHE F 150 6.05 -19.14 28.64
C PHE F 150 6.60 -20.32 29.40
N VAL F 151 5.85 -20.81 30.37
CA VAL F 151 6.27 -21.97 31.15
C VAL F 151 5.70 -23.22 30.50
N ILE F 152 6.56 -24.21 30.28
CA ILE F 152 6.11 -25.47 29.66
C ILE F 152 6.85 -26.68 30.22
N VAL F 153 6.23 -27.84 30.08
CA VAL F 153 6.81 -29.10 30.55
C VAL F 153 6.81 -30.12 29.41
N PRO F 154 7.98 -30.36 28.81
CA PRO F 154 8.09 -31.36 27.74
C PRO F 154 7.66 -32.74 28.24
N LEU F 155 6.76 -33.39 27.51
CA LEU F 155 6.23 -34.69 27.92
C LEU F 155 6.71 -35.82 27.03
N GLU F 156 7.15 -35.47 25.82
CA GLU F 156 7.66 -36.46 24.87
C GLU F 156 9.09 -36.12 24.50
N GLN F 157 9.88 -37.15 24.24
CA GLN F 157 11.23 -36.99 23.72
C GLN F 157 11.17 -36.62 22.23
N GLY F 158 12.22 -35.97 21.72
CA GLY F 158 12.28 -35.64 20.31
C GLY F 158 12.26 -34.16 20.01
N LEU F 159 11.95 -33.81 18.76
CA LEU F 159 11.84 -32.41 18.36
C LEU F 159 10.38 -32.01 18.29
N HIS F 160 10.01 -30.95 18.98
CA HIS F 160 8.62 -30.53 19.03
C HIS F 160 8.44 -29.03 18.86
N ASP F 161 7.42 -28.65 18.10
CA ASP F 161 7.20 -27.27 17.72
C ASP F 161 6.59 -26.44 18.84
N VAL F 162 7.23 -25.31 19.13
CA VAL F 162 6.64 -24.27 19.96
C VAL F 162 6.21 -23.16 19.03
N GLU F 163 4.93 -22.82 19.03
CA GLU F 163 4.42 -21.79 18.13
C GLU F 163 3.73 -20.66 18.88
N ILE F 164 4.21 -19.44 18.64
CA ILE F 164 3.68 -18.24 19.29
C ILE F 164 3.17 -17.29 18.23
N LYS F 165 2.02 -16.69 18.46
CA LYS F 165 1.44 -15.77 17.50
C LYS F 165 1.06 -14.45 18.14
N ALA F 166 1.30 -13.35 17.44
CA ALA F 166 0.96 -12.03 17.96
C ALA F 166 0.34 -11.16 16.88
N SER F 167 -0.50 -10.22 17.33
CA SER F 167 -1.19 -9.30 16.44
C SER F 167 -1.39 -7.98 17.15
N VAL F 168 -1.30 -6.88 16.40
CA VAL F 168 -1.58 -5.57 16.96
C VAL F 168 -3.03 -5.17 16.70
N GLN F 169 -3.67 -4.58 17.72
CA GLN F 169 -5.08 -4.19 17.63
C GLN F 169 -5.27 -3.07 16.62
N GLU F 170 -6.43 -3.07 15.96
CA GLU F 170 -6.78 -2.04 14.97
C GLU F 170 -5.68 -1.69 13.98
N ALA F 171 -4.94 -2.69 13.53
CA ALA F 171 -3.91 -2.50 12.50
C ALA F 171 -3.58 -3.81 11.82
N LEU F 172 -2.76 -3.74 10.77
CA LEU F 172 -2.46 -4.92 9.97
C LEU F 172 -1.13 -5.57 10.34
N TRP F 173 -0.70 -5.41 11.59
CA TRP F 173 0.60 -5.93 12.00
C TRP F 173 0.51 -7.23 12.78
N SER F 174 1.05 -8.29 12.20
CA SER F 174 1.00 -9.61 12.79
C SER F 174 2.33 -10.34 12.62
N ASP F 175 2.62 -11.25 13.54
CA ASP F 175 3.77 -12.12 13.37
C ASP F 175 3.58 -13.43 14.11
N GLY F 176 4.08 -14.50 13.51
CA GLY F 176 4.10 -15.79 14.17
C GLY F 176 5.45 -16.46 14.04
N VAL F 177 5.82 -17.22 15.06
CA VAL F 177 7.06 -17.97 15.03
C VAL F 177 6.82 -19.41 15.48
N ARG F 178 7.36 -20.35 14.72
CA ARG F 178 7.30 -21.76 15.09
C ARG F 178 8.72 -22.32 15.11
N LYS F 179 9.25 -22.57 16.30
CA LYS F 179 10.59 -23.15 16.40
C LYS F 179 10.59 -24.54 17.02
N LYS F 180 11.59 -25.34 16.68
CA LYS F 180 11.67 -26.69 17.19
C LYS F 180 12.47 -26.74 18.48
N LEU F 181 11.93 -27.47 19.45
CA LEU F 181 12.55 -27.61 20.76
C LEU F 181 13.01 -29.04 20.95
N LYS F 182 14.33 -29.23 21.04
CA LYS F 182 14.89 -30.58 21.19
C LYS F 182 14.70 -31.09 22.60
N VAL F 183 14.06 -32.25 22.72
CA VAL F 183 13.79 -32.81 24.03
C VAL F 183 14.47 -34.16 24.22
N VAL F 184 15.48 -34.17 25.07
CA VAL F 184 16.23 -35.37 25.36
C VAL F 184 15.66 -36.05 26.61
N PRO F 185 15.89 -37.37 26.74
CA PRO F 185 15.36 -38.07 27.92
C PRO F 185 16.16 -37.76 29.17
N GLU F 186 15.61 -38.12 30.32
CA GLU F 186 16.29 -37.92 31.60
C GLU F 186 17.55 -38.77 31.68
N GLY F 187 18.50 -38.34 32.50
CA GLY F 187 19.68 -39.15 32.76
C GLY F 187 20.94 -38.67 32.06
N VAL F 188 22.00 -39.46 32.17
CA VAL F 188 23.28 -39.13 31.56
C VAL F 188 23.68 -40.22 30.57
N GLN F 189 24.11 -39.81 29.38
CA GLN F 189 24.54 -40.75 28.36
C GLN F 189 25.91 -41.33 28.70
N LYS F 190 25.95 -42.65 28.87
CA LYS F 190 27.21 -43.34 29.10
C LYS F 190 27.53 -44.23 27.90
N SER F 191 28.69 -44.88 27.91
CA SER F 191 29.06 -45.80 26.84
C SER F 191 29.99 -46.91 27.33
N ILE F 192 29.71 -48.14 26.91
CA ILE F 192 30.58 -49.28 27.20
C ILE F 192 31.53 -49.53 26.03
N VAL F 193 32.79 -49.81 26.35
CA VAL F 193 33.78 -50.04 25.31
C VAL F 193 34.37 -51.45 25.35
N THR F 194 34.10 -52.22 24.30
CA THR F 194 34.74 -53.53 24.14
C THR F 194 35.78 -53.44 23.03
N ILE F 195 36.97 -53.97 23.29
CA ILE F 195 38.04 -54.01 22.30
C ILE F 195 38.35 -55.44 21.89
N VAL F 196 38.53 -55.66 20.58
CA VAL F 196 38.95 -56.96 20.09
C VAL F 196 40.10 -56.81 19.10
N LYS F 197 41.15 -57.60 19.29
CA LYS F 197 42.29 -57.57 18.40
C LYS F 197 42.13 -58.59 17.27
N LEU F 198 42.06 -58.10 16.03
CA LEU F 198 41.88 -58.97 14.87
C LEU F 198 43.22 -59.36 14.24
N ASP F 199 43.58 -60.63 14.36
CA ASP F 199 44.81 -61.15 13.79
C ASP F 199 44.56 -62.61 13.37
N PRO F 200 44.04 -62.80 12.15
CA PRO F 200 43.67 -64.14 11.66
C PRO F 200 44.90 -64.99 11.51
N ARG F 201 45.98 -64.36 11.04
CA ARG F 201 47.24 -65.04 10.78
C ARG F 201 47.79 -65.71 12.02
N ALA F 202 47.40 -65.22 13.19
CA ALA F 202 47.88 -65.76 14.45
C ALA F 202 47.43 -67.21 14.68
N LYS F 203 46.65 -67.73 13.74
CA LYS F 203 46.06 -69.06 13.90
C LYS F 203 46.43 -70.01 12.77
N GLY F 204 47.47 -69.64 12.03
CA GLY F 204 47.97 -70.48 10.98
C GLY F 204 47.83 -69.81 9.63
N VAL F 205 48.38 -70.45 8.61
CA VAL F 205 48.21 -69.93 7.25
C VAL F 205 46.75 -69.71 6.77
N GLY F 206 45.86 -70.70 6.93
CA GLY F 206 44.50 -70.55 6.42
C GLY F 206 43.55 -69.80 7.33
N GLY F 207 44.12 -69.21 8.38
CA GLY F 207 43.50 -68.29 9.34
C GLY F 207 42.10 -67.73 9.27
N THR F 208 41.29 -68.07 10.27
CA THR F 208 40.05 -67.39 10.58
C THR F 208 40.08 -67.02 12.07
N GLN F 209 39.61 -65.84 12.43
CA GLN F 209 39.22 -65.55 13.81
C GLN F 209 37.72 -65.49 13.70
N LEU F 210 37.01 -66.11 14.63
CA LEU F 210 35.59 -65.88 14.73
C LEU F 210 35.32 -65.37 16.12
N GLU F 211 34.82 -64.13 16.19
CA GLU F 211 34.56 -63.48 17.45
C GLU F 211 33.07 -63.26 17.63
N VAL F 212 32.52 -63.86 18.66
CA VAL F 212 31.13 -63.61 19.04
C VAL F 212 31.11 -62.64 20.21
N ILE F 213 30.77 -61.39 19.92
CA ILE F 213 30.57 -60.40 20.96
C ILE F 213 29.10 -60.39 21.33
N LYS F 214 28.77 -60.90 22.51
CA LYS F 214 27.38 -61.01 22.91
C LYS F 214 26.81 -59.67 23.36
N ALA F 215 25.50 -59.65 23.57
CA ALA F 215 24.82 -58.45 24.04
C ALA F 215 25.51 -57.92 25.29
N ARG F 216 25.84 -56.64 25.28
CA ARG F 216 26.57 -56.04 26.39
C ARG F 216 25.67 -55.82 27.59
N LYS F 217 26.23 -56.01 28.79
CA LYS F 217 25.50 -55.82 30.03
C LYS F 217 25.52 -54.35 30.43
N LEU F 218 24.34 -53.78 30.64
CA LEU F 218 24.21 -52.36 30.90
C LEU F 218 22.96 -52.06 31.74
N ASP F 219 22.96 -52.48 33.00
CA ASP F 219 21.73 -52.46 33.78
C ASP F 219 21.53 -51.21 34.65
N ASP F 220 22.12 -50.09 34.22
CA ASP F 220 21.81 -48.80 34.83
C ASP F 220 20.73 -48.18 33.97
N ARG F 221 20.51 -48.79 32.81
CA ARG F 221 19.78 -48.16 31.71
C ARG F 221 18.34 -47.80 32.03
N VAL F 222 18.03 -46.52 31.84
CA VAL F 222 16.66 -46.05 31.86
C VAL F 222 15.88 -46.83 30.83
N PRO F 223 14.78 -47.48 31.25
CA PRO F 223 14.00 -48.30 30.33
C PRO F 223 13.31 -47.45 29.25
N ASP F 224 13.22 -48.00 28.05
CA ASP F 224 12.41 -47.41 26.97
C ASP F 224 13.08 -46.23 26.26
N THR F 225 14.40 -46.15 26.34
CA THR F 225 15.14 -45.15 25.57
C THR F 225 15.96 -45.85 24.49
N GLU F 226 16.39 -45.09 23.49
CA GLU F 226 17.13 -45.66 22.37
C GLU F 226 18.56 -46.05 22.73
N ILE F 227 18.98 -47.19 22.21
CA ILE F 227 20.36 -47.66 22.36
C ILE F 227 21.03 -47.59 21.00
N GLU F 228 22.28 -47.13 20.97
CA GLU F 228 23.01 -47.08 19.71
C GLU F 228 24.39 -47.68 19.82
N THR F 229 24.70 -48.59 18.91
CA THR F 229 25.97 -49.29 18.89
C THR F 229 26.79 -48.93 17.66
N LYS F 230 28.05 -48.57 17.88
CA LYS F 230 28.97 -48.31 16.77
C LYS F 230 30.10 -49.34 16.75
N ILE F 231 30.22 -50.05 15.64
CA ILE F 231 31.32 -50.99 15.45
C ILE F 231 32.37 -50.37 14.54
N ILE F 232 33.48 -49.94 15.12
CA ILE F 232 34.54 -49.29 14.35
C ILE F 232 35.72 -50.23 14.11
N ILE F 233 36.33 -50.12 12.94
CA ILE F 233 37.52 -50.90 12.61
C ILE F 233 38.63 -49.98 12.12
N GLN F 234 39.76 -49.99 12.83
CA GLN F 234 40.97 -49.32 12.34
C GLN F 234 41.98 -50.37 11.89
N GLY F 235 42.75 -50.04 10.86
CA GLY F 235 43.79 -50.93 10.39
C GLY F 235 45.10 -50.66 11.11
N ASP F 236 46.00 -51.63 11.08
CA ASP F 236 47.33 -51.46 11.68
C ASP F 236 48.27 -50.80 10.69
N PRO F 237 48.99 -49.76 11.14
CA PRO F 237 49.97 -49.03 10.32
C PRO F 237 51.03 -49.96 9.73
N ASP G 9 50.81 -57.41 1.34
CA ASP G 9 51.33 -57.41 2.71
C ASP G 9 50.19 -57.41 3.72
N LEU G 10 49.68 -56.22 4.04
CA LEU G 10 48.44 -56.12 4.79
C LEU G 10 47.32 -56.37 3.78
N ASN G 11 46.42 -57.29 4.12
CA ASN G 11 45.30 -57.63 3.24
C ASN G 11 44.29 -58.45 4.01
N LEU G 12 43.28 -57.76 4.57
CA LEU G 12 42.37 -58.40 5.51
C LEU G 12 40.93 -58.36 5.03
N ASP G 13 40.24 -59.49 5.14
CA ASP G 13 38.81 -59.58 4.80
C ASP G 13 37.99 -59.63 6.08
N ILE G 14 36.90 -58.87 6.11
CA ILE G 14 36.06 -58.81 7.30
C ILE G 14 34.60 -59.08 6.98
N THR G 15 33.98 -59.94 7.78
CA THR G 15 32.53 -60.17 7.71
C THR G 15 31.90 -59.82 9.05
N ILE G 16 30.86 -59.01 9.02
CA ILE G 16 30.15 -58.65 10.24
C ILE G 16 28.68 -59.02 10.13
N GLU G 17 28.28 -60.05 10.89
CA GLU G 17 26.90 -60.53 10.87
C GLU G 17 26.10 -59.98 12.04
N LEU G 18 24.94 -59.41 11.73
CA LEU G 18 24.08 -58.84 12.75
C LEU G 18 22.67 -59.39 12.59
N PRO G 19 22.06 -59.83 13.71
CA PRO G 19 20.69 -60.36 13.70
C PRO G 19 19.66 -59.39 13.13
N ASP G 20 20.01 -58.12 12.99
CA ASP G 20 19.06 -57.12 12.49
C ASP G 20 18.90 -57.16 10.96
N ARG G 21 19.78 -57.89 10.28
CA ARG G 21 19.68 -58.05 8.84
C ARG G 21 20.22 -59.39 8.37
N GLU G 22 19.93 -59.75 7.13
CA GLU G 22 20.40 -61.02 6.56
C GLU G 22 21.79 -60.84 5.94
N VAL G 23 21.87 -60.01 4.91
CA VAL G 23 23.15 -59.71 4.28
C VAL G 23 24.16 -59.17 5.28
N PRO G 24 25.27 -59.91 5.49
CA PRO G 24 26.36 -59.43 6.35
C PRO G 24 27.20 -58.37 5.65
N ILE G 25 28.01 -57.68 6.44
CA ILE G 25 28.83 -56.59 5.93
C ILE G 25 30.25 -57.07 5.64
N ARG G 26 30.72 -56.83 4.42
CA ARG G 26 32.07 -57.23 4.03
C ARG G 26 33.01 -56.03 3.87
N TYR G 27 34.19 -56.13 4.46
CA TYR G 27 35.21 -55.08 4.36
C TYR G 27 36.51 -55.66 3.85
N ARG G 28 37.27 -54.86 3.11
CA ARG G 28 38.63 -55.22 2.73
C ARG G 28 39.61 -54.11 3.12
N ILE G 29 40.53 -54.44 4.02
CA ILE G 29 41.50 -53.46 4.49
C ILE G 29 42.90 -53.80 3.98
N ASN G 30 43.56 -52.82 3.36
CA ASN G 30 44.96 -52.98 2.97
C ASN G 30 45.76 -51.68 3.09
N TYR G 31 46.96 -51.68 2.53
CA TYR G 31 47.92 -50.59 2.70
C TYR G 31 47.39 -49.23 2.25
N GLU G 32 46.59 -49.23 1.19
CA GLU G 32 46.16 -47.98 0.58
C GLU G 32 45.00 -47.30 1.31
N ASN G 33 44.36 -48.04 2.21
CA ASN G 33 43.19 -47.53 2.92
C ASN G 33 43.11 -47.96 4.37
N ALA G 34 44.25 -48.18 5.00
CA ALA G 34 44.29 -48.66 6.38
C ALA G 34 44.13 -47.51 7.37
N LEU G 35 44.49 -46.30 6.96
CA LEU G 35 44.26 -45.12 7.78
C LEU G 35 42.76 -44.90 7.95
N LEU G 36 41.98 -45.37 6.98
CA LEU G 36 40.55 -45.17 6.98
C LEU G 36 39.86 -46.08 8.00
N ALA G 37 38.98 -45.49 8.79
CA ALA G 37 38.22 -46.24 9.78
C ALA G 37 36.83 -46.61 9.25
N ARG G 38 36.49 -47.88 9.37
CA ARG G 38 35.21 -48.38 8.87
C ARG G 38 34.22 -48.51 10.03
N THR G 39 33.06 -47.89 9.88
CA THR G 39 32.08 -47.87 10.95
C THR G 39 30.74 -48.48 10.54
N VAL G 40 30.14 -49.22 11.46
CA VAL G 40 28.83 -49.79 11.24
C VAL G 40 27.90 -49.40 12.40
N GLU G 41 26.78 -48.77 12.07
CA GLU G 41 25.81 -48.36 13.09
C GLU G 41 24.62 -49.29 13.14
N THR G 42 24.30 -49.78 14.33
CA THR G 42 23.07 -50.54 14.55
C THR G 42 22.28 -49.93 15.70
N LYS G 43 20.98 -50.22 15.76
CA LYS G 43 20.12 -49.68 16.80
C LYS G 43 19.74 -50.74 17.83
N LEU G 44 20.49 -51.83 17.87
CA LEU G 44 20.14 -52.96 18.71
C LEU G 44 21.30 -53.47 19.55
N ASN G 45 21.01 -53.82 20.79
CA ASN G 45 21.97 -54.45 21.67
C ASN G 45 21.88 -55.97 21.55
N GLN G 46 22.23 -56.48 20.37
CA GLN G 46 22.17 -57.91 20.10
C GLN G 46 23.56 -58.46 19.80
N ASP G 47 23.66 -59.78 19.77
CA ASP G 47 24.92 -60.44 19.47
C ASP G 47 25.53 -59.94 18.16
N ILE G 48 26.85 -59.87 18.12
CA ILE G 48 27.56 -59.51 16.91
C ILE G 48 28.58 -60.61 16.61
N THR G 49 28.57 -61.09 15.37
CA THR G 49 29.53 -62.10 14.95
C THR G 49 30.48 -61.54 13.90
N VAL G 50 31.77 -61.49 14.24
CA VAL G 50 32.77 -60.98 13.32
C VAL G 50 33.75 -62.07 12.92
N THR G 51 33.97 -62.21 11.61
CA THR G 51 35.03 -63.07 11.12
C THR G 51 36.09 -62.22 10.43
N ALA G 52 37.28 -62.79 10.28
CA ALA G 52 38.36 -62.09 9.61
C ALA G 52 39.30 -63.09 8.94
N SER G 53 39.27 -63.13 7.62
CA SER G 53 40.20 -63.94 6.85
C SER G 53 41.30 -63.03 6.32
N GLY G 54 42.53 -63.52 6.30
CA GLY G 54 43.57 -62.75 5.65
C GLY G 54 44.93 -62.68 6.34
N ASP G 55 45.63 -61.58 6.07
CA ASP G 55 47.04 -61.46 6.39
C ASP G 55 47.31 -60.51 7.55
N GLY G 56 46.76 -59.31 7.45
CA GLY G 56 47.12 -58.24 8.36
C GLY G 56 46.55 -58.28 9.77
N LYS G 57 46.59 -57.12 10.42
CA LYS G 57 46.04 -56.95 11.77
C LYS G 57 45.05 -55.79 11.80
N ALA G 58 44.23 -55.75 12.84
CA ALA G 58 43.24 -54.69 12.99
C ALA G 58 42.66 -54.66 14.40
N THR G 59 42.30 -53.47 14.86
CA THR G 59 41.64 -53.31 16.14
C THR G 59 40.16 -52.94 15.94
N MET G 60 39.28 -53.71 16.56
CA MET G 60 37.86 -53.45 16.45
C MET G 60 37.32 -52.90 17.77
N THR G 61 36.90 -51.64 17.76
CA THR G 61 36.32 -51.00 18.94
C THR G 61 34.81 -51.02 18.87
N ILE G 62 34.16 -51.70 19.81
CA ILE G 62 32.70 -51.74 19.86
C ILE G 62 32.14 -50.82 20.94
N LEU G 63 31.54 -49.71 20.52
CA LEU G 63 30.99 -48.72 21.44
C LEU G 63 29.47 -48.81 21.53
N THR G 64 28.96 -49.08 22.72
CA THR G 64 27.53 -49.10 22.94
C THR G 64 27.08 -47.91 23.77
N PHE G 65 26.18 -47.10 23.20
CA PHE G 65 25.66 -45.91 23.87
C PHE G 65 24.24 -46.14 24.37
N TYR G 66 24.01 -45.87 25.65
CA TYR G 66 22.67 -45.97 26.23
C TYR G 66 22.41 -44.82 27.20
N ASN G 67 21.18 -44.74 27.71
CA ASN G 67 20.86 -43.77 28.74
C ASN G 67 20.82 -44.40 30.13
N ALA G 68 21.71 -43.93 30.99
CA ALA G 68 21.84 -44.50 32.33
C ALA G 68 21.25 -43.56 33.38
N GLN G 69 20.59 -44.14 34.38
CA GLN G 69 20.07 -43.37 35.50
C GLN G 69 21.22 -42.68 36.23
N LEU G 70 20.93 -41.49 36.75
CA LEU G 70 21.92 -40.77 37.55
C LEU G 70 21.49 -40.77 39.01
N GLN G 71 22.44 -40.56 39.91
CA GLN G 71 22.09 -40.45 41.33
C GLN G 71 21.04 -39.35 41.51
N GLU G 72 19.95 -39.71 42.18
CA GLU G 72 18.66 -39.00 42.10
C GLU G 72 18.65 -37.46 42.12
N LYS G 73 19.82 -36.85 42.09
CA LYS G 73 19.90 -35.44 41.77
C LYS G 73 19.35 -35.15 40.37
N ALA G 74 18.39 -34.23 40.28
CA ALA G 74 18.04 -33.58 39.02
C ALA G 74 18.60 -32.14 38.98
N ASN G 75 17.77 -31.18 38.54
CA ASN G 75 18.19 -29.78 38.46
C ASN G 75 19.05 -29.32 39.62
N VAL G 76 18.75 -29.84 40.82
CA VAL G 76 19.43 -29.49 42.08
C VAL G 76 20.34 -28.27 41.94
N CYS G 77 19.98 -27.17 42.60
CA CYS G 77 20.89 -26.04 42.53
C CYS G 77 22.20 -26.51 43.15
N ASN G 78 23.22 -26.63 42.30
CA ASN G 78 24.50 -27.16 42.72
C ASN G 78 25.39 -26.11 43.36
N LYS G 79 25.28 -24.87 42.88
CA LYS G 79 26.22 -23.83 43.25
C LYS G 79 25.56 -22.79 44.16
N PHE G 80 24.24 -22.74 44.14
CA PHE G 80 23.50 -21.84 45.02
C PHE G 80 22.35 -22.56 45.72
N HIS G 81 21.96 -22.06 46.88
CA HIS G 81 20.65 -22.38 47.42
C HIS G 81 19.74 -21.25 47.02
N LEU G 82 18.50 -21.57 46.67
CA LEU G 82 17.55 -20.53 46.28
C LEU G 82 16.18 -20.81 46.86
N ASN G 83 15.67 -19.85 47.63
CA ASN G 83 14.30 -19.94 48.13
C ASN G 83 13.48 -18.76 47.62
N VAL G 84 12.39 -19.06 46.92
CA VAL G 84 11.48 -18.02 46.48
C VAL G 84 10.08 -18.26 47.01
N SER G 85 9.57 -17.31 47.77
CA SER G 85 8.22 -17.40 48.28
C SER G 85 7.44 -16.20 47.79
N VAL G 86 6.13 -16.24 47.93
CA VAL G 86 5.30 -15.11 47.57
C VAL G 86 4.03 -15.13 48.43
N GLU G 87 3.67 -13.97 48.99
CA GLU G 87 2.58 -13.89 49.95
C GLU G 87 1.70 -12.68 49.73
N ASN G 88 0.40 -12.84 49.94
CA ASN G 88 -0.56 -11.75 49.73
C ASN G 88 -0.50 -10.70 50.82
N ILE G 89 -0.79 -9.45 50.46
CA ILE G 89 -0.64 -8.34 51.40
C ILE G 89 -1.76 -7.30 51.31
N HIS G 90 -2.02 -6.66 52.46
CA HIS G 90 -3.04 -5.62 52.57
C HIS G 90 -2.53 -4.31 51.99
N LEU G 91 -3.22 -3.78 50.98
CA LEU G 91 -2.76 -2.58 50.29
C LEU G 91 -3.89 -1.65 49.83
N ASN G 92 -4.60 -1.06 50.78
CA ASN G 92 -5.67 -0.11 50.44
C ASN G 92 -5.15 1.32 50.32
N GLY G 98 -5.31 -6.92 43.19
CA GLY G 98 -4.34 -7.84 43.76
C GLY G 98 -2.93 -7.29 43.83
N ALA G 99 -2.15 -7.82 44.77
CA ALA G 99 -0.75 -7.43 44.91
C ALA G 99 -0.04 -8.32 45.93
N LEU G 100 1.21 -8.68 45.64
CA LEU G 100 1.94 -9.62 46.50
C LEU G 100 3.36 -9.17 46.80
N MET G 101 3.95 -9.81 47.81
CA MET G 101 5.33 -9.57 48.21
C MET G 101 6.18 -10.75 47.79
N LEU G 102 7.30 -10.46 47.14
CA LEU G 102 8.18 -11.50 46.61
C LEU G 102 9.50 -11.56 47.39
N LYS G 103 9.71 -12.64 48.12
CA LYS G 103 10.95 -12.82 48.88
C LYS G 103 11.86 -13.81 48.19
N ILE G 104 13.10 -13.40 47.95
CA ILE G 104 14.09 -14.25 47.32
C ILE G 104 15.35 -14.36 48.18
N CYS G 105 15.61 -15.56 48.68
CA CYS G 105 16.79 -15.80 49.50
C CYS G 105 17.79 -16.66 48.76
N THR G 106 19.06 -16.30 48.82
CA THR G 106 20.07 -17.02 48.07
C THR G 106 21.43 -16.99 48.76
N ARG G 107 22.21 -18.05 48.58
CA ARG G 107 23.56 -18.12 49.14
C ARG G 107 24.46 -19.02 48.30
N TYR G 108 25.65 -18.53 47.99
CA TYR G 108 26.63 -19.30 47.23
C TYR G 108 27.13 -20.47 48.06
N LEU G 109 27.13 -21.67 47.48
CA LEU G 109 27.51 -22.87 48.20
C LEU G 109 29.01 -23.14 48.15
N GLY G 110 29.77 -22.15 47.71
CA GLY G 110 31.20 -22.33 47.50
C GLY G 110 32.06 -22.06 48.72
N GLU G 111 33.36 -21.96 48.48
CA GLU G 111 34.33 -21.73 49.54
C GLU G 111 34.44 -20.26 49.89
N VAL G 112 34.21 -19.40 48.89
CA VAL G 112 34.28 -17.95 49.09
C VAL G 112 33.11 -17.24 48.45
N ASP G 113 32.86 -16.00 48.85
CA ASP G 113 31.81 -15.18 48.27
C ASP G 113 31.95 -15.21 46.75
N SER G 114 30.84 -15.21 46.03
CA SER G 114 30.87 -15.41 44.59
C SER G 114 30.88 -14.13 43.79
N THR G 115 31.90 -13.96 42.96
CA THR G 115 32.08 -12.70 42.24
C THR G 115 30.96 -12.51 41.20
N MET G 116 30.57 -11.25 40.93
CA MET G 116 29.51 -10.93 39.95
C MET G 116 28.44 -12.02 39.90
N THR G 117 27.37 -11.84 40.68
CA THR G 117 26.25 -12.79 40.67
C THR G 117 25.04 -12.17 39.97
N ILE G 118 24.19 -13.00 39.39
CA ILE G 118 23.02 -12.49 38.64
C ILE G 118 21.73 -13.15 39.10
N ILE G 119 20.73 -12.34 39.43
CA ILE G 119 19.44 -12.88 39.83
C ILE G 119 18.37 -12.56 38.79
N ASP G 120 18.08 -13.55 37.96
CA ASP G 120 17.17 -13.39 36.83
C ASP G 120 15.74 -13.62 37.33
N ILE G 121 14.85 -12.68 37.05
CA ILE G 121 13.47 -12.79 37.55
C ILE G 121 12.42 -12.51 36.48
N SER G 122 11.45 -13.41 36.36
CA SER G 122 10.32 -13.20 35.48
C SER G 122 9.06 -12.99 36.30
N MET G 123 8.15 -12.17 35.79
CA MET G 123 6.94 -11.84 36.52
C MET G 123 5.84 -12.85 36.23
N LEU G 124 4.96 -13.04 37.21
CA LEU G 124 3.71 -13.76 37.00
C LEU G 124 2.94 -13.01 35.94
N THR G 125 2.05 -13.71 35.24
CA THR G 125 1.29 -13.07 34.17
C THR G 125 0.59 -11.82 34.68
N GLY G 126 0.76 -10.72 33.95
CA GLY G 126 0.06 -9.49 34.28
C GLY G 126 0.55 -8.78 35.53
N PHE G 127 1.68 -9.22 36.07
CA PHE G 127 2.26 -8.56 37.22
C PHE G 127 3.51 -7.79 36.81
N LEU G 128 3.76 -6.68 37.50
CA LEU G 128 4.96 -5.90 37.29
C LEU G 128 5.53 -5.48 38.64
N PRO G 129 6.83 -5.18 38.70
CA PRO G 129 7.47 -4.79 39.96
C PRO G 129 7.04 -3.40 40.43
N ASP G 130 6.73 -3.27 41.71
CA ASP G 130 6.42 -1.98 42.29
C ASP G 130 7.58 -1.04 42.05
N ALA G 131 7.32 0.05 41.33
CA ALA G 131 8.36 1.01 41.00
C ALA G 131 9.17 1.43 42.22
N GLU G 132 8.52 2.04 43.21
CA GLU G 132 9.23 2.52 44.39
C GLU G 132 10.10 1.45 45.02
N ASP G 133 9.52 0.28 45.27
CA ASP G 133 10.28 -0.82 45.88
C ASP G 133 11.50 -1.22 45.06
N LEU G 134 11.38 -1.13 43.74
CA LEU G 134 12.49 -1.48 42.85
C LEU G 134 13.54 -0.39 42.83
N THR G 135 13.10 0.86 42.77
CA THR G 135 14.01 2.01 42.79
C THR G 135 14.85 1.95 44.07
N ARG G 136 14.23 1.47 45.13
CA ARG G 136 14.88 1.38 46.43
C ARG G 136 15.90 0.24 46.40
N LEU G 137 15.65 -0.76 45.56
CA LEU G 137 16.56 -1.89 45.40
C LEU G 137 17.82 -1.51 44.64
N SER G 138 17.66 -0.74 43.57
CA SER G 138 18.78 -0.37 42.71
C SER G 138 19.82 0.48 43.44
N LYS G 139 19.33 1.26 44.41
CA LYS G 139 20.22 2.08 45.23
C LYS G 139 21.25 1.21 45.93
N GLY G 140 22.52 1.57 45.76
CA GLY G 140 23.60 0.81 46.35
C GLY G 140 24.85 0.91 45.50
N VAL G 141 26.01 0.90 46.16
CA VAL G 141 27.28 0.94 45.46
C VAL G 141 27.61 -0.46 44.92
N ASP G 142 26.88 -1.45 45.41
CA ASP G 142 27.19 -2.85 45.16
C ASP G 142 26.27 -3.51 44.13
N ARG G 143 25.41 -2.71 43.51
CA ARG G 143 24.37 -3.28 42.65
C ARG G 143 24.25 -2.62 41.29
N TYR G 144 23.42 -3.23 40.44
CA TYR G 144 23.04 -2.63 39.17
C TYR G 144 21.73 -3.24 38.71
N ILE G 145 20.88 -2.40 38.15
CA ILE G 145 19.67 -2.84 37.47
C ILE G 145 19.55 -2.01 36.21
N SER G 146 19.37 -2.67 35.07
CA SER G 146 19.26 -1.94 33.81
C SER G 146 18.08 -0.97 33.90
N ARG G 147 18.13 0.10 33.12
CA ARG G 147 17.11 1.13 33.17
C ARG G 147 15.71 0.57 32.90
N TYR G 148 14.73 1.06 33.64
CA TYR G 148 13.33 0.71 33.40
C TYR G 148 12.44 1.94 33.38
N GLU G 149 11.43 1.92 32.53
CA GLU G 149 10.45 2.99 32.49
C GLU G 149 9.42 2.78 33.58
N VAL G 150 8.63 3.81 33.87
CA VAL G 150 7.60 3.70 34.91
C VAL G 150 6.28 4.30 34.45
N ASP G 151 5.19 3.60 34.75
CA ASP G 151 3.85 4.15 34.58
C ASP G 151 2.97 3.60 35.70
N ASN G 152 2.02 4.39 36.17
CA ASN G 152 1.15 3.98 37.27
C ASN G 152 1.92 3.26 38.38
N ASN G 153 3.05 3.83 38.78
CA ASN G 153 3.88 3.27 39.84
C ASN G 153 4.30 1.81 39.62
N MET G 154 4.49 1.43 38.36
CA MET G 154 4.93 0.09 38.02
C MET G 154 6.09 0.11 37.04
N ALA G 155 7.12 -0.66 37.32
CA ALA G 155 8.27 -0.76 36.43
C ALA G 155 7.90 -1.58 35.21
N GLN G 156 8.01 -0.99 34.02
CA GLN G 156 7.57 -1.65 32.80
C GLN G 156 8.57 -2.71 32.31
N LYS G 157 8.90 -3.64 33.20
CA LYS G 157 9.79 -4.75 32.88
C LYS G 157 9.18 -6.05 33.37
N VAL G 158 8.95 -7.01 32.45
CA VAL G 158 8.46 -8.33 32.85
C VAL G 158 9.60 -9.22 33.29
N ALA G 159 10.77 -9.04 32.65
CA ALA G 159 11.99 -9.72 33.08
C ALA G 159 12.90 -8.73 33.79
N VAL G 160 13.21 -9.02 35.05
CA VAL G 160 13.98 -8.09 35.87
C VAL G 160 15.27 -8.72 36.36
N ILE G 161 16.38 -8.28 35.79
CA ILE G 161 17.69 -8.79 36.19
C ILE G 161 18.35 -7.83 37.18
N ILE G 162 18.82 -8.38 38.29
CA ILE G 162 19.57 -7.61 39.28
C ILE G 162 20.98 -8.16 39.35
N TYR G 163 21.95 -7.33 39.02
CA TYR G 163 23.34 -7.77 39.02
C TYR G 163 24.04 -7.36 40.32
N LEU G 164 24.38 -8.36 41.13
CA LEU G 164 25.06 -8.15 42.39
C LEU G 164 26.57 -8.28 42.21
N ASN G 165 27.33 -7.47 42.95
CA ASN G 165 28.78 -7.56 42.88
C ASN G 165 29.29 -8.81 43.58
N LYS G 166 28.51 -9.31 44.54
CA LYS G 166 28.85 -10.54 45.23
C LYS G 166 27.67 -11.15 45.98
N VAL G 167 27.87 -12.37 46.47
CA VAL G 167 26.88 -13.05 47.29
C VAL G 167 27.59 -13.93 48.31
N SER G 168 27.15 -13.87 49.56
CA SER G 168 27.86 -14.56 50.65
C SER G 168 27.83 -16.07 50.47
N HIS G 169 28.73 -16.76 51.16
CA HIS G 169 28.78 -18.22 51.13
C HIS G 169 28.50 -18.76 52.52
N SER G 170 28.36 -17.85 53.47
CA SER G 170 28.14 -18.19 54.87
C SER G 170 26.70 -17.86 55.25
N GLU G 171 26.40 -16.57 55.28
CA GLU G 171 25.06 -16.08 55.59
C GLU G 171 24.22 -15.94 54.33
N ASP G 172 22.94 -16.26 54.43
CA ASP G 172 22.03 -16.09 53.30
C ASP G 172 21.86 -14.60 53.00
N GLU G 173 21.57 -14.27 51.75
CA GLU G 173 21.33 -12.88 51.38
C GLU G 173 19.95 -12.72 50.76
N CYS G 174 19.01 -12.22 51.55
CA CYS G 174 17.62 -12.11 51.14
C CYS G 174 17.29 -10.73 50.58
N LEU G 175 16.49 -10.70 49.51
CA LEU G 175 15.99 -9.44 48.98
C LEU G 175 14.54 -9.62 48.55
N HIS G 176 13.77 -8.53 48.60
CA HIS G 176 12.34 -8.61 48.35
C HIS G 176 11.75 -7.32 47.80
N PHE G 177 10.68 -7.47 47.02
CA PHE G 177 9.92 -6.31 46.54
C PHE G 177 8.46 -6.68 46.24
N LYS G 178 7.62 -5.65 46.15
CA LYS G 178 6.20 -5.83 45.85
C LYS G 178 5.99 -5.99 44.35
N ILE G 179 5.03 -6.83 43.98
CA ILE G 179 4.61 -6.93 42.59
C ILE G 179 3.11 -6.67 42.49
N LEU G 180 2.70 -5.92 41.47
CA LEU G 180 1.33 -5.43 41.38
C LEU G 180 0.64 -5.86 40.09
N LYS G 181 -0.68 -6.02 40.14
CA LYS G 181 -1.41 -6.54 38.98
C LYS G 181 -1.78 -5.48 37.94
N HIS G 182 -1.00 -5.44 36.87
CA HIS G 182 -1.19 -4.53 35.75
C HIS G 182 -2.47 -4.87 34.97
N PHE G 183 -2.42 -5.95 34.20
CA PHE G 183 -3.60 -6.43 33.48
C PHE G 183 -4.12 -7.73 34.09
N GLU G 184 -5.45 -7.84 34.18
CA GLU G 184 -6.08 -8.99 34.84
C GLU G 184 -6.50 -10.07 33.85
N VAL G 185 -5.79 -11.19 33.87
CA VAL G 185 -6.05 -12.28 32.93
C VAL G 185 -6.58 -13.54 33.61
N GLY G 186 -7.02 -14.49 32.78
CA GLY G 186 -7.65 -15.71 33.26
C GLY G 186 -6.77 -16.58 34.14
N PHE G 187 -5.75 -17.17 33.54
CA PHE G 187 -4.82 -18.01 34.31
C PHE G 187 -3.51 -17.30 34.58
N ILE G 188 -2.98 -17.51 35.79
CA ILE G 188 -1.71 -16.90 36.16
C ILE G 188 -0.56 -17.89 35.99
N GLN G 189 0.24 -17.70 34.95
CA GLN G 189 1.46 -18.48 34.75
C GLN G 189 2.42 -18.27 35.90
N PRO G 190 3.09 -19.34 36.33
CA PRO G 190 4.12 -19.19 37.37
C PRO G 190 5.22 -18.28 36.87
N GLY G 191 5.88 -17.57 37.79
CA GLY G 191 7.06 -16.82 37.44
C GLY G 191 8.26 -17.67 37.80
N SER G 192 9.46 -17.22 37.46
CA SER G 192 10.65 -17.99 37.79
C SER G 192 11.79 -17.10 38.26
N VAL G 193 12.73 -17.70 38.99
CA VAL G 193 13.93 -17.02 39.45
C VAL G 193 15.15 -17.87 39.16
N LYS G 194 16.08 -17.32 38.37
CA LYS G 194 17.34 -17.98 38.07
C LYS G 194 18.47 -17.31 38.85
N VAL G 195 19.45 -18.11 39.27
CA VAL G 195 20.66 -17.57 39.88
C VAL G 195 21.95 -18.16 39.29
N TYR G 196 22.87 -17.29 38.91
CA TYR G 196 24.17 -17.73 38.40
C TYR G 196 25.19 -16.60 38.56
N SER G 197 26.45 -16.88 38.30
CA SER G 197 27.50 -15.88 38.41
C SER G 197 28.43 -15.95 37.20
N TYR G 198 29.34 -15.00 37.09
CA TYR G 198 30.26 -14.96 35.94
C TYR G 198 31.02 -16.28 35.77
N TYR G 199 31.62 -16.77 36.86
CA TYR G 199 32.42 -17.99 36.80
C TYR G 199 31.54 -19.24 36.87
N ASN G 200 30.23 -19.06 36.82
CA ASN G 200 29.29 -20.17 36.91
C ASN G 200 28.06 -19.94 36.05
N LEU G 201 28.25 -19.85 34.73
CA LEU G 201 27.18 -19.46 33.84
C LEU G 201 26.37 -20.61 33.26
N ASP G 202 26.52 -21.81 33.81
CA ASP G 202 25.98 -23.00 33.17
C ASP G 202 24.79 -23.66 33.86
N GLU G 203 25.06 -24.38 34.95
CA GLU G 203 24.01 -25.08 35.67
C GLU G 203 23.13 -24.10 36.42
N LYS G 204 22.42 -23.25 35.68
CA LYS G 204 21.64 -22.18 36.30
C LYS G 204 20.59 -22.72 37.26
N CYS G 205 20.62 -22.20 38.48
CA CYS G 205 19.66 -22.55 39.51
C CYS G 205 18.31 -21.89 39.23
N THR G 206 17.25 -22.69 39.14
CA THR G 206 15.93 -22.16 38.84
C THR G 206 14.84 -22.66 39.80
N LYS G 207 14.09 -21.73 40.35
CA LYS G 207 12.89 -22.06 41.12
C LYS G 207 11.74 -21.30 40.51
N PHE G 208 10.55 -21.88 40.59
CA PHE G 208 9.34 -21.18 40.17
C PHE G 208 8.57 -20.72 41.39
N TYR G 209 7.60 -19.84 41.18
CA TYR G 209 6.78 -19.37 42.28
C TYR G 209 5.40 -19.03 41.75
N HIS G 210 4.40 -19.22 42.61
CA HIS G 210 3.01 -18.96 42.27
C HIS G 210 2.27 -18.84 43.58
N PRO G 211 1.25 -17.96 43.63
CA PRO G 211 0.46 -17.82 44.86
C PRO G 211 -0.30 -19.10 45.22
N ASP G 212 -0.83 -19.79 44.22
CA ASP G 212 -1.66 -20.97 44.45
C ASP G 212 -0.87 -22.28 44.50
N LYS G 213 0.44 -22.20 44.32
CA LYS G 213 1.25 -23.40 44.21
C LYS G 213 2.45 -23.38 45.14
N GLY G 214 2.79 -24.53 45.70
CA GLY G 214 3.95 -24.63 46.56
C GLY G 214 5.22 -24.37 45.77
N THR G 215 5.61 -25.35 44.95
CA THR G 215 6.85 -25.27 44.20
C THR G 215 6.68 -24.51 42.87
N GLY G 216 5.51 -23.91 42.69
CA GLY G 216 5.24 -23.15 41.48
C GLY G 216 5.25 -24.03 40.24
N LEU G 217 4.87 -25.28 40.41
CA LEU G 217 4.89 -26.23 39.31
C LEU G 217 3.53 -26.39 38.65
N LEU G 218 3.51 -26.41 37.32
CA LEU G 218 2.29 -26.72 36.56
C LEU G 218 1.81 -28.12 36.94
N ASN G 219 0.50 -28.31 36.95
CA ASN G 219 -0.08 -29.56 37.42
C ASN G 219 0.08 -30.70 36.42
N LYS G 220 0.82 -31.73 36.83
CA LYS G 220 0.99 -32.94 36.04
C LYS G 220 0.91 -34.19 36.92
N ILE G 221 0.58 -35.33 36.32
CA ILE G 221 0.54 -36.59 37.03
C ILE G 221 1.55 -37.57 36.44
N CYS G 222 2.26 -38.30 37.29
CA CYS G 222 3.38 -39.09 36.83
C CYS G 222 3.42 -40.52 37.35
N ILE G 223 3.17 -41.48 36.47
CA ILE G 223 3.44 -42.88 36.77
C ILE G 223 4.78 -43.22 36.15
N GLY G 224 5.82 -43.31 36.98
CA GLY G 224 7.16 -43.57 36.50
C GLY G 224 7.77 -42.34 35.82
N ASN G 225 8.14 -42.50 34.55
CA ASN G 225 8.71 -41.41 33.78
C ASN G 225 7.76 -40.90 32.72
N VAL G 226 6.50 -41.28 32.85
CA VAL G 226 5.47 -40.84 31.92
C VAL G 226 4.55 -39.85 32.60
N CYS G 227 4.54 -38.61 32.12
CA CYS G 227 3.72 -37.57 32.71
C CYS G 227 2.65 -37.08 31.75
N ARG G 228 1.47 -36.79 32.29
CA ARG G 228 0.39 -36.18 31.52
C ARG G 228 -0.01 -34.87 32.16
N CYS G 229 -0.46 -33.92 31.36
CA CYS G 229 -0.98 -32.66 31.91
C CYS G 229 -2.30 -32.91 32.63
N ALA G 230 -2.36 -32.47 33.89
CA ALA G 230 -3.51 -32.71 34.76
C ALA G 230 -4.55 -31.59 34.73
N GLY G 231 -4.21 -30.49 34.07
CA GLY G 231 -5.11 -29.35 34.00
C GLY G 231 -4.91 -28.39 35.16
N GLU G 232 -5.27 -27.12 34.96
CA GLU G 232 -5.13 -26.13 36.01
C GLU G 232 -6.42 -25.98 36.83
N THR G 233 -7.55 -26.05 36.14
CA THR G 233 -8.84 -26.07 36.81
C THR G 233 -9.11 -27.49 37.31
N CYS G 234 -9.90 -27.59 38.37
CA CYS G 234 -10.29 -28.90 38.91
C CYS G 234 -11.54 -29.41 38.21
N SER G 235 -11.68 -30.72 38.18
CA SER G 235 -12.87 -31.36 37.62
C SER G 235 -13.87 -31.63 38.74
N SER G 236 -15.13 -31.28 38.52
CA SER G 236 -16.14 -31.42 39.57
C SER G 236 -17.32 -32.30 39.17
N LEU G 237 -17.95 -32.89 40.19
CA LEU G 237 -19.11 -33.75 40.05
C LEU G 237 -20.27 -33.04 39.35
N ASN G 238 -20.69 -33.54 38.20
CA ASN G 238 -21.83 -32.96 37.49
C ASN G 238 -23.12 -33.10 38.28
N HIS G 239 -23.93 -32.04 38.30
CA HIS G 239 -25.20 -32.12 39.00
C HIS G 239 -26.36 -31.42 38.32
N GLN G 240 -27.12 -32.18 37.55
CA GLN G 240 -28.44 -31.75 37.11
C GLN G 240 -29.41 -32.45 38.04
N GLU G 241 -30.58 -31.86 38.26
CA GLU G 241 -31.59 -32.56 39.03
C GLU G 241 -32.64 -33.16 38.12
N ARG G 242 -32.45 -32.95 36.81
CA ARG G 242 -33.21 -33.63 35.77
C ARG G 242 -32.30 -33.94 34.58
N ILE G 243 -32.55 -35.06 33.92
CA ILE G 243 -31.75 -35.45 32.77
C ILE G 243 -32.53 -35.31 31.46
N ASP G 244 -32.04 -34.45 30.57
CA ASP G 244 -32.60 -34.32 29.24
C ASP G 244 -32.13 -35.52 28.40
N VAL G 245 -32.79 -36.65 28.60
CA VAL G 245 -32.34 -37.92 28.03
C VAL G 245 -31.95 -37.85 26.55
N PRO G 246 -32.75 -37.16 25.72
CA PRO G 246 -32.37 -36.99 24.31
C PRO G 246 -30.96 -36.41 24.16
N LEU G 247 -30.67 -35.35 24.91
CA LEU G 247 -29.39 -34.64 24.81
C LEU G 247 -28.29 -35.31 25.63
N GLN G 248 -28.65 -35.84 26.80
CA GLN G 248 -27.70 -36.57 27.62
C GLN G 248 -27.18 -37.76 26.82
N ILE G 249 -28.03 -38.29 25.94
CA ILE G 249 -27.66 -39.37 25.05
C ILE G 249 -26.62 -38.91 24.03
N GLU G 250 -26.91 -37.81 23.35
CA GLU G 250 -25.98 -37.22 22.39
C GLU G 250 -24.58 -37.07 22.97
N LYS G 251 -24.50 -36.53 24.18
CA LYS G 251 -23.22 -36.28 24.82
C LYS G 251 -22.38 -37.54 24.98
N ALA G 252 -23.03 -38.65 25.33
CA ALA G 252 -22.33 -39.91 25.51
C ALA G 252 -22.05 -40.60 24.17
N CYS G 253 -22.49 -39.97 23.09
CA CYS G 253 -22.33 -40.56 21.76
C CYS G 253 -21.52 -39.66 20.85
N GLU G 254 -20.67 -38.84 21.46
CA GLU G 254 -19.70 -38.05 20.72
C GLU G 254 -18.57 -39.00 20.36
N THR G 255 -17.82 -38.69 19.31
CA THR G 255 -16.88 -39.66 18.76
C THR G 255 -15.69 -39.98 19.68
N ASN G 256 -15.36 -39.06 20.59
CA ASN G 256 -14.22 -39.29 21.49
C ASN G 256 -14.59 -39.77 22.89
N VAL G 257 -15.79 -40.32 23.03
CA VAL G 257 -16.19 -41.01 24.25
C VAL G 257 -16.06 -42.51 24.04
N ASP G 258 -15.20 -43.15 24.82
CA ASP G 258 -14.91 -44.56 24.61
C ASP G 258 -15.94 -45.47 25.26
N TYR G 259 -16.36 -45.10 26.47
CA TYR G 259 -17.17 -45.98 27.30
C TYR G 259 -18.13 -45.19 28.17
N VAL G 260 -19.12 -45.88 28.74
CA VAL G 260 -20.05 -45.30 29.70
C VAL G 260 -20.37 -46.31 30.79
N TYR G 261 -19.81 -46.14 31.97
CA TYR G 261 -20.00 -47.10 33.05
C TYR G 261 -20.91 -46.58 34.15
N LYS G 262 -21.56 -47.51 34.85
CA LYS G 262 -22.08 -47.24 36.18
C LYS G 262 -21.09 -47.88 37.14
N THR G 263 -20.64 -47.13 38.14
CA THR G 263 -19.63 -47.66 39.05
C THR G 263 -19.96 -47.43 40.52
N LYS G 264 -19.26 -48.15 41.38
CA LYS G 264 -19.33 -47.92 42.82
C LYS G 264 -17.90 -47.67 43.31
N LEU G 265 -17.75 -46.71 44.22
CA LEU G 265 -16.43 -46.32 44.70
C LEU G 265 -15.99 -47.15 45.90
N LEU G 266 -15.02 -48.03 45.69
CA LEU G 266 -14.55 -48.93 46.75
C LEU G 266 -13.69 -48.24 47.79
N ARG G 267 -12.53 -47.72 47.36
CA ARG G 267 -11.57 -47.14 48.29
C ARG G 267 -11.01 -45.83 47.77
N ILE G 268 -10.18 -45.19 48.58
CA ILE G 268 -9.40 -44.04 48.13
C ILE G 268 -7.97 -44.16 48.64
N GLU G 269 -7.11 -44.73 47.81
CA GLU G 269 -5.70 -44.88 48.16
C GLU G 269 -4.91 -43.63 47.78
N GLU G 270 -3.73 -43.48 48.35
CA GLU G 270 -2.96 -42.25 48.17
C GLU G 270 -1.49 -42.52 47.89
N GLN G 271 -1.04 -42.15 46.70
CA GLN G 271 0.37 -42.31 46.34
C GLN G 271 0.97 -41.00 45.80
N ASP G 272 2.15 -40.65 46.31
CA ASP G 272 2.86 -39.45 45.86
C ASP G 272 1.94 -38.27 45.57
N GLY G 273 1.17 -37.85 46.57
CA GLY G 273 0.30 -36.69 46.43
C GLY G 273 -0.74 -36.83 45.33
N ASN G 274 -1.12 -38.08 45.06
CA ASN G 274 -2.19 -38.38 44.09
C ASN G 274 -3.30 -39.22 44.71
N ASP G 275 -4.53 -38.98 44.29
CA ASP G 275 -5.69 -39.73 44.77
C ASP G 275 -6.10 -40.82 43.78
N ILE G 276 -6.07 -42.07 44.23
CA ILE G 276 -6.51 -43.19 43.40
C ILE G 276 -7.90 -43.64 43.81
N TYR G 277 -8.92 -43.23 43.05
CA TYR G 277 -10.29 -43.68 43.32
C TYR G 277 -10.53 -45.04 42.68
N VAL G 278 -10.67 -46.08 43.50
CA VAL G 278 -10.84 -47.43 42.98
C VAL G 278 -12.31 -47.75 42.71
N MET G 279 -12.65 -47.90 41.45
CA MET G 279 -14.03 -48.17 41.05
C MET G 279 -14.21 -49.64 40.68
N ASP G 280 -15.38 -50.17 41.00
CA ASP G 280 -15.80 -51.46 40.45
C ASP G 280 -16.87 -51.14 39.42
N VAL G 281 -16.83 -51.82 38.28
CA VAL G 281 -17.80 -51.57 37.22
C VAL G 281 -19.00 -52.49 37.39
N LEU G 282 -20.17 -51.89 37.62
CA LEU G 282 -21.38 -52.65 37.88
C LEU G 282 -22.12 -52.97 36.59
N GLU G 283 -22.16 -52.01 35.68
CA GLU G 283 -22.83 -52.19 34.40
C GLU G 283 -22.10 -51.44 33.29
N VAL G 284 -21.90 -52.12 32.16
CA VAL G 284 -21.38 -51.48 30.96
C VAL G 284 -22.53 -50.87 30.17
N ILE G 285 -22.72 -49.57 30.31
CA ILE G 285 -23.81 -48.87 29.64
C ILE G 285 -23.49 -48.65 28.16
N LYS G 286 -22.22 -48.43 27.86
CA LYS G 286 -21.74 -48.43 26.49
C LYS G 286 -20.38 -49.10 26.45
N GLN G 287 -20.26 -50.15 25.64
CA GLN G 287 -19.03 -50.92 25.59
C GLN G 287 -17.87 -50.11 25.00
N GLY G 288 -16.76 -50.10 25.73
CA GLY G 288 -15.57 -49.43 25.26
C GLY G 288 -14.50 -50.43 24.87
N THR G 289 -13.30 -49.93 24.56
CA THR G 289 -12.20 -50.80 24.14
C THR G 289 -11.95 -51.91 25.14
N ASP G 290 -11.90 -51.56 26.42
CA ASP G 290 -11.71 -52.54 27.49
C ASP G 290 -12.75 -53.65 27.34
N GLU G 291 -12.32 -54.78 26.79
CA GLU G 291 -13.22 -55.86 26.42
C GLU G 291 -13.87 -56.55 27.62
N ASN G 292 -13.12 -56.71 28.69
CA ASN G 292 -13.67 -57.29 29.93
C ASN G 292 -13.38 -56.39 31.13
N PRO G 293 -14.20 -55.36 31.31
CA PRO G 293 -14.05 -54.33 32.35
C PRO G 293 -14.56 -54.74 33.73
N ARG G 294 -15.62 -55.55 33.76
CA ARG G 294 -16.26 -55.89 35.04
C ARG G 294 -15.40 -56.79 35.92
N ALA G 295 -14.44 -57.47 35.31
CA ALA G 295 -13.60 -58.42 36.03
C ALA G 295 -12.40 -57.74 36.69
N LYS G 296 -12.17 -56.48 36.33
CA LYS G 296 -11.02 -55.75 36.88
C LYS G 296 -11.44 -54.54 37.70
N THR G 297 -10.54 -54.11 38.59
CA THR G 297 -10.72 -52.88 39.34
C THR G 297 -10.21 -51.71 38.49
N HIS G 298 -11.03 -50.66 38.39
CA HIS G 298 -10.70 -49.50 37.58
C HIS G 298 -10.19 -48.34 38.43
N GLN G 299 -8.92 -48.00 38.27
CA GLN G 299 -8.34 -46.89 39.00
C GLN G 299 -8.52 -45.57 38.25
N TYR G 300 -9.20 -44.62 38.87
CA TYR G 300 -9.34 -43.27 38.33
C TYR G 300 -8.50 -42.30 39.15
N ILE G 301 -7.56 -41.64 38.50
CA ILE G 301 -6.55 -40.86 39.22
C ILE G 301 -6.64 -39.34 39.06
N SER G 302 -6.68 -38.65 40.19
CA SER G 302 -6.64 -37.21 40.24
C SER G 302 -5.60 -36.81 41.29
N GLN G 303 -5.16 -35.56 41.29
CA GLN G 303 -4.22 -35.14 42.33
C GLN G 303 -4.92 -34.65 43.59
N ARG G 304 -4.27 -34.89 44.73
CA ARG G 304 -4.90 -34.73 46.04
C ARG G 304 -5.49 -33.34 46.24
N LYS G 305 -4.81 -32.32 45.72
CA LYS G 305 -5.29 -30.94 45.83
C LYS G 305 -6.67 -30.78 45.20
N CYS G 306 -7.22 -31.87 44.66
CA CYS G 306 -8.54 -31.84 44.03
C CYS G 306 -9.55 -32.77 44.72
N GLN G 307 -9.20 -33.22 45.94
CA GLN G 307 -10.11 -34.00 46.76
C GLN G 307 -11.50 -33.39 46.79
N GLU G 308 -11.56 -32.14 47.23
CA GLU G 308 -12.81 -31.48 47.59
C GLU G 308 -13.62 -30.93 46.42
N ALA G 309 -12.95 -30.50 45.37
CA ALA G 309 -13.67 -30.05 44.18
C ALA G 309 -14.49 -31.21 43.60
N LEU G 310 -13.87 -32.39 43.58
CA LEU G 310 -14.54 -33.61 43.12
C LEU G 310 -15.65 -34.01 44.09
N ASN G 311 -15.26 -34.27 45.33
CA ASN G 311 -16.19 -34.61 46.40
C ASN G 311 -16.78 -36.03 46.29
N LEU G 312 -16.00 -36.94 45.72
CA LEU G 312 -16.42 -38.33 45.63
C LEU G 312 -16.52 -38.92 47.03
N LYS G 313 -17.59 -39.68 47.29
CA LYS G 313 -17.76 -40.37 48.56
C LYS G 313 -17.72 -41.89 48.37
N VAL G 314 -17.13 -42.58 49.34
CA VAL G 314 -17.00 -44.03 49.28
C VAL G 314 -18.35 -44.74 49.29
N ASN G 315 -18.46 -45.79 48.48
CA ASN G 315 -19.66 -46.61 48.39
C ASN G 315 -20.90 -45.90 47.86
N ASP G 316 -20.69 -44.86 47.05
CA ASP G 316 -21.76 -44.29 46.27
C ASP G 316 -21.66 -44.80 44.85
N ASP G 317 -22.70 -44.58 44.07
CA ASP G 317 -22.70 -45.00 42.67
C ASP G 317 -22.49 -43.80 41.77
N TYR G 318 -21.92 -44.04 40.59
CA TYR G 318 -21.59 -42.96 39.68
C TYR G 318 -21.83 -43.33 38.22
N LEU G 319 -22.26 -42.35 37.44
CA LEU G 319 -22.29 -42.47 35.99
C LEU G 319 -21.00 -41.88 35.42
N ILE G 320 -20.04 -42.74 35.12
CA ILE G 320 -18.76 -42.27 34.61
C ILE G 320 -18.61 -42.62 33.14
N TRP G 321 -18.28 -41.62 32.31
CA TRP G 321 -17.93 -41.88 30.92
C TRP G 321 -16.74 -41.04 30.51
N GLY G 322 -15.77 -41.65 29.86
CA GLY G 322 -14.52 -40.97 29.55
C GLY G 322 -13.98 -41.21 28.15
N SER G 323 -12.75 -40.78 27.94
CA SER G 323 -12.11 -40.87 26.63
C SER G 323 -10.91 -41.80 26.66
N ARG G 324 -10.78 -42.62 25.63
CA ARG G 324 -9.67 -43.58 25.54
C ARG G 324 -8.33 -42.91 25.79
N SER G 325 -8.18 -41.69 25.28
CA SER G 325 -6.94 -40.93 25.38
C SER G 325 -6.38 -40.95 26.80
N ASP G 326 -7.26 -40.90 27.79
CA ASP G 326 -6.84 -40.68 29.17
C ASP G 326 -6.44 -41.97 29.89
N LEU G 327 -6.24 -43.05 29.12
CA LEU G 327 -5.79 -44.32 29.69
C LEU G 327 -4.31 -44.24 30.08
N LEU G 328 -4.01 -44.68 31.29
CA LEU G 328 -2.66 -44.58 31.83
C LEU G 328 -1.86 -45.87 31.76
N PRO G 329 -0.55 -45.74 31.52
CA PRO G 329 0.41 -46.85 31.50
C PRO G 329 0.74 -47.36 32.89
N THR G 330 -0.24 -47.91 33.60
CA THR G 330 0.00 -48.63 34.85
C THR G 330 -0.05 -50.12 34.54
N LYS G 331 0.94 -50.87 34.98
CA LYS G 331 1.00 -52.29 34.65
C LYS G 331 0.00 -53.13 35.45
N ASP G 332 -0.73 -53.99 34.73
CA ASP G 332 -1.67 -54.92 35.34
C ASP G 332 -2.81 -54.22 36.07
N LYS G 333 -3.07 -52.96 35.72
CA LYS G 333 -4.16 -52.20 36.32
C LYS G 333 -4.69 -51.15 35.36
N ILE G 334 -5.96 -51.27 34.99
CA ILE G 334 -6.60 -50.27 34.16
C ILE G 334 -6.71 -48.96 34.94
N SER G 335 -6.02 -47.93 34.47
CA SER G 335 -6.04 -46.64 35.14
C SER G 335 -6.37 -45.49 34.19
N TYR G 336 -7.10 -44.50 34.68
CA TYR G 336 -7.44 -43.32 33.89
C TYR G 336 -7.10 -42.04 34.64
N ILE G 337 -6.80 -40.98 33.89
CA ILE G 337 -6.60 -39.66 34.47
C ILE G 337 -7.91 -38.93 34.36
N ILE G 338 -8.39 -38.37 35.47
CA ILE G 338 -9.62 -37.60 35.42
C ILE G 338 -9.35 -36.26 34.71
N THR G 339 -10.17 -35.98 33.70
CA THR G 339 -9.95 -34.83 32.83
C THR G 339 -11.26 -34.07 32.62
N LYS G 340 -11.19 -32.93 31.95
CA LYS G 340 -12.38 -32.24 31.50
C LYS G 340 -13.07 -33.10 30.44
N ASN G 341 -12.34 -34.12 29.97
CA ASN G 341 -12.89 -35.08 29.02
C ASN G 341 -13.53 -36.26 29.72
N THR G 342 -13.70 -36.13 31.03
CA THR G 342 -14.33 -37.16 31.84
C THR G 342 -15.59 -36.61 32.51
N TRP G 343 -16.68 -37.38 32.41
CA TRP G 343 -17.97 -37.00 32.97
C TRP G 343 -18.28 -37.89 34.18
N ILE G 344 -18.53 -37.28 35.32
CA ILE G 344 -18.96 -38.01 36.50
C ILE G 344 -20.20 -37.38 37.11
N GLU G 345 -21.20 -38.22 37.37
CA GLU G 345 -22.46 -37.77 37.95
C GLU G 345 -22.88 -38.75 39.02
N ARG G 346 -23.50 -38.24 40.09
CA ARG G 346 -23.94 -39.09 41.18
C ARG G 346 -25.14 -39.91 40.75
N TRP G 347 -25.06 -41.22 40.99
CA TRP G 347 -26.17 -42.12 40.68
C TRP G 347 -26.86 -42.57 41.98
N PRO G 348 -28.09 -42.09 42.19
CA PRO G 348 -28.84 -42.40 43.41
C PRO G 348 -28.96 -43.91 43.64
N HIS G 349 -28.73 -44.35 44.86
CA HIS G 349 -28.90 -45.76 45.21
C HIS G 349 -30.35 -46.17 45.00
N GLU G 350 -30.61 -47.47 45.06
CA GLU G 350 -31.96 -47.98 44.87
C GLU G 350 -32.84 -47.61 46.07
N ASP G 351 -32.30 -47.77 47.28
CA ASP G 351 -33.06 -47.46 48.48
C ASP G 351 -33.23 -45.95 48.65
N GLU G 352 -32.73 -45.18 47.69
CA GLU G 352 -32.87 -43.73 47.70
C GLU G 352 -33.98 -43.29 46.75
N CYS G 353 -34.21 -44.06 45.70
CA CYS G 353 -35.20 -43.69 44.69
C CYS G 353 -36.60 -43.54 45.26
N GLN G 354 -36.82 -44.08 46.45
CA GLN G 354 -38.11 -43.93 47.12
C GLN G 354 -38.32 -42.50 47.56
N GLU G 355 -37.37 -42.00 48.35
CA GLU G 355 -37.39 -40.61 48.81
C GLU G 355 -37.68 -39.67 47.65
N GLU G 356 -38.77 -38.90 47.79
CA GLU G 356 -39.24 -38.04 46.69
C GLU G 356 -38.14 -37.15 46.13
N GLU G 357 -37.15 -36.84 46.96
CA GLU G 357 -36.03 -35.99 46.54
C GLU G 357 -35.33 -36.53 45.30
N PHE G 358 -35.47 -37.83 45.03
CA PHE G 358 -34.73 -38.46 43.95
C PHE G 358 -35.60 -39.18 42.91
N GLN G 359 -36.92 -39.19 43.11
CA GLN G 359 -37.78 -40.04 42.30
C GLN G 359 -37.59 -39.89 40.79
N LYS G 360 -38.07 -38.79 40.22
CA LYS G 360 -38.01 -38.59 38.79
C LYS G 360 -36.59 -38.54 38.21
N LEU G 361 -35.60 -38.29 39.07
CA LEU G 361 -34.21 -38.31 38.63
C LEU G 361 -33.81 -39.74 38.28
N CYS G 362 -34.23 -40.68 39.10
CA CYS G 362 -33.91 -42.09 38.89
C CYS G 362 -34.60 -42.67 37.66
N ASP G 363 -35.77 -42.13 37.33
CA ASP G 363 -36.49 -42.56 36.14
C ASP G 363 -35.75 -42.18 34.87
N ASP G 364 -35.32 -40.94 34.78
CA ASP G 364 -34.53 -40.48 33.65
C ASP G 364 -33.21 -41.25 33.58
N PHE G 365 -32.70 -41.65 34.75
CA PHE G 365 -31.50 -42.47 34.81
C PHE G 365 -31.73 -43.84 34.17
N ALA G 366 -32.88 -44.44 34.47
CA ALA G 366 -33.22 -45.74 33.91
C ALA G 366 -33.52 -45.62 32.42
N GLN G 367 -34.35 -44.64 32.07
CA GLN G 367 -34.71 -44.40 30.68
C GLN G 367 -33.46 -44.09 29.86
N PHE G 368 -32.36 -43.84 30.56
CA PHE G 368 -31.08 -43.57 29.91
C PHE G 368 -30.27 -44.86 29.75
N SER G 369 -30.03 -45.55 30.86
CA SER G 369 -29.31 -46.81 30.83
C SER G 369 -29.97 -47.83 29.92
N TYR G 370 -31.28 -47.71 29.74
CA TYR G 370 -32.00 -48.63 28.87
C TYR G 370 -31.84 -48.25 27.40
N THR G 371 -32.23 -47.03 27.08
CA THR G 371 -32.17 -46.55 25.69
C THR G 371 -30.80 -46.80 25.06
N LEU G 372 -29.76 -46.84 25.88
CA LEU G 372 -28.40 -47.06 25.38
C LEU G 372 -28.01 -48.53 25.29
N THR G 373 -28.22 -49.27 26.37
CA THR G 373 -27.88 -50.69 26.39
C THR G 373 -28.76 -51.49 25.44
N GLU G 374 -29.90 -50.90 25.06
CA GLU G 374 -30.87 -51.60 24.23
C GLU G 374 -30.78 -51.20 22.76
N PHE G 375 -30.75 -49.89 22.49
CA PHE G 375 -30.74 -49.39 21.11
C PHE G 375 -29.38 -48.90 20.63
N GLY G 376 -28.52 -48.53 21.57
CA GLY G 376 -27.26 -47.91 21.23
C GLY G 376 -27.48 -46.47 20.79
N CYS G 377 -26.44 -45.85 20.24
CA CYS G 377 -26.51 -44.45 19.83
C CYS G 377 -27.38 -44.25 18.60
N PRO G 378 -27.91 -43.04 18.42
CA PRO G 378 -28.84 -42.71 17.33
C PRO G 378 -28.18 -42.76 15.95
N THR G 379 -26.92 -42.36 15.88
CA THR G 379 -26.25 -42.17 14.59
C THR G 379 -25.14 -43.18 14.31
N SER H 11 -39.56 -28.43 10.84
CA SER H 11 -39.02 -27.88 9.60
C SER H 11 -38.29 -26.57 9.86
N CYS H 12 -37.52 -26.11 8.87
CA CYS H 12 -36.66 -24.93 9.04
C CYS H 12 -36.79 -23.92 7.90
N SER H 13 -36.69 -22.64 8.24
CA SER H 13 -36.90 -21.55 7.29
C SER H 13 -35.70 -21.27 6.41
N LEU H 14 -35.93 -21.17 5.10
CA LEU H 14 -34.85 -21.02 4.12
C LEU H 14 -34.46 -19.58 3.82
N GLU H 15 -34.31 -18.77 4.87
CA GLU H 15 -33.94 -17.37 4.71
C GLU H 15 -32.55 -17.12 5.26
N GLY H 16 -31.75 -16.36 4.52
CA GLY H 16 -30.39 -16.05 4.93
C GLY H 16 -29.40 -17.14 4.53
N VAL H 17 -29.89 -18.15 3.82
CA VAL H 17 -29.07 -19.25 3.38
C VAL H 17 -28.48 -19.02 1.99
N GLU H 18 -28.14 -17.77 1.68
CA GLU H 18 -27.55 -17.43 0.40
C GLU H 18 -26.10 -17.89 0.29
N ILE H 19 -25.40 -17.43 -0.74
CA ILE H 19 -24.03 -17.86 -0.97
C ILE H 19 -23.40 -17.18 -2.21
N LYS H 20 -22.50 -16.25 -1.97
CA LYS H 20 -21.88 -15.45 -3.05
C LYS H 20 -21.44 -16.30 -4.24
N GLY H 21 -21.56 -15.73 -5.44
CA GLY H 21 -21.19 -16.40 -6.66
C GLY H 21 -21.34 -17.91 -6.57
N GLY H 22 -22.55 -18.38 -6.29
CA GLY H 22 -22.80 -19.80 -6.14
C GLY H 22 -24.27 -20.17 -6.04
N SER H 23 -24.53 -21.33 -5.43
CA SER H 23 -25.89 -21.87 -5.33
C SER H 23 -25.99 -22.95 -4.26
N PHE H 24 -27.19 -23.50 -4.08
CA PHE H 24 -27.41 -24.55 -3.09
C PHE H 24 -28.66 -25.37 -3.40
N ARG H 25 -28.75 -26.55 -2.78
CA ARG H 25 -29.91 -27.42 -2.94
C ARG H 25 -30.17 -28.21 -1.66
N LEU H 26 -31.44 -28.29 -1.26
CA LEU H 26 -31.83 -28.96 -0.02
C LEU H 26 -31.67 -30.48 -0.11
N LEU H 27 -31.25 -31.09 1.00
CA LEU H 27 -31.07 -32.54 1.07
C LEU H 27 -31.87 -33.14 2.22
N GLN H 28 -32.20 -34.43 2.09
CA GLN H 28 -32.88 -35.17 3.15
C GLN H 28 -34.24 -34.58 3.53
N GLU H 29 -35.01 -34.17 2.53
CA GLU H 29 -36.28 -33.48 2.74
C GLU H 29 -36.09 -32.11 3.39
N GLY H 30 -34.90 -31.88 3.96
CA GLY H 30 -34.59 -30.61 4.58
C GLY H 30 -33.99 -30.75 5.98
N GLN H 31 -33.47 -31.92 6.28
CA GLN H 31 -32.85 -32.18 7.59
C GLN H 31 -31.35 -31.90 7.56
N ALA H 32 -30.84 -31.56 6.37
CA ALA H 32 -29.41 -31.25 6.20
C ALA H 32 -29.12 -30.76 4.78
N LEU H 33 -29.13 -29.44 4.59
CA LEU H 33 -28.91 -28.86 3.27
C LEU H 33 -27.47 -29.02 2.80
N GLU H 34 -27.16 -28.40 1.66
CA GLU H 34 -25.83 -28.51 1.06
C GLU H 34 -25.65 -27.48 -0.06
N TYR H 35 -24.40 -27.12 -0.33
CA TYR H 35 -24.10 -26.05 -1.28
C TYR H 35 -23.32 -26.52 -2.51
N VAL H 36 -23.50 -25.82 -3.62
CA VAL H 36 -22.82 -26.13 -4.87
C VAL H 36 -22.13 -24.91 -5.48
N CYS H 37 -20.82 -25.00 -5.64
CA CYS H 37 -20.03 -23.92 -6.23
C CYS H 37 -19.61 -24.30 -7.64
N PRO H 38 -19.09 -23.32 -8.40
CA PRO H 38 -18.56 -23.53 -9.76
C PRO H 38 -17.52 -24.65 -9.82
N SER H 39 -16.30 -24.29 -10.19
CA SER H 39 -15.16 -25.19 -10.14
C SER H 39 -14.00 -24.45 -9.52
N GLY H 40 -13.11 -25.17 -8.84
CA GLY H 40 -12.00 -24.53 -8.16
C GLY H 40 -12.49 -23.59 -7.09
N PHE H 41 -13.72 -23.78 -6.65
CA PHE H 41 -14.30 -23.02 -5.56
C PHE H 41 -14.90 -23.97 -4.53
N TYR H 42 -14.83 -23.60 -3.26
CA TYR H 42 -15.37 -24.44 -2.19
C TYR H 42 -16.23 -23.64 -1.23
N PRO H 43 -17.36 -24.23 -0.80
CA PRO H 43 -18.35 -23.60 0.07
C PRO H 43 -17.81 -23.30 1.48
N TYR H 44 -17.59 -22.02 1.76
CA TYR H 44 -17.09 -21.60 3.07
C TYR H 44 -18.23 -21.10 3.95
N PRO H 45 -18.23 -21.51 5.23
CA PRO H 45 -17.22 -22.38 5.84
C PRO H 45 -17.56 -23.87 5.79
N VAL H 46 -18.83 -24.22 5.79
CA VAL H 46 -19.22 -25.63 5.76
C VAL H 46 -20.03 -25.98 4.51
N GLN H 47 -19.91 -27.23 4.07
CA GLN H 47 -20.64 -27.68 2.89
C GLN H 47 -22.10 -27.98 3.20
N THR H 48 -22.36 -28.52 4.39
CA THR H 48 -23.72 -28.83 4.81
C THR H 48 -23.99 -28.41 6.25
N ARG H 49 -25.22 -28.03 6.54
CA ARG H 49 -25.65 -27.72 7.90
C ARG H 49 -26.58 -28.83 8.39
N THR H 50 -26.92 -28.79 9.68
CA THR H 50 -27.83 -29.77 10.26
C THR H 50 -28.93 -29.07 11.06
N CYS H 51 -30.15 -29.60 10.98
CA CYS H 51 -31.33 -28.92 11.52
C CYS H 51 -31.37 -28.85 13.04
N ARG H 52 -31.63 -27.64 13.53
CA ARG H 52 -31.87 -27.42 14.97
C ARG H 52 -33.37 -27.20 15.16
N SER H 53 -33.91 -27.70 16.27
CA SER H 53 -35.34 -27.60 16.53
C SER H 53 -35.73 -26.23 17.07
N THR H 54 -35.15 -25.18 16.52
CA THR H 54 -35.43 -23.81 16.96
C THR H 54 -36.08 -22.98 15.85
N GLY H 55 -35.92 -23.42 14.61
CA GLY H 55 -36.45 -22.69 13.46
C GLY H 55 -35.35 -22.10 12.61
N SER H 56 -34.13 -22.11 13.15
CA SER H 56 -32.95 -21.67 12.42
C SER H 56 -32.00 -22.83 12.24
N TRP H 57 -31.43 -22.94 11.04
CA TRP H 57 -30.68 -24.13 10.63
C TRP H 57 -29.43 -24.40 11.47
N SER H 58 -28.57 -23.41 11.62
CA SER H 58 -27.34 -23.60 12.38
C SER H 58 -26.43 -22.37 12.43
N THR H 59 -25.50 -22.38 13.39
CA THR H 59 -24.42 -21.42 13.42
C THR H 59 -23.74 -21.40 12.05
N LEU H 60 -23.00 -20.33 11.75
CA LEU H 60 -22.16 -20.28 10.56
C LEU H 60 -20.70 -20.37 10.99
N LYS H 61 -20.45 -21.28 11.93
CA LYS H 61 -19.14 -21.50 12.57
C LYS H 61 -17.99 -21.69 11.58
N THR H 62 -17.27 -22.79 11.73
CA THR H 62 -16.16 -23.13 10.85
C THR H 62 -15.56 -24.46 11.28
N GLN H 63 -14.31 -24.67 10.89
CA GLN H 63 -13.45 -25.70 11.46
C GLN H 63 -13.35 -25.41 12.95
N ASP H 64 -12.73 -24.27 13.26
CA ASP H 64 -12.74 -23.73 14.61
C ASP H 64 -14.14 -23.22 14.92
N GLN H 65 -14.29 -22.59 16.09
CA GLN H 65 -15.62 -22.25 16.60
C GLN H 65 -15.89 -20.74 16.68
N LYS H 66 -15.81 -20.03 15.56
CA LYS H 66 -16.09 -18.59 15.52
C LYS H 66 -17.06 -18.21 14.39
N THR H 67 -17.89 -17.19 14.63
CA THR H 67 -19.02 -16.85 13.76
C THR H 67 -18.68 -16.05 12.49
N VAL H 68 -19.24 -16.50 11.36
CA VAL H 68 -19.12 -15.82 10.08
C VAL H 68 -20.48 -15.28 9.62
N ARG H 69 -20.48 -14.25 8.80
CA ARG H 69 -21.70 -13.47 8.57
C ARG H 69 -22.22 -13.42 7.12
N LYS H 70 -21.48 -14.02 6.19
CA LYS H 70 -21.90 -14.03 4.80
C LYS H 70 -21.25 -15.16 4.00
N ALA H 71 -21.92 -16.31 3.95
CA ALA H 71 -21.39 -17.50 3.29
C ALA H 71 -21.02 -17.27 1.83
N GLU H 72 -19.79 -17.61 1.47
CA GLU H 72 -19.27 -17.34 0.13
C GLU H 72 -18.57 -18.54 -0.48
N CYS H 73 -18.40 -18.50 -1.79
CA CYS H 73 -17.61 -19.49 -2.50
C CYS H 73 -16.19 -18.98 -2.64
N ARG H 74 -15.27 -19.53 -1.86
CA ARG H 74 -13.87 -19.13 -1.91
C ARG H 74 -13.12 -19.87 -3.00
N ALA H 75 -11.93 -19.38 -3.32
CA ALA H 75 -11.08 -20.03 -4.30
C ALA H 75 -10.36 -21.20 -3.66
N ILE H 76 -10.32 -22.33 -4.36
CA ILE H 76 -9.57 -23.48 -3.89
C ILE H 76 -8.09 -23.15 -3.88
N HIS H 77 -7.40 -23.55 -2.82
CA HIS H 77 -5.98 -23.27 -2.68
C HIS H 77 -5.15 -24.54 -2.58
N CYS H 78 -4.00 -24.54 -3.25
CA CYS H 78 -3.03 -25.60 -3.08
C CYS H 78 -2.12 -25.25 -1.90
N PRO H 79 -1.69 -26.27 -1.15
CA PRO H 79 -0.92 -26.10 0.08
C PRO H 79 0.49 -25.59 -0.21
N ARG H 80 0.97 -24.65 0.59
CA ARG H 80 2.32 -24.12 0.45
C ARG H 80 3.34 -25.03 1.12
N PRO H 81 4.46 -25.30 0.43
CA PRO H 81 5.50 -26.14 1.02
C PRO H 81 5.96 -25.57 2.35
N HIS H 82 5.97 -26.38 3.40
CA HIS H 82 6.44 -25.92 4.69
C HIS H 82 7.96 -26.01 4.73
N ASP H 83 8.47 -27.17 4.34
CA ASP H 83 9.90 -27.33 4.19
C ASP H 83 10.23 -28.13 2.93
N PHE H 84 11.22 -27.65 2.20
CA PHE H 84 11.81 -28.41 1.10
C PHE H 84 13.31 -28.49 1.35
N GLU H 85 13.81 -29.71 1.50
CA GLU H 85 15.21 -29.93 1.88
C GLU H 85 16.15 -29.91 0.68
N ASN H 86 17.36 -29.44 0.91
CA ASN H 86 18.44 -29.56 -0.06
C ASN H 86 18.18 -28.85 -1.39
N GLY H 87 17.40 -27.78 -1.36
CA GLY H 87 17.15 -27.01 -2.56
C GLY H 87 16.23 -25.83 -2.35
N GLU H 88 15.95 -25.12 -3.44
CA GLU H 88 15.05 -23.98 -3.40
C GLU H 88 13.82 -24.25 -4.25
N TYR H 89 12.74 -23.54 -3.97
CA TYR H 89 11.55 -23.59 -4.82
C TYR H 89 11.08 -22.19 -5.21
N TRP H 90 10.48 -22.09 -6.40
CA TRP H 90 10.12 -20.81 -6.98
C TRP H 90 8.68 -20.88 -7.48
N PRO H 91 7.83 -19.93 -7.08
CA PRO H 91 8.07 -18.82 -6.15
C PRO H 91 7.65 -19.21 -4.74
N ARG H 92 7.78 -18.28 -3.79
CA ARG H 92 7.24 -18.47 -2.45
C ARG H 92 6.04 -17.55 -2.26
N SER H 93 4.86 -18.14 -2.12
CA SER H 93 3.65 -17.36 -1.93
C SER H 93 2.98 -17.81 -0.63
N PRO H 94 2.13 -16.95 -0.06
CA PRO H 94 1.42 -17.31 1.17
C PRO H 94 0.60 -18.57 0.92
N TYR H 95 -0.05 -18.59 -0.24
CA TYR H 95 -0.82 -19.75 -0.69
C TYR H 95 -0.81 -19.76 -2.22
N TYR H 96 -1.25 -20.86 -2.81
CA TYR H 96 -1.22 -20.96 -4.27
C TYR H 96 -2.60 -21.06 -4.92
N ASN H 97 -2.78 -20.30 -5.98
CA ASN H 97 -4.03 -20.26 -6.71
C ASN H 97 -4.13 -21.42 -7.69
N VAL H 98 -5.34 -21.68 -8.16
CA VAL H 98 -5.54 -22.71 -9.16
C VAL H 98 -4.68 -22.41 -10.38
N SER H 99 -4.19 -23.46 -11.02
CA SER H 99 -3.39 -23.34 -12.25
C SER H 99 -2.02 -22.67 -12.06
N ASP H 100 -1.60 -22.50 -10.81
CA ASP H 100 -0.30 -21.90 -10.52
C ASP H 100 0.84 -22.90 -10.62
N GLU H 101 2.01 -22.40 -11.00
CA GLU H 101 3.17 -23.27 -11.20
C GLU H 101 4.24 -23.03 -10.15
N ILE H 102 4.81 -24.13 -9.65
CA ILE H 102 5.87 -24.07 -8.66
C ILE H 102 7.01 -24.97 -9.13
N SER H 103 8.24 -24.45 -9.08
CA SER H 103 9.38 -25.20 -9.57
C SER H 103 10.36 -25.55 -8.47
N PHE H 104 11.05 -26.67 -8.63
CA PHE H 104 12.02 -27.12 -7.65
C PHE H 104 13.40 -27.27 -8.28
N HIS H 105 14.41 -26.73 -7.59
CA HIS H 105 15.79 -26.85 -8.04
C HIS H 105 16.63 -27.39 -6.89
N CYS H 106 17.66 -28.17 -7.20
CA CYS H 106 18.46 -28.81 -6.18
C CYS H 106 19.80 -28.11 -5.90
N TYR H 107 20.30 -28.26 -4.68
CA TYR H 107 21.64 -27.78 -4.34
C TYR H 107 22.69 -28.54 -5.14
N ASP H 108 23.92 -28.08 -5.07
CA ASP H 108 25.02 -28.80 -5.69
C ASP H 108 25.32 -30.05 -4.90
N GLY H 109 25.34 -31.20 -5.57
CA GLY H 109 25.64 -32.45 -4.92
C GLY H 109 24.41 -33.31 -4.69
N TYR H 110 23.25 -32.75 -5.03
CA TYR H 110 21.98 -33.43 -4.83
C TYR H 110 21.25 -33.61 -6.15
N THR H 111 20.69 -34.80 -6.36
CA THR H 111 19.95 -35.09 -7.58
C THR H 111 18.46 -35.07 -7.30
N LEU H 112 17.70 -34.44 -8.18
CA LEU H 112 16.26 -34.34 -7.97
C LEU H 112 15.53 -35.56 -8.49
N ARG H 113 14.82 -36.24 -7.59
CA ARG H 113 13.88 -37.28 -8.00
C ARG H 113 12.47 -36.74 -7.80
N GLY H 114 11.54 -37.17 -8.65
CA GLY H 114 10.19 -36.67 -8.59
C GLY H 114 9.97 -35.55 -9.59
N SER H 115 8.87 -34.81 -9.42
CA SER H 115 8.44 -33.83 -10.40
C SER H 115 9.10 -32.46 -10.21
N ALA H 116 10.04 -32.13 -11.07
CA ALA H 116 10.73 -30.85 -11.01
C ALA H 116 9.75 -29.67 -11.00
N ASN H 117 8.83 -29.66 -11.95
CA ASN H 117 7.76 -28.66 -11.98
C ASN H 117 6.44 -29.28 -11.54
N ARG H 118 5.60 -28.50 -10.88
CA ARG H 118 4.30 -28.98 -10.43
C ARG H 118 3.26 -27.88 -10.55
N THR H 119 2.09 -28.23 -11.06
CA THR H 119 1.01 -27.26 -11.23
C THR H 119 -0.13 -27.53 -10.25
N CYS H 120 -0.76 -26.46 -9.79
CA CYS H 120 -1.90 -26.57 -8.88
C CYS H 120 -3.15 -26.92 -9.66
N GLN H 121 -3.86 -27.96 -9.23
CA GLN H 121 -5.01 -28.46 -9.96
C GLN H 121 -6.32 -27.97 -9.38
N VAL H 122 -7.38 -28.03 -10.18
CA VAL H 122 -8.68 -27.49 -9.81
C VAL H 122 -9.28 -28.13 -8.56
N ASN H 123 -8.55 -29.06 -7.94
CA ASN H 123 -9.06 -29.74 -6.77
C ASN H 123 -8.15 -29.63 -5.55
N GLY H 124 -7.24 -28.67 -5.59
CA GLY H 124 -6.38 -28.39 -4.45
C GLY H 124 -5.22 -29.34 -4.27
N ARG H 125 -5.02 -30.24 -5.23
CA ARG H 125 -3.89 -31.15 -5.19
C ARG H 125 -2.85 -30.71 -6.20
N TRP H 126 -1.57 -30.89 -5.88
CA TRP H 126 -0.51 -30.59 -6.83
C TRP H 126 -0.37 -31.71 -7.84
N SER H 127 -0.08 -31.36 -9.09
CA SER H 127 0.14 -32.35 -10.13
C SER H 127 1.45 -33.11 -9.90
N GLY H 128 1.73 -34.10 -10.75
CA GLY H 128 2.94 -34.89 -10.63
C GLY H 128 3.13 -35.51 -9.26
N GLN H 129 4.35 -35.94 -8.97
CA GLN H 129 4.66 -36.53 -7.67
C GLN H 129 5.60 -35.65 -6.84
N THR H 130 5.81 -36.04 -5.59
CA THR H 130 6.58 -35.26 -4.65
C THR H 130 8.06 -35.14 -5.04
N ALA H 131 8.54 -33.91 -5.14
CA ALA H 131 9.92 -33.64 -5.50
C ALA H 131 10.85 -33.86 -4.31
N ILE H 132 12.01 -34.44 -4.59
CA ILE H 132 12.95 -34.77 -3.53
C ILE H 132 14.38 -34.54 -3.98
N CYS H 133 15.18 -33.87 -3.16
CA CYS H 133 16.59 -33.68 -3.44
C CYS H 133 17.42 -34.65 -2.63
N ASP H 134 18.07 -35.58 -3.31
CA ASP H 134 18.71 -36.71 -2.65
C ASP H 134 20.21 -36.81 -2.95
N ASN H 135 20.98 -37.07 -1.89
CA ASN H 135 22.42 -37.23 -2.01
C ASN H 135 22.81 -38.67 -2.28
N GLY H 136 21.81 -39.54 -2.38
CA GLY H 136 22.03 -40.95 -2.62
C GLY H 136 22.92 -41.63 -1.59
N ALA H 137 22.94 -41.09 -0.38
CA ALA H 137 23.85 -41.59 0.65
C ALA H 137 23.13 -42.39 1.72
N GLY H 138 21.85 -42.10 1.93
CA GLY H 138 21.08 -42.85 2.88
C GLY H 138 20.99 -44.30 2.45
N TYR H 139 20.90 -45.21 3.40
CA TYR H 139 20.64 -46.61 3.11
C TYR H 139 19.39 -46.68 2.23
N CYS H 140 18.41 -45.83 2.54
CA CYS H 140 17.23 -45.67 1.73
C CYS H 140 17.26 -44.30 1.08
N SER H 141 16.30 -44.05 0.20
CA SER H 141 16.19 -42.76 -0.44
C SER H 141 15.77 -41.72 0.59
N ASN H 142 15.77 -40.46 0.20
CA ASN H 142 15.18 -39.41 1.01
C ASN H 142 13.68 -39.54 0.85
N PRO H 143 12.96 -39.79 1.95
CA PRO H 143 11.51 -40.03 1.88
C PRO H 143 10.81 -38.81 1.28
N GLY H 144 11.47 -37.67 1.42
CA GLY H 144 10.94 -36.41 0.92
C GLY H 144 9.93 -35.79 1.87
N ILE H 145 9.44 -34.62 1.49
CA ILE H 145 8.41 -33.97 2.29
C ILE H 145 7.28 -33.57 1.36
N PRO H 146 6.23 -34.41 1.32
CA PRO H 146 5.02 -34.18 0.54
C PRO H 146 4.44 -32.81 0.86
N ILE H 147 4.16 -32.02 -0.18
CA ILE H 147 3.83 -30.61 0.01
C ILE H 147 2.61 -30.43 0.88
N GLY H 148 2.81 -29.90 2.08
CA GLY H 148 1.72 -29.65 3.00
C GLY H 148 2.02 -30.23 4.36
N THR H 149 3.01 -31.11 4.40
CA THR H 149 3.39 -31.77 5.65
C THR H 149 4.66 -31.18 6.20
N ARG H 150 5.00 -31.60 7.42
CA ARG H 150 6.25 -31.24 8.05
C ARG H 150 6.93 -32.54 8.47
N LYS H 151 8.23 -32.66 8.20
CA LYS H 151 8.93 -33.91 8.47
C LYS H 151 9.98 -33.78 9.57
N VAL H 152 9.87 -34.64 10.57
CA VAL H 152 10.86 -34.70 11.63
C VAL H 152 11.73 -35.94 11.45
N GLY H 153 13.04 -35.78 11.57
CA GLY H 153 13.96 -36.87 11.36
C GLY H 153 14.66 -36.74 10.02
N SER H 154 15.98 -36.60 10.05
CA SER H 154 16.72 -36.32 8.81
C SER H 154 17.79 -37.36 8.52
N GLN H 155 17.88 -38.39 9.33
CA GLN H 155 18.86 -39.44 9.09
C GLN H 155 18.18 -40.67 8.50
N TYR H 156 18.67 -41.11 7.35
CA TYR H 156 18.01 -42.20 6.62
C TYR H 156 18.84 -43.47 6.58
N ARG H 157 19.54 -43.77 7.67
CA ARG H 157 20.29 -45.01 7.77
C ARG H 157 19.34 -46.18 8.04
N LEU H 158 19.88 -47.39 8.14
CA LEU H 158 19.05 -48.56 8.34
C LEU H 158 18.37 -48.56 9.70
N GLU H 159 17.03 -48.59 9.68
CA GLU H 159 16.22 -48.65 10.89
C GLU H 159 15.89 -47.29 11.50
N ASP H 160 16.24 -46.23 10.79
CA ASP H 160 15.85 -44.89 11.19
C ASP H 160 14.39 -44.68 10.84
N SER H 161 13.73 -43.76 11.54
CA SER H 161 12.34 -43.44 11.25
C SER H 161 12.19 -41.95 10.98
N VAL H 162 11.13 -41.60 10.25
CA VAL H 162 10.75 -40.21 10.10
C VAL H 162 9.27 -40.09 10.43
N THR H 163 8.89 -38.98 11.05
CA THR H 163 7.50 -38.75 11.40
C THR H 163 6.94 -37.58 10.59
N TYR H 164 5.66 -37.67 10.26
CA TYR H 164 4.99 -36.60 9.55
C TYR H 164 3.78 -36.13 10.35
N HIS H 165 3.44 -34.85 10.24
CA HIS H 165 2.16 -34.37 10.74
C HIS H 165 1.71 -33.22 9.86
N CYS H 166 0.43 -32.86 9.97
CA CYS H 166 -0.13 -31.84 9.09
C CYS H 166 -0.41 -30.54 9.82
N SER H 167 -0.39 -29.45 9.07
CA SER H 167 -0.75 -28.15 9.62
C SER H 167 -2.13 -28.25 10.27
N ARG H 168 -2.23 -27.85 11.53
CA ARG H 168 -3.49 -27.92 12.27
C ARG H 168 -4.65 -27.42 11.41
N GLY H 169 -5.79 -28.12 11.49
CA GLY H 169 -6.93 -27.79 10.66
C GLY H 169 -7.00 -28.70 9.44
N LEU H 170 -5.99 -29.55 9.29
CA LEU H 170 -6.00 -30.55 8.24
C LEU H 170 -5.78 -31.91 8.89
N THR H 171 -6.13 -32.97 8.16
CA THR H 171 -5.93 -34.32 8.66
C THR H 171 -4.91 -35.07 7.81
N LEU H 172 -4.20 -36.00 8.43
CA LEU H 172 -3.16 -36.76 7.72
C LEU H 172 -3.72 -38.04 7.10
N ARG H 173 -3.26 -38.35 5.90
CA ARG H 173 -3.66 -39.56 5.20
C ARG H 173 -2.42 -40.33 4.75
N GLY H 174 -2.31 -41.57 5.19
CA GLY H 174 -1.11 -42.35 4.95
C GLY H 174 -0.41 -42.60 6.28
N SER H 175 0.87 -42.95 6.23
CA SER H 175 1.61 -43.24 7.44
C SER H 175 2.08 -41.96 8.13
N GLN H 176 1.87 -41.88 9.43
CA GLN H 176 2.39 -40.75 10.18
C GLN H 176 3.85 -40.99 10.52
N ARG H 177 4.23 -42.26 10.66
CA ARG H 177 5.63 -42.62 10.87
C ARG H 177 6.06 -43.65 9.86
N ARG H 178 7.30 -43.54 9.37
CA ARG H 178 7.86 -44.50 8.43
C ARG H 178 9.27 -44.89 8.81
N THR H 179 9.59 -46.17 8.67
CA THR H 179 10.89 -46.69 9.08
C THR H 179 11.65 -47.20 7.87
N CYS H 180 12.98 -47.02 7.89
CA CYS H 180 13.82 -47.55 6.83
C CYS H 180 14.05 -49.04 7.04
N GLN H 181 13.76 -49.83 6.01
CA GLN H 181 13.81 -51.27 6.13
C GLN H 181 14.99 -51.90 5.40
N GLU H 182 15.27 -53.15 5.73
CA GLU H 182 16.34 -53.90 5.08
C GLU H 182 16.20 -53.85 3.56
N GLY H 183 14.97 -53.98 3.07
CA GLY H 183 14.68 -53.97 1.65
C GLY H 183 15.18 -52.74 0.92
N GLY H 184 15.24 -51.61 1.60
CA GLY H 184 15.68 -50.37 1.00
C GLY H 184 14.54 -49.38 0.87
N SER H 185 13.33 -49.85 1.10
CA SER H 185 12.14 -49.01 1.01
C SER H 185 11.71 -48.56 2.41
N TRP H 186 10.80 -47.59 2.44
CA TRP H 186 10.26 -47.12 3.71
C TRP H 186 8.97 -47.84 4.04
N SER H 187 8.79 -48.18 5.31
CA SER H 187 7.56 -48.81 5.75
C SER H 187 6.39 -47.87 5.48
N GLY H 188 5.17 -48.38 5.56
CA GLY H 188 3.99 -47.57 5.36
C GLY H 188 3.91 -46.94 3.99
N THR H 189 3.18 -45.83 3.89
CA THR H 189 2.95 -45.17 2.61
C THR H 189 3.11 -43.65 2.71
N GLU H 190 3.45 -43.01 1.60
CA GLU H 190 3.64 -41.55 1.56
C GLU H 190 2.39 -40.82 2.04
N PRO H 191 2.55 -39.93 3.04
CA PRO H 191 1.45 -39.17 3.63
C PRO H 191 1.02 -38.03 2.73
N SER H 192 -0.15 -37.45 3.01
CA SER H 192 -0.64 -36.28 2.30
C SER H 192 -1.60 -35.54 3.20
N CYS H 193 -1.83 -34.27 2.90
CA CYS H 193 -2.69 -33.44 3.73
C CYS H 193 -4.05 -33.19 3.11
N GLN H 194 -5.09 -33.28 3.93
CA GLN H 194 -6.45 -33.25 3.42
C GLN H 194 -7.29 -32.19 4.12
N ASP H 195 -7.99 -31.38 3.32
CA ASP H 195 -8.94 -30.40 3.83
C ASP H 195 -10.29 -31.07 4.01
N SER H 196 -11.20 -30.37 4.68
CA SER H 196 -12.57 -30.86 4.81
C SER H 196 -13.25 -30.83 3.44
N PHE H 197 -12.77 -29.96 2.56
CA PHE H 197 -13.41 -29.73 1.27
C PHE H 197 -12.78 -30.51 0.11
N MET H 198 -11.56 -31.01 0.32
CA MET H 198 -10.88 -31.77 -0.72
C MET H 198 -11.57 -33.10 -0.96
N TYR H 199 -11.50 -33.59 -2.18
CA TYR H 199 -12.11 -34.88 -2.51
C TYR H 199 -11.31 -35.64 -3.55
N ASP H 200 -11.68 -36.91 -3.71
CA ASP H 200 -11.12 -37.74 -4.75
C ASP H 200 -12.10 -37.80 -5.90
N THR H 201 -11.66 -37.38 -7.08
CA THR H 201 -12.46 -37.55 -8.27
C THR H 201 -12.61 -39.04 -8.50
N PRO H 202 -13.75 -39.47 -9.05
CA PRO H 202 -13.99 -40.91 -9.25
C PRO H 202 -12.93 -41.54 -10.15
N GLN H 203 -12.46 -40.79 -11.13
CA GLN H 203 -11.41 -41.27 -12.03
C GLN H 203 -10.15 -41.66 -11.26
N GLU H 204 -9.80 -40.85 -10.26
CA GLU H 204 -8.65 -41.13 -9.43
C GLU H 204 -8.87 -42.40 -8.59
N VAL H 205 -10.04 -42.49 -7.95
CA VAL H 205 -10.36 -43.64 -7.12
C VAL H 205 -10.36 -44.93 -7.93
N ALA H 206 -10.96 -44.87 -9.11
CA ALA H 206 -11.02 -46.01 -10.00
C ALA H 206 -9.63 -46.54 -10.32
N GLU H 207 -8.77 -45.66 -10.83
CA GLU H 207 -7.39 -46.04 -11.14
C GLU H 207 -6.67 -46.55 -9.89
N ALA H 208 -6.69 -45.74 -8.84
CA ALA H 208 -5.96 -46.05 -7.60
C ALA H 208 -6.31 -47.42 -7.03
N PHE H 209 -7.60 -47.74 -7.01
CA PHE H 209 -8.07 -48.97 -6.40
C PHE H 209 -7.63 -50.22 -7.16
N LEU H 210 -7.96 -50.28 -8.44
CA LEU H 210 -7.56 -51.42 -9.27
C LEU H 210 -6.04 -51.55 -9.31
N SER H 211 -5.35 -50.42 -9.41
CA SER H 211 -3.90 -50.40 -9.44
C SER H 211 -3.31 -51.06 -8.19
N SER H 212 -4.03 -50.94 -7.07
CA SER H 212 -3.62 -51.58 -5.83
C SER H 212 -4.07 -53.02 -5.81
N LEU H 213 -5.35 -53.24 -6.09
CA LEU H 213 -5.96 -54.55 -6.03
C LEU H 213 -5.31 -55.56 -6.98
N THR H 214 -4.71 -55.06 -8.06
CA THR H 214 -4.17 -55.94 -9.08
C THR H 214 -2.81 -55.46 -9.60
N GLU H 215 -2.26 -56.21 -10.54
CA GLU H 215 -1.01 -55.84 -11.19
C GLU H 215 -1.14 -56.04 -12.70
N THR H 216 -0.32 -55.34 -13.46
CA THR H 216 -0.49 -55.30 -14.91
C THR H 216 0.75 -55.77 -15.67
N LYS H 233 -4.80 -54.21 -19.64
CA LYS H 233 -5.31 -55.54 -19.29
C LYS H 233 -4.69 -56.05 -18.00
N ARG H 234 -5.41 -55.93 -16.90
CA ARG H 234 -4.89 -56.29 -15.58
C ARG H 234 -5.32 -57.70 -15.17
N LYS H 235 -4.61 -58.25 -14.19
CA LYS H 235 -4.97 -59.54 -13.61
C LYS H 235 -4.78 -59.55 -12.10
N ILE H 236 -5.66 -60.26 -11.40
CA ILE H 236 -5.55 -60.39 -9.95
C ILE H 236 -4.56 -61.50 -9.58
N VAL H 237 -3.53 -61.14 -8.83
CA VAL H 237 -2.44 -62.06 -8.53
C VAL H 237 -2.74 -63.00 -7.37
N LEU H 238 -3.05 -64.25 -7.70
CA LEU H 238 -3.17 -65.30 -6.70
C LEU H 238 -1.90 -66.13 -6.70
N ASP H 239 -1.64 -66.81 -5.59
CA ASP H 239 -0.50 -67.70 -5.48
C ASP H 239 -0.84 -69.00 -6.19
N PRO H 240 0.19 -69.77 -6.57
CA PRO H 240 -0.09 -71.09 -7.17
C PRO H 240 -0.95 -71.94 -6.24
N SER H 241 -2.06 -72.46 -6.76
CA SER H 241 -2.98 -73.27 -5.97
C SER H 241 -3.44 -72.52 -4.72
N GLY H 242 -3.74 -71.23 -4.89
CA GLY H 242 -4.17 -70.39 -3.79
C GLY H 242 -5.66 -70.06 -3.81
N SER H 243 -6.02 -68.95 -3.19
CA SER H 243 -7.41 -68.55 -3.07
C SER H 243 -7.55 -67.15 -2.47
N MET H 244 -8.64 -66.47 -2.78
CA MET H 244 -8.89 -65.14 -2.26
C MET H 244 -10.22 -65.04 -1.54
N ASN H 245 -10.23 -64.34 -0.40
CA ASN H 245 -11.45 -64.06 0.34
C ASN H 245 -11.72 -62.57 0.42
N ILE H 246 -12.87 -62.16 -0.08
CA ILE H 246 -13.27 -60.76 -0.09
C ILE H 246 -14.41 -60.52 0.88
N TYR H 247 -14.17 -59.70 1.89
CA TYR H 247 -15.19 -59.39 2.89
C TYR H 247 -15.76 -58.00 2.65
N LEU H 248 -17.04 -57.95 2.28
CA LEU H 248 -17.71 -56.68 2.06
C LEU H 248 -18.44 -56.24 3.31
N VAL H 249 -17.89 -55.26 4.00
CA VAL H 249 -18.55 -54.74 5.20
C VAL H 249 -19.16 -53.39 4.93
N LEU H 250 -20.49 -53.32 4.98
CA LEU H 250 -21.21 -52.08 4.80
C LEU H 250 -21.70 -51.56 6.15
N ASP H 251 -21.69 -50.23 6.31
CA ASP H 251 -22.14 -49.59 7.53
C ASP H 251 -23.56 -49.11 7.31
N GLY H 252 -24.45 -49.43 8.24
CA GLY H 252 -25.86 -49.07 8.10
C GLY H 252 -26.42 -48.26 9.24
N SER H 253 -25.55 -47.61 9.99
CA SER H 253 -25.99 -46.77 11.09
C SER H 253 -26.85 -45.61 10.61
N GLY H 254 -27.48 -44.90 11.54
CA GLY H 254 -28.34 -43.80 11.21
C GLY H 254 -27.64 -42.68 10.47
N SER H 255 -26.37 -42.46 10.79
CA SER H 255 -25.58 -41.40 10.18
C SER H 255 -25.53 -41.49 8.65
N ILE H 256 -25.41 -42.71 8.14
CA ILE H 256 -25.31 -42.93 6.70
C ILE H 256 -26.51 -42.36 5.94
N GLY H 257 -27.71 -42.76 6.36
CA GLY H 257 -28.92 -42.35 5.69
C GLY H 257 -29.44 -43.44 4.78
N ALA H 258 -30.69 -43.31 4.34
CA ALA H 258 -31.31 -44.31 3.47
C ALA H 258 -30.81 -44.18 2.04
N SER H 259 -30.96 -43.00 1.47
CA SER H 259 -30.53 -42.76 0.09
C SER H 259 -29.09 -43.20 -0.11
N ASP H 260 -28.18 -42.62 0.68
CA ASP H 260 -26.76 -42.94 0.56
C ASP H 260 -26.44 -44.41 0.85
N PHE H 261 -27.44 -45.19 1.23
CA PHE H 261 -27.20 -46.60 1.55
C PHE H 261 -27.39 -47.51 0.34
N THR H 262 -28.61 -47.55 -0.19
CA THR H 262 -28.89 -48.40 -1.34
C THR H 262 -27.98 -48.01 -2.50
N GLY H 263 -27.46 -46.80 -2.45
CA GLY H 263 -26.52 -46.32 -3.44
C GLY H 263 -25.18 -47.03 -3.31
N ALA H 264 -24.80 -47.34 -2.07
CA ALA H 264 -23.59 -48.10 -1.80
C ALA H 264 -23.79 -49.56 -2.13
N LYS H 265 -25.03 -50.03 -2.00
CA LYS H 265 -25.36 -51.40 -2.35
C LYS H 265 -25.09 -51.61 -3.83
N LYS H 266 -25.48 -50.62 -4.65
CA LYS H 266 -25.19 -50.63 -6.07
C LYS H 266 -23.69 -50.77 -6.32
N CYS H 267 -22.90 -49.93 -5.66
CA CYS H 267 -21.46 -49.94 -5.81
C CYS H 267 -20.89 -51.34 -5.64
N LEU H 268 -21.35 -52.03 -4.59
CA LEU H 268 -20.88 -53.37 -4.28
C LEU H 268 -21.32 -54.38 -5.33
N VAL H 269 -22.47 -54.12 -5.97
CA VAL H 269 -22.92 -54.95 -7.06
C VAL H 269 -21.87 -54.93 -8.16
N ASN H 270 -21.53 -53.72 -8.61
CA ASN H 270 -20.59 -53.52 -9.69
C ASN H 270 -19.18 -54.02 -9.35
N LEU H 271 -18.84 -53.96 -8.06
CA LEU H 271 -17.56 -54.48 -7.60
C LEU H 271 -17.53 -55.99 -7.76
N ILE H 272 -18.67 -56.64 -7.50
CA ILE H 272 -18.80 -58.07 -7.66
C ILE H 272 -18.55 -58.50 -9.12
N GLU H 273 -19.25 -57.85 -10.05
CA GLU H 273 -19.04 -58.10 -11.46
C GLU H 273 -17.57 -57.91 -11.83
N LYS H 274 -17.09 -56.69 -11.63
CA LYS H 274 -15.73 -56.31 -12.00
C LYS H 274 -14.69 -57.32 -11.54
N VAL H 275 -14.78 -57.75 -10.28
CA VAL H 275 -13.83 -58.71 -9.74
C VAL H 275 -13.95 -60.07 -10.42
N ALA H 276 -15.19 -60.57 -10.50
CA ALA H 276 -15.44 -61.86 -11.12
C ALA H 276 -14.84 -61.94 -12.52
N SER H 277 -14.80 -60.80 -13.21
CA SER H 277 -14.29 -60.76 -14.58
C SER H 277 -12.78 -60.87 -14.65
N TYR H 278 -12.13 -60.95 -13.49
CA TYR H 278 -10.68 -61.16 -13.46
C TYR H 278 -10.35 -62.64 -13.30
N GLY H 279 -11.29 -63.49 -13.70
CA GLY H 279 -11.05 -64.92 -13.79
C GLY H 279 -11.17 -65.71 -12.50
N VAL H 280 -10.66 -65.15 -11.40
CA VAL H 280 -10.61 -65.88 -10.14
C VAL H 280 -11.92 -65.85 -9.35
N LYS H 281 -12.33 -67.01 -8.86
CA LYS H 281 -13.53 -67.13 -8.03
C LYS H 281 -13.14 -67.02 -6.56
N PRO H 282 -13.51 -65.91 -5.92
CA PRO H 282 -13.14 -65.66 -4.53
C PRO H 282 -14.26 -66.03 -3.57
N ARG H 283 -13.90 -66.56 -2.40
CA ARG H 283 -14.86 -66.81 -1.34
C ARG H 283 -15.28 -65.48 -0.74
N TYR H 284 -16.57 -65.15 -0.85
CA TYR H 284 -17.07 -63.86 -0.37
C TYR H 284 -17.55 -63.89 1.08
N GLY H 285 -17.81 -62.70 1.60
CA GLY H 285 -18.40 -62.53 2.92
C GLY H 285 -19.16 -61.22 2.89
N LEU H 286 -20.35 -61.20 3.49
CA LEU H 286 -21.17 -60.01 3.46
C LEU H 286 -21.66 -59.65 4.85
N VAL H 287 -21.38 -58.42 5.28
CA VAL H 287 -21.78 -57.94 6.60
C VAL H 287 -22.24 -56.49 6.55
N THR H 288 -23.47 -56.25 6.98
CA THR H 288 -23.94 -54.89 7.23
C THR H 288 -23.95 -54.73 8.73
N TYR H 289 -23.76 -53.51 9.22
CA TYR H 289 -23.70 -53.31 10.65
C TYR H 289 -24.25 -51.97 11.12
N ALA H 290 -24.38 -51.90 12.43
CA ALA H 290 -24.86 -50.74 13.16
C ALA H 290 -24.57 -51.05 14.60
N THR H 291 -25.57 -50.86 15.46
CA THR H 291 -25.44 -51.31 16.83
C THR H 291 -24.95 -52.75 16.86
N TYR H 292 -25.40 -53.54 15.89
CA TYR H 292 -24.99 -54.94 15.78
C TYR H 292 -24.62 -55.38 14.35
N PRO H 293 -23.71 -56.36 14.25
CA PRO H 293 -23.33 -56.91 12.94
C PRO H 293 -24.25 -58.04 12.54
N LYS H 294 -24.76 -58.00 11.31
CA LYS H 294 -25.52 -59.13 10.78
C LYS H 294 -24.75 -59.74 9.62
N ILE H 295 -24.50 -61.05 9.69
CA ILE H 295 -23.82 -61.74 8.61
C ILE H 295 -24.79 -62.20 7.53
N TRP H 296 -24.44 -61.97 6.27
CA TRP H 296 -25.29 -62.34 5.15
C TRP H 296 -24.65 -63.43 4.30
N VAL H 297 -23.35 -63.65 4.49
CA VAL H 297 -22.61 -64.69 3.78
C VAL H 297 -21.33 -65.00 4.55
N LYS H 298 -21.06 -66.28 4.80
CA LYS H 298 -19.82 -66.66 5.45
C LYS H 298 -18.90 -67.34 4.46
N VAL H 299 -17.60 -67.11 4.57
CA VAL H 299 -16.63 -67.73 3.67
C VAL H 299 -16.64 -69.25 3.80
N SER H 300 -16.93 -69.73 5.00
CA SER H 300 -16.86 -71.16 5.31
C SER H 300 -17.78 -72.00 4.44
N GLU H 301 -18.85 -71.39 3.94
CA GLU H 301 -19.85 -72.11 3.17
C GLU H 301 -19.31 -72.61 1.84
N ALA H 302 -19.84 -73.76 1.41
CA ALA H 302 -19.49 -74.31 0.11
C ALA H 302 -19.94 -73.42 -1.06
N ASP H 303 -20.99 -72.60 -0.91
CA ASP H 303 -21.32 -71.72 -2.05
C ASP H 303 -20.48 -70.44 -2.25
N SER H 304 -20.46 -69.52 -1.29
CA SER H 304 -19.65 -68.29 -1.43
C SER H 304 -19.50 -67.89 -2.89
N SER H 305 -18.37 -68.32 -3.46
CA SER H 305 -18.00 -68.25 -4.87
C SER H 305 -19.04 -67.88 -5.96
N ASN H 306 -20.31 -68.20 -5.76
CA ASN H 306 -21.29 -67.84 -6.77
C ASN H 306 -21.64 -66.35 -6.73
N ALA H 307 -21.15 -65.62 -7.73
CA ALA H 307 -21.36 -64.18 -7.82
C ALA H 307 -22.83 -63.83 -7.96
N ASP H 308 -23.61 -64.75 -8.52
CA ASP H 308 -25.05 -64.55 -8.66
C ASP H 308 -25.74 -64.75 -7.31
N TRP H 309 -25.28 -65.76 -6.58
CA TRP H 309 -25.78 -66.01 -5.23
C TRP H 309 -25.54 -64.78 -4.36
N VAL H 310 -24.29 -64.35 -4.29
CA VAL H 310 -23.91 -63.20 -3.49
C VAL H 310 -24.59 -61.93 -3.99
N THR H 311 -24.59 -61.71 -5.30
CA THR H 311 -25.24 -60.52 -5.85
C THR H 311 -26.73 -60.50 -5.51
N LYS H 312 -27.34 -61.69 -5.43
CA LYS H 312 -28.74 -61.78 -5.06
C LYS H 312 -28.94 -61.46 -3.59
N GLN H 313 -28.13 -62.07 -2.74
CA GLN H 313 -28.17 -61.78 -1.30
C GLN H 313 -28.01 -60.27 -1.08
N LEU H 314 -27.12 -59.66 -1.87
CA LEU H 314 -26.84 -58.25 -1.76
C LEU H 314 -28.04 -57.40 -2.17
N ASN H 315 -28.66 -57.75 -3.28
CA ASN H 315 -29.85 -57.04 -3.76
C ASN H 315 -30.99 -57.14 -2.75
N GLU H 316 -30.87 -58.09 -1.83
CA GLU H 316 -31.86 -58.27 -0.77
C GLU H 316 -31.83 -57.11 0.23
N ILE H 317 -30.66 -56.90 0.82
CA ILE H 317 -30.48 -55.97 1.93
C ILE H 317 -31.25 -54.64 1.79
N ASN H 318 -31.94 -54.28 2.86
CA ASN H 318 -32.67 -53.02 2.94
C ASN H 318 -32.19 -52.22 4.15
N TYR H 319 -32.27 -50.90 4.05
CA TYR H 319 -31.78 -50.02 5.11
C TYR H 319 -32.58 -50.17 6.40
N GLU H 320 -33.80 -50.69 6.29
CA GLU H 320 -34.68 -50.85 7.43
C GLU H 320 -34.27 -52.04 8.30
N ASP H 321 -33.18 -52.69 7.93
CA ASP H 321 -32.70 -53.85 8.67
C ASP H 321 -32.00 -53.46 9.96
N HIS H 322 -31.67 -52.17 10.08
CA HIS H 322 -30.95 -51.67 11.24
C HIS H 322 -31.66 -50.48 11.89
N LYS H 323 -32.69 -49.97 11.24
CA LYS H 323 -33.39 -48.77 11.70
C LYS H 323 -33.62 -48.77 13.21
N LEU H 324 -34.05 -49.90 13.75
CA LEU H 324 -34.30 -50.03 15.19
C LEU H 324 -33.07 -49.67 16.01
N LYS H 325 -32.09 -50.55 16.00
CA LYS H 325 -30.83 -50.35 16.73
C LYS H 325 -29.78 -49.79 15.79
N SER H 326 -29.75 -48.46 15.66
CA SER H 326 -29.02 -47.80 14.58
C SER H 326 -27.69 -47.15 14.95
N GLY H 327 -26.98 -47.74 15.90
CA GLY H 327 -25.70 -47.20 16.35
C GLY H 327 -24.59 -47.49 15.37
N THR H 328 -23.36 -47.13 15.73
CA THR H 328 -22.20 -47.38 14.86
C THR H 328 -21.08 -48.12 15.59
N ASN H 329 -21.30 -49.39 15.88
CA ASN H 329 -20.32 -50.22 16.56
C ASN H 329 -19.43 -50.98 15.59
N THR H 330 -18.48 -50.26 14.97
CA THR H 330 -17.61 -50.86 13.97
C THR H 330 -16.76 -52.01 14.51
N LYS H 331 -16.41 -51.98 15.79
CA LYS H 331 -15.61 -53.05 16.35
C LYS H 331 -16.27 -54.41 16.12
N LYS H 332 -17.52 -54.54 16.58
CA LYS H 332 -18.28 -55.77 16.39
C LYS H 332 -18.29 -56.22 14.94
N ALA H 333 -18.42 -55.25 14.04
CA ALA H 333 -18.49 -55.55 12.62
C ALA H 333 -17.22 -56.22 12.09
N LEU H 334 -16.07 -55.77 12.56
CA LEU H 334 -14.82 -56.38 12.12
C LEU H 334 -14.57 -57.71 12.82
N GLN H 335 -15.08 -57.86 14.04
CA GLN H 335 -14.97 -59.12 14.76
C GLN H 335 -15.73 -60.20 14.00
N ALA H 336 -16.81 -59.80 13.34
CA ALA H 336 -17.54 -60.71 12.47
C ALA H 336 -16.58 -61.30 11.44
N VAL H 337 -15.75 -60.44 10.85
CA VAL H 337 -14.76 -60.88 9.87
C VAL H 337 -13.67 -61.72 10.51
N TYR H 338 -13.35 -61.44 11.77
CA TYR H 338 -12.37 -62.23 12.50
C TYR H 338 -12.93 -63.62 12.83
N SER H 339 -14.24 -63.76 12.78
CA SER H 339 -14.89 -65.06 12.98
C SER H 339 -14.71 -65.93 11.75
N MET H 340 -14.92 -65.34 10.58
CA MET H 340 -14.86 -66.05 9.31
C MET H 340 -13.44 -66.46 8.94
N MET H 341 -12.45 -65.93 9.65
CA MET H 341 -11.06 -66.22 9.36
C MET H 341 -10.53 -67.35 10.22
N SER H 342 -11.00 -67.42 11.46
CA SER H 342 -10.50 -68.38 12.43
C SER H 342 -10.77 -69.83 12.05
N TRP H 343 -10.29 -70.76 12.89
CA TRP H 343 -10.32 -72.18 12.57
C TRP H 343 -10.50 -73.02 13.84
N PRO H 344 -10.80 -74.32 13.67
CA PRO H 344 -10.92 -75.24 14.80
C PRO H 344 -9.76 -75.11 15.79
N VAL H 347 -6.94 -76.84 15.18
CA VAL H 347 -5.83 -77.00 14.24
C VAL H 347 -6.02 -76.11 13.01
N PRO H 348 -4.88 -75.69 12.40
CA PRO H 348 -4.86 -74.89 11.17
C PRO H 348 -5.20 -75.72 9.94
N PRO H 349 -6.08 -75.18 9.07
CA PRO H 349 -6.55 -75.85 7.86
C PRO H 349 -5.47 -76.01 6.79
N GLU H 350 -5.88 -76.51 5.63
CA GLU H 350 -4.98 -76.73 4.49
C GLU H 350 -5.13 -75.60 3.47
N GLY H 351 -4.07 -74.82 3.29
CA GLY H 351 -4.09 -73.71 2.36
C GLY H 351 -4.45 -72.40 3.02
N TRP H 352 -4.15 -72.30 4.32
CA TRP H 352 -4.45 -71.09 5.08
C TRP H 352 -3.42 -70.00 4.80
N ASN H 353 -2.15 -70.34 4.95
CA ASN H 353 -1.06 -69.40 4.69
C ASN H 353 -0.81 -69.23 3.20
N ARG H 354 -1.86 -69.43 2.41
CA ARG H 354 -1.77 -69.34 0.96
C ARG H 354 -2.99 -68.58 0.43
N THR H 355 -3.85 -68.14 1.35
CA THR H 355 -5.06 -67.42 0.98
C THR H 355 -4.92 -65.92 1.21
N ARG H 356 -5.24 -65.14 0.18
CA ARG H 356 -5.19 -63.68 0.26
C ARG H 356 -6.50 -63.13 0.80
N HIS H 357 -6.39 -62.27 1.81
CA HIS H 357 -7.57 -61.65 2.43
C HIS H 357 -7.70 -60.19 2.06
N VAL H 358 -8.94 -59.76 1.80
CA VAL H 358 -9.20 -58.41 1.29
C VAL H 358 -10.48 -57.84 1.87
N ILE H 359 -10.36 -56.80 2.70
CA ILE H 359 -11.52 -56.19 3.33
C ILE H 359 -11.95 -54.92 2.61
N ILE H 360 -13.23 -54.85 2.27
CA ILE H 360 -13.83 -53.64 1.70
C ILE H 360 -14.76 -53.04 2.73
N LEU H 361 -14.35 -51.94 3.34
CA LEU H 361 -15.17 -51.30 4.35
C LEU H 361 -15.79 -50.02 3.82
N MET H 362 -17.10 -49.86 4.03
CA MET H 362 -17.78 -48.64 3.59
C MET H 362 -18.48 -47.91 4.75
N THR H 363 -17.69 -47.17 5.52
CA THR H 363 -18.20 -46.43 6.67
C THR H 363 -17.94 -44.94 6.50
N ASP H 364 -18.33 -44.15 7.49
CA ASP H 364 -18.02 -42.73 7.48
C ASP H 364 -17.01 -42.42 8.59
N GLY H 365 -16.44 -43.47 9.16
CA GLY H 365 -15.40 -43.34 10.17
C GLY H 365 -15.89 -42.84 11.51
N LEU H 366 -17.20 -42.70 11.66
CA LEU H 366 -17.77 -42.13 12.87
C LEU H 366 -18.22 -43.19 13.87
N HIS H 367 -17.31 -44.07 14.25
CA HIS H 367 -17.65 -45.09 15.23
C HIS H 367 -17.91 -44.45 16.60
N ASN H 368 -18.89 -44.97 17.34
CA ASN H 368 -19.27 -44.41 18.63
C ASN H 368 -19.68 -45.45 19.66
N MET H 369 -19.50 -46.72 19.31
CA MET H 369 -19.66 -47.80 20.25
C MET H 369 -18.62 -48.87 19.98
N GLY H 370 -18.23 -49.59 21.01
CA GLY H 370 -17.32 -50.72 20.85
C GLY H 370 -15.86 -50.37 21.02
N GLY H 371 -15.53 -49.10 20.79
CA GLY H 371 -14.16 -48.64 20.96
C GLY H 371 -13.41 -48.53 19.66
N ASP H 372 -12.09 -48.70 19.72
CA ASP H 372 -11.23 -48.49 18.58
C ASP H 372 -11.22 -49.70 17.66
N PRO H 373 -11.83 -49.56 16.47
CA PRO H 373 -11.87 -50.64 15.48
C PRO H 373 -10.50 -51.21 15.19
N ILE H 374 -9.46 -50.40 15.33
CA ILE H 374 -8.09 -50.83 15.03
C ILE H 374 -7.68 -52.09 15.79
N THR H 375 -8.11 -52.18 17.05
CA THR H 375 -7.72 -53.31 17.89
C THR H 375 -8.18 -54.65 17.32
N VAL H 376 -9.06 -54.61 16.34
CA VAL H 376 -9.50 -55.82 15.66
C VAL H 376 -8.56 -56.19 14.51
N ILE H 377 -8.10 -55.17 13.79
CA ILE H 377 -7.10 -55.38 12.76
C ILE H 377 -5.87 -56.02 13.38
N ASP H 378 -5.33 -55.39 14.39
CA ASP H 378 -4.17 -55.92 15.10
C ASP H 378 -4.46 -57.34 15.62
N GLU H 379 -5.75 -57.64 15.80
CA GLU H 379 -6.17 -58.99 16.16
C GLU H 379 -6.06 -59.93 14.97
N ILE H 380 -6.57 -59.47 13.82
CA ILE H 380 -6.50 -60.22 12.57
C ILE H 380 -5.06 -60.42 12.13
N ARG H 381 -4.26 -59.37 12.25
CA ARG H 381 -2.87 -59.42 11.80
C ARG H 381 -2.12 -60.55 12.48
N ASP H 382 -2.41 -60.76 13.77
CA ASP H 382 -1.71 -61.79 14.52
C ASP H 382 -2.31 -63.17 14.24
N LEU H 383 -3.53 -63.18 13.73
CA LEU H 383 -4.19 -64.43 13.38
C LEU H 383 -3.68 -64.96 12.04
N LEU H 384 -3.21 -64.06 11.18
CA LEU H 384 -2.72 -64.44 9.87
C LEU H 384 -1.20 -64.42 9.83
N TYR H 385 -0.59 -64.24 10.99
CA TYR H 385 0.87 -64.19 11.11
C TYR H 385 1.47 -63.09 10.23
N ILE H 386 0.85 -61.91 10.28
CA ILE H 386 1.28 -60.79 9.44
C ILE H 386 2.17 -59.81 10.21
N GLY H 387 3.32 -59.49 9.63
CA GLY H 387 4.27 -58.61 10.27
C GLY H 387 4.83 -59.22 11.53
N LYS H 388 5.13 -60.51 11.47
CA LYS H 388 5.65 -61.23 12.62
C LYS H 388 6.94 -61.98 12.27
N ASP H 389 7.65 -61.50 11.25
CA ASP H 389 8.90 -62.12 10.82
C ASP H 389 9.70 -61.19 9.92
N ARG H 390 10.96 -60.96 10.25
CA ARG H 390 11.82 -60.09 9.45
C ARG H 390 12.35 -60.79 8.20
N LYS H 391 11.98 -62.05 8.03
CA LYS H 391 12.39 -62.81 6.85
C LYS H 391 11.18 -63.01 5.94
N ASN H 392 10.01 -62.67 6.46
CA ASN H 392 8.76 -62.77 5.72
C ASN H 392 7.72 -61.79 6.24
N PRO H 393 7.31 -60.85 5.39
CA PRO H 393 6.31 -59.85 5.79
C PRO H 393 4.93 -60.48 5.83
N ARG H 394 4.56 -61.12 4.72
CA ARG H 394 3.20 -61.62 4.53
C ARG H 394 2.24 -60.45 4.46
N GLU H 395 2.77 -59.27 4.15
CA GLU H 395 1.97 -58.06 4.03
C GLU H 395 1.04 -58.15 2.83
N ASP H 396 1.41 -58.96 1.85
CA ASP H 396 0.61 -59.10 0.64
C ASP H 396 -0.70 -59.81 0.91
N TYR H 397 -0.73 -60.61 1.97
CA TYR H 397 -1.87 -61.47 2.24
C TYR H 397 -3.01 -60.77 2.98
N LEU H 398 -2.88 -59.46 3.21
CA LEU H 398 -3.98 -58.68 3.74
C LEU H 398 -4.05 -57.27 3.19
N ASP H 399 -5.22 -56.91 2.66
CA ASP H 399 -5.51 -55.57 2.19
C ASP H 399 -6.81 -55.10 2.82
N VAL H 400 -6.79 -53.92 3.43
CA VAL H 400 -8.00 -53.31 3.96
C VAL H 400 -8.25 -51.99 3.24
N TYR H 401 -9.37 -51.92 2.53
CA TYR H 401 -9.74 -50.72 1.79
C TYR H 401 -10.91 -50.06 2.49
N VAL H 402 -10.86 -48.74 2.63
CA VAL H 402 -11.97 -48.02 3.24
C VAL H 402 -12.49 -46.88 2.37
N PHE H 403 -13.80 -46.89 2.11
CA PHE H 403 -14.43 -45.87 1.28
C PHE H 403 -15.31 -44.97 2.13
N GLY H 404 -15.04 -43.66 2.10
CA GLY H 404 -15.77 -42.70 2.91
C GLY H 404 -16.95 -42.10 2.14
N VAL H 405 -18.13 -42.24 2.73
CA VAL H 405 -19.40 -41.93 2.05
C VAL H 405 -19.49 -40.51 1.46
N GLY H 406 -19.15 -39.51 2.26
CA GLY H 406 -19.26 -38.11 1.86
C GLY H 406 -19.36 -37.23 3.09
N PRO H 407 -19.06 -35.93 2.93
CA PRO H 407 -18.96 -34.91 3.99
C PRO H 407 -19.53 -35.36 5.33
N LEU H 408 -18.77 -35.13 6.40
CA LEU H 408 -19.04 -35.68 7.73
C LEU H 408 -18.27 -36.99 7.91
N VAL H 409 -17.35 -37.25 6.98
CA VAL H 409 -16.42 -38.36 7.12
C VAL H 409 -15.30 -37.98 8.08
N ASN H 410 -14.97 -38.89 8.97
CA ASN H 410 -13.84 -38.71 9.86
C ASN H 410 -12.62 -39.35 9.20
N GLN H 411 -11.84 -38.53 8.50
CA GLN H 411 -10.71 -39.02 7.72
C GLN H 411 -9.59 -39.57 8.58
N VAL H 412 -9.55 -39.18 9.84
CA VAL H 412 -8.56 -39.72 10.76
C VAL H 412 -8.87 -41.17 11.02
N ASN H 413 -10.17 -41.48 11.07
CA ASN H 413 -10.62 -42.82 11.44
C ASN H 413 -10.66 -43.82 10.30
N ILE H 414 -11.07 -43.38 9.11
CA ILE H 414 -11.08 -44.26 7.95
C ILE H 414 -9.67 -44.48 7.44
N ASN H 415 -8.74 -43.65 7.90
CA ASN H 415 -7.34 -43.79 7.51
C ASN H 415 -6.61 -44.80 8.38
N ALA H 416 -6.90 -44.78 9.67
CA ALA H 416 -6.22 -45.67 10.61
C ALA H 416 -6.66 -47.11 10.39
N LEU H 417 -7.70 -47.31 9.60
CA LEU H 417 -8.20 -48.65 9.31
C LEU H 417 -7.59 -49.19 8.02
N ALA H 418 -7.47 -48.32 7.03
CA ALA H 418 -6.95 -48.71 5.73
C ALA H 418 -5.51 -49.16 5.85
N SER H 419 -5.10 -50.06 4.94
CA SER H 419 -3.73 -50.53 4.94
C SER H 419 -2.80 -49.42 4.49
N LYS H 420 -1.57 -49.43 5.01
CA LYS H 420 -0.57 -48.46 4.60
C LYS H 420 0.52 -49.18 3.82
N LYS H 421 0.39 -49.20 2.51
CA LYS H 421 1.37 -49.88 1.65
C LYS H 421 2.10 -48.89 0.75
N ASP H 422 3.43 -49.02 0.72
CA ASP H 422 4.25 -48.16 -0.12
C ASP H 422 3.66 -48.03 -1.53
N ASN H 423 3.57 -46.81 -2.02
CA ASN H 423 3.25 -46.57 -3.42
C ASN H 423 1.85 -47.01 -3.83
N GLU H 424 1.00 -47.31 -2.85
CA GLU H 424 -0.42 -47.63 -3.11
C GLU H 424 -1.36 -46.87 -2.17
N GLN H 425 -2.58 -46.61 -2.63
CA GLN H 425 -3.56 -45.87 -1.83
C GLN H 425 -4.79 -46.73 -1.48
N HIS H 426 -5.10 -46.84 -0.19
CA HIS H 426 -6.16 -47.74 0.26
C HIS H 426 -7.35 -47.04 0.89
N VAL H 427 -7.31 -45.71 0.98
CA VAL H 427 -8.39 -44.98 1.63
C VAL H 427 -8.92 -43.86 0.75
N PHE H 428 -10.25 -43.77 0.65
CA PHE H 428 -10.88 -42.89 -0.31
C PHE H 428 -12.06 -42.11 0.26
N LYS H 429 -12.23 -40.88 -0.21
CA LYS H 429 -13.34 -40.04 0.21
C LYS H 429 -13.83 -39.25 -1.00
N VAL H 430 -15.11 -39.37 -1.30
CA VAL H 430 -15.67 -38.77 -2.50
C VAL H 430 -16.81 -37.82 -2.19
N LYS H 431 -17.04 -36.85 -3.07
CA LYS H 431 -17.99 -35.76 -2.81
C LYS H 431 -19.35 -36.23 -2.28
N ASP H 432 -20.07 -37.03 -3.06
CA ASP H 432 -21.37 -37.55 -2.63
C ASP H 432 -21.54 -38.99 -3.05
N MET H 433 -22.61 -39.63 -2.58
CA MET H 433 -22.85 -41.02 -2.92
C MET H 433 -23.03 -41.21 -4.43
N GLU H 434 -23.43 -40.14 -5.12
CA GLU H 434 -23.49 -40.17 -6.57
C GLU H 434 -22.12 -40.51 -7.14
N ASN H 435 -21.13 -39.71 -6.79
CA ASN H 435 -19.75 -39.89 -7.27
C ASN H 435 -19.14 -41.24 -6.93
N LEU H 436 -19.57 -41.87 -5.84
CA LEU H 436 -19.03 -43.16 -5.45
C LEU H 436 -19.50 -44.25 -6.39
N GLU H 437 -20.76 -44.14 -6.83
CA GLU H 437 -21.26 -45.04 -7.84
C GLU H 437 -20.41 -44.85 -9.09
N ASP H 438 -20.22 -43.60 -9.48
CA ASP H 438 -19.40 -43.26 -10.64
C ASP H 438 -18.07 -44.01 -10.65
N VAL H 439 -17.52 -44.26 -9.47
CA VAL H 439 -16.26 -44.99 -9.38
C VAL H 439 -16.42 -46.38 -9.96
N PHE H 440 -17.25 -47.20 -9.33
CA PHE H 440 -17.44 -48.58 -9.74
C PHE H 440 -18.07 -48.71 -11.12
N TYR H 441 -18.83 -47.70 -11.52
CA TYR H 441 -19.40 -47.66 -12.87
C TYR H 441 -18.29 -47.48 -13.91
N GLN H 442 -17.23 -46.77 -13.54
CA GLN H 442 -16.14 -46.50 -14.47
C GLN H 442 -15.16 -47.65 -14.53
N MET H 443 -15.19 -48.50 -13.51
CA MET H 443 -14.36 -49.70 -13.51
C MET H 443 -14.84 -50.67 -14.58
N ILE H 444 -16.14 -50.95 -14.58
CA ILE H 444 -16.73 -51.84 -15.59
C ILE H 444 -16.57 -51.28 -17.01
N ASP H 445 -15.92 -50.12 -17.12
CA ASP H 445 -15.76 -49.49 -18.42
C ASP H 445 -14.32 -49.60 -18.96
N GLU H 446 -13.35 -49.49 -18.06
CA GLU H 446 -11.99 -49.88 -18.39
C GLU H 446 -12.19 -51.25 -18.97
N SER H 447 -12.64 -52.18 -18.14
CA SER H 447 -13.23 -53.44 -18.63
C SER H 447 -13.35 -53.70 -20.16
N GLN H 448 -13.61 -52.69 -21.01
CA GLN H 448 -13.34 -52.82 -22.45
C GLN H 448 -14.49 -52.56 -23.44
N SER H 449 -14.07 -52.30 -24.69
CA SER H 449 -14.84 -52.22 -25.94
C SER H 449 -14.71 -50.83 -26.52
N LEU H 450 -13.47 -50.36 -26.57
CA LEU H 450 -13.09 -49.01 -26.97
C LEU H 450 -14.09 -48.30 -27.87
N SER H 451 -14.89 -49.07 -28.61
CA SER H 451 -16.03 -48.53 -29.36
C SER H 451 -17.07 -47.90 -28.44
N LEU H 452 -16.86 -48.00 -27.13
CA LEU H 452 -17.79 -47.44 -26.16
C LEU H 452 -17.77 -45.90 -26.24
N CYS H 453 -18.94 -45.32 -26.47
CA CYS H 453 -19.03 -43.89 -26.72
C CYS H 453 -18.71 -43.05 -25.49
N GLY H 454 -18.01 -41.94 -25.71
CA GLY H 454 -17.70 -41.00 -24.65
C GLY H 454 -17.11 -41.66 -23.43
N MET H 455 -15.99 -42.37 -23.62
CA MET H 455 -15.33 -43.06 -22.52
C MET H 455 -13.86 -42.68 -22.50
N VAL H 456 -13.42 -42.04 -21.42
CA VAL H 456 -12.03 -41.62 -21.32
C VAL H 456 -11.39 -42.07 -20.02
N TRP H 457 -10.47 -43.02 -20.13
CA TRP H 457 -9.78 -43.57 -18.96
C TRP H 457 -8.60 -42.69 -18.59
N GLU H 458 -8.59 -42.23 -17.34
CA GLU H 458 -7.57 -41.28 -16.90
C GLU H 458 -6.22 -41.94 -16.63
N HIS H 459 -5.44 -42.10 -17.68
CA HIS H 459 -4.05 -42.48 -17.54
C HIS H 459 -3.26 -41.23 -17.18
N ARG H 460 -2.35 -41.35 -16.22
CA ARG H 460 -1.66 -40.18 -15.66
C ARG H 460 -0.70 -39.48 -16.62
N LYS H 461 -0.42 -40.13 -17.76
CA LYS H 461 0.49 -39.54 -18.74
C LYS H 461 -0.10 -38.35 -19.49
N GLY H 462 -1.24 -37.85 -19.01
CA GLY H 462 -1.89 -36.68 -19.58
C GLY H 462 -2.06 -36.78 -21.09
N THR H 463 -1.05 -36.34 -21.82
CA THR H 463 -0.94 -36.56 -23.26
C THR H 463 -2.10 -36.03 -24.11
N ASP H 464 -2.71 -34.94 -23.66
CA ASP H 464 -3.74 -34.26 -24.46
C ASP H 464 -4.79 -35.21 -25.02
N TYR H 465 -4.78 -35.38 -26.34
CA TYR H 465 -5.79 -36.16 -27.08
C TYR H 465 -6.33 -37.39 -26.34
N HIS H 466 -5.50 -38.01 -25.51
CA HIS H 466 -5.95 -39.14 -24.69
C HIS H 466 -7.15 -38.77 -23.84
N LYS H 467 -7.35 -37.46 -23.62
CA LYS H 467 -8.39 -36.96 -22.73
C LYS H 467 -9.62 -36.44 -23.48
N GLN H 468 -9.52 -36.35 -24.80
CA GLN H 468 -10.65 -35.97 -25.65
C GLN H 468 -10.55 -36.66 -27.01
N PRO H 469 -10.74 -37.99 -27.04
CA PRO H 469 -10.52 -38.83 -28.21
C PRO H 469 -11.40 -38.48 -29.40
N TRP H 470 -12.56 -37.88 -29.14
CA TRP H 470 -13.58 -37.67 -30.15
C TRP H 470 -13.34 -36.43 -31.01
N GLN H 471 -12.31 -35.65 -30.67
CA GLN H 471 -12.08 -34.35 -31.29
C GLN H 471 -11.53 -34.47 -32.70
N ALA H 472 -12.11 -33.70 -33.62
CA ALA H 472 -11.69 -33.73 -35.02
C ALA H 472 -11.39 -32.34 -35.55
N LYS H 473 -10.13 -32.11 -35.94
CA LYS H 473 -9.76 -30.86 -36.60
C LYS H 473 -10.23 -30.92 -38.05
N ILE H 474 -10.62 -29.77 -38.58
CA ILE H 474 -11.05 -29.71 -39.98
C ILE H 474 -10.43 -28.51 -40.68
N SER H 475 -10.00 -28.73 -41.92
CA SER H 475 -9.51 -27.64 -42.75
C SER H 475 -10.08 -27.71 -44.16
N VAL H 476 -10.73 -26.64 -44.58
CA VAL H 476 -11.24 -26.52 -45.94
C VAL H 476 -10.41 -25.51 -46.71
N ILE H 477 -9.67 -26.00 -47.70
CA ILE H 477 -8.73 -25.16 -48.44
C ILE H 477 -9.44 -24.09 -49.25
N ARG H 478 -8.81 -22.92 -49.37
CA ARG H 478 -9.34 -21.81 -50.15
C ARG H 478 -8.25 -20.82 -50.53
N HIS H 483 -8.23 -20.02 -46.21
CA HIS H 483 -8.29 -21.23 -45.40
C HIS H 483 -9.30 -21.11 -44.25
N GLU H 484 -9.64 -22.25 -43.66
CA GLU H 484 -10.61 -22.30 -42.57
C GLU H 484 -10.38 -23.54 -41.70
N SER H 485 -10.55 -23.37 -40.39
CA SER H 485 -10.29 -24.47 -39.46
C SER H 485 -11.40 -24.67 -38.42
N CYS H 486 -12.39 -25.49 -38.76
CA CYS H 486 -13.48 -25.80 -37.86
C CYS H 486 -13.14 -26.98 -36.94
N MET H 487 -14.13 -27.45 -36.21
CA MET H 487 -13.96 -28.61 -35.34
C MET H 487 -15.10 -29.59 -35.57
N GLY H 488 -14.99 -30.78 -35.01
CA GLY H 488 -16.02 -31.79 -35.15
C GLY H 488 -15.91 -32.89 -34.12
N ALA H 489 -16.92 -33.76 -34.07
CA ALA H 489 -16.91 -34.89 -33.16
C ALA H 489 -17.04 -36.19 -33.94
N VAL H 490 -16.35 -37.21 -33.48
CA VAL H 490 -16.44 -38.53 -34.09
C VAL H 490 -17.61 -39.31 -33.50
N VAL H 491 -18.65 -39.55 -34.30
CA VAL H 491 -19.87 -40.17 -33.80
C VAL H 491 -19.89 -41.68 -34.06
N SER H 492 -19.40 -42.08 -35.22
CA SER H 492 -19.31 -43.49 -35.57
C SER H 492 -17.93 -43.78 -36.12
N GLU H 493 -17.80 -44.92 -36.78
CA GLU H 493 -16.52 -45.30 -37.39
C GLU H 493 -16.40 -44.64 -38.74
N TYR H 494 -17.52 -44.16 -39.27
CA TYR H 494 -17.56 -43.53 -40.58
C TYR H 494 -17.79 -42.02 -40.52
N PHE H 495 -18.53 -41.56 -39.52
CA PHE H 495 -19.07 -40.20 -39.51
C PHE H 495 -18.44 -39.23 -38.51
N VAL H 496 -18.29 -37.98 -38.96
CA VAL H 496 -17.83 -36.88 -38.11
C VAL H 496 -18.88 -35.77 -38.10
N LEU H 497 -19.36 -35.43 -36.91
CA LEU H 497 -20.40 -34.40 -36.78
C LEU H 497 -19.80 -33.01 -36.59
N THR H 498 -20.28 -32.05 -37.38
CA THR H 498 -19.77 -30.67 -37.32
C THR H 498 -20.87 -29.67 -37.65
N ALA H 499 -20.50 -28.41 -37.75
CA ALA H 499 -21.45 -27.37 -38.11
C ALA H 499 -21.53 -27.24 -39.63
N ALA H 500 -22.70 -26.86 -40.12
CA ALA H 500 -22.95 -26.83 -41.55
C ALA H 500 -22.35 -25.59 -42.22
N HIS H 501 -22.09 -24.55 -41.45
CA HIS H 501 -21.68 -23.26 -42.01
C HIS H 501 -20.21 -23.22 -42.41
N CYS H 502 -19.52 -24.35 -42.25
CA CYS H 502 -18.09 -24.41 -42.53
C CYS H 502 -17.78 -24.77 -43.98
N PHE H 503 -18.79 -24.81 -44.84
CA PHE H 503 -18.60 -25.53 -46.11
C PHE H 503 -19.04 -24.86 -47.43
N THR H 504 -20.36 -24.77 -47.64
CA THR H 504 -20.94 -24.46 -48.96
C THR H 504 -20.41 -25.33 -50.11
N VAL H 505 -19.41 -24.84 -50.85
CA VAL H 505 -18.80 -25.64 -51.92
C VAL H 505 -17.30 -25.41 -52.05
N HIS H 510 -13.08 -33.78 -51.69
CA HIS H 510 -11.82 -33.43 -52.34
C HIS H 510 -11.29 -32.08 -51.84
N SER H 511 -12.16 -31.08 -51.84
CA SER H 511 -11.77 -29.74 -51.42
C SER H 511 -11.58 -29.64 -49.91
N ILE H 512 -12.00 -30.68 -49.19
CA ILE H 512 -12.04 -30.66 -47.73
C ILE H 512 -11.31 -31.84 -47.11
N LYS H 513 -10.79 -31.65 -45.89
CA LYS H 513 -10.00 -32.69 -45.22
C LYS H 513 -10.23 -32.73 -43.71
N VAL H 514 -10.14 -33.92 -43.13
CA VAL H 514 -10.31 -34.10 -41.69
C VAL H 514 -9.08 -34.75 -41.06
N SER H 515 -8.69 -34.27 -39.88
CA SER H 515 -7.57 -34.85 -39.15
C SER H 515 -7.92 -35.11 -37.68
N VAL H 516 -7.49 -36.25 -37.15
CA VAL H 516 -7.92 -36.70 -35.82
C VAL H 516 -6.77 -37.28 -35.00
N GLY H 517 -7.00 -37.40 -33.68
CA GLY H 517 -6.09 -38.09 -32.78
C GLY H 517 -4.68 -37.55 -32.72
N GLY H 518 -4.51 -36.28 -33.06
CA GLY H 518 -3.19 -35.69 -33.12
C GLY H 518 -2.42 -36.31 -34.26
N GLU H 519 -3.15 -36.84 -35.23
CA GLU H 519 -2.55 -37.42 -36.42
C GLU H 519 -2.36 -36.36 -37.49
N LYS H 520 -1.10 -36.11 -37.84
CA LYS H 520 -0.77 -35.25 -38.96
C LYS H 520 -1.59 -35.67 -40.18
N ARG H 521 -1.57 -36.97 -40.45
CA ARG H 521 -2.33 -37.55 -41.54
C ARG H 521 -3.76 -37.00 -41.59
N ASP H 522 -4.11 -36.38 -42.72
CA ASP H 522 -5.47 -35.91 -42.94
C ASP H 522 -6.23 -36.87 -43.85
N LEU H 523 -7.50 -37.11 -43.54
CA LEU H 523 -8.25 -38.21 -44.13
C LEU H 523 -9.15 -37.82 -45.29
N GLU H 524 -9.26 -38.71 -46.27
CA GLU H 524 -10.12 -38.53 -47.43
C GLU H 524 -11.59 -38.66 -47.03
N ILE H 525 -12.41 -37.73 -47.50
CA ILE H 525 -13.84 -37.75 -47.18
C ILE H 525 -14.68 -38.01 -48.42
N GLU H 526 -15.83 -38.67 -48.23
CA GLU H 526 -16.65 -39.10 -49.36
C GLU H 526 -17.71 -38.07 -49.77
N VAL H 527 -18.38 -37.48 -48.79
CA VAL H 527 -19.43 -36.49 -49.09
C VAL H 527 -19.95 -35.81 -47.82
N VAL H 528 -20.33 -34.55 -47.96
CA VAL H 528 -20.89 -33.77 -46.85
C VAL H 528 -22.41 -33.81 -46.86
N LEU H 529 -23.00 -34.03 -45.69
CA LEU H 529 -24.46 -34.08 -45.57
C LEU H 529 -25.01 -32.86 -44.84
N PHE H 530 -25.41 -31.84 -45.58
CA PHE H 530 -26.06 -30.68 -44.98
C PHE H 530 -27.45 -31.06 -44.51
N HIS H 531 -27.90 -30.46 -43.42
CA HIS H 531 -29.29 -30.63 -43.01
C HIS H 531 -30.19 -29.96 -44.04
N PRO H 532 -31.27 -30.65 -44.45
CA PRO H 532 -32.15 -30.20 -45.52
C PRO H 532 -32.80 -28.84 -45.27
N ASN H 533 -32.85 -28.42 -44.00
CA ASN H 533 -33.45 -27.14 -43.66
C ASN H 533 -32.44 -25.99 -43.62
N TYR H 534 -31.16 -26.35 -43.55
CA TYR H 534 -30.09 -25.36 -43.47
C TYR H 534 -30.09 -24.44 -44.69
N ASN H 535 -29.84 -23.16 -44.45
CA ASN H 535 -29.77 -22.18 -45.53
C ASN H 535 -29.21 -20.85 -45.05
N ILE H 536 -27.92 -20.62 -45.27
CA ILE H 536 -27.26 -19.43 -44.75
C ILE H 536 -27.85 -18.14 -45.33
N ASN H 537 -28.63 -18.28 -46.39
CA ASN H 537 -29.27 -17.12 -47.03
C ASN H 537 -30.77 -17.08 -46.84
N GLY H 538 -31.27 -17.92 -45.93
CA GLY H 538 -32.69 -18.04 -45.70
C GLY H 538 -33.44 -16.72 -45.61
N LYS H 539 -32.77 -15.70 -45.08
CA LYS H 539 -33.43 -14.41 -44.89
C LYS H 539 -32.54 -13.24 -45.29
N LYS H 540 -31.81 -13.40 -46.38
CA LYS H 540 -31.03 -12.29 -46.93
C LYS H 540 -32.00 -11.24 -47.47
N GLU H 541 -33.26 -11.64 -47.62
CA GLU H 541 -34.30 -10.76 -48.14
C GLU H 541 -34.63 -9.64 -47.15
N ALA H 542 -34.59 -9.95 -45.86
CA ALA H 542 -34.95 -9.00 -44.82
C ALA H 542 -33.74 -8.28 -44.23
N GLY H 543 -32.67 -8.20 -45.01
CA GLY H 543 -31.48 -7.49 -44.58
C GLY H 543 -30.77 -8.15 -43.42
N ILE H 544 -30.99 -9.45 -43.25
CA ILE H 544 -30.30 -10.20 -42.21
C ILE H 544 -29.42 -11.30 -42.82
N PRO H 545 -28.13 -10.98 -43.00
CA PRO H 545 -27.11 -11.80 -43.67
C PRO H 545 -27.20 -13.29 -43.37
N GLU H 546 -26.54 -13.72 -42.30
CA GLU H 546 -26.39 -15.14 -42.01
C GLU H 546 -27.46 -15.67 -41.04
N PHE H 547 -28.19 -16.69 -41.49
CA PHE H 547 -29.26 -17.30 -40.71
C PHE H 547 -28.86 -18.72 -40.34
N TYR H 548 -28.41 -18.91 -39.10
CA TYR H 548 -27.76 -20.15 -38.70
C TYR H 548 -28.68 -21.25 -38.22
N ASP H 549 -29.95 -21.19 -38.58
CA ASP H 549 -30.88 -22.24 -38.17
C ASP H 549 -30.49 -23.56 -38.81
N TYR H 550 -30.68 -24.65 -38.06
CA TYR H 550 -30.39 -26.00 -38.55
C TYR H 550 -28.96 -26.10 -39.07
N ASP H 551 -28.01 -25.60 -38.28
CA ASP H 551 -26.62 -25.54 -38.70
C ASP H 551 -25.83 -26.80 -38.29
N VAL H 552 -26.18 -27.93 -38.89
CA VAL H 552 -25.46 -29.18 -38.62
C VAL H 552 -25.17 -29.96 -39.89
N ALA H 553 -24.07 -30.71 -39.88
CA ALA H 553 -23.65 -31.46 -41.05
C ALA H 553 -22.89 -32.73 -40.66
N LEU H 554 -23.02 -33.76 -41.48
CA LEU H 554 -22.27 -35.00 -41.28
C LEU H 554 -21.24 -35.21 -42.37
N ILE H 555 -20.07 -35.71 -41.98
CA ILE H 555 -19.00 -35.99 -42.94
C ILE H 555 -18.69 -37.48 -42.95
N LYS H 556 -19.12 -38.17 -44.00
CA LYS H 556 -18.79 -39.58 -44.15
C LYS H 556 -17.39 -39.70 -44.74
N LEU H 557 -16.50 -40.36 -43.99
CA LEU H 557 -15.14 -40.57 -44.46
C LEU H 557 -15.10 -41.64 -45.54
N LYS H 558 -14.06 -41.62 -46.36
CA LYS H 558 -13.89 -42.63 -47.40
C LYS H 558 -13.35 -43.91 -46.79
N ASN H 559 -12.68 -43.79 -45.65
CA ASN H 559 -12.07 -44.92 -44.97
C ASN H 559 -12.58 -45.10 -43.55
N LYS H 560 -13.04 -46.30 -43.23
CA LYS H 560 -13.43 -46.64 -41.87
C LYS H 560 -12.31 -46.27 -40.91
N LEU H 561 -12.69 -45.96 -39.68
CA LEU H 561 -11.71 -45.60 -38.65
C LEU H 561 -11.52 -46.75 -37.68
N LYS H 562 -10.30 -46.88 -37.16
CA LYS H 562 -10.02 -47.86 -36.13
C LYS H 562 -9.77 -47.16 -34.81
N TYR H 563 -10.66 -47.37 -33.86
CA TYR H 563 -10.57 -46.70 -32.57
C TYR H 563 -9.25 -47.03 -31.86
N GLY H 564 -9.08 -46.47 -30.67
CA GLY H 564 -7.85 -46.65 -29.92
C GLY H 564 -7.78 -45.69 -28.76
N GLN H 565 -6.65 -45.70 -28.05
CA GLN H 565 -6.48 -44.85 -26.87
C GLN H 565 -6.60 -43.36 -27.18
N THR H 566 -6.51 -43.00 -28.46
CA THR H 566 -6.61 -41.59 -28.85
C THR H 566 -7.66 -41.33 -29.93
N ILE H 567 -8.54 -42.30 -30.16
CA ILE H 567 -9.65 -42.11 -31.10
C ILE H 567 -10.86 -42.95 -30.68
N ARG H 568 -11.90 -42.28 -30.19
CA ARG H 568 -13.13 -42.96 -29.80
C ARG H 568 -14.34 -42.16 -30.22
N PRO H 569 -15.52 -42.78 -30.20
CA PRO H 569 -16.74 -42.03 -30.52
C PRO H 569 -17.20 -41.23 -29.32
N ILE H 570 -18.19 -40.36 -29.55
CA ILE H 570 -18.85 -39.65 -28.47
C ILE H 570 -20.32 -40.03 -28.50
N CYS H 571 -20.97 -39.99 -27.34
CA CYS H 571 -22.36 -40.39 -27.26
C CYS H 571 -23.25 -39.38 -27.94
N LEU H 572 -24.32 -39.84 -28.59
CA LEU H 572 -25.31 -38.95 -29.16
C LEU H 572 -26.60 -39.05 -28.37
N PRO H 573 -27.39 -37.97 -28.36
CA PRO H 573 -28.68 -37.99 -27.66
C PRO H 573 -29.62 -39.01 -28.31
N CYS H 574 -30.34 -39.76 -27.48
CA CYS H 574 -31.31 -40.73 -27.96
C CYS H 574 -30.68 -41.94 -28.64
N THR H 575 -29.72 -42.56 -27.95
CA THR H 575 -29.21 -43.87 -28.36
C THR H 575 -29.34 -44.82 -27.18
N GLU H 576 -29.22 -46.12 -27.44
CA GLU H 576 -29.17 -47.08 -26.35
C GLU H 576 -27.85 -46.90 -25.60
N GLY H 577 -26.80 -46.55 -26.35
CA GLY H 577 -25.50 -46.31 -25.78
C GLY H 577 -25.54 -45.23 -24.72
N THR H 578 -26.38 -44.23 -24.93
CA THR H 578 -26.53 -43.14 -23.98
C THR H 578 -27.34 -43.58 -22.77
N THR H 579 -28.50 -44.19 -23.02
CA THR H 579 -29.32 -44.73 -21.94
C THR H 579 -28.46 -45.56 -20.99
N ARG H 580 -27.62 -46.41 -21.58
CA ARG H 580 -26.69 -47.23 -20.81
C ARG H 580 -25.62 -46.40 -20.11
N ALA H 581 -25.06 -45.45 -20.85
CA ALA H 581 -24.02 -44.58 -20.31
C ALA H 581 -24.51 -43.77 -19.12
N LEU H 582 -25.81 -43.49 -19.08
CA LEU H 582 -26.39 -42.69 -18.01
C LEU H 582 -26.86 -43.54 -16.84
N ARG H 583 -26.80 -44.86 -16.99
CA ARG H 583 -27.21 -45.81 -15.96
C ARG H 583 -28.73 -45.91 -15.84
N LEU H 584 -29.40 -46.08 -16.98
CA LEU H 584 -30.85 -46.15 -17.02
C LEU H 584 -31.33 -47.46 -17.65
N PRO H 585 -32.60 -47.79 -17.45
CA PRO H 585 -33.19 -49.03 -17.99
C PRO H 585 -33.47 -48.91 -19.48
N PRO H 586 -33.53 -50.05 -20.19
CA PRO H 586 -33.84 -50.09 -21.62
C PRO H 586 -35.21 -49.47 -21.93
N THR H 587 -36.03 -49.31 -20.91
CA THR H 587 -37.37 -48.76 -21.07
C THR H 587 -37.37 -47.24 -20.90
N THR H 588 -36.24 -46.61 -21.20
CA THR H 588 -36.11 -45.16 -21.10
C THR H 588 -36.42 -44.49 -22.43
N THR H 589 -37.33 -43.53 -22.40
CA THR H 589 -37.80 -42.85 -23.60
C THR H 589 -36.85 -41.72 -24.01
N CYS H 590 -37.11 -41.13 -25.18
CA CYS H 590 -36.29 -40.04 -25.68
C CYS H 590 -36.50 -38.77 -24.88
N GLN H 591 -37.74 -38.51 -24.49
CA GLN H 591 -38.05 -37.33 -23.70
C GLN H 591 -37.38 -37.41 -22.33
N GLN H 592 -37.36 -38.60 -21.76
CA GLN H 592 -36.77 -38.82 -20.45
C GLN H 592 -35.27 -38.54 -20.46
N GLN H 593 -34.64 -38.74 -21.62
CA GLN H 593 -33.23 -38.43 -21.77
C GLN H 593 -33.02 -36.93 -21.75
N LYS H 594 -33.82 -36.21 -22.53
CA LYS H 594 -33.74 -34.75 -22.57
C LYS H 594 -33.99 -34.18 -21.17
N GLU H 595 -35.04 -34.64 -20.52
CA GLU H 595 -35.37 -34.18 -19.17
C GLU H 595 -34.22 -34.44 -18.20
N GLU H 596 -33.33 -35.35 -18.58
CA GLU H 596 -32.20 -35.73 -17.74
C GLU H 596 -30.94 -34.93 -18.09
N LEU H 597 -30.72 -34.69 -19.38
CA LEU H 597 -29.53 -33.99 -19.87
C LEU H 597 -29.73 -32.48 -19.92
N LEU H 598 -30.83 -32.04 -20.53
CA LEU H 598 -31.10 -30.62 -20.71
C LEU H 598 -32.31 -30.14 -19.90
N PRO H 599 -32.23 -30.23 -18.56
CA PRO H 599 -33.33 -29.79 -17.70
C PRO H 599 -33.49 -28.27 -17.70
N ALA H 600 -34.64 -27.80 -17.22
CA ALA H 600 -34.94 -26.37 -17.21
C ALA H 600 -34.22 -25.65 -16.07
N GLN H 601 -32.90 -25.55 -16.20
CA GLN H 601 -32.07 -24.88 -15.22
C GLN H 601 -30.78 -24.44 -15.86
N ASP H 602 -29.77 -24.15 -15.03
CA ASP H 602 -28.45 -23.83 -15.53
C ASP H 602 -27.68 -25.14 -15.61
N ILE H 603 -27.24 -25.51 -16.81
CA ILE H 603 -26.64 -26.81 -17.03
C ILE H 603 -25.12 -26.72 -17.16
N LYS H 604 -24.42 -27.52 -16.38
CA LYS H 604 -22.96 -27.55 -16.44
C LYS H 604 -22.50 -28.35 -17.67
N ALA H 605 -21.91 -27.65 -18.62
CA ALA H 605 -21.42 -28.27 -19.84
C ALA H 605 -19.95 -27.90 -20.09
N LEU H 606 -19.40 -28.39 -21.19
CA LEU H 606 -18.01 -28.09 -21.54
C LEU H 606 -17.74 -28.27 -23.02
N PHE H 607 -16.89 -27.42 -23.58
CA PHE H 607 -16.46 -27.59 -24.96
C PHE H 607 -14.93 -27.68 -25.07
N VAL H 608 -14.44 -27.95 -26.26
CA VAL H 608 -13.01 -28.19 -26.47
C VAL H 608 -12.40 -27.13 -27.39
N SER H 609 -11.39 -26.44 -26.87
CA SER H 609 -10.76 -25.34 -27.60
C SER H 609 -9.27 -25.59 -27.80
N GLU H 610 -8.75 -25.23 -28.97
CA GLU H 610 -7.33 -25.37 -29.25
C GLU H 610 -6.56 -24.08 -28.99
N GLU H 611 -5.66 -24.11 -28.03
CA GLU H 611 -4.83 -22.96 -27.71
C GLU H 611 -3.35 -23.33 -27.79
N GLU H 612 -2.80 -23.18 -28.99
CA GLU H 612 -1.40 -23.51 -29.26
C GLU H 612 -1.14 -25.01 -29.21
N LYS H 613 -1.87 -25.74 -30.06
CA LYS H 613 -1.64 -27.17 -30.25
C LYS H 613 -1.89 -28.02 -29.00
N LYS H 614 -2.58 -27.43 -28.02
CA LYS H 614 -2.99 -28.18 -26.83
C LYS H 614 -4.50 -28.05 -26.64
N LEU H 615 -5.14 -29.17 -26.31
CA LEU H 615 -6.58 -29.19 -26.10
C LEU H 615 -6.93 -29.03 -24.62
N THR H 616 -7.83 -28.10 -24.32
CA THR H 616 -8.25 -27.86 -22.95
C THR H 616 -9.77 -27.83 -22.82
N ARG H 617 -10.28 -28.39 -21.74
CA ARG H 617 -11.71 -28.38 -21.46
C ARG H 617 -12.15 -27.04 -20.85
N LYS H 618 -12.86 -26.25 -21.62
CA LYS H 618 -13.44 -25.00 -21.13
C LYS H 618 -14.83 -25.28 -20.57
N GLU H 619 -15.04 -24.90 -19.31
CA GLU H 619 -16.31 -25.19 -18.64
C GLU H 619 -17.32 -24.04 -18.74
N VAL H 620 -18.46 -24.30 -19.38
CA VAL H 620 -19.50 -23.30 -19.55
C VAL H 620 -20.83 -23.79 -19.00
N TYR H 621 -21.80 -22.89 -18.94
CA TYR H 621 -23.15 -23.23 -18.48
C TYR H 621 -24.20 -22.96 -19.55
N ILE H 622 -25.02 -23.97 -19.83
CA ILE H 622 -26.13 -23.83 -20.75
C ILE H 622 -27.28 -23.15 -20.04
N LYS H 623 -27.55 -21.89 -20.39
CA LYS H 623 -28.67 -21.18 -19.79
C LYS H 623 -29.97 -21.73 -20.35
N ASN H 624 -30.61 -22.62 -19.60
CA ASN H 624 -31.85 -23.25 -20.04
C ASN H 624 -33.01 -23.06 -19.06
N GLY H 625 -32.80 -22.22 -18.06
CA GLY H 625 -33.82 -21.99 -17.05
C GLY H 625 -34.44 -20.60 -17.14
N ASP H 626 -34.47 -19.91 -16.01
CA ASP H 626 -35.02 -18.55 -15.96
C ASP H 626 -34.13 -17.57 -16.71
N LYS H 627 -32.86 -17.93 -16.87
CA LYS H 627 -31.88 -17.06 -17.53
C LYS H 627 -31.89 -17.22 -19.04
N LYS H 628 -32.64 -18.20 -19.54
CA LYS H 628 -32.64 -18.50 -20.97
C LYS H 628 -33.21 -17.38 -21.84
N GLY H 629 -34.18 -16.64 -21.30
CA GLY H 629 -34.79 -15.54 -22.03
C GLY H 629 -33.80 -14.43 -22.34
N SER H 630 -32.99 -14.08 -21.34
CA SER H 630 -32.05 -12.97 -21.47
C SER H 630 -30.79 -13.36 -22.23
N CYS H 631 -30.48 -14.65 -22.26
CA CYS H 631 -29.32 -15.12 -23.00
C CYS H 631 -29.53 -14.91 -24.49
N GLU H 632 -30.71 -15.31 -24.98
CA GLU H 632 -31.04 -15.18 -26.39
C GLU H 632 -31.15 -13.72 -26.81
N ARG H 633 -31.71 -12.89 -25.94
CA ARG H 633 -31.97 -11.49 -26.25
C ARG H 633 -30.71 -10.71 -26.65
N ASP H 634 -29.55 -11.24 -26.27
CA ASP H 634 -28.27 -10.62 -26.62
C ASP H 634 -27.93 -10.87 -28.09
N ALA H 635 -28.88 -11.41 -28.84
CA ALA H 635 -28.66 -11.74 -30.23
C ALA H 635 -28.60 -10.52 -31.15
N GLN H 636 -29.36 -9.48 -30.83
CA GLN H 636 -29.42 -8.31 -31.70
C GLN H 636 -28.22 -7.38 -31.55
N TYR H 637 -27.30 -7.74 -30.67
CA TYR H 637 -26.06 -6.99 -30.53
C TYR H 637 -24.99 -7.62 -31.41
N ALA H 638 -25.25 -8.83 -31.86
CA ALA H 638 -24.32 -9.56 -32.73
C ALA H 638 -24.25 -8.91 -34.11
N PRO H 639 -23.04 -8.85 -34.67
CA PRO H 639 -22.76 -8.24 -35.98
C PRO H 639 -23.71 -8.70 -37.08
N GLY H 640 -24.13 -7.77 -37.93
CA GLY H 640 -25.02 -8.06 -39.03
C GLY H 640 -26.49 -7.85 -38.69
N TYR H 641 -26.84 -8.13 -37.43
CA TYR H 641 -28.23 -8.07 -36.98
C TYR H 641 -28.68 -6.67 -36.56
N ASP H 642 -28.00 -5.64 -37.03
CA ASP H 642 -28.37 -4.27 -36.66
C ASP H 642 -29.78 -3.91 -37.14
N LYS H 643 -30.34 -4.74 -38.01
CA LYS H 643 -31.66 -4.48 -38.56
C LYS H 643 -32.73 -5.40 -37.96
N VAL H 644 -32.28 -6.31 -37.09
CA VAL H 644 -33.18 -7.30 -36.48
C VAL H 644 -34.12 -6.67 -35.46
N LYS H 645 -35.40 -7.01 -35.57
CA LYS H 645 -36.44 -6.41 -34.75
C LYS H 645 -36.89 -7.32 -33.59
N ASP H 646 -37.40 -8.50 -33.94
CA ASP H 646 -37.78 -9.50 -32.93
C ASP H 646 -36.80 -10.67 -32.97
N ILE H 647 -36.06 -10.88 -31.89
CA ILE H 647 -34.97 -11.86 -31.90
C ILE H 647 -35.41 -13.28 -32.23
N SER H 648 -36.72 -13.54 -32.15
CA SER H 648 -37.25 -14.86 -32.51
C SER H 648 -36.94 -15.13 -33.98
N GLU H 649 -36.62 -14.05 -34.71
CA GLU H 649 -36.26 -14.14 -36.12
C GLU H 649 -34.96 -14.94 -36.30
N VAL H 650 -33.97 -14.68 -35.45
CA VAL H 650 -32.65 -15.29 -35.61
C VAL H 650 -32.29 -16.30 -34.52
N VAL H 651 -33.02 -16.28 -33.41
CA VAL H 651 -32.87 -17.33 -32.41
C VAL H 651 -34.07 -18.24 -32.40
N THR H 652 -33.87 -19.46 -32.88
CA THR H 652 -34.95 -20.41 -33.08
C THR H 652 -34.91 -21.47 -31.99
N PRO H 653 -35.98 -22.29 -31.90
CA PRO H 653 -36.03 -23.35 -30.90
C PRO H 653 -34.97 -24.44 -31.11
N ARG H 654 -34.07 -24.25 -32.07
CA ARG H 654 -33.00 -25.20 -32.32
C ARG H 654 -31.73 -24.87 -31.56
N PHE H 655 -31.63 -23.64 -31.05
CA PHE H 655 -30.41 -23.18 -30.41
C PHE H 655 -30.38 -23.38 -28.90
N LEU H 656 -29.23 -23.79 -28.39
CA LEU H 656 -28.93 -23.68 -26.97
C LEU H 656 -28.05 -22.46 -26.81
N CYS H 657 -27.85 -22.02 -25.56
CA CYS H 657 -27.16 -20.76 -25.34
C CYS H 657 -26.21 -20.81 -24.15
N THR H 658 -24.95 -20.41 -24.37
CA THR H 658 -23.96 -20.33 -23.30
C THR H 658 -23.25 -18.98 -23.31
N GLY H 659 -22.38 -18.76 -22.33
CA GLY H 659 -21.60 -17.55 -22.25
C GLY H 659 -22.23 -16.49 -21.36
N GLY H 660 -21.52 -15.39 -21.18
CA GLY H 660 -22.01 -14.32 -20.33
C GLY H 660 -21.43 -14.40 -18.93
N VAL H 661 -22.00 -13.62 -18.02
CA VAL H 661 -21.46 -13.52 -16.67
C VAL H 661 -22.50 -13.81 -15.61
N SER H 662 -23.44 -14.69 -15.94
CA SER H 662 -24.49 -15.10 -15.02
C SER H 662 -24.93 -16.50 -15.41
N PRO H 663 -24.84 -17.46 -14.47
CA PRO H 663 -24.50 -17.27 -13.07
C PRO H 663 -23.04 -16.90 -12.86
N TYR H 664 -22.15 -17.49 -13.66
CA TYR H 664 -20.72 -17.22 -13.56
C TYR H 664 -20.17 -16.74 -14.89
N ALA H 665 -18.94 -16.24 -14.88
CA ALA H 665 -18.30 -15.79 -16.11
C ALA H 665 -17.80 -16.98 -16.89
N ASP H 666 -18.45 -17.25 -18.03
CA ASP H 666 -18.10 -18.39 -18.85
C ASP H 666 -17.09 -18.03 -19.94
N PRO H 667 -16.15 -18.94 -20.20
CA PRO H 667 -15.23 -18.80 -21.33
C PRO H 667 -16.02 -18.81 -22.63
N ASN H 668 -15.47 -18.24 -23.70
CA ASN H 668 -16.18 -18.22 -24.97
C ASN H 668 -15.51 -19.05 -26.05
N THR H 669 -16.28 -19.46 -27.05
CA THR H 669 -15.75 -20.22 -28.17
C THR H 669 -14.97 -19.30 -29.11
N CYS H 670 -14.37 -19.90 -30.13
CA CYS H 670 -13.66 -19.16 -31.16
C CYS H 670 -14.16 -19.56 -32.54
N ARG H 671 -13.69 -18.87 -33.57
CA ARG H 671 -13.96 -19.30 -34.93
C ARG H 671 -13.35 -20.67 -35.10
N GLY H 672 -12.19 -20.88 -34.48
CA GLY H 672 -11.47 -22.12 -34.59
C GLY H 672 -12.11 -23.26 -33.83
N ASP H 673 -13.03 -22.93 -32.93
CA ASP H 673 -13.75 -23.95 -32.15
C ASP H 673 -15.09 -24.24 -32.78
N SER H 674 -15.51 -23.36 -33.68
CA SER H 674 -16.80 -23.48 -34.36
C SER H 674 -16.98 -24.86 -34.99
N GLY H 675 -18.12 -25.49 -34.70
CA GLY H 675 -18.40 -26.81 -35.24
C GLY H 675 -18.15 -27.89 -34.21
N GLY H 676 -17.31 -27.58 -33.23
CA GLY H 676 -16.97 -28.51 -32.16
C GLY H 676 -18.18 -28.95 -31.34
N PRO H 677 -17.99 -30.00 -30.53
CA PRO H 677 -19.08 -30.55 -29.73
C PRO H 677 -19.29 -29.75 -28.46
N LEU H 678 -20.54 -29.55 -28.07
CA LEU H 678 -20.88 -28.99 -26.77
C LEU H 678 -21.28 -30.15 -25.88
N ILE H 679 -20.42 -30.51 -24.95
CA ILE H 679 -20.56 -31.76 -24.20
C ILE H 679 -21.11 -31.56 -22.78
N VAL H 680 -21.84 -32.57 -22.31
CA VAL H 680 -22.28 -32.65 -20.91
C VAL H 680 -21.62 -33.85 -20.26
N HIS H 681 -21.00 -33.64 -19.10
CA HIS H 681 -20.20 -34.68 -18.46
C HIS H 681 -20.91 -35.31 -17.27
N LYS H 682 -21.82 -36.24 -17.55
CA LYS H 682 -22.65 -36.84 -16.51
C LYS H 682 -22.33 -38.32 -16.25
N ARG H 683 -22.36 -38.70 -14.98
CA ARG H 683 -22.09 -40.07 -14.55
C ARG H 683 -20.85 -40.66 -15.22
N SER H 684 -19.74 -39.93 -15.15
CA SER H 684 -18.43 -40.39 -15.64
C SER H 684 -18.37 -40.71 -17.14
N ARG H 685 -19.25 -40.09 -17.92
CA ARG H 685 -19.24 -40.27 -19.36
C ARG H 685 -19.50 -38.96 -20.09
N PHE H 686 -19.16 -38.91 -21.38
CA PHE H 686 -19.27 -37.68 -22.16
C PHE H 686 -20.30 -37.78 -23.27
N ILE H 687 -21.43 -37.11 -23.09
CA ILE H 687 -22.49 -37.08 -24.09
C ILE H 687 -22.58 -35.72 -24.77
N GLN H 688 -22.49 -35.70 -26.10
CA GLN H 688 -22.62 -34.45 -26.85
C GLN H 688 -24.09 -34.05 -27.00
N VAL H 689 -24.41 -32.83 -26.62
CA VAL H 689 -25.79 -32.36 -26.66
C VAL H 689 -25.98 -31.28 -27.73
N GLY H 690 -24.88 -30.72 -28.20
CA GLY H 690 -24.96 -29.64 -29.17
C GLY H 690 -23.75 -29.50 -30.08
N VAL H 691 -23.91 -28.64 -31.09
CA VAL H 691 -22.83 -28.34 -32.01
C VAL H 691 -22.57 -26.84 -31.99
N ILE H 692 -21.32 -26.46 -31.75
CA ILE H 692 -20.96 -25.06 -31.65
C ILE H 692 -21.19 -24.31 -32.96
N SER H 693 -22.06 -23.30 -32.91
CA SER H 693 -22.48 -22.59 -34.12
C SER H 693 -21.93 -21.17 -34.23
N TRP H 694 -22.60 -20.21 -33.58
CA TRP H 694 -22.20 -18.82 -33.69
C TRP H 694 -22.07 -18.07 -32.36
N GLY H 695 -21.43 -16.92 -32.41
CA GLY H 695 -21.26 -16.08 -31.24
C GLY H 695 -21.72 -14.65 -31.48
N VAL H 696 -21.99 -13.93 -30.39
CA VAL H 696 -22.47 -12.56 -30.48
C VAL H 696 -21.31 -11.56 -30.54
N VAL H 697 -20.14 -12.00 -30.08
CA VAL H 697 -18.96 -11.15 -30.08
C VAL H 697 -17.69 -11.93 -30.36
N ASP H 698 -16.93 -11.49 -31.35
CA ASP H 698 -15.63 -12.12 -31.62
C ASP H 698 -14.68 -11.78 -30.49
N VAL H 699 -14.56 -12.69 -29.54
CA VAL H 699 -13.73 -12.46 -28.36
C VAL H 699 -12.31 -12.98 -28.59
N CYS H 700 -12.06 -13.55 -29.76
CA CYS H 700 -10.74 -14.08 -30.10
C CYS H 700 -9.87 -13.06 -30.85
N LYS H 701 -8.59 -13.03 -30.50
CA LYS H 701 -7.67 -11.98 -30.94
C LYS H 701 -6.80 -12.26 -32.18
N ASN H 702 -6.18 -13.45 -32.32
CA ASN H 702 -6.45 -14.71 -31.60
C ASN H 702 -6.33 -14.76 -30.07
N GLN H 703 -5.27 -15.38 -29.57
CA GLN H 703 -5.08 -15.58 -28.13
C GLN H 703 -6.40 -15.95 -27.45
N LYS H 704 -7.13 -14.93 -26.98
CA LYS H 704 -8.52 -15.03 -26.52
C LYS H 704 -8.84 -14.10 -25.36
N ARG H 705 -8.15 -14.31 -24.25
CA ARG H 705 -8.50 -13.71 -22.96
C ARG H 705 -9.18 -12.34 -23.04
N GLN H 706 -8.39 -11.30 -23.33
CA GLN H 706 -8.90 -9.93 -23.51
C GLN H 706 -8.44 -8.88 -22.47
N LYS H 707 -8.39 -9.21 -21.18
CA LYS H 707 -8.77 -10.51 -20.64
C LYS H 707 -10.26 -10.63 -20.36
N GLN H 708 -10.90 -9.49 -20.11
CA GLN H 708 -12.32 -9.50 -19.77
C GLN H 708 -13.21 -9.19 -20.97
N VAL H 709 -14.40 -9.74 -20.95
CA VAL H 709 -15.26 -9.81 -22.12
C VAL H 709 -16.63 -9.22 -21.83
N PRO H 710 -17.25 -8.59 -22.83
CA PRO H 710 -18.60 -8.03 -22.68
C PRO H 710 -19.55 -9.05 -22.07
N ALA H 711 -20.53 -8.56 -21.31
CA ALA H 711 -21.51 -9.44 -20.68
C ALA H 711 -22.45 -10.03 -21.72
N HIS H 712 -22.51 -9.39 -22.89
CA HIS H 712 -23.44 -9.82 -23.94
C HIS H 712 -22.83 -10.83 -24.91
N ALA H 713 -21.58 -11.20 -24.68
CA ALA H 713 -20.89 -12.15 -25.55
C ALA H 713 -21.34 -13.59 -25.29
N ARG H 714 -22.48 -13.96 -25.87
CA ARG H 714 -23.00 -15.31 -25.73
C ARG H 714 -22.55 -16.20 -26.87
N ASP H 715 -22.77 -17.49 -26.73
CA ASP H 715 -22.47 -18.46 -27.78
C ASP H 715 -23.70 -19.31 -28.02
N PHE H 716 -24.07 -19.47 -29.29
CA PHE H 716 -25.23 -20.29 -29.62
C PHE H 716 -24.81 -21.64 -30.20
N HIS H 717 -25.53 -22.69 -29.80
CA HIS H 717 -25.20 -24.04 -30.23
C HIS H 717 -26.43 -24.74 -30.78
N ILE H 718 -26.25 -25.53 -31.83
CA ILE H 718 -27.36 -26.31 -32.36
C ILE H 718 -27.71 -27.44 -31.42
N ASN H 719 -28.93 -27.43 -30.92
CA ASN H 719 -29.42 -28.44 -29.99
C ASN H 719 -29.73 -29.74 -30.73
N LEU H 720 -28.87 -30.75 -30.57
CA LEU H 720 -28.99 -31.99 -31.33
C LEU H 720 -30.35 -32.67 -31.12
N PHE H 721 -30.98 -32.43 -29.98
CA PHE H 721 -32.31 -32.97 -29.71
C PHE H 721 -33.35 -32.45 -30.71
N GLN H 722 -33.06 -31.31 -31.32
CA GLN H 722 -34.00 -30.67 -32.25
C GLN H 722 -33.75 -31.07 -33.70
N VAL H 723 -32.84 -31.99 -33.92
CA VAL H 723 -32.51 -32.43 -35.27
C VAL H 723 -32.43 -33.95 -35.37
N LEU H 724 -33.32 -34.64 -34.65
CA LEU H 724 -33.29 -36.09 -34.54
C LEU H 724 -33.79 -36.88 -35.78
N PRO H 725 -34.86 -36.39 -36.43
CA PRO H 725 -35.25 -37.04 -37.69
C PRO H 725 -34.07 -37.14 -38.66
N TRP H 726 -33.32 -36.05 -38.81
CA TRP H 726 -32.21 -36.00 -39.76
C TRP H 726 -31.03 -36.82 -39.28
N LEU H 727 -30.85 -36.91 -37.97
CA LEU H 727 -29.75 -37.69 -37.41
C LEU H 727 -30.03 -39.18 -37.54
N LYS H 728 -31.19 -39.61 -37.02
CA LYS H 728 -31.59 -41.01 -37.11
C LYS H 728 -31.45 -41.52 -38.53
N GLU H 729 -31.93 -40.74 -39.48
CA GLU H 729 -31.89 -41.12 -40.89
C GLU H 729 -30.46 -41.41 -41.36
N LYS H 730 -29.67 -40.35 -41.52
CA LYS H 730 -28.34 -40.47 -42.10
C LYS H 730 -27.42 -41.43 -41.33
N LEU H 731 -27.75 -41.68 -40.07
CA LEU H 731 -26.90 -42.51 -39.22
C LEU H 731 -27.57 -43.84 -38.86
N GLN H 732 -28.44 -44.31 -39.73
CA GLN H 732 -29.20 -45.53 -39.48
C GLN H 732 -28.33 -46.78 -39.53
N ASP H 733 -27.40 -46.84 -40.48
CA ASP H 733 -26.60 -48.03 -40.69
C ASP H 733 -25.27 -47.95 -39.96
N GLU H 734 -25.28 -47.54 -38.70
CA GLU H 734 -24.03 -47.22 -38.00
C GLU H 734 -23.81 -47.82 -36.61
N ASP H 735 -24.78 -48.58 -36.11
CA ASP H 735 -24.63 -49.28 -34.81
C ASP H 735 -25.01 -48.45 -33.60
N LEU H 736 -25.53 -47.25 -33.80
CA LEU H 736 -25.79 -46.34 -32.70
C LEU H 736 -27.12 -46.63 -32.00
N GLY H 737 -28.06 -47.21 -32.75
CA GLY H 737 -29.32 -47.66 -32.18
C GLY H 737 -30.15 -46.58 -31.50
N PHE H 738 -31.00 -45.93 -32.27
CA PHE H 738 -31.85 -44.87 -31.73
C PHE H 738 -33.15 -45.44 -31.16
N LEU H 739 -34.10 -44.57 -30.81
CA LEU H 739 -35.26 -44.99 -30.03
C LEU H 739 -36.62 -44.77 -30.71
N ALA H 740 -37.13 -43.54 -30.60
CA ALA H 740 -38.45 -43.22 -31.13
C ALA H 740 -38.48 -43.25 -32.66
C1 NAG I . -1.36 13.74 10.86
C2 NAG I . -2.50 12.75 11.06
C3 NAG I . -2.17 11.50 10.27
C4 NAG I . -2.10 11.87 8.79
C5 NAG I . -1.33 13.17 8.50
C6 NAG I . -1.93 13.85 7.27
C7 NAG I . -2.28 11.63 13.28
C8 NAG I . -2.69 11.73 14.72
N2 NAG I . -2.79 12.56 12.48
O3 NAG I . -3.17 10.52 10.48
O4 NAG I . -1.52 10.77 8.13
O5 NAG I . -1.33 14.16 9.51
O6 NAG I . -1.97 15.25 7.47
O7 NAG I . -1.52 10.73 12.91
C1 NAG I . -2.11 10.60 6.82
C2 NAG I . -1.06 10.01 5.87
C3 NAG I . -0.85 8.52 6.13
C4 NAG I . -1.73 8.06 7.29
C5 NAG I . -3.18 8.45 7.00
C6 NAG I . -4.13 7.97 8.09
C7 NAG I . -0.45 10.05 3.54
C8 NAG I . 0.71 11.01 3.51
N2 NAG I . -1.37 10.24 4.47
O3 NAG I . 0.50 8.25 6.42
O4 NAG I . -1.64 6.67 7.46
O5 NAG I . -3.32 9.85 6.81
O6 NAG I . -3.61 8.25 9.36
O7 NAG I . -0.50 9.12 2.72
C1 NAG J . -4.15 -15.61 -6.29
C2 NAG J . -2.67 -15.23 -6.17
C3 NAG J . -2.41 -14.47 -4.89
C4 NAG J . -3.33 -13.26 -4.82
C5 NAG J . -4.80 -13.64 -5.06
C6 NAG J . -5.62 -12.37 -5.21
C7 NAG J . -0.53 -16.28 -6.54
C8 NAG J . -0.16 -15.38 -7.68
N2 NAG J . -1.82 -16.40 -6.24
O3 NAG J . -1.06 -14.09 -4.86
O4 NAG J . -3.26 -12.64 -3.55
O5 NAG J . -4.96 -14.45 -6.20
O6 NAG J . -6.91 -12.54 -4.65
O7 NAG J . 0.36 -16.86 -5.91
C1 NAG J . -2.03 -11.90 -3.37
C2 NAG J . -1.92 -10.77 -4.40
C3 NAG J . -1.75 -9.41 -3.73
C4 NAG J . -2.75 -9.18 -2.60
C5 NAG J . -2.88 -10.41 -1.71
C6 NAG J . -4.30 -10.95 -1.69
C7 NAG J . 0.13 -10.18 -5.63
C8 NAG J . -0.03 -9.39 -6.90
N2 NAG J . -0.83 -11.05 -5.33
O3 NAG J . -1.90 -8.38 -4.68
O4 NAG J . -2.34 -8.08 -1.81
O5 NAG J . -1.90 -11.37 -2.07
O6 NAG J . -5.02 -10.47 -2.82
O7 NAG J . 1.12 -9.99 -4.91
C1 NAG K . -15.93 45.07 -34.32
C2 NAG K . -16.86 46.22 -33.92
C3 NAG K . -18.25 46.11 -34.53
C4 NAG K . -18.48 44.72 -35.13
C5 NAG K . -17.37 44.36 -36.14
C6 NAG K . -17.67 44.97 -37.51
C7 NAG K . -16.59 47.45 -31.87
C8 NAG K . -15.28 48.03 -32.34
N2 NAG K . -16.98 46.33 -32.48
O3 NAG K . -18.43 47.11 -35.52
O4 NAG K . -18.55 43.75 -34.12
O5 NAG K . -16.08 44.77 -35.70
O6 NAG K . -18.95 44.58 -37.95
O7 NAG K . -17.24 48.00 -30.99
MG MG L . 1.63 28.91 -43.30
C1 NAG M . -56.77 7.21 -14.50
C2 NAG M . -57.87 8.14 -13.95
C3 NAG M . -58.97 8.39 -14.97
C4 NAG M . -58.99 7.31 -16.06
C5 NAG M . -57.63 7.16 -16.75
C6 NAG M . -57.53 8.05 -17.99
C7 NAG M . -58.67 8.40 -11.65
C8 NAG M . -59.36 9.72 -11.92
N2 NAG M . -58.43 7.61 -12.70
O3 NAG M . -58.83 9.67 -15.55
O4 NAG M . -59.38 6.08 -15.50
O5 NAG M . -56.55 7.44 -15.88
O6 NAG M . -56.25 7.90 -18.56
O7 NAG M . -58.35 8.10 -10.50
C1 NAG N . 3.98 31.82 2.96
C2 NAG N . 4.77 33.11 2.78
C3 NAG N . 5.66 33.03 1.55
C4 NAG N . 6.66 31.92 1.77
C5 NAG N . 5.96 30.58 2.03
C6 NAG N . 6.79 29.76 3.01
C7 NAG N . 3.74 35.13 3.68
C8 NAG N . 4.10 34.67 5.06
N2 NAG N . 3.88 34.25 2.69
O3 NAG N . 6.34 34.26 1.37
O4 NAG N . 7.52 31.80 0.67
O5 NAG N . 4.62 30.63 2.53
O6 NAG N . 5.93 29.03 3.85
O7 NAG N . 3.32 36.27 3.50
C1 NAG O . -32.01 62.11 21.24
C2 NAG O . -31.03 62.47 20.13
C3 NAG O . -30.89 63.99 20.00
C4 NAG O . -32.25 64.63 19.84
C5 NAG O . -33.20 64.18 20.96
C6 NAG O . -34.60 64.71 20.69
C7 NAG O . -29.16 61.06 19.48
C8 NAG O . -29.30 61.43 18.04
N2 NAG O . -29.73 61.87 20.37
O3 NAG O . -30.10 64.29 18.86
O4 NAG O . -32.11 66.03 19.89
O5 NAG O . -33.25 62.76 21.05
O6 NAG O . -34.99 64.39 19.38
O7 NAG O . -28.53 60.05 19.81
MG MG P . -30.25 25.38 34.39
C1 NAG Q . 49.16 -32.40 5.46
C2 NAG Q . 49.24 -33.83 5.98
C3 NAG Q . 49.87 -33.93 7.38
C4 NAG Q . 50.40 -32.59 7.89
C5 NAG Q . 51.04 -31.71 6.82
C6 NAG Q . 52.54 -32.04 6.71
C7 NAG Q . 47.64 -35.56 5.37
C8 NAG Q . 48.79 -36.28 4.73
N2 NAG Q . 47.92 -34.42 6.01
O3 NAG Q . 50.91 -34.88 7.38
O4 NAG Q . 49.37 -31.87 8.56
O5 NAG Q . 50.43 -31.77 5.53
O6 NAG Q . 53.10 -32.11 8.01
O7 NAG Q . 46.50 -36.01 5.28
MG MG R . 51.82 -9.13 -3.73
C1 NAG S . 14.96 -21.64 52.42
C2 NAG S . 13.67 -21.70 53.23
C3 NAG S . 13.95 -21.44 54.70
C4 NAG S . 15.07 -22.34 55.20
C5 NAG S . 16.30 -22.30 54.28
C6 NAG S . 17.32 -23.34 54.73
C7 NAG S . 11.69 -21.12 51.94
C8 NAG S . 11.10 -22.48 52.19
N2 NAG S . 12.70 -20.74 52.72
O3 NAG S . 12.79 -21.68 55.46
O4 NAG S . 15.47 -21.92 56.49
O5 NAG S . 15.93 -22.52 52.94
O6 NAG S . 18.60 -22.99 54.26
O7 NAG S . 11.23 -20.39 51.05
C1 NAG T . 10.08 -26.34 -15.50
C2 NAG T . 10.73 -27.17 -16.60
C3 NAG T . 11.88 -26.41 -17.22
C4 NAG T . 11.38 -25.08 -17.76
C5 NAG T . 10.59 -24.31 -16.69
C6 NAG T . 9.86 -23.13 -17.32
C7 NAG T . 10.52 -29.58 -16.41
C8 NAG T . 9.66 -29.54 -17.64
N2 NAG T . 11.17 -28.46 -16.09
O3 NAG T . 12.46 -27.15 -18.26
O4 NAG T . 12.46 -24.31 -18.23
O5 NAG T . 9.64 -25.10 -16.01
O6 NAG T . 8.68 -22.86 -16.60
O7 NAG T . 10.61 -30.61 -15.75
MG MG U . -23.07 -43.96 12.16
#